data_6NR2
#
_entry.id   6NR2
#
_cell.length_a   1
_cell.length_b   1
_cell.length_c   1
_cell.angle_alpha   90.00
_cell.angle_beta   90.00
_cell.angle_gamma   90.00
#
_symmetry.space_group_name_H-M   'P 1'
#
loop_
_entity.id
_entity.type
_entity.pdbx_description
1 polymer 'Transient receptor potential cation channel subfamily M member 8'
2 non-polymer '(2S)-1-{[(R)-hydroxy{[(1R,2R,3S,4R,5R,6S)-2,3,6-trihydroxy-4,5-bis(phosphonooxy)cyclohexyl]oxy}phosphoryl]oxy}-3-(octadecanoyloxy)propan-2-yl icosa-5,8,11,14-tetraenoate'
3 non-polymer (1R,2S,5R)-N-(4-methoxyphenyl)-5-methyl-2-(propan-2-yl)cyclohexane-1-carboxamide
#
_entity_poly.entity_id   1
_entity_poly.type   'polypeptide(L)'
_entity_poly.pdbx_seq_one_letter_code
;MATLFQVSMGSMRHRRNGNFESSRLLYSSMSRSIDVACSDADLANFIQENFKKRECVFFTKDTKSMGNLCKCGYPENQHI
EGTQVNTTEKWNYKKH(UNK)(UNK)(UNK)(UNK)(UNK)(UNK)(UNK)(UNK)(UNK)(UNK)(UNK)(UNK)
(UNK)(UNK)(UNK)(UNK)(UNK)(UNK)(UNK)(UNK)(UNK)KYIRLSCDTDSETLYDLMTQHWHLKTPNLVISVTG
GAKNFALKPRMRKIFSRLIYIAQSKGAWIFTGGTHYGLMKYIGEVVRDNTISRSSEENVVAIGIAAWGMISNRETLIRTA
DSDGSYLAHYIMDDLKRDPLYCLDNNHTHLLLVDNGTHGHPTIEAKVRTQLEKYISERVIPESNYGGKIPIVCFAQGGGK
ETLKSINVAIKSKIPCVVVEGSGRIADVIASLVEAEGTLASSCVKESLLRFLPRTISRLSEEETESWIKWIKEVLESPHL
LTVIKIEEAGDEIVSNAISFALYKAFSTNEHDRDNWNGQLKLLLEWNQLDLASDEIFTNDRNWESADLQDVMFTALVKDR
PKFVRLFLENGLNLRKFLTTEVLRELYTNNFSSLVFKNLQIAKNSYNDALLTFVWKMVEDFRRGAKRDDKNSKDEMEIEL
SEECPITRHPLQALFIWSVLQNKKELSKVIWEQTRGCTLAALGASKLLKSMAKVKNDINAAGESEELANEYETRAVELFT
ECYSNDEDLAEQLLTYSCEAWGGSNCLELAVEARDQQFIAQPGVQNFLSKQWYGEISRDTKNWKIILCLFFFPLIGCGFI
SFRKKPVEKTKKLFLYYVSFFTSPFVVFSWNVIFYIAFLLLFAYVLLMDFQKEPTALEIILYVLVFILLCDEVRQWYMNG
SKYFSDLWNVMDTLAIFYFIAGIVFRLHSDESSWYSGRVIFCLDYIVFTLRLIHIFTVSRNLGPKIIMLQRMMIDVFFFL
FLFAVWMVAFGVARQGILRKNEHRWEWIFRSVIYEPYLAMFGQYPDDIDGTTYNFDHCTFSGNESKPLCVELDANNQPRF
PEWITIPLVCIYMLSTNILLVNLLVAMFGYTVGSVQENNDQVWKFQRFFLVQEYCSRLTIPFPFVIFAYIFMVMRKCFKC
CCKKESKEPSVCCSRNEDNEILAWEAVMKENYLVKINTKASDSSEE(UNK)(UNK)(UNK)(UNK)(UNK)(UNK)
(UNK)(UNK)(UNK)(UNK)(UNK)(UNK)(UNK)(UNK)(UNK)(UNK)(UNK)(UNK)(UNK)(UNK)(UNK)(UNK)
(UNK)(UNK)KIKSNSLEVLFQGPDYKDDDDKAHHHHHHHHHH
;
_entity_poly.pdbx_strand_id   A,B,C,D
#
# COMPACT_ATOMS: atom_id res chain seq x y z
N UNK A 97 47.97 30.41 20.46
CA UNK A 97 49.13 30.20 21.32
C UNK A 97 49.09 31.13 22.52
N UNK A 98 47.98 31.11 23.26
CA UNK A 98 47.80 32.00 24.40
C UNK A 98 48.55 31.51 25.63
N UNK A 99 48.61 32.36 26.65
CA UNK A 99 49.25 32.01 27.91
C UNK A 99 48.19 31.89 28.99
N UNK A 100 48.33 30.86 29.83
CA UNK A 100 47.36 30.59 30.87
C UNK A 100 47.45 31.58 32.03
N UNK A 101 46.43 31.57 32.87
CA UNK A 101 46.36 32.47 34.02
C UNK A 101 45.39 31.93 35.06
N UNK A 102 45.91 31.51 36.21
CA UNK A 102 45.05 30.97 37.27
C UNK A 102 45.65 31.17 38.66
N UNK A 103 44.96 30.63 39.66
CA UNK A 103 45.33 30.83 41.06
C UNK A 103 46.60 30.06 41.45
N UNK A 104 47.47 30.75 42.18
CA UNK A 104 48.78 30.24 42.65
C UNK A 104 49.64 29.69 41.52
N UNK A 105 49.59 30.33 40.37
CA UNK A 105 50.21 29.78 39.17
C UNK A 105 51.04 30.80 38.40
N UNK A 106 52.36 30.64 38.46
CA UNK A 106 53.25 31.43 37.64
C UNK A 106 53.21 30.88 36.22
N UNK A 107 53.08 31.77 35.24
CA UNK A 107 52.98 31.34 33.84
C UNK A 107 54.35 31.35 33.18
N UNK A 108 54.41 30.77 31.98
CA UNK A 108 55.64 30.73 31.20
C UNK A 108 55.27 30.59 29.72
N UNK A 109 56.18 30.98 28.84
CA UNK A 109 55.90 30.96 27.41
C UNK A 109 56.00 29.55 26.84
N UNK A 110 55.61 29.41 25.58
CA UNK A 110 55.71 28.13 24.88
C UNK A 110 57.13 27.93 24.37
N UNK A 111 42.04 29.43 29.19
CA UNK A 111 42.10 28.20 29.97
C UNK A 111 42.82 28.43 31.30
N UNK A 112 42.05 28.66 32.35
CA UNK A 112 42.60 28.86 33.67
C UNK A 112 43.15 27.55 34.24
N UNK A 113 44.46 27.40 34.21
CA UNK A 113 45.11 26.17 34.62
C UNK A 113 45.84 26.32 35.95
N UNK A 114 45.30 25.69 37.00
CA UNK A 114 45.89 25.79 38.34
C UNK A 114 47.15 24.95 38.47
N UNK A 115 48.26 25.47 37.95
CA UNK A 115 49.52 24.72 37.94
C UNK A 115 50.20 24.71 39.31
N UNK A 116 51.39 24.12 39.36
CA UNK A 116 52.16 24.07 40.60
C UNK A 116 53.65 24.05 40.30
N UNK A 117 54.04 24.73 39.22
CA UNK A 117 55.43 24.81 38.81
C UNK A 117 56.25 25.67 39.77
N LYS A 118 42.18 21.39 36.11
CA LYS A 118 43.21 21.51 35.09
C LYS A 118 44.58 21.67 35.75
N TYR A 119 44.82 20.86 36.77
CA TYR A 119 46.06 20.96 37.54
C TYR A 119 47.26 20.49 36.73
N ILE A 120 48.34 21.24 36.81
CA ILE A 120 49.57 20.95 36.07
C ILE A 120 50.70 20.81 37.08
N ARG A 121 51.42 19.71 37.01
CA ARG A 121 52.61 19.50 37.83
C ARG A 121 53.79 19.21 36.92
N LEU A 122 54.85 20.01 37.05
CA LEU A 122 56.11 19.70 36.40
C LEU A 122 56.92 18.81 37.33
N SER A 123 57.59 17.81 36.77
CA SER A 123 58.20 16.78 37.61
C SER A 123 59.52 16.31 37.03
N CYS A 124 60.43 15.94 37.91
CA CYS A 124 61.62 15.23 37.50
C CYS A 124 61.34 13.73 37.40
N ASP A 125 62.17 13.04 36.61
CA ASP A 125 61.94 11.64 36.29
C ASP A 125 62.34 10.76 37.47
N THR A 126 61.41 10.61 38.41
CA THR A 126 61.61 9.77 39.59
C THR A 126 60.26 9.42 40.20
N ASP A 127 60.27 8.34 41.00
CA ASP A 127 59.20 8.00 41.96
C ASP A 127 57.83 7.79 41.30
N SER A 128 57.75 6.73 40.50
CA SER A 128 56.49 6.41 39.81
C SER A 128 55.40 5.98 40.79
N GLU A 129 55.78 5.20 41.81
CA GLU A 129 54.81 4.73 42.79
C GLU A 129 54.28 5.88 43.64
N THR A 130 55.16 6.81 44.03
CA THR A 130 54.72 8.00 44.74
C THR A 130 53.87 8.89 43.84
N LEU A 131 54.16 8.89 42.52
CA LEU A 131 53.38 9.66 41.57
C LEU A 131 51.95 9.14 41.46
N TYR A 132 51.80 7.81 41.32
CA TYR A 132 50.47 7.23 41.27
C TYR A 132 49.75 7.37 42.61
N ASP A 133 50.50 7.31 43.72
CA ASP A 133 49.91 7.53 45.04
C ASP A 133 49.39 8.95 45.17
N LEU A 134 50.11 9.92 44.60
CA LEU A 134 49.65 11.30 44.61
C LEU A 134 48.42 11.48 43.73
N MET A 135 48.39 10.84 42.56
CA MET A 135 47.24 10.99 41.67
C MET A 135 46.01 10.29 42.23
N THR A 136 46.21 9.27 43.07
CA THR A 136 45.06 8.64 43.72
C THR A 136 44.60 9.45 44.93
N GLN A 137 45.54 9.90 45.77
CA GLN A 137 45.17 10.53 47.03
C GLN A 137 44.63 11.93 46.80
N HIS A 138 45.17 12.66 45.83
CA HIS A 138 44.80 14.06 45.69
C HIS A 138 43.57 14.24 44.81
N TRP A 139 43.58 13.68 43.60
CA TRP A 139 42.49 13.98 42.68
C TRP A 139 41.58 12.80 42.35
N HIS A 140 42.14 11.72 41.81
CA HIS A 140 41.37 10.76 41.05
C HIS A 140 41.16 9.46 41.80
N LEU A 141 40.04 8.80 41.49
CA LEU A 141 39.71 7.51 42.06
C LEU A 141 40.42 6.38 41.31
N LYS A 142 40.38 5.18 41.89
CA LYS A 142 40.99 4.03 41.26
C LYS A 142 40.18 3.59 40.05
N THR A 143 40.87 3.35 38.94
CA THR A 143 40.12 3.20 37.70
C THR A 143 40.32 1.82 37.08
N PRO A 144 39.23 1.21 36.59
CA PRO A 144 39.33 -0.20 36.17
C PRO A 144 40.03 -0.38 34.84
N ASN A 145 40.13 0.66 34.02
CA ASN A 145 40.67 0.53 32.69
C ASN A 145 41.59 1.71 32.41
N LEU A 146 42.51 1.53 31.47
CA LEU A 146 43.35 2.61 30.99
C LEU A 146 43.80 2.32 29.56
N VAL A 147 43.65 3.30 28.69
CA VAL A 147 43.98 3.18 27.28
C VAL A 147 45.12 4.13 26.97
N ILE A 148 46.25 3.58 26.53
CA ILE A 148 47.38 4.37 26.05
C ILE A 148 47.35 4.37 24.52
N SER A 149 47.32 5.57 23.93
CA SER A 149 47.33 5.73 22.49
C SER A 149 48.50 6.61 22.10
N VAL A 150 49.17 6.25 21.03
CA VAL A 150 50.26 7.05 20.49
C VAL A 150 49.92 7.52 19.08
N LYS A 155 54.26 15.79 13.30
CA LYS A 155 53.42 14.62 13.46
C LYS A 155 51.98 14.92 13.05
N ASN A 156 51.83 15.78 12.04
CA ASN A 156 50.50 16.15 11.57
C ASN A 156 49.91 15.05 10.70
N PHE A 157 48.59 14.93 10.72
CA PHE A 157 47.87 13.92 9.96
C PHE A 157 46.54 14.49 9.52
N ALA A 158 45.82 13.71 8.70
CA ALA A 158 44.53 14.10 8.16
C ALA A 158 43.48 13.10 8.61
N LEU A 159 42.28 13.60 8.92
CA LEU A 159 41.21 12.73 9.36
C LEU A 159 40.54 12.06 8.17
N LYS A 160 40.13 10.82 8.36
CA LYS A 160 39.30 10.10 7.39
C LYS A 160 37.86 10.21 7.85
N PRO A 161 36.86 9.97 6.99
CA PRO A 161 35.48 9.97 7.49
C PRO A 161 35.12 8.75 8.33
N ARG A 162 35.93 7.69 8.30
CA ARG A 162 35.68 6.51 9.12
C ARG A 162 36.35 6.62 10.48
N MET A 163 37.61 7.09 10.50
CA MET A 163 38.44 7.18 11.70
C MET A 163 37.82 8.03 12.80
N ARG A 164 37.07 9.06 12.40
CA ARG A 164 36.35 9.90 13.35
C ARG A 164 35.32 9.10 14.14
N LYS A 165 34.57 8.23 13.44
CA LYS A 165 33.63 7.32 14.11
C LYS A 165 34.35 6.36 15.04
N ILE A 166 35.54 5.89 14.65
CA ILE A 166 36.31 4.95 15.46
C ILE A 166 36.76 5.60 16.76
N PHE A 167 37.27 6.83 16.68
CA PHE A 167 37.79 7.47 17.88
C PHE A 167 36.67 7.99 18.77
N SER A 168 35.54 8.39 18.18
CA SER A 168 34.37 8.73 18.99
C SER A 168 33.83 7.48 19.69
N ARG A 169 33.87 6.33 19.02
CA ARG A 169 33.49 5.08 19.63
C ARG A 169 34.42 4.72 20.79
N LEU A 170 35.72 4.96 20.61
CA LEU A 170 36.69 4.65 21.65
C LEU A 170 36.47 5.51 22.89
N ILE A 171 36.24 6.81 22.69
CA ILE A 171 36.02 7.68 23.84
C ILE A 171 34.67 7.40 24.49
N TYR A 172 33.70 6.94 23.70
CA TYR A 172 32.42 6.53 24.28
C TYR A 172 32.56 5.31 25.17
N ILE A 173 33.36 4.33 24.74
CA ILE A 173 33.65 3.16 25.56
C ILE A 173 34.42 3.56 26.82
N ALA A 174 35.35 4.51 26.67
CA ALA A 174 36.15 4.95 27.81
C ALA A 174 35.30 5.69 28.85
N GLN A 175 34.24 6.37 28.41
CA GLN A 175 33.34 6.99 29.38
C GLN A 175 32.39 5.97 29.99
N SER A 176 31.98 4.96 29.20
CA SER A 176 31.02 3.99 29.69
C SER A 176 31.64 3.08 30.76
N LYS A 177 32.85 2.58 30.51
CA LYS A 177 33.50 1.74 31.53
C LYS A 177 34.10 2.57 32.65
N GLY A 178 34.68 3.72 32.31
CA GLY A 178 35.41 4.51 33.27
C GLY A 178 36.89 4.19 33.14
N ALA A 179 37.66 5.06 32.50
CA ALA A 179 39.01 4.72 32.11
C ALA A 179 39.92 5.94 32.10
N TRP A 180 41.18 5.69 31.79
CA TRP A 180 42.18 6.73 31.64
C TRP A 180 42.73 6.70 30.22
N ILE A 181 42.86 7.89 29.62
CA ILE A 181 43.48 8.04 28.32
C ILE A 181 44.84 8.70 28.52
N PHE A 182 45.89 8.04 28.03
CA PHE A 182 47.23 8.61 28.02
C PHE A 182 47.61 8.93 26.59
N THR A 183 47.85 10.21 26.32
CA THR A 183 48.09 10.67 24.96
C THR A 183 49.39 11.44 24.91
N GLY A 184 49.74 11.88 23.70
CA GLY A 184 51.02 12.55 23.50
C GLY A 184 51.06 13.94 24.10
N GLY A 185 49.89 14.56 24.26
CA GLY A 185 49.86 15.93 24.76
C GLY A 185 50.38 16.95 23.78
N THR A 186 50.22 16.68 22.48
CA THR A 186 50.82 17.47 21.42
C THR A 186 50.11 18.81 21.28
N HIS A 187 50.67 19.69 20.46
CA HIS A 187 50.09 21.00 20.15
C HIS A 187 48.72 20.78 19.51
N TYR A 188 48.66 20.25 18.28
CA TYR A 188 47.42 19.98 17.58
C TYR A 188 47.68 18.87 16.58
N GLY A 189 46.65 18.07 16.33
CA GLY A 189 46.74 16.95 15.42
C GLY A 189 45.67 15.93 15.75
N LEU A 190 46.09 14.68 15.90
CA LEU A 190 45.16 13.63 16.27
C LEU A 190 44.75 13.76 17.74
N MET A 191 45.69 14.14 18.59
CA MET A 191 45.41 14.34 20.01
C MET A 191 44.47 15.52 20.23
N LYS A 192 44.55 16.52 19.35
CA LYS A 192 43.61 17.63 19.35
C LYS A 192 42.19 17.15 19.08
N TYR A 193 42.05 16.23 18.13
CA TYR A 193 40.72 15.71 17.81
C TYR A 193 40.17 14.85 18.95
N ILE A 194 41.06 14.10 19.60
CA ILE A 194 40.65 13.32 20.77
C ILE A 194 40.19 14.25 21.90
N GLY A 195 40.93 15.34 22.13
CA GLY A 195 40.52 16.30 23.15
C GLY A 195 39.21 16.99 22.80
N GLU A 196 38.97 17.23 21.51
CA GLU A 196 37.71 17.82 21.07
C GLU A 196 36.54 16.89 21.32
N VAL A 197 36.70 15.60 21.00
CA VAL A 197 35.62 14.64 21.21
C VAL A 197 35.40 14.39 22.70
N VAL A 198 36.47 14.50 23.50
CA VAL A 198 36.35 14.45 24.96
C VAL A 198 35.51 15.60 25.47
N ARG A 199 35.78 16.83 25.00
CA ARG A 199 34.99 17.99 25.42
C ARG A 199 33.54 17.85 24.99
N ASP A 200 33.32 17.30 23.78
CA ASP A 200 31.96 17.10 23.28
C ASP A 200 31.20 16.08 24.12
N ASN A 201 31.85 14.99 24.52
CA ASN A 201 31.14 13.98 25.31
C ASN A 201 30.99 14.41 26.77
N THR A 202 31.83 15.32 27.24
CA THR A 202 31.58 15.88 28.57
C THR A 202 30.38 16.82 28.56
N ILE A 203 30.24 17.63 27.51
CA ILE A 203 29.07 18.51 27.49
C ILE A 203 27.83 17.75 27.03
N SER A 204 28.01 16.54 26.48
CA SER A 204 26.86 15.74 26.08
C SER A 204 26.19 15.07 27.27
N ARG A 205 26.94 14.25 28.02
CA ARG A 205 26.41 13.42 29.09
C ARG A 205 26.80 13.99 30.43
N SER A 206 26.10 13.55 31.49
CA SER A 206 26.42 13.96 32.86
C SER A 206 27.17 12.83 33.56
N SER A 207 28.46 12.73 33.27
CA SER A 207 29.35 11.78 33.91
C SER A 207 30.72 12.40 34.04
N GLU A 208 31.62 11.70 34.71
CA GLU A 208 32.97 12.18 34.98
C GLU A 208 33.98 11.22 34.39
N GLU A 209 34.80 11.72 33.47
CA GLU A 209 35.88 10.95 32.89
C GLU A 209 37.02 11.90 32.54
N ASN A 210 38.24 11.36 32.51
CA ASN A 210 39.44 12.18 32.49
C ASN A 210 40.46 11.63 31.50
N VAL A 211 41.44 12.46 31.17
CA VAL A 211 42.51 12.12 30.23
C VAL A 211 43.80 12.78 30.72
N VAL A 212 44.83 11.97 30.92
CA VAL A 212 46.12 12.48 31.35
C VAL A 212 47.04 12.54 30.14
N ALA A 213 47.42 13.75 29.74
CA ALA A 213 48.21 13.96 28.53
C ALA A 213 49.64 14.35 28.90
N ILE A 214 50.51 13.36 28.99
CA ILE A 214 51.91 13.60 29.34
C ILE A 214 52.67 14.18 28.16
N ARG A 249 59.56 23.22 33.09
CA ARG A 249 60.93 22.86 32.73
C ARG A 249 60.99 22.19 31.37
N ASP A 250 59.93 21.49 30.99
CA ASP A 250 59.88 20.90 29.66
C ASP A 250 59.71 22.00 28.61
N PRO A 251 60.54 22.03 27.58
CA PRO A 251 60.37 23.03 26.52
C PRO A 251 59.18 22.73 25.63
N LEU A 252 57.99 23.04 26.12
CA LEU A 252 56.78 22.66 25.41
C LEU A 252 56.44 23.67 24.32
N TYR A 253 55.62 23.25 23.38
CA TYR A 253 55.08 24.10 22.33
C TYR A 253 53.78 24.73 22.84
N CYS A 254 52.97 25.27 21.94
CA CYS A 254 51.60 25.63 22.29
C CYS A 254 50.82 24.37 22.65
N LEU A 255 49.78 24.52 23.46
CA LEU A 255 49.06 23.38 24.02
C LEU A 255 47.65 23.32 23.47
N ASP A 256 47.11 22.11 23.38
CA ASP A 256 45.67 21.91 23.19
C ASP A 256 45.02 22.01 24.56
N ASN A 257 44.33 23.12 24.81
CA ASN A 257 43.83 23.44 26.14
C ASN A 257 42.44 22.83 26.35
N ASN A 258 42.40 21.50 26.34
CA ASN A 258 41.15 20.78 26.49
C ASN A 258 41.22 19.61 27.46
N HIS A 259 42.43 19.15 27.80
CA HIS A 259 42.60 18.01 28.67
C HIS A 259 42.31 18.38 30.12
N THR A 260 42.17 17.35 30.96
CA THR A 260 41.88 17.53 32.38
C THR A 260 43.15 17.56 33.23
N HIS A 261 44.15 16.75 32.89
CA HIS A 261 45.42 16.77 33.59
C HIS A 261 46.52 16.60 32.56
N LEU A 262 47.59 17.37 32.68
CA LEU A 262 48.74 17.25 31.79
C LEU A 262 50.00 17.47 32.59
N LEU A 263 50.94 16.54 32.48
CA LEU A 263 52.15 16.50 33.28
C LEU A 263 53.35 16.38 32.33
N LEU A 264 54.24 17.38 32.37
CA LEU A 264 55.42 17.38 31.53
C LEU A 264 56.67 17.42 32.39
N VAL A 265 57.76 16.87 31.86
CA VAL A 265 59.02 16.78 32.58
C VAL A 265 60.04 17.76 32.02
N ILE A 275 63.86 14.33 24.14
CA ILE A 275 62.48 13.91 23.89
C ILE A 275 62.33 12.43 24.18
N GLU A 276 62.68 12.03 25.40
CA GLU A 276 62.56 10.65 25.84
C GLU A 276 61.36 10.53 26.76
N ALA A 277 60.53 9.50 26.53
CA ALA A 277 59.35 9.30 27.37
C ALA A 277 59.73 8.98 28.81
N LYS A 278 60.31 7.79 29.03
CA LYS A 278 61.09 7.42 30.21
C LYS A 278 60.36 7.43 31.55
N VAL A 279 59.12 7.88 31.59
CA VAL A 279 58.24 7.74 32.74
C VAL A 279 56.88 7.18 32.34
N ARG A 280 56.55 7.36 31.05
CA ARG A 280 55.33 6.86 30.42
C ARG A 280 55.27 5.35 30.57
N THR A 281 56.27 4.69 29.98
CA THR A 281 56.45 3.26 30.06
C THR A 281 56.66 2.79 31.49
N GLN A 282 57.33 3.62 32.31
CA GLN A 282 57.56 3.26 33.71
C GLN A 282 56.26 3.26 34.50
N LEU A 283 55.40 4.26 34.29
CA LEU A 283 54.09 4.28 34.90
C LEU A 283 53.22 3.11 34.44
N GLU A 284 53.28 2.79 33.15
CA GLU A 284 52.51 1.66 32.64
C GLU A 284 53.00 0.33 33.22
N LYS A 285 54.31 0.19 33.41
CA LYS A 285 54.84 -1.04 34.02
C LYS A 285 54.54 -1.07 35.52
N TYR A 286 54.37 0.10 36.14
CA TYR A 286 53.95 0.11 37.54
C TYR A 286 52.51 -0.34 37.69
N ILE A 287 51.61 0.16 36.84
CA ILE A 287 50.21 -0.20 36.96
C ILE A 287 50.00 -1.63 36.43
N SER A 288 50.95 -2.12 35.62
CA SER A 288 50.99 -3.55 35.30
C SER A 288 51.17 -4.40 36.55
N GLU A 289 51.94 -3.92 37.51
CA GLU A 289 52.17 -4.63 38.76
C GLU A 289 51.22 -4.21 39.87
N ARG A 290 50.15 -3.50 39.54
CA ARG A 290 49.22 -3.03 40.56
C ARG A 290 48.32 -4.18 41.03
N VAL A 291 48.00 -4.18 42.32
CA VAL A 291 47.12 -5.18 42.91
C VAL A 291 45.81 -4.48 43.32
N ILE A 292 44.69 -5.16 43.05
CA ILE A 292 43.38 -4.71 43.49
C ILE A 292 42.67 -5.91 44.10
N PRO A 293 42.10 -5.80 45.30
CA PRO A 293 41.42 -6.97 45.90
C PRO A 293 40.14 -7.38 45.18
N GLU A 294 39.22 -6.46 44.92
CA GLU A 294 37.97 -6.80 44.24
C GLU A 294 38.10 -6.48 42.75
N SER A 295 38.97 -7.25 42.09
CA SER A 295 39.25 -7.07 40.67
C SER A 295 38.73 -8.26 39.89
N ASN A 296 37.88 -8.00 38.90
CA ASN A 296 37.35 -9.04 38.03
C ASN A 296 38.37 -9.52 37.01
N TYR A 297 39.45 -8.77 36.81
CA TYR A 297 40.49 -9.13 35.85
C TYR A 297 41.50 -10.09 36.45
N GLY A 298 41.50 -10.25 37.77
CA GLY A 298 42.42 -11.17 38.42
C GLY A 298 43.40 -10.52 39.35
N GLY A 299 43.13 -9.31 39.83
CA GLY A 299 44.05 -8.64 40.73
C GLY A 299 44.97 -7.69 40.00
N LYS A 300 44.61 -7.37 38.76
CA LYS A 300 45.37 -6.44 37.94
C LYS A 300 44.42 -5.47 37.26
N ILE A 301 44.97 -4.63 36.41
CA ILE A 301 44.20 -3.67 35.63
C ILE A 301 44.51 -3.90 34.15
N PRO A 302 43.52 -3.98 33.28
CA PRO A 302 43.78 -4.10 31.84
C PRO A 302 44.43 -2.85 31.27
N ILE A 303 45.39 -3.07 30.37
CA ILE A 303 46.18 -2.00 29.75
C ILE A 303 46.22 -2.28 28.26
N VAL A 304 45.74 -1.33 27.45
CA VAL A 304 45.65 -1.52 26.01
C VAL A 304 46.45 -0.43 25.30
N CYS A 305 47.46 -0.83 24.56
CA CYS A 305 48.26 0.07 23.73
C CYS A 305 47.63 0.18 22.36
N PHE A 306 47.68 1.36 21.78
CA PHE A 306 46.92 1.67 20.57
C PHE A 306 47.86 2.29 19.54
N ALA A 307 47.70 1.92 18.27
CA ALA A 307 48.58 2.39 17.21
C ALA A 307 47.74 2.88 16.03
N GLN A 308 47.78 4.18 15.80
CA GLN A 308 47.08 4.77 14.66
C GLN A 308 47.80 6.02 14.17
N GLY A 311 55.83 5.63 13.82
CA GLY A 311 57.01 6.41 14.13
C GLY A 311 58.11 5.61 14.81
N LYS A 312 59.28 6.23 14.94
CA LYS A 312 60.41 5.58 15.60
C LYS A 312 60.17 5.45 17.11
N GLU A 313 59.72 6.53 17.74
CA GLU A 313 59.35 6.47 19.15
C GLU A 313 58.11 5.62 19.34
N THR A 314 57.23 5.56 18.33
CA THR A 314 56.08 4.67 18.37
C THR A 314 56.53 3.21 18.41
N LEU A 315 57.49 2.84 17.56
CA LEU A 315 58.00 1.48 17.56
C LEU A 315 58.79 1.19 18.83
N LYS A 316 59.47 2.21 19.38
CA LYS A 316 60.16 2.04 20.65
C LYS A 316 59.18 1.74 21.78
N SER A 317 58.06 2.47 21.80
CA SER A 317 57.03 2.23 22.81
C SER A 317 56.36 0.87 22.60
N ILE A 318 56.22 0.45 21.34
CA ILE A 318 55.69 -0.88 21.04
C ILE A 318 56.60 -1.97 21.59
N ASN A 319 57.91 -1.83 21.37
CA ASN A 319 58.88 -2.82 21.86
C ASN A 319 58.92 -2.87 23.38
N VAL A 320 58.85 -1.69 24.03
CA VAL A 320 58.90 -1.66 25.49
C VAL A 320 57.60 -2.20 26.08
N ALA A 321 56.46 -1.89 25.45
CA ALA A 321 55.18 -2.32 25.99
C ALA A 321 54.98 -3.82 25.85
N ILE A 322 55.32 -4.38 24.69
CA ILE A 322 55.24 -5.83 24.51
C ILE A 322 56.30 -6.52 25.36
N LYS A 323 57.43 -5.83 25.60
CA LYS A 323 58.45 -6.33 26.51
C LYS A 323 57.91 -6.44 27.94
N SER A 324 56.98 -5.56 28.31
CA SER A 324 56.37 -5.65 29.63
C SER A 324 55.05 -6.43 29.63
N LYS A 325 54.80 -7.24 28.60
CA LYS A 325 53.65 -8.14 28.47
C LYS A 325 52.32 -7.37 28.53
N ILE A 326 52.14 -6.52 27.53
CA ILE A 326 50.91 -5.74 27.37
C ILE A 326 50.40 -5.94 25.96
N PRO A 327 49.11 -6.25 25.77
CA PRO A 327 48.57 -6.41 24.42
C PRO A 327 48.52 -5.08 23.67
N CYS A 328 48.46 -5.17 22.34
CA CYS A 328 48.48 -3.98 21.50
C CYS A 328 47.44 -4.12 20.39
N VAL A 329 46.92 -2.99 19.95
CA VAL A 329 45.93 -2.92 18.88
C VAL A 329 46.48 -2.02 17.79
N VAL A 330 46.46 -2.51 16.55
CA VAL A 330 46.99 -1.78 15.40
C VAL A 330 45.90 -1.72 14.33
N VAL A 331 45.64 -0.51 13.82
CA VAL A 331 44.64 -0.30 12.78
C VAL A 331 45.33 -0.44 11.42
N GLU A 332 44.76 -1.28 10.56
CA GLU A 332 45.29 -1.43 9.22
C GLU A 332 44.92 -0.24 8.35
N GLY A 333 45.86 0.20 7.52
CA GLY A 333 45.61 1.27 6.58
C GLY A 333 45.89 2.67 7.10
N SER A 334 46.76 2.82 8.11
CA SER A 334 47.06 4.14 8.64
C SER A 334 48.00 4.91 7.72
N GLY A 335 48.66 4.21 6.79
CA GLY A 335 49.64 4.84 5.94
C GLY A 335 51.01 5.01 6.57
N ARG A 336 51.26 4.29 7.67
CA ARG A 336 52.49 4.46 8.44
C ARG A 336 53.18 3.12 8.61
N ILE A 337 54.16 3.09 9.53
CA ILE A 337 54.89 1.85 9.84
C ILE A 337 53.95 0.80 10.43
N ALA A 338 52.83 1.23 11.03
CA ALA A 338 51.84 0.33 11.57
C ALA A 338 51.20 -0.51 10.47
N ASP A 339 51.07 0.05 9.27
CA ASP A 339 50.59 -0.73 8.13
C ASP A 339 51.59 -1.82 7.76
N VAL A 340 52.88 -1.53 7.91
CA VAL A 340 53.91 -2.54 7.63
C VAL A 340 53.88 -3.64 8.68
N ILE A 341 53.60 -3.27 9.94
CA ILE A 341 53.47 -4.28 10.99
C ILE A 341 52.22 -5.12 10.77
N ALA A 342 51.18 -4.50 10.23
CA ALA A 342 49.95 -5.25 9.93
C ALA A 342 50.14 -6.21 8.77
N SER A 343 50.88 -5.79 7.74
CA SER A 343 51.12 -6.66 6.60
C SER A 343 52.09 -7.78 6.94
N LEU A 344 53.09 -7.50 7.78
CA LEU A 344 54.06 -8.52 8.16
C LEU A 344 53.45 -9.54 9.11
N VAL A 345 52.38 -9.18 9.80
CA VAL A 345 51.72 -10.07 10.75
C VAL A 345 50.96 -11.17 10.03
N SER A 353 63.51 -9.55 8.65
CA SER A 353 64.52 -10.53 8.29
C SER A 353 64.80 -10.48 6.80
N SER A 354 64.94 -9.25 6.28
CA SER A 354 65.30 -8.86 4.92
C SER A 354 64.20 -9.13 3.89
N CYS A 355 63.15 -9.84 4.29
CA CYS A 355 61.88 -9.74 3.56
C CYS A 355 61.00 -8.70 4.24
N VAL A 356 61.17 -8.53 5.55
CA VAL A 356 60.56 -7.42 6.26
C VAL A 356 61.13 -6.10 5.77
N LYS A 357 62.45 -6.04 5.57
CA LYS A 357 63.08 -4.83 5.06
C LYS A 357 62.69 -4.57 3.60
N GLU A 358 62.40 -5.63 2.84
CA GLU A 358 61.85 -5.44 1.51
C GLU A 358 60.41 -4.94 1.57
N SER A 359 59.68 -5.35 2.61
CA SER A 359 58.29 -4.91 2.75
C SER A 359 58.22 -3.48 3.26
N LEU A 360 59.29 -3.01 3.91
CA LEU A 360 59.35 -1.64 4.42
C LEU A 360 59.23 -0.61 3.30
N LEU A 361 59.86 -0.89 2.16
CA LEU A 361 59.87 0.02 1.01
C LEU A 361 58.49 0.21 0.42
N ARG A 362 57.64 -0.82 0.49
CA ARG A 362 56.28 -0.71 -0.01
C ARG A 362 55.44 0.22 0.86
N PHE A 363 55.73 0.26 2.16
CA PHE A 363 54.95 1.09 3.07
C PHE A 363 55.36 2.56 2.97
N LEU A 364 56.63 2.85 3.27
CA LEU A 364 57.10 4.24 3.28
C LEU A 364 58.56 4.31 2.85
N PRO A 365 58.83 4.73 1.62
CA PRO A 365 60.23 4.82 1.15
C PRO A 365 60.94 6.08 1.64
N ARG A 366 60.17 7.06 2.11
CA ARG A 366 60.76 8.32 2.52
C ARG A 366 61.52 8.18 3.84
N THR A 367 61.01 7.35 4.75
CA THR A 367 61.64 7.21 6.05
C THR A 367 62.91 6.36 5.96
N ILE A 368 62.91 5.34 5.09
CA ILE A 368 64.07 4.46 4.96
C ILE A 368 65.15 5.13 4.11
N SER A 369 64.81 6.23 3.44
CA SER A 369 65.77 6.89 2.56
C SER A 369 66.87 7.59 3.33
N ARG A 370 66.50 8.52 4.21
CA ARG A 370 67.50 9.28 4.95
C ARG A 370 68.10 8.46 6.10
N LEU A 371 67.47 7.33 6.42
CA LEU A 371 67.96 6.48 7.50
C LEU A 371 69.27 5.81 7.12
N SER A 372 70.05 5.44 8.13
CA SER A 372 71.33 4.79 7.92
C SER A 372 71.13 3.27 7.88
N GLU A 373 72.24 2.54 7.70
CA GLU A 373 72.16 1.09 7.65
C GLU A 373 72.06 0.49 9.05
N GLU A 374 72.73 1.12 10.04
CA GLU A 374 72.61 0.66 11.41
C GLU A 374 71.21 0.90 11.96
N GLU A 375 70.55 1.97 11.50
CA GLU A 375 69.16 2.21 11.87
C GLU A 375 68.23 1.16 11.26
N THR A 376 68.53 0.74 10.03
CA THR A 376 67.76 -0.34 9.41
C THR A 376 67.98 -1.66 10.13
N GLU A 377 69.21 -1.90 10.59
CA GLU A 377 69.49 -3.12 11.36
C GLU A 377 68.78 -3.09 12.71
N SER A 378 68.73 -1.92 13.35
CA SER A 378 68.01 -1.79 14.60
C SER A 378 66.51 -1.97 14.41
N TRP A 379 65.97 -1.47 13.29
CA TRP A 379 64.56 -1.68 12.98
C TRP A 379 64.25 -3.15 12.74
N ILE A 380 65.11 -3.84 12.00
CA ILE A 380 64.91 -5.27 11.76
C ILE A 380 65.00 -6.06 13.06
N LYS A 381 65.95 -5.73 13.93
CA LYS A 381 66.07 -6.40 15.22
C LYS A 381 64.86 -6.14 16.12
N TRP A 382 64.36 -4.90 16.12
CA TRP A 382 63.23 -4.57 17.00
C TRP A 382 61.92 -5.15 16.47
N ILE A 383 61.75 -5.21 15.15
CA ILE A 383 60.54 -5.81 14.59
C ILE A 383 60.58 -7.32 14.77
N LYS A 384 61.75 -7.94 14.66
CA LYS A 384 61.88 -9.36 14.93
C LYS A 384 61.66 -9.67 16.40
N GLU A 385 62.00 -8.74 17.28
CA GLU A 385 61.64 -8.89 18.69
C GLU A 385 60.15 -8.63 18.90
N VAL A 386 59.53 -7.84 18.03
CA VAL A 386 58.13 -7.46 18.15
C VAL A 386 57.24 -8.62 17.70
N LEU A 387 57.56 -9.21 16.55
CA LEU A 387 56.72 -10.24 15.95
C LEU A 387 57.13 -11.62 16.48
N GLU A 388 57.87 -11.65 17.59
CA GLU A 388 58.19 -12.91 18.25
C GLU A 388 56.94 -13.57 18.81
N SER A 389 56.00 -12.77 19.29
CA SER A 389 54.74 -13.29 19.83
C SER A 389 53.58 -12.74 19.02
N PRO A 390 52.99 -13.52 18.11
CA PRO A 390 51.86 -13.00 17.32
C PRO A 390 50.59 -12.85 18.12
N HIS A 391 50.44 -13.64 19.20
CA HIS A 391 49.17 -13.67 19.93
C HIS A 391 48.94 -12.40 20.72
N LEU A 392 50.01 -11.69 21.08
CA LEU A 392 49.84 -10.51 21.92
C LEU A 392 49.32 -9.31 21.12
N LEU A 393 49.71 -9.20 19.86
CA LEU A 393 49.21 -8.10 19.06
C LEU A 393 47.88 -8.48 18.41
N THR A 394 47.11 -7.46 18.06
CA THR A 394 45.81 -7.64 17.43
C THR A 394 45.60 -6.53 16.41
N VAL A 395 45.15 -6.89 15.21
CA VAL A 395 44.92 -5.89 14.17
C VAL A 395 43.46 -5.80 13.74
N ILE A 396 42.94 -4.59 13.74
CA ILE A 396 41.56 -4.35 13.35
C ILE A 396 41.36 -4.64 11.86
N LYS A 397 40.24 -5.26 11.53
CA LYS A 397 39.93 -5.58 10.14
C LYS A 397 39.70 -4.32 9.33
N ILE A 398 40.11 -4.33 8.07
CA ILE A 398 39.94 -3.17 7.20
C ILE A 398 38.46 -2.86 6.99
N GLU A 399 37.65 -3.90 6.84
CA GLU A 399 36.22 -3.74 6.63
C GLU A 399 35.52 -3.39 7.94
N GLU A 404 30.26 -1.85 16.31
CA GLU A 404 30.88 -2.30 17.54
C GLU A 404 32.20 -3.02 17.32
N ILE A 405 32.97 -2.64 16.30
CA ILE A 405 34.23 -3.31 16.04
C ILE A 405 35.27 -2.95 17.08
N VAL A 406 35.14 -1.77 17.70
CA VAL A 406 36.17 -1.29 18.63
C VAL A 406 36.12 -2.08 19.93
N SER A 407 34.91 -2.20 20.51
CA SER A 407 34.74 -2.97 21.74
C SER A 407 35.06 -4.43 21.50
N ASN A 408 34.69 -4.95 20.32
CA ASN A 408 35.00 -6.33 19.97
C ASN A 408 36.50 -6.55 19.90
N ALA A 409 37.22 -5.62 19.27
CA ALA A 409 38.67 -5.78 19.12
C ALA A 409 39.38 -5.67 20.47
N ILE A 410 38.97 -4.71 21.30
CA ILE A 410 39.61 -4.52 22.60
C ILE A 410 39.36 -5.72 23.50
N SER A 411 38.11 -6.19 23.54
CA SER A 411 37.77 -7.31 24.40
C SER A 411 38.41 -8.60 23.91
N PHE A 412 38.51 -8.77 22.59
CA PHE A 412 39.14 -9.97 22.06
C PHE A 412 40.63 -10.00 22.33
N ALA A 413 41.29 -8.83 22.21
CA ALA A 413 42.71 -8.76 22.52
C ALA A 413 42.95 -8.99 24.01
N LEU A 414 42.08 -8.46 24.85
CA LEU A 414 42.26 -8.62 26.29
C LEU A 414 42.00 -10.06 26.72
N TYR A 415 41.03 -10.73 26.09
CA TYR A 415 40.79 -12.13 26.39
C TYR A 415 41.93 -12.99 25.90
N LYS A 416 42.51 -12.64 24.74
CA LYS A 416 43.69 -13.34 24.25
C LYS A 416 44.85 -13.22 25.23
N ALA A 417 45.07 -12.02 25.77
CA ALA A 417 46.13 -11.80 26.74
C ALA A 417 45.91 -12.58 28.03
N PHE A 418 44.67 -12.55 28.55
CA PHE A 418 44.40 -13.23 29.81
C PHE A 418 44.39 -14.74 29.64
N SER A 419 44.07 -15.22 28.43
CA SER A 419 44.14 -16.66 28.19
C SER A 419 45.58 -17.11 28.02
N THR A 420 46.41 -16.30 27.36
CA THR A 420 47.81 -16.66 27.18
C THR A 420 48.60 -16.52 28.47
N ASN A 421 48.08 -15.76 29.43
CA ASN A 421 48.66 -15.74 30.77
C ASN A 421 48.61 -17.12 31.42
N GLU A 422 47.44 -17.77 31.35
CA GLU A 422 47.18 -19.16 31.74
C GLU A 422 47.45 -19.46 33.21
N HIS A 423 47.68 -18.45 34.05
CA HIS A 423 47.76 -18.69 35.49
C HIS A 423 46.38 -19.00 36.04
N ASP A 424 45.34 -18.43 35.44
CA ASP A 424 43.96 -18.77 35.73
C ASP A 424 43.36 -19.66 34.64
N ARG A 425 44.12 -20.61 34.10
CA ARG A 425 43.61 -21.51 33.07
C ARG A 425 42.53 -22.42 33.63
N ASP A 426 42.77 -22.98 34.83
CA ASP A 426 41.73 -23.75 35.50
C ASP A 426 40.61 -22.85 36.00
N ASN A 427 40.95 -21.60 36.33
CA ASN A 427 39.97 -20.62 36.80
C ASN A 427 39.28 -20.02 35.58
N TRP A 428 38.35 -20.79 35.02
CA TRP A 428 37.52 -20.34 33.91
C TRP A 428 36.50 -19.32 34.36
N ASN A 429 36.30 -19.22 35.67
CA ASN A 429 35.38 -18.29 36.30
C ASN A 429 35.70 -16.83 36.00
N GLY A 430 36.97 -16.48 35.86
CA GLY A 430 37.32 -15.11 35.55
C GLY A 430 37.05 -14.75 34.10
N GLN A 431 37.19 -15.72 33.19
CA GLN A 431 36.96 -15.46 31.78
C GLN A 431 35.49 -15.19 31.52
N LEU A 432 34.60 -15.79 32.32
CA LEU A 432 33.18 -15.55 32.14
C LEU A 432 32.80 -14.15 32.59
N LYS A 433 33.39 -13.67 33.69
CA LYS A 433 33.17 -12.28 34.09
C LYS A 433 33.80 -11.32 33.10
N LEU A 434 34.92 -11.73 32.49
CA LEU A 434 35.57 -10.89 31.49
C LEU A 434 34.70 -10.74 30.24
N LEU A 435 34.09 -11.84 29.79
CA LEU A 435 33.16 -11.77 28.65
C LEU A 435 31.78 -11.31 29.09
N LEU A 436 31.60 -11.08 30.39
CA LEU A 436 30.38 -10.44 30.86
C LEU A 436 30.51 -8.92 30.86
N GLU A 437 31.71 -8.41 31.17
CA GLU A 437 31.91 -6.96 31.22
C GLU A 437 31.77 -6.33 29.85
N TRP A 438 32.47 -6.87 28.86
CA TRP A 438 32.26 -6.51 27.47
C TRP A 438 31.28 -7.52 26.88
N ASN A 439 30.24 -7.02 26.22
CA ASN A 439 29.16 -7.88 25.74
C ASN A 439 29.65 -8.63 24.52
N GLN A 440 29.99 -9.92 24.69
CA GLN A 440 30.28 -10.83 23.58
C GLN A 440 29.59 -12.17 23.87
N LEU A 441 28.50 -12.43 23.14
CA LEU A 441 27.78 -13.67 23.34
C LEU A 441 28.47 -14.84 22.67
N ASP A 442 28.81 -14.70 21.38
CA ASP A 442 29.16 -15.85 20.55
C ASP A 442 30.49 -16.45 20.95
N LEU A 443 31.49 -15.60 21.24
CA LEU A 443 32.77 -16.11 21.69
C LEU A 443 32.66 -16.78 23.06
N ALA A 444 31.77 -16.28 23.91
CA ALA A 444 31.54 -16.91 25.21
C ALA A 444 30.85 -18.25 25.08
N SER A 445 29.91 -18.38 24.14
CA SER A 445 29.25 -19.67 23.95
C SER A 445 30.16 -20.69 23.30
N ASP A 446 31.03 -20.24 22.39
CA ASP A 446 31.92 -21.16 21.70
C ASP A 446 33.10 -21.59 22.56
N GLU A 447 33.70 -20.67 23.31
CA GLU A 447 34.92 -21.00 24.06
C GLU A 447 34.64 -21.78 25.33
N ILE A 448 33.87 -21.19 26.25
CA ILE A 448 33.79 -21.73 27.61
C ILE A 448 32.86 -22.94 27.67
N PHE A 449 31.68 -22.79 27.06
CA PHE A 449 30.68 -23.85 27.12
C PHE A 449 30.84 -25.03 26.15
N THR A 450 31.98 -25.71 26.23
CA THR A 450 32.22 -26.88 25.41
C THR A 450 31.64 -28.03 26.23
N ASN A 451 31.03 -29.02 25.58
CA ASN A 451 30.41 -30.09 26.36
C ASN A 451 31.41 -30.83 27.24
N ASP A 452 32.69 -30.44 27.21
CA ASP A 452 33.69 -31.11 28.03
C ASP A 452 33.51 -30.79 29.52
N ARG A 453 33.65 -29.51 29.87
CA ARG A 453 33.54 -29.07 31.26
C ARG A 453 32.18 -29.33 31.92
N ASN A 454 32.19 -29.40 33.25
CA ASN A 454 30.98 -29.64 34.03
C ASN A 454 30.68 -28.48 34.97
N TRP A 455 29.42 -28.05 34.98
CA TRP A 455 28.99 -26.92 35.80
C TRP A 455 27.70 -27.18 36.57
N GLU A 456 27.60 -26.57 37.75
CA GLU A 456 26.42 -26.71 38.61
C GLU A 456 25.71 -25.35 38.69
N SER A 457 24.68 -25.26 39.52
CA SER A 457 23.96 -23.98 39.64
C SER A 457 24.70 -23.01 40.55
N ALA A 458 25.26 -23.52 41.65
CA ALA A 458 25.96 -22.68 42.62
C ALA A 458 27.24 -22.10 42.03
N ASP A 459 27.78 -22.74 41.00
CA ASP A 459 28.85 -22.13 40.22
C ASP A 459 28.33 -20.90 39.48
N LEU A 460 27.14 -20.96 38.90
CA LEU A 460 26.67 -19.83 38.08
C LEU A 460 25.87 -18.72 38.75
N GLN A 461 25.48 -18.94 40.00
CA GLN A 461 24.67 -17.97 40.75
C GLN A 461 25.18 -16.53 40.79
N ASP A 462 26.43 -16.35 41.21
CA ASP A 462 26.98 -15.02 41.39
C ASP A 462 27.19 -14.33 40.06
N VAL A 463 27.53 -15.08 39.02
CA VAL A 463 27.65 -14.50 37.69
C VAL A 463 26.26 -14.15 37.15
N MET A 464 25.27 -14.96 37.50
CA MET A 464 23.90 -14.73 37.04
C MET A 464 23.33 -13.46 37.61
N PHE A 465 23.65 -13.16 38.88
CA PHE A 465 23.11 -11.98 39.52
C PHE A 465 23.60 -10.69 38.86
N THR A 466 24.90 -10.62 38.56
CA THR A 466 25.43 -9.41 37.94
C THR A 466 24.95 -9.25 36.51
N ALA A 467 24.64 -10.37 35.84
CA ALA A 467 24.06 -10.28 34.51
C ALA A 467 22.62 -9.83 34.58
N LEU A 468 21.94 -10.12 35.69
CA LEU A 468 20.64 -9.52 35.93
C LEU A 468 20.75 -8.04 36.25
N VAL A 469 21.89 -7.60 36.79
CA VAL A 469 22.02 -6.21 37.21
C VAL A 469 22.02 -5.26 36.02
N LYS A 470 22.90 -5.47 35.06
CA LYS A 470 23.10 -4.49 34.00
C LYS A 470 22.87 -5.11 32.61
N ASP A 471 21.58 -5.28 32.28
CA ASP A 471 20.99 -5.40 30.92
C ASP A 471 21.79 -6.27 29.94
N ARG A 472 21.96 -7.54 30.27
CA ARG A 472 22.66 -8.48 29.38
C ARG A 472 21.74 -9.63 29.01
N PRO A 473 20.77 -9.38 28.13
CA PRO A 473 19.68 -10.36 27.94
C PRO A 473 20.08 -11.63 27.21
N LYS A 474 20.89 -11.51 26.16
CA LYS A 474 21.44 -12.69 25.49
C LYS A 474 22.29 -13.49 26.46
N PHE A 475 22.97 -12.80 27.35
CA PHE A 475 23.79 -13.44 28.34
C PHE A 475 22.95 -13.95 29.51
N VAL A 476 21.64 -13.72 29.48
CA VAL A 476 20.73 -14.47 30.35
C VAL A 476 20.20 -15.71 29.65
N ARG A 477 19.91 -15.61 28.34
CA ARG A 477 19.50 -16.77 27.55
C ARG A 477 20.55 -17.88 27.58
N LEU A 478 21.83 -17.49 27.62
CA LEU A 478 22.91 -18.47 27.63
C LEU A 478 22.87 -19.35 28.86
N PHE A 479 22.61 -18.77 30.04
CA PHE A 479 22.61 -19.60 31.24
C PHE A 479 21.36 -20.46 31.35
N LEU A 480 20.23 -20.00 30.84
CA LEU A 480 19.04 -20.85 30.85
C LEU A 480 19.18 -22.01 29.88
N GLU A 481 19.87 -21.80 28.75
CA GLU A 481 20.11 -22.93 27.85
C GLU A 481 21.20 -23.84 28.39
N ASN A 482 22.08 -23.30 29.24
CA ASN A 482 23.14 -24.09 29.83
C ASN A 482 22.70 -24.77 31.10
N GLY A 483 21.45 -24.51 31.50
CA GLY A 483 20.89 -25.13 32.68
C GLY A 483 21.00 -24.39 34.00
N LEU A 484 19.86 -23.95 34.51
CA LEU A 484 19.77 -23.25 35.78
C LEU A 484 18.33 -23.29 36.27
N ASN A 485 18.17 -23.60 37.54
CA ASN A 485 16.84 -23.73 38.14
C ASN A 485 16.41 -22.36 38.64
N LEU A 486 15.58 -21.67 37.83
CA LEU A 486 15.35 -20.25 38.06
C LEU A 486 14.45 -20.02 39.27
N ARG A 487 13.53 -20.94 39.54
CA ARG A 487 12.72 -20.82 40.73
C ARG A 487 13.54 -21.13 41.98
N LYS A 488 14.55 -21.99 41.83
CA LYS A 488 15.43 -22.29 42.96
C LYS A 488 16.40 -21.14 43.22
N PHE A 489 16.64 -20.31 42.20
CA PHE A 489 17.57 -19.21 42.34
C PHE A 489 16.99 -18.08 43.18
N LEU A 490 15.78 -17.63 42.85
CA LEU A 490 15.24 -16.41 43.44
C LEU A 490 14.82 -16.64 44.90
N THR A 491 15.53 -16.01 45.81
CA THR A 491 15.19 -16.02 47.22
C THR A 491 14.86 -14.59 47.64
N THR A 492 14.16 -14.44 48.75
CA THR A 492 13.71 -13.14 49.23
C THR A 492 14.85 -12.20 49.61
N GLU A 493 16.02 -12.77 49.91
CA GLU A 493 17.21 -11.94 50.07
C GLU A 493 17.62 -11.30 48.75
N VAL A 494 17.57 -12.07 47.67
CA VAL A 494 17.98 -11.58 46.36
C VAL A 494 17.02 -10.52 45.85
N LEU A 495 15.72 -10.68 46.12
CA LEU A 495 14.77 -9.70 45.64
C LEU A 495 14.82 -8.42 46.44
N ARG A 496 15.15 -8.51 47.73
CA ARG A 496 15.41 -7.29 48.49
C ARG A 496 16.66 -6.58 47.99
N GLU A 497 17.72 -7.35 47.69
CA GLU A 497 18.94 -6.76 47.14
C GLU A 497 18.72 -6.19 45.74
N LEU A 498 17.68 -6.67 45.05
CA LEU A 498 17.40 -6.18 43.71
C LEU A 498 16.53 -4.93 43.75
N TYR A 499 15.46 -4.94 44.56
CA TYR A 499 14.55 -3.80 44.60
C TYR A 499 15.13 -2.61 45.35
N THR A 500 15.90 -2.85 46.42
CA THR A 500 16.37 -1.71 47.19
C THR A 500 17.54 -1.02 46.52
N ASN A 501 18.39 -1.76 45.83
CA ASN A 501 19.57 -1.20 45.20
C ASN A 501 19.37 -0.82 43.74
N ASN A 502 18.98 -1.78 42.90
CA ASN A 502 19.07 -1.61 41.45
C ASN A 502 17.78 -1.10 40.83
N PHE A 503 16.95 -0.39 41.58
CA PHE A 503 15.71 0.17 41.07
C PHE A 503 15.85 1.68 41.10
N SER A 504 15.83 2.30 39.92
CA SER A 504 16.16 3.71 39.80
C SER A 504 15.05 4.58 40.38
N SER A 505 15.45 5.60 41.16
CA SER A 505 14.50 6.33 41.99
C SER A 505 13.61 7.23 41.17
N LEU A 506 14.00 7.53 39.93
CA LEU A 506 13.13 8.27 39.02
C LEU A 506 11.87 7.47 38.69
N VAL A 507 12.04 6.18 38.39
CA VAL A 507 10.90 5.32 38.10
C VAL A 507 10.03 5.15 39.34
N PHE A 508 10.66 5.12 40.52
CA PHE A 508 9.91 5.02 41.76
C PHE A 508 9.09 6.26 42.04
N LYS A 509 9.66 7.45 41.79
CA LYS A 509 8.89 8.68 41.95
C LYS A 509 7.77 8.75 40.93
N ASN A 510 8.01 8.23 39.73
CA ASN A 510 6.98 8.26 38.70
C ASN A 510 5.83 7.31 39.05
N LEU A 511 6.15 6.14 39.58
CA LEU A 511 5.13 5.21 40.05
C LEU A 511 4.39 5.78 41.25
N GLN A 512 5.10 6.51 42.11
CA GLN A 512 4.47 7.19 43.24
C GLN A 512 3.45 8.21 42.78
N ILE A 513 3.73 8.93 41.70
CA ILE A 513 2.74 9.84 41.13
C ILE A 513 1.58 9.07 40.52
N ALA A 514 1.88 8.00 39.79
CA ALA A 514 0.85 7.28 39.04
C ALA A 514 -0.10 6.52 39.94
N LYS A 515 0.35 6.20 41.16
CA LYS A 515 -0.54 5.52 42.10
C LYS A 515 -1.60 6.48 42.63
N ASN A 516 -1.18 7.68 43.05
CA ASN A 516 -2.11 8.62 43.66
C ASN A 516 -3.02 9.24 42.63
N SER A 517 -2.48 9.56 41.45
CA SER A 517 -3.30 10.28 40.49
C SER A 517 -4.28 9.39 39.74
N TYR A 518 -3.81 8.24 39.24
CA TYR A 518 -4.63 7.36 38.41
C TYR A 518 -4.68 5.98 39.07
N ASN A 519 -5.69 5.77 39.92
CA ASN A 519 -5.68 4.59 40.77
C ASN A 519 -6.57 3.49 40.20
N ASP A 520 -6.15 2.25 40.42
CA ASP A 520 -6.89 1.06 39.98
C ASP A 520 -6.55 -0.09 40.91
N ALA A 521 -7.06 -1.27 40.60
CA ALA A 521 -6.87 -2.42 41.47
C ALA A 521 -5.46 -2.99 41.35
N LEU A 522 -5.05 -3.29 40.12
CA LEU A 522 -3.75 -3.91 39.85
C LEU A 522 -2.62 -3.02 40.30
N LEU A 523 -2.73 -1.71 40.03
CA LEU A 523 -1.65 -0.80 40.38
C LEU A 523 -1.52 -0.66 41.89
N THR A 524 -2.65 -0.71 42.60
CA THR A 524 -2.62 -0.71 44.06
C THR A 524 -1.93 -1.95 44.60
N PHE A 525 -2.24 -3.12 44.03
CA PHE A 525 -1.60 -4.35 44.50
C PHE A 525 -0.11 -4.36 44.19
N VAL A 526 0.29 -3.80 43.05
CA VAL A 526 1.70 -3.74 42.70
C VAL A 526 2.45 -2.79 43.63
N TRP A 527 1.82 -1.66 43.98
CA TRP A 527 2.46 -0.74 44.90
C TRP A 527 2.60 -1.33 46.30
N LYS A 528 1.61 -2.13 46.72
CA LYS A 528 1.73 -2.79 48.02
C LYS A 528 2.83 -3.85 48.00
N MET A 529 2.98 -4.56 46.88
CA MET A 529 4.08 -5.52 46.76
C MET A 529 5.44 -4.82 46.78
N VAL A 530 5.55 -3.67 46.13
CA VAL A 530 6.82 -2.98 46.07
C VAL A 530 7.19 -2.40 47.43
N GLU A 531 6.21 -1.87 48.16
CA GLU A 531 6.54 -1.36 49.49
C GLU A 531 6.70 -2.50 50.50
N ASP A 532 6.19 -3.69 50.18
CA ASP A 532 6.51 -4.84 51.03
C ASP A 532 7.95 -5.27 50.81
N PHE A 533 8.41 -5.29 49.56
CA PHE A 533 9.80 -5.67 49.29
C PHE A 533 10.78 -4.57 49.67
N ARG A 534 10.33 -3.32 49.75
CA ARG A 534 11.27 -2.20 49.82
C ARG A 534 11.92 -2.09 51.19
N ARG A 535 11.24 -2.51 52.24
CA ARG A 535 11.80 -2.47 53.58
C ARG A 535 12.91 -3.50 53.76
N PRO A 557 7.11 -16.75 51.68
CA PRO A 557 6.97 -16.15 53.00
C PRO A 557 6.20 -14.82 52.99
N ILE A 558 6.72 -13.81 52.30
CA ILE A 558 5.96 -12.58 52.14
C ILE A 558 5.18 -12.60 50.83
N THR A 559 5.68 -13.34 49.85
CA THR A 559 4.90 -13.66 48.65
C THR A 559 5.35 -15.00 48.09
N ARG A 560 4.42 -15.66 47.43
CA ARG A 560 4.73 -16.74 46.52
C ARG A 560 4.71 -16.14 45.11
N HIS A 561 4.83 -16.98 44.09
CA HIS A 561 5.08 -16.57 42.71
C HIS A 561 6.27 -15.63 42.57
N PRO A 562 7.51 -16.11 42.68
CA PRO A 562 8.65 -15.21 42.52
C PRO A 562 8.88 -14.76 41.08
N LEU A 563 8.48 -15.61 40.12
CA LEU A 563 8.76 -15.31 38.73
C LEU A 563 7.97 -14.09 38.24
N GLN A 564 6.75 -13.93 38.73
CA GLN A 564 6.01 -12.71 38.42
C GLN A 564 6.62 -11.48 39.09
N ALA A 565 7.30 -11.68 40.22
CA ALA A 565 7.95 -10.54 40.86
C ALA A 565 9.13 -10.06 40.04
N LEU A 566 9.95 -10.99 39.56
CA LEU A 566 11.06 -10.60 38.70
C LEU A 566 10.56 -10.04 37.37
N PHE A 567 9.45 -10.57 36.87
CA PHE A 567 8.88 -10.08 35.62
C PHE A 567 8.37 -8.66 35.76
N ILE A 568 7.68 -8.34 36.86
CA ILE A 568 7.17 -6.98 37.03
C ILE A 568 8.31 -6.01 37.31
N TRP A 569 9.37 -6.48 37.97
CA TRP A 569 10.58 -5.69 38.10
C TRP A 569 11.19 -5.37 36.74
N SER A 570 11.13 -6.30 35.81
CA SER A 570 11.71 -6.02 34.50
C SER A 570 10.82 -5.10 33.69
N VAL A 571 9.50 -5.20 33.85
CA VAL A 571 8.61 -4.44 32.99
C VAL A 571 8.52 -2.99 33.45
N LEU A 572 8.63 -2.73 34.74
CA LEU A 572 8.53 -1.34 35.23
C LEU A 572 9.67 -0.45 34.75
N GLN A 573 10.84 -1.01 34.48
CA GLN A 573 11.96 -0.17 34.08
C GLN A 573 12.08 0.00 32.56
N ASN A 574 11.10 -0.47 31.80
CA ASN A 574 11.10 -0.43 30.32
C ASN A 574 12.33 -1.09 29.73
N LYS A 575 12.59 -2.33 30.13
CA LYS A 575 13.64 -3.15 29.52
C LYS A 575 12.97 -4.13 28.58
N LYS A 576 13.22 -3.97 27.28
CA LYS A 576 12.54 -4.82 26.30
C LYS A 576 13.12 -6.22 26.27
N GLU A 577 14.40 -6.32 25.93
CA GLU A 577 14.98 -7.60 25.58
C GLU A 577 15.19 -8.47 26.81
N LEU A 578 15.22 -7.87 27.99
CA LEU A 578 15.29 -8.69 29.19
C LEU A 578 13.92 -9.23 29.54
N SER A 579 12.86 -8.45 29.31
CA SER A 579 11.54 -8.90 29.68
C SER A 579 11.04 -9.97 28.73
N LYS A 580 11.44 -9.89 27.45
CA LYS A 580 11.05 -10.96 26.53
C LYS A 580 11.73 -12.27 26.88
N VAL A 581 12.92 -12.19 27.47
CA VAL A 581 13.59 -13.41 27.92
C VAL A 581 12.93 -13.96 29.17
N ILE A 582 12.65 -13.11 30.14
CA ILE A 582 12.10 -13.62 31.39
C ILE A 582 10.62 -13.97 31.26
N TRP A 583 9.97 -13.57 30.16
CA TRP A 583 8.57 -13.95 29.97
C TRP A 583 8.42 -15.42 29.61
N GLU A 584 9.47 -16.01 29.04
CA GLU A 584 9.34 -17.38 28.57
C GLU A 584 9.50 -18.39 29.70
N GLN A 585 9.77 -17.92 30.92
CA GLN A 585 9.95 -18.87 32.01
C GLN A 585 8.77 -18.84 32.97
N THR A 586 7.86 -17.88 32.83
CA THR A 586 6.79 -17.76 33.80
C THR A 586 5.70 -18.79 33.51
N ARG A 587 4.86 -19.05 34.51
CA ARG A 587 3.94 -20.17 34.40
C ARG A 587 2.69 -19.79 33.62
N GLY A 588 1.92 -18.83 34.12
CA GLY A 588 0.69 -18.45 33.44
C GLY A 588 0.98 -17.43 32.38
N CYS A 589 1.07 -17.86 31.12
CA CYS A 589 1.75 -17.08 30.10
C CYS A 589 0.88 -15.94 29.61
N THR A 590 -0.33 -16.25 29.15
CA THR A 590 -1.21 -15.20 28.62
C THR A 590 -1.68 -14.26 29.72
N LEU A 591 -1.79 -14.77 30.95
CA LEU A 591 -2.18 -13.93 32.06
C LEU A 591 -1.08 -12.94 32.40
N ALA A 592 0.17 -13.39 32.37
CA ALA A 592 1.29 -12.50 32.65
C ALA A 592 1.46 -11.47 31.56
N ALA A 593 1.25 -11.87 30.30
CA ALA A 593 1.34 -10.92 29.20
C ALA A 593 0.27 -9.85 29.32
N LEU A 594 -0.94 -10.24 29.68
CA LEU A 594 -2.01 -9.27 29.73
C LEU A 594 -1.88 -8.37 30.96
N GLY A 595 -1.32 -8.91 32.05
CA GLY A 595 -1.03 -8.09 33.22
C GLY A 595 0.04 -7.05 32.94
N ALA A 596 1.05 -7.42 32.16
CA ALA A 596 2.06 -6.43 31.76
C ALA A 596 1.45 -5.35 30.90
N SER A 597 0.47 -5.70 30.05
CA SER A 597 -0.20 -4.69 29.25
C SER A 597 -0.98 -3.71 30.12
N LYS A 598 -1.74 -4.23 31.08
CA LYS A 598 -2.57 -3.33 31.89
C LYS A 598 -1.72 -2.52 32.87
N LEU A 599 -0.51 -3.01 33.17
CA LEU A 599 0.38 -2.21 33.99
C LEU A 599 1.02 -1.09 33.18
N LEU A 600 1.43 -1.37 31.94
CA LEU A 600 2.13 -0.36 31.19
C LEU A 600 1.19 0.72 30.67
N LYS A 601 -0.10 0.41 30.48
CA LYS A 601 -1.04 1.48 30.15
C LYS A 601 -1.13 2.51 31.27
N SER A 602 -1.23 2.04 32.51
CA SER A 602 -1.35 2.96 33.63
C SER A 602 -0.05 3.68 33.90
N MET A 603 1.08 3.06 33.57
CA MET A 603 2.34 3.81 33.60
C MET A 603 2.40 4.83 32.47
N ALA A 604 1.69 4.57 31.36
CA ALA A 604 1.77 5.48 30.23
C ALA A 604 0.86 6.68 30.41
N LYS A 605 -0.15 6.59 31.28
CA LYS A 605 -1.04 7.73 31.48
C LYS A 605 -0.37 8.87 32.23
N VAL A 606 0.81 8.65 32.82
CA VAL A 606 1.46 9.74 33.54
C VAL A 606 2.07 10.69 32.52
N LYS A 607 2.30 11.93 32.93
CA LYS A 607 2.78 12.98 32.03
C LYS A 607 3.92 13.78 32.63
N ASN A 608 4.74 13.17 33.49
CA ASN A 608 5.88 13.89 34.04
C ASN A 608 7.06 13.85 33.08
N ASP A 609 7.27 12.72 32.41
CA ASP A 609 8.38 12.52 31.50
C ASP A 609 7.86 11.76 30.29
N ILE A 610 8.02 12.33 29.10
CA ILE A 610 7.35 11.78 27.94
C ILE A 610 8.22 10.72 27.27
N ASN A 611 9.54 10.77 27.52
CA ASN A 611 10.47 9.87 26.87
C ASN A 611 10.29 8.43 27.32
N ALA A 612 10.03 8.23 28.60
CA ALA A 612 9.70 6.88 29.06
C ALA A 612 8.29 6.50 28.62
N ALA A 613 7.40 7.48 28.50
CA ALA A 613 5.99 7.18 28.26
C ALA A 613 5.75 6.63 26.87
N GLY A 614 6.45 7.19 25.87
CA GLY A 614 6.31 6.66 24.51
C GLY A 614 6.77 5.22 24.39
N GLU A 615 7.93 4.90 24.99
CA GLU A 615 8.45 3.55 24.95
C GLU A 615 7.55 2.60 25.74
N SER A 616 6.92 3.12 26.80
CA SER A 616 6.04 2.30 27.59
C SER A 616 4.78 1.92 26.82
N GLU A 617 4.21 2.86 26.07
CA GLU A 617 3.01 2.51 25.32
C GLU A 617 3.34 1.59 24.14
N GLU A 618 4.54 1.74 23.56
CA GLU A 618 4.95 0.80 22.52
C GLU A 618 5.15 -0.61 23.06
N LEU A 619 5.76 -0.72 24.24
CA LEU A 619 5.96 -2.04 24.83
C LEU A 619 4.62 -2.66 25.24
N ALA A 620 3.66 -1.83 25.62
CA ALA A 620 2.34 -2.35 25.97
C ALA A 620 1.64 -2.94 24.76
N ASN A 621 1.67 -2.22 23.63
CA ASN A 621 1.05 -2.78 22.43
C ASN A 621 1.77 -4.02 21.93
N GLU A 622 3.10 -4.05 22.09
CA GLU A 622 3.86 -5.22 21.69
C GLU A 622 3.56 -6.43 22.56
N TYR A 623 3.22 -6.25 23.82
CA TYR A 623 2.77 -7.39 24.61
C TYR A 623 1.33 -7.79 24.34
N GLU A 624 0.47 -6.84 23.98
CA GLU A 624 -0.91 -7.21 23.65
C GLU A 624 -0.97 -8.10 22.42
N THR A 625 -0.19 -7.77 21.38
CA THR A 625 -0.22 -8.59 20.17
C THR A 625 0.36 -9.98 20.42
N ARG A 626 1.34 -10.09 21.32
CA ARG A 626 1.90 -11.38 21.63
C ARG A 626 0.91 -12.23 22.41
N ALA A 627 0.15 -11.61 23.30
CA ALA A 627 -0.88 -12.34 24.02
C ALA A 627 -1.96 -12.86 23.09
N VAL A 628 -2.36 -12.05 22.11
CA VAL A 628 -3.46 -12.50 21.25
C VAL A 628 -2.99 -13.59 20.28
N GLU A 629 -1.72 -13.52 19.85
CA GLU A 629 -1.21 -14.58 18.98
C GLU A 629 -1.08 -15.90 19.74
N LEU A 630 -0.59 -15.85 20.99
CA LEU A 630 -0.51 -17.05 21.81
C LEU A 630 -1.87 -17.66 22.07
N PHE A 631 -2.88 -16.83 22.35
CA PHE A 631 -4.17 -17.43 22.67
C PHE A 631 -4.89 -17.94 21.44
N THR A 632 -4.65 -17.35 20.26
CA THR A 632 -5.19 -17.94 19.04
C THR A 632 -4.57 -19.30 18.77
N GLU A 633 -3.25 -19.41 18.94
CA GLU A 633 -2.59 -20.70 18.76
C GLU A 633 -3.07 -21.73 19.77
N CYS A 634 -3.28 -21.32 21.02
CA CYS A 634 -3.75 -22.27 22.04
C CYS A 634 -5.22 -22.61 21.86
N TYR A 635 -5.97 -21.73 21.20
CA TYR A 635 -7.38 -22.03 20.99
C TYR A 635 -7.56 -22.92 19.78
N SER A 636 -6.52 -23.03 18.95
CA SER A 636 -6.61 -23.92 17.81
C SER A 636 -6.70 -25.39 18.21
N ASN A 637 -6.07 -25.79 19.31
CA ASN A 637 -6.03 -27.22 19.62
C ASN A 637 -7.31 -27.71 20.29
N ASP A 638 -7.59 -27.24 21.50
CA ASP A 638 -8.61 -27.87 22.33
C ASP A 638 -9.46 -26.77 22.97
N GLU A 639 -10.73 -26.73 22.58
CA GLU A 639 -11.56 -25.56 22.92
C GLU A 639 -11.93 -25.56 24.39
N ASP A 640 -12.24 -26.73 24.96
CA ASP A 640 -12.70 -26.81 26.35
C ASP A 640 -11.61 -26.39 27.32
N LEU A 641 -10.40 -26.90 27.11
CA LEU A 641 -9.29 -26.53 27.98
C LEU A 641 -8.90 -25.07 27.77
N ALA A 642 -9.10 -24.54 26.56
CA ALA A 642 -8.79 -23.14 26.31
C ALA A 642 -9.76 -22.22 27.05
N GLU A 643 -11.03 -22.59 27.12
CA GLU A 643 -11.96 -21.72 27.83
C GLU A 643 -11.81 -21.85 29.34
N GLN A 644 -11.49 -23.05 29.80
CA GLN A 644 -11.13 -23.21 31.21
C GLN A 644 -9.86 -22.44 31.55
N LEU A 645 -8.98 -22.27 30.56
CA LEU A 645 -7.80 -21.42 30.74
C LEU A 645 -8.18 -19.95 30.77
N LEU A 646 -9.23 -19.55 30.05
CA LEU A 646 -9.72 -18.19 30.15
C LEU A 646 -10.24 -17.87 31.54
N THR A 647 -11.13 -18.69 32.06
CA THR A 647 -11.78 -18.31 33.31
C THR A 647 -10.94 -18.60 34.55
N TYR A 648 -9.70 -19.03 34.39
CA TYR A 648 -8.84 -19.33 35.53
C TYR A 648 -8.28 -18.07 36.15
N SER A 649 -8.13 -18.07 37.47
CA SER A 649 -7.60 -16.92 38.20
C SER A 649 -6.38 -17.32 39.01
N CYS A 650 -5.49 -16.36 39.25
CA CYS A 650 -4.33 -16.58 40.11
C CYS A 650 -4.21 -15.46 41.13
N GLU A 651 -3.38 -15.70 42.15
CA GLU A 651 -3.17 -14.71 43.20
C GLU A 651 -2.00 -13.79 42.91
N ALA A 652 -1.15 -14.12 41.94
CA ALA A 652 0.05 -13.32 41.68
C ALA A 652 -0.32 -11.93 41.18
N TRP A 653 -1.27 -11.86 40.27
CA TRP A 653 -1.89 -10.62 39.88
C TRP A 653 -3.05 -10.37 40.83
N GLY A 654 -3.80 -9.31 40.59
CA GLY A 654 -4.79 -8.90 41.57
C GLY A 654 -6.03 -9.75 41.70
N GLY A 655 -5.84 -11.06 41.95
CA GLY A 655 -6.89 -12.04 42.07
C GLY A 655 -7.90 -12.04 40.93
N SER A 656 -7.41 -11.99 39.70
CA SER A 656 -8.28 -11.70 38.58
C SER A 656 -7.97 -12.58 37.38
N ASN A 657 -9.03 -13.15 36.81
CA ASN A 657 -8.92 -13.92 35.58
C ASN A 657 -8.63 -13.02 34.40
N CYS A 658 -8.17 -13.63 33.31
CA CYS A 658 -7.67 -12.90 32.16
C CYS A 658 -8.75 -12.08 31.48
N LEU A 659 -9.97 -12.61 31.44
CA LEU A 659 -11.02 -11.96 30.68
C LEU A 659 -11.53 -10.72 31.39
N GLU A 660 -11.44 -10.67 32.71
CA GLU A 660 -11.76 -9.44 33.41
C GLU A 660 -10.65 -8.43 33.27
N LEU A 661 -9.42 -8.91 33.15
CA LEU A 661 -8.28 -8.01 33.07
C LEU A 661 -8.24 -7.31 31.72
N ALA A 662 -8.72 -7.98 30.67
CA ALA A 662 -8.74 -7.36 29.35
C ALA A 662 -9.70 -6.18 29.29
N VAL A 663 -10.82 -6.27 30.00
CA VAL A 663 -11.80 -5.20 29.98
C VAL A 663 -11.29 -4.00 30.77
N GLU A 664 -10.63 -4.24 31.90
CA GLU A 664 -10.07 -3.15 32.69
C GLU A 664 -8.89 -2.50 31.97
N ALA A 665 -8.16 -3.28 31.18
CA ALA A 665 -7.08 -2.69 30.40
C ALA A 665 -7.61 -1.83 29.27
N ARG A 666 -8.86 -2.07 28.86
CA ARG A 666 -9.54 -1.41 27.75
C ARG A 666 -8.71 -1.53 26.47
N ASP A 667 -8.26 -2.75 26.17
CA ASP A 667 -7.53 -2.95 24.94
C ASP A 667 -8.41 -3.59 23.88
N GLN A 668 -8.08 -3.33 22.62
CA GLN A 668 -8.96 -3.62 21.51
C GLN A 668 -8.70 -4.97 20.88
N GLN A 669 -7.45 -5.41 20.84
CA GLN A 669 -7.04 -6.43 19.89
C GLN A 669 -7.05 -7.81 20.54
N PHE A 670 -7.45 -7.92 21.80
CA PHE A 670 -7.57 -9.24 22.39
C PHE A 670 -8.99 -9.73 22.26
N ILE A 671 -9.94 -8.81 22.32
CA ILE A 671 -11.35 -9.18 22.36
C ILE A 671 -11.82 -9.41 20.93
N ALA A 672 -11.06 -8.93 19.97
CA ALA A 672 -11.50 -8.93 18.57
C ALA A 672 -11.48 -10.31 17.94
N GLN A 673 -10.66 -11.22 18.43
CA GLN A 673 -10.51 -12.52 17.77
C GLN A 673 -11.74 -13.38 18.03
N PRO A 674 -12.01 -14.38 17.18
CA PRO A 674 -13.27 -15.12 17.34
C PRO A 674 -13.33 -16.08 18.51
N GLY A 675 -12.21 -16.32 19.20
CA GLY A 675 -12.23 -17.25 20.32
C GLY A 675 -13.09 -16.75 21.47
N VAL A 676 -12.82 -15.54 21.94
CA VAL A 676 -13.60 -15.02 23.06
C VAL A 676 -14.97 -14.59 22.58
N GLN A 677 -15.13 -14.35 21.28
CA GLN A 677 -16.46 -14.06 20.74
C GLN A 677 -17.34 -15.30 20.78
N ASN A 678 -16.79 -16.44 20.40
CA ASN A 678 -17.53 -17.70 20.49
C ASN A 678 -17.84 -18.01 21.94
N PHE A 679 -16.87 -17.76 22.83
CA PHE A 679 -17.09 -17.95 24.27
C PHE A 679 -18.23 -17.10 24.79
N LEU A 680 -18.19 -15.80 24.49
CA LEU A 680 -19.23 -14.88 24.92
C LEU A 680 -20.60 -15.29 24.40
N SER A 681 -20.67 -15.59 23.10
CA SER A 681 -21.97 -15.86 22.49
C SER A 681 -22.58 -17.16 23.00
N LYS A 682 -21.75 -18.17 23.25
CA LYS A 682 -22.33 -19.40 23.77
C LYS A 682 -22.53 -19.32 25.28
N GLN A 683 -22.01 -18.28 25.92
CA GLN A 683 -22.48 -17.96 27.27
C GLN A 683 -23.80 -17.21 27.22
N TRP A 684 -24.01 -16.42 26.17
CA TRP A 684 -25.28 -15.71 25.99
C TRP A 684 -26.42 -16.68 25.69
N TYR A 685 -26.12 -17.77 24.98
CA TYR A 685 -27.17 -18.76 24.75
C TYR A 685 -27.25 -19.79 25.86
N GLY A 686 -26.17 -20.03 26.59
CA GLY A 686 -26.26 -20.91 27.74
C GLY A 686 -26.36 -22.36 27.33
N GLU A 687 -27.20 -23.12 28.04
CA GLU A 687 -27.31 -24.54 27.76
C GLU A 687 -28.15 -24.81 26.52
N ILE A 688 -28.89 -23.79 26.05
CA ILE A 688 -29.50 -23.89 24.73
C ILE A 688 -28.41 -23.92 23.68
N SER A 689 -28.43 -24.95 22.85
CA SER A 689 -27.44 -25.05 21.79
C SER A 689 -27.73 -24.01 20.72
N ARG A 690 -26.69 -23.64 20.00
CA ARG A 690 -26.80 -22.67 18.92
C ARG A 690 -27.46 -23.32 17.71
N ASP A 691 -27.50 -22.56 16.61
CA ASP A 691 -27.96 -23.01 15.30
C ASP A 691 -29.41 -23.45 15.33
N THR A 692 -30.20 -22.75 16.13
CA THR A 692 -31.66 -22.86 16.08
C THR A 692 -32.22 -21.50 15.73
N LYS A 693 -33.40 -21.50 15.14
CA LYS A 693 -34.01 -20.25 14.71
C LYS A 693 -34.56 -19.48 15.90
N ASN A 694 -34.70 -18.17 15.74
CA ASN A 694 -35.12 -17.33 16.85
C ASN A 694 -36.63 -17.42 17.05
N TRP A 695 -37.39 -17.52 15.96
CA TRP A 695 -38.84 -17.68 16.07
C TRP A 695 -39.18 -19.01 16.73
N LYS A 696 -38.35 -20.02 16.53
CA LYS A 696 -38.54 -21.31 17.17
C LYS A 696 -38.40 -21.21 18.68
N ILE A 697 -37.43 -20.41 19.15
CA ILE A 697 -37.25 -20.24 20.59
C ILE A 697 -38.36 -19.37 21.15
N ILE A 698 -38.90 -18.45 20.35
CA ILE A 698 -40.04 -17.65 20.83
C ILE A 698 -41.31 -18.49 20.94
N LEU A 699 -41.53 -19.38 19.97
CA LEU A 699 -42.68 -20.28 20.07
C LEU A 699 -42.51 -21.28 21.20
N CYS A 700 -41.28 -21.69 21.48
CA CYS A 700 -41.06 -22.55 22.65
C CYS A 700 -41.13 -21.76 23.94
N LEU A 701 -41.01 -20.43 23.85
CA LEU A 701 -41.28 -19.59 25.01
C LEU A 701 -42.77 -19.50 25.28
N PHE A 702 -43.59 -19.50 24.23
CA PHE A 702 -45.03 -19.57 24.46
C PHE A 702 -45.46 -20.96 24.95
N PHE A 703 -44.88 -22.02 24.40
CA PHE A 703 -45.39 -23.38 24.59
C PHE A 703 -44.44 -24.21 25.43
N PHE A 704 -44.96 -24.74 26.53
CA PHE A 704 -44.17 -25.65 27.36
C PHE A 704 -43.82 -27.01 26.74
N PRO A 705 -44.74 -27.81 26.15
CA PRO A 705 -44.37 -29.21 25.86
C PRO A 705 -43.44 -29.37 24.65
N LEU A 706 -43.14 -28.30 23.93
CA LEU A 706 -42.14 -28.37 22.87
C LEU A 706 -40.74 -28.62 23.46
N ILE A 707 -40.54 -28.22 24.72
CA ILE A 707 -39.30 -28.52 25.43
C ILE A 707 -39.17 -30.03 25.66
N GLY A 708 -40.24 -30.66 26.14
CA GLY A 708 -40.20 -32.10 26.37
C GLY A 708 -40.30 -32.91 25.10
N CYS A 709 -40.69 -32.25 23.99
CA CYS A 709 -40.72 -32.93 22.69
C CYS A 709 -39.32 -33.31 22.22
N GLY A 710 -38.30 -32.57 22.66
CA GLY A 710 -37.00 -32.67 22.04
C GLY A 710 -36.86 -31.81 20.82
N PHE A 711 -37.55 -30.67 20.80
CA PHE A 711 -37.68 -29.90 19.56
C PHE A 711 -36.51 -28.94 19.38
N ILE A 712 -35.91 -28.49 20.47
CA ILE A 712 -34.67 -27.73 20.41
C ILE A 712 -33.53 -28.64 20.79
N SER A 713 -32.41 -28.55 20.08
CA SER A 713 -31.23 -29.32 20.46
C SER A 713 -30.58 -28.72 21.70
N PHE A 714 -29.66 -29.48 22.28
CA PHE A 714 -29.01 -29.09 23.52
C PHE A 714 -27.57 -29.60 23.55
N ARG A 715 -26.92 -29.38 24.68
CA ARG A 715 -25.62 -29.98 24.94
C ARG A 715 -25.78 -31.24 25.78
N LYS A 716 -25.13 -32.31 25.35
CA LYS A 716 -25.21 -33.59 26.05
C LYS A 716 -24.41 -33.56 27.35
N LYS A 723 -34.62 -38.05 35.52
CA LYS A 723 -35.07 -36.67 35.60
C LYS A 723 -34.28 -35.78 34.65
N LYS A 724 -34.46 -36.01 33.35
CA LYS A 724 -33.75 -35.22 32.35
C LYS A 724 -34.54 -33.99 31.96
N LEU A 725 -35.88 -34.11 31.91
CA LEU A 725 -36.69 -33.02 31.37
C LEU A 725 -36.79 -31.87 32.36
N PHE A 726 -36.71 -32.14 33.66
CA PHE A 726 -36.65 -31.06 34.63
C PHE A 726 -35.35 -30.28 34.52
N LEU A 727 -34.25 -30.99 34.27
CA LEU A 727 -32.99 -30.34 33.94
C LEU A 727 -33.10 -29.52 32.66
N TYR A 728 -33.89 -30.01 31.69
CA TYR A 728 -34.12 -29.26 30.47
C TYR A 728 -34.87 -27.96 30.75
N TYR A 729 -35.90 -28.00 31.60
CA TYR A 729 -36.65 -26.78 31.93
C TYR A 729 -35.78 -25.78 32.69
N VAL A 730 -34.98 -26.25 33.65
CA VAL A 730 -34.14 -25.34 34.42
C VAL A 730 -33.07 -24.72 33.55
N SER A 731 -32.41 -25.55 32.72
CA SER A 731 -31.40 -25.05 31.80
C SER A 731 -32.00 -24.15 30.74
N PHE A 732 -33.28 -24.35 30.42
CA PHE A 732 -33.96 -23.47 29.48
C PHE A 732 -34.18 -22.10 30.07
N PHE A 733 -34.72 -22.03 31.29
CA PHE A 733 -35.05 -20.72 31.83
C PHE A 733 -33.84 -20.03 32.45
N THR A 734 -32.71 -20.71 32.57
CA THR A 734 -31.52 -20.01 33.04
C THR A 734 -30.73 -19.39 31.91
N SER A 735 -31.08 -19.69 30.67
CA SER A 735 -30.41 -19.04 29.56
C SER A 735 -30.88 -17.60 29.44
N PRO A 736 -29.98 -16.63 29.40
CA PRO A 736 -30.40 -15.23 29.56
C PRO A 736 -31.13 -14.65 28.37
N PHE A 737 -31.03 -15.27 27.20
CA PHE A 737 -31.75 -14.78 26.02
C PHE A 737 -33.26 -14.91 26.20
N VAL A 738 -33.70 -16.05 26.71
CA VAL A 738 -35.11 -16.28 26.99
C VAL A 738 -35.59 -15.34 28.07
N VAL A 739 -34.70 -15.02 29.02
CA VAL A 739 -35.04 -14.11 30.10
C VAL A 739 -35.24 -12.70 29.57
N PHE A 740 -34.31 -12.26 28.73
CA PHE A 740 -34.39 -10.92 28.16
C PHE A 740 -35.62 -10.81 27.28
N SER A 741 -35.88 -11.84 26.49
CA SER A 741 -37.04 -11.84 25.63
C SER A 741 -38.31 -11.80 26.46
N TRP A 742 -38.32 -12.58 27.53
CA TRP A 742 -39.47 -12.62 28.41
C TRP A 742 -39.69 -11.27 29.06
N ASN A 743 -38.61 -10.62 29.47
CA ASN A 743 -38.73 -9.33 30.12
C ASN A 743 -39.35 -8.30 29.20
N VAL A 744 -38.92 -8.28 27.94
CA VAL A 744 -39.47 -7.32 27.00
C VAL A 744 -40.95 -7.58 26.79
N ILE A 745 -41.31 -8.85 26.60
CA ILE A 745 -42.71 -9.20 26.40
C ILE A 745 -43.52 -8.86 27.64
N PHE A 746 -42.95 -9.17 28.81
CA PHE A 746 -43.60 -8.89 30.08
C PHE A 746 -43.76 -7.38 30.27
N TYR A 747 -42.73 -6.64 29.89
CA TYR A 747 -42.73 -5.19 30.01
C TYR A 747 -43.82 -4.55 29.16
N ILE A 748 -44.01 -5.07 27.96
CA ILE A 748 -45.01 -4.54 27.06
C ILE A 748 -46.40 -4.72 27.66
N ALA A 749 -46.63 -5.86 28.29
CA ALA A 749 -47.91 -6.15 28.94
C ALA A 749 -48.13 -5.25 30.15
N PHE A 750 -47.06 -4.98 30.91
CA PHE A 750 -47.11 -4.03 32.00
C PHE A 750 -47.52 -2.65 31.52
N LEU A 751 -46.99 -2.24 30.36
CA LEU A 751 -47.32 -0.92 29.84
C LEU A 751 -48.78 -0.84 29.43
N LEU A 752 -49.30 -1.93 28.83
CA LEU A 752 -50.71 -1.99 28.47
C LEU A 752 -51.60 -1.92 29.70
N LEU A 753 -51.24 -2.65 30.75
CA LEU A 753 -52.06 -2.63 31.97
C LEU A 753 -52.00 -1.27 32.65
N PHE A 754 -50.84 -0.62 32.57
CA PHE A 754 -50.69 0.73 33.13
C PHE A 754 -51.59 1.71 32.39
N ALA A 755 -51.66 1.56 31.07
CA ALA A 755 -52.56 2.41 30.27
C ALA A 755 -54.02 2.15 30.60
N TYR A 756 -54.36 0.87 30.82
CA TYR A 756 -55.76 0.53 31.15
C TYR A 756 -56.17 1.09 32.49
N VAL A 757 -55.25 1.11 33.46
CA VAL A 757 -55.58 1.70 34.75
C VAL A 757 -55.64 3.21 34.65
N LEU A 758 -54.78 3.82 33.82
CA LEU A 758 -54.82 5.26 33.63
C LEU A 758 -56.10 5.72 32.94
N LEU A 759 -56.71 4.85 32.14
CA LEU A 759 -57.98 5.22 31.53
C LEU A 759 -59.14 4.83 32.45
N MET A 760 -59.07 3.67 33.07
CA MET A 760 -60.09 3.22 34.03
C MET A 760 -59.60 3.47 35.46
N ASP A 761 -59.54 4.76 35.83
CA ASP A 761 -59.08 5.17 37.15
C ASP A 761 -60.29 5.67 37.94
N PHE A 762 -60.39 5.23 39.19
CA PHE A 762 -61.49 5.63 40.05
C PHE A 762 -60.99 6.73 40.99
N GLN A 763 -61.90 7.22 41.85
CA GLN A 763 -61.61 8.25 42.84
C GLN A 763 -60.96 7.57 44.05
N LYS A 764 -60.92 8.25 45.21
CA LYS A 764 -60.01 8.16 46.37
C LYS A 764 -59.58 6.71 46.68
N GLU A 765 -60.49 5.75 46.69
CA GLU A 765 -60.11 4.37 46.95
C GLU A 765 -59.58 3.70 45.68
N PRO A 766 -58.33 3.22 45.70
CA PRO A 766 -57.79 2.52 44.54
C PRO A 766 -58.24 1.06 44.49
N THR A 767 -58.46 0.57 43.28
CA THR A 767 -58.82 -0.83 43.10
C THR A 767 -57.58 -1.72 43.21
N ALA A 768 -57.82 -3.03 43.05
CA ALA A 768 -56.73 -4.00 43.20
C ALA A 768 -55.74 -3.92 42.04
N LEU A 769 -56.20 -3.42 40.89
CA LEU A 769 -55.32 -3.28 39.73
C LEU A 769 -54.21 -2.27 39.99
N GLU A 770 -54.56 -1.13 40.60
CA GLU A 770 -53.57 -0.13 40.95
C GLU A 770 -52.59 -0.68 41.98
N ILE A 771 -53.08 -1.52 42.90
CA ILE A 771 -52.23 -2.15 43.91
C ILE A 771 -51.24 -3.08 43.24
N ILE A 772 -51.70 -3.83 42.23
CA ILE A 772 -50.81 -4.70 41.46
C ILE A 772 -49.74 -3.88 40.75
N LEU A 773 -50.12 -2.70 40.25
CA LEU A 773 -49.15 -1.78 39.65
C LEU A 773 -48.10 -1.33 40.67
N TYR A 774 -48.53 -1.01 41.89
CA TYR A 774 -47.57 -0.53 42.89
C TYR A 774 -46.62 -1.64 43.29
N VAL A 775 -47.11 -2.89 43.32
CA VAL A 775 -46.25 -4.03 43.61
C VAL A 775 -45.22 -4.23 42.49
N LEU A 776 -45.64 -4.09 41.24
CA LEU A 776 -44.71 -4.25 40.13
C LEU A 776 -43.64 -3.16 40.11
N VAL A 777 -44.02 -1.93 40.42
CA VAL A 777 -43.04 -0.86 40.46
C VAL A 777 -42.12 -1.03 41.67
N PHE A 778 -42.63 -1.63 42.74
CA PHE A 778 -41.76 -1.97 43.88
C PHE A 778 -40.73 -3.02 43.51
N ILE A 779 -41.12 -3.98 42.67
CA ILE A 779 -40.17 -4.96 42.13
C ILE A 779 -39.08 -4.26 41.33
N LEU A 780 -39.49 -3.30 40.50
CA LEU A 780 -38.53 -2.47 39.76
C LEU A 780 -37.61 -1.70 40.69
N LEU A 781 -38.13 -1.19 41.81
CA LEU A 781 -37.32 -0.42 42.74
C LEU A 781 -36.30 -1.30 43.43
N CYS A 782 -36.69 -2.53 43.76
CA CYS A 782 -35.74 -3.49 44.33
C CYS A 782 -34.62 -3.81 43.36
N ASP A 783 -34.96 -3.95 42.07
CA ASP A 783 -33.93 -4.22 41.06
C ASP A 783 -33.00 -3.03 40.88
N GLU A 784 -33.54 -1.81 40.97
CA GLU A 784 -32.71 -0.61 40.82
C GLU A 784 -31.76 -0.45 42.00
N VAL A 785 -32.22 -0.75 43.22
CA VAL A 785 -31.36 -0.68 44.39
C VAL A 785 -30.27 -1.76 44.32
N ARG A 786 -30.63 -2.93 43.78
CA ARG A 786 -29.63 -3.98 43.59
C ARG A 786 -28.55 -3.55 42.61
N GLN A 787 -28.92 -2.85 41.54
CA GLN A 787 -27.90 -2.47 40.58
C GLN A 787 -27.07 -1.28 41.10
N TRP A 788 -27.69 -0.43 41.93
CA TRP A 788 -26.95 0.58 42.70
C TRP A 788 -25.82 -0.04 43.49
N TYR A 789 -26.16 -1.05 44.31
CA TYR A 789 -25.22 -1.64 45.24
C TYR A 789 -24.09 -2.37 44.53
N MET A 790 -24.31 -2.81 43.30
CA MET A 790 -23.29 -3.54 42.56
C MET A 790 -22.38 -2.59 41.77
N ASN A 791 -22.95 -1.59 41.10
CA ASN A 791 -22.11 -0.75 40.25
C ASN A 791 -21.52 0.43 41.01
N GLY A 792 -22.35 1.23 41.67
CA GLY A 792 -21.79 2.42 42.29
C GLY A 792 -21.94 3.64 41.41
N SER A 793 -20.80 4.24 41.03
CA SER A 793 -20.85 5.49 40.27
C SER A 793 -20.88 5.24 38.76
N LYS A 794 -20.31 4.11 38.32
CA LYS A 794 -20.40 3.72 36.93
C LYS A 794 -21.83 3.44 36.51
N TYR A 795 -22.69 3.10 37.49
CA TYR A 795 -24.14 3.19 37.32
C TYR A 795 -24.56 4.57 36.85
N PHE A 796 -24.23 5.60 37.63
CA PHE A 796 -24.72 6.95 37.39
C PHE A 796 -23.94 7.69 36.31
N SER A 797 -22.96 7.03 35.68
CA SER A 797 -22.30 7.65 34.53
C SER A 797 -23.26 7.79 33.34
N ASP A 798 -24.19 6.85 33.19
CA ASP A 798 -25.14 6.88 32.08
C ASP A 798 -26.37 7.69 32.45
N LEU A 799 -26.75 8.63 31.58
CA LEU A 799 -27.82 9.57 31.92
C LEU A 799 -29.19 8.90 31.85
N TRP A 800 -29.33 7.86 31.04
CA TRP A 800 -30.60 7.14 30.97
C TRP A 800 -30.89 6.40 32.27
N ASN A 801 -29.83 6.01 32.96
CA ASN A 801 -30.00 5.30 34.20
C ASN A 801 -30.46 6.24 35.31
N VAL A 802 -29.92 7.46 35.29
CA VAL A 802 -30.39 8.55 36.14
C VAL A 802 -31.85 8.89 35.83
N MET A 803 -32.21 8.85 34.54
CA MET A 803 -33.59 9.08 34.13
C MET A 803 -34.53 8.02 34.70
N ASP A 804 -34.12 6.75 34.64
CA ASP A 804 -34.94 5.66 35.14
C ASP A 804 -35.12 5.77 36.66
N THR A 805 -34.05 6.13 37.37
CA THR A 805 -34.12 6.30 38.82
C THR A 805 -35.02 7.47 39.20
N LEU A 806 -34.87 8.61 38.51
CA LEU A 806 -35.72 9.77 38.78
C LEU A 806 -37.18 9.48 38.45
N ALA A 807 -37.42 8.69 37.41
CA ALA A 807 -38.79 8.33 37.03
C ALA A 807 -39.44 7.46 38.09
N ILE A 808 -38.71 6.47 38.60
CA ILE A 808 -39.33 5.55 39.55
C ILE A 808 -39.49 6.21 40.91
N PHE A 809 -38.59 7.12 41.28
CA PHE A 809 -38.78 7.85 42.54
C PHE A 809 -39.90 8.87 42.41
N TYR A 810 -40.07 9.43 41.21
CA TYR A 810 -41.18 10.34 40.94
C TYR A 810 -42.51 9.60 41.03
N PHE A 811 -42.54 8.35 40.56
CA PHE A 811 -43.72 7.51 40.70
C PHE A 811 -44.00 7.19 42.17
N ILE A 812 -42.93 6.93 42.94
CA ILE A 812 -43.10 6.60 44.36
C ILE A 812 -43.65 7.79 45.12
N ALA A 813 -43.26 9.01 44.71
CA ALA A 813 -43.86 10.20 45.29
C ALA A 813 -45.32 10.35 44.87
N GLY A 814 -45.61 10.09 43.59
CA GLY A 814 -46.97 10.26 43.10
C GLY A 814 -47.95 9.27 43.70
N ILE A 815 -47.46 8.09 44.08
CA ILE A 815 -48.30 7.09 44.74
C ILE A 815 -48.81 7.62 46.08
N VAL A 816 -47.90 8.20 46.88
CA VAL A 816 -48.30 8.75 48.18
C VAL A 816 -49.11 10.02 48.00
N PHE A 817 -48.86 10.75 46.91
CA PHE A 817 -49.62 11.96 46.66
C PHE A 817 -51.06 11.62 46.28
N ARG A 818 -51.25 10.49 45.60
CA ARG A 818 -52.60 10.02 45.33
C ARG A 818 -53.23 9.40 46.57
N LEU A 819 -52.42 8.78 47.43
CA LEU A 819 -52.96 8.08 48.60
C LEU A 819 -53.56 9.04 49.61
N HIS A 820 -53.11 10.30 49.61
CA HIS A 820 -53.71 11.31 50.46
C HIS A 820 -55.11 11.65 49.97
N SER A 821 -56.05 11.76 50.90
CA SER A 821 -57.45 12.00 50.59
C SER A 821 -57.76 13.47 50.82
N ASP A 822 -57.82 14.23 49.74
CA ASP A 822 -58.23 15.63 49.79
C ASP A 822 -59.19 16.01 48.67
N GLU A 823 -59.35 15.17 47.65
CA GLU A 823 -60.28 15.27 46.53
C GLU A 823 -59.96 16.39 45.54
N SER A 824 -58.95 17.20 45.85
CA SER A 824 -58.51 18.24 44.92
C SER A 824 -57.12 17.94 44.36
N SER A 825 -56.26 17.35 45.19
CA SER A 825 -54.93 16.97 44.73
C SER A 825 -55.00 15.76 43.82
N TRP A 826 -56.06 14.95 43.97
CA TRP A 826 -56.35 13.71 43.25
C TRP A 826 -56.06 13.78 41.77
N TYR A 827 -56.77 14.71 41.10
CA TYR A 827 -56.58 14.99 39.68
C TYR A 827 -55.13 15.28 39.36
N SER A 828 -54.51 16.18 40.15
CA SER A 828 -53.12 16.55 39.91
C SER A 828 -52.19 15.36 40.09
N GLY A 829 -52.48 14.51 41.09
CA GLY A 829 -51.70 13.31 41.27
C GLY A 829 -51.82 12.38 40.08
N ARG A 830 -53.04 12.29 39.53
CA ARG A 830 -53.28 11.52 38.32
C ARG A 830 -52.46 12.05 37.16
N VAL A 831 -52.35 13.39 37.09
CA VAL A 831 -51.55 14.05 36.05
C VAL A 831 -50.11 13.59 36.12
N ILE A 832 -49.59 13.45 37.36
CA ILE A 832 -48.21 13.01 37.58
C ILE A 832 -47.98 11.66 36.95
N PHE A 833 -48.96 10.75 37.11
CA PHE A 833 -48.83 9.40 36.57
C PHE A 833 -48.67 9.42 35.06
N CYS A 834 -49.42 10.30 34.40
CA CYS A 834 -49.38 10.39 32.94
C CYS A 834 -48.00 10.77 32.46
N LEU A 835 -47.36 11.72 33.17
CA LEU A 835 -46.02 12.14 32.77
C LEU A 835 -45.04 11.01 32.94
N ASP A 836 -45.16 10.28 34.06
CA ASP A 836 -44.28 9.14 34.33
C ASP A 836 -44.46 8.08 33.27
N TYR A 837 -45.70 7.95 32.77
CA TYR A 837 -46.03 6.99 31.72
C TYR A 837 -45.18 7.19 30.50
N ILE A 838 -45.02 8.46 30.09
CA ILE A 838 -44.24 8.76 28.89
C ILE A 838 -42.80 8.36 29.07
N VAL A 839 -42.28 8.55 30.29
CA VAL A 839 -40.89 8.24 30.56
C VAL A 839 -40.66 6.75 30.48
N PHE A 840 -41.66 5.95 30.93
CA PHE A 840 -41.53 4.50 30.83
C PHE A 840 -41.46 4.06 29.39
N THR A 841 -42.28 4.70 28.54
CA THR A 841 -42.24 4.40 27.11
C THR A 841 -40.89 4.74 26.52
N LEU A 842 -40.31 5.86 26.96
CA LEU A 842 -39.00 6.26 26.46
C LEU A 842 -37.95 5.26 26.86
N ARG A 843 -38.10 4.68 28.06
CA ARG A 843 -37.20 3.63 28.52
C ARG A 843 -37.21 2.47 27.56
N LEU A 844 -38.42 2.05 27.15
CA LEU A 844 -38.58 0.94 26.22
C LEU A 844 -37.89 1.23 24.91
N ILE A 845 -38.01 2.48 24.43
CA ILE A 845 -37.50 2.81 23.10
C ILE A 845 -35.99 2.73 23.09
N HIS A 846 -35.36 3.03 24.25
CA HIS A 846 -33.90 2.97 24.32
C HIS A 846 -33.42 1.55 24.12
N ILE A 847 -34.18 0.58 24.64
CA ILE A 847 -33.80 -0.82 24.50
C ILE A 847 -33.80 -1.22 23.03
N PHE A 848 -34.80 -0.75 22.27
CA PHE A 848 -34.86 -1.06 20.86
C PHE A 848 -33.70 -0.40 20.12
N THR A 849 -33.32 0.81 20.53
CA THR A 849 -32.24 1.49 19.83
C THR A 849 -30.89 0.86 20.16
N VAL A 850 -30.83 0.05 21.21
CA VAL A 850 -29.63 -0.74 21.43
C VAL A 850 -29.76 -2.08 20.72
N SER A 851 -30.98 -2.61 20.66
CA SER A 851 -31.15 -3.95 20.11
C SER A 851 -31.06 -3.95 18.59
N ARG A 852 -31.63 -2.93 17.95
CA ARG A 852 -31.56 -2.84 16.49
C ARG A 852 -30.16 -2.49 16.02
N ASN A 853 -29.55 -1.50 16.65
CA ASN A 853 -28.25 -1.00 16.24
C ASN A 853 -27.10 -1.87 16.70
N LEU A 854 -27.37 -2.92 17.46
CA LEU A 854 -26.33 -3.88 17.82
C LEU A 854 -25.82 -4.54 16.55
N GLY A 855 -24.52 -4.41 16.31
CA GLY A 855 -23.97 -4.49 14.99
C GLY A 855 -23.06 -3.29 14.86
N PRO A 856 -22.45 -3.06 13.70
CA PRO A 856 -21.31 -2.11 13.65
C PRO A 856 -21.65 -0.64 13.80
N LYS A 857 -22.90 -0.31 14.12
CA LYS A 857 -23.34 1.07 14.18
C LYS A 857 -23.05 1.73 15.51
N ILE A 858 -22.67 0.96 16.54
CA ILE A 858 -22.72 1.45 17.93
C ILE A 858 -21.67 2.51 18.18
N ILE A 859 -20.51 2.38 17.51
CA ILE A 859 -19.48 3.41 17.54
C ILE A 859 -20.05 4.76 17.12
N MET A 860 -20.89 4.74 16.09
CA MET A 860 -21.71 5.91 15.78
C MET A 860 -22.61 6.25 16.95
N LEU A 861 -23.45 5.28 17.36
CA LEU A 861 -24.73 5.55 18.01
C LEU A 861 -24.58 6.35 19.29
N GLN A 862 -23.80 5.81 20.24
CA GLN A 862 -23.58 6.47 21.53
C GLN A 862 -23.04 7.87 21.36
N ARG A 863 -22.06 8.03 20.45
CA ARG A 863 -21.44 9.34 20.21
C ARG A 863 -22.48 10.35 19.76
N MET A 864 -23.41 9.90 18.90
CA MET A 864 -24.47 10.76 18.39
C MET A 864 -25.30 11.31 19.54
N MET A 865 -25.67 10.43 20.48
CA MET A 865 -26.50 10.80 21.62
C MET A 865 -25.85 11.92 22.41
N ILE A 866 -24.53 11.77 22.64
CA ILE A 866 -23.80 12.70 23.50
C ILE A 866 -23.83 14.09 22.88
N ASP A 867 -23.58 14.17 21.57
CA ASP A 867 -23.48 15.47 20.92
C ASP A 867 -24.83 16.16 20.92
N VAL A 868 -25.91 15.39 20.77
CA VAL A 868 -27.21 16.02 20.66
C VAL A 868 -27.62 16.57 22.02
N PHE A 869 -27.20 15.87 23.11
CA PHE A 869 -27.41 16.40 24.46
C PHE A 869 -26.76 17.76 24.60
N PHE A 870 -25.50 17.87 24.16
CA PHE A 870 -24.77 19.12 24.30
C PHE A 870 -25.43 20.20 23.47
N PHE A 871 -25.93 19.82 22.29
CA PHE A 871 -26.62 20.77 21.42
C PHE A 871 -27.83 21.35 22.11
N LEU A 872 -28.63 20.48 22.76
CA LEU A 872 -29.85 20.95 23.40
C LEU A 872 -29.52 21.89 24.54
N PHE A 873 -28.39 21.62 25.22
CA PHE A 873 -27.94 22.48 26.30
C PHE A 873 -27.72 23.89 25.81
N LEU A 874 -27.00 24.02 24.68
CA LEU A 874 -26.73 25.33 24.11
C LEU A 874 -28.03 25.99 23.69
N PHE A 875 -28.95 25.18 23.14
CA PHE A 875 -30.23 25.69 22.69
C PHE A 875 -31.02 26.23 23.87
N ALA A 876 -30.97 25.53 25.00
CA ALA A 876 -31.70 25.97 26.18
C ALA A 876 -31.19 27.31 26.67
N VAL A 877 -29.86 27.49 26.60
CA VAL A 877 -29.23 28.74 27.03
C VAL A 877 -29.77 29.89 26.23
N TRP A 878 -29.85 29.69 24.89
CA TRP A 878 -30.28 30.76 24.01
C TRP A 878 -31.70 31.16 24.33
N MET A 879 -32.54 30.17 24.65
CA MET A 879 -33.96 30.45 24.83
C MET A 879 -34.17 31.31 26.05
N VAL A 880 -33.38 31.06 27.10
CA VAL A 880 -33.54 31.82 28.34
C VAL A 880 -33.17 33.28 28.10
N ALA A 881 -32.12 33.49 27.29
CA ALA A 881 -31.70 34.84 26.95
C ALA A 881 -32.81 35.56 26.22
N PHE A 882 -33.43 34.87 25.26
CA PHE A 882 -34.53 35.43 24.49
C PHE A 882 -35.66 35.83 25.41
N GLY A 883 -35.97 34.96 26.38
CA GLY A 883 -37.07 35.20 27.28
C GLY A 883 -36.89 36.47 28.09
N VAL A 884 -35.67 36.69 28.59
CA VAL A 884 -35.40 37.88 29.39
C VAL A 884 -35.55 39.11 28.52
N ALA A 885 -34.97 39.06 27.32
CA ALA A 885 -35.02 40.18 26.40
C ALA A 885 -36.45 40.45 25.99
N ARG A 886 -37.25 39.38 25.88
CA ARG A 886 -38.64 39.51 25.45
C ARG A 886 -39.44 40.31 26.46
N GLN A 887 -39.24 40.02 27.74
CA GLN A 887 -40.02 40.73 28.74
C GLN A 887 -39.55 42.16 28.86
N GLY A 888 -38.26 42.38 28.57
CA GLY A 888 -37.72 43.73 28.59
C GLY A 888 -38.36 44.60 27.52
N ILE A 889 -38.83 43.99 26.44
CA ILE A 889 -39.54 44.77 25.44
C ILE A 889 -40.99 44.94 25.85
N LEU A 890 -41.60 43.90 26.41
CA LEU A 890 -43.06 43.82 26.37
C LEU A 890 -43.70 44.43 27.60
N ARG A 891 -43.28 43.99 28.79
CA ARG A 891 -43.93 44.44 30.02
C ARG A 891 -42.90 45.02 30.95
N LYS A 892 -43.15 46.25 31.40
CA LYS A 892 -42.28 46.92 32.36
C LYS A 892 -43.16 47.44 33.51
N ASN A 893 -43.44 46.54 34.45
CA ASN A 893 -44.21 46.80 35.66
C ASN A 893 -44.12 45.55 36.52
N GLU A 894 -44.72 45.64 37.72
CA GLU A 894 -45.06 44.50 38.55
C GLU A 894 -43.86 43.64 38.96
N HIS A 895 -43.05 44.13 39.90
CA HIS A 895 -41.79 43.50 40.28
C HIS A 895 -41.95 42.34 41.25
N ARG A 896 -43.06 41.61 41.16
CA ARG A 896 -43.26 40.46 42.04
C ARG A 896 -42.23 39.41 41.68
N TRP A 897 -41.62 38.79 42.68
CA TRP A 897 -40.61 37.78 42.45
C TRP A 897 -41.14 36.56 41.72
N GLU A 898 -42.31 36.08 42.15
CA GLU A 898 -42.92 34.91 41.53
C GLU A 898 -43.33 35.10 40.07
N TRP A 899 -43.91 36.25 39.76
CA TRP A 899 -44.37 36.53 38.41
C TRP A 899 -43.26 36.59 37.36
N ILE A 900 -42.15 37.23 37.71
CA ILE A 900 -41.03 37.36 36.77
C ILE A 900 -40.39 36.03 36.39
N PHE A 901 -40.21 35.15 37.37
CA PHE A 901 -39.59 33.86 37.12
C PHE A 901 -40.42 33.00 36.18
N ARG A 902 -41.74 33.03 36.38
CA ARG A 902 -42.64 32.24 35.55
C ARG A 902 -42.57 32.66 34.08
N SER A 903 -42.50 33.97 33.84
CA SER A 903 -42.40 34.48 32.48
C SER A 903 -41.11 34.03 31.82
N VAL A 904 -39.97 34.29 32.46
CA VAL A 904 -38.69 34.08 31.79
C VAL A 904 -38.30 32.61 31.77
N ILE A 905 -39.06 31.75 32.44
CA ILE A 905 -38.88 30.34 32.12
C ILE A 905 -39.89 29.84 31.08
N TYR A 906 -41.19 29.93 31.29
CA TYR A 906 -42.09 29.21 30.39
C TYR A 906 -42.96 30.10 29.50
N GLU A 907 -42.57 31.34 29.24
CA GLU A 907 -43.22 32.00 28.09
C GLU A 907 -42.67 31.57 26.72
N PRO A 908 -41.35 31.49 26.47
CA PRO A 908 -40.93 31.13 25.10
C PRO A 908 -41.25 29.71 24.69
N TYR A 909 -41.24 28.76 25.62
CA TYR A 909 -41.63 27.39 25.26
C TYR A 909 -43.11 27.31 24.92
N LEU A 910 -43.95 28.07 25.61
CA LEU A 910 -45.36 28.11 25.25
C LEU A 910 -45.58 28.90 23.97
N ALA A 911 -44.67 29.81 23.64
CA ALA A 911 -44.79 30.56 22.40
C ALA A 911 -44.44 29.70 21.20
N MET A 912 -43.34 28.96 21.28
CA MET A 912 -42.94 28.10 20.18
C MET A 912 -43.83 26.86 20.10
N PHE A 913 -44.30 26.37 21.24
CA PHE A 913 -45.20 25.22 21.25
C PHE A 913 -46.59 25.61 20.81
N GLY A 914 -47.18 26.60 21.43
CA GLY A 914 -48.51 27.06 21.07
C GLY A 914 -48.50 28.32 20.23
N GLU A 954 -38.81 52.16 15.85
CA GLU A 954 -39.23 51.40 14.68
C GLU A 954 -38.04 51.01 13.83
N TRP A 955 -36.85 51.49 14.22
CA TRP A 955 -35.61 51.17 13.55
C TRP A 955 -34.91 49.96 14.17
N ILE A 956 -35.70 49.12 14.86
CA ILE A 956 -35.16 47.88 15.42
C ILE A 956 -35.36 46.70 14.49
N THR A 957 -35.77 46.94 13.24
CA THR A 957 -36.03 45.84 12.32
C THR A 957 -34.75 45.17 11.88
N ILE A 958 -33.81 45.94 11.34
CA ILE A 958 -32.52 45.42 10.86
C ILE A 958 -31.62 44.87 11.97
N PRO A 959 -31.48 45.49 13.17
CA PRO A 959 -30.67 44.81 14.20
C PRO A 959 -31.26 43.50 14.70
N LEU A 960 -32.57 43.43 14.91
CA LEU A 960 -33.19 42.15 15.30
C LEU A 960 -33.07 41.13 14.19
N VAL A 961 -33.20 41.58 12.93
CA VAL A 961 -33.10 40.71 11.79
C VAL A 961 -31.69 40.17 11.59
N CYS A 962 -30.66 40.90 12.03
CA CYS A 962 -29.34 40.30 11.92
C CYS A 962 -28.96 39.50 13.17
N ILE A 963 -29.56 39.83 14.33
CA ILE A 963 -29.31 39.05 15.54
C ILE A 963 -29.92 37.66 15.43
N TYR A 964 -31.14 37.54 14.87
CA TYR A 964 -31.70 36.23 14.58
C TYR A 964 -30.83 35.43 13.61
N MET A 965 -30.23 36.11 12.64
CA MET A 965 -29.35 35.43 11.69
C MET A 965 -28.09 34.90 12.37
N LEU A 966 -27.49 35.70 13.25
CA LEU A 966 -26.31 35.26 14.00
C LEU A 966 -26.65 34.08 14.90
N SER A 967 -27.81 34.14 15.56
CA SER A 967 -28.22 33.06 16.45
C SER A 967 -28.49 31.78 15.68
N THR A 968 -29.10 31.89 14.49
CA THR A 968 -29.33 30.70 13.67
C THR A 968 -28.03 30.11 13.15
N ASN A 969 -27.03 30.96 12.92
CA ASN A 969 -25.71 30.44 12.56
C ASN A 969 -25.10 29.62 13.70
N ILE A 970 -25.01 30.22 14.89
CA ILE A 970 -24.34 29.54 16.02
C ILE A 970 -25.11 28.29 16.42
N LEU A 971 -26.42 28.32 16.25
CA LEU A 971 -27.23 27.18 16.61
C LEU A 971 -27.09 26.06 15.59
N LEU A 972 -27.09 26.40 14.29
CA LEU A 972 -27.08 25.39 13.24
C LEU A 972 -25.74 24.69 13.14
N VAL A 973 -24.65 25.43 13.41
CA VAL A 973 -23.31 24.85 13.27
C VAL A 973 -23.10 23.72 14.29
N ASN A 974 -23.67 23.86 15.48
CA ASN A 974 -23.58 22.82 16.50
C ASN A 974 -24.28 21.54 16.06
N LEU A 975 -25.47 21.65 15.48
CA LEU A 975 -26.20 20.47 15.06
C LEU A 975 -25.54 19.82 13.85
N LEU A 976 -24.97 20.63 12.95
CA LEU A 976 -24.29 20.05 11.81
C LEU A 976 -22.97 19.41 12.21
N VAL A 977 -22.37 19.87 13.30
CA VAL A 977 -21.30 19.10 13.92
C VAL A 977 -21.85 17.84 14.54
N ALA A 978 -23.06 17.91 15.12
CA ALA A 978 -23.61 16.79 15.86
C ALA A 978 -24.03 15.64 14.94
N MET A 979 -24.35 15.95 13.69
CA MET A 979 -24.56 14.88 12.71
C MET A 979 -23.28 14.12 12.45
N PHE A 980 -22.14 14.80 12.54
CA PHE A 980 -20.84 14.20 12.33
C PHE A 980 -20.11 14.01 13.66
N GLY A 981 -18.82 13.77 13.57
CA GLY A 981 -17.97 13.67 14.73
C GLY A 981 -17.47 12.29 15.00
N TYR A 982 -18.31 11.28 14.80
CA TYR A 982 -17.84 9.91 14.74
C TYR A 982 -16.98 9.69 13.51
N THR A 983 -17.22 10.49 12.46
CA THR A 983 -16.45 10.41 11.22
C THR A 983 -15.02 10.83 11.43
N VAL A 984 -14.81 12.04 11.97
CA VAL A 984 -13.46 12.57 12.09
C VAL A 984 -12.73 11.96 13.27
N GLY A 985 -13.45 11.37 14.20
CA GLY A 985 -12.83 10.76 15.36
C GLY A 985 -12.22 9.40 15.08
N ASN A 990 -10.18 -0.41 11.21
CA ASN A 990 -9.95 -0.49 12.65
C ASN A 990 -11.19 -0.08 13.42
N ASN A 991 -12.29 0.11 12.69
CA ASN A 991 -13.59 0.22 13.35
C ASN A 991 -14.06 -1.15 13.83
N ASP A 992 -13.51 -2.21 13.24
CA ASP A 992 -13.89 -3.59 13.54
C ASP A 992 -13.59 -3.94 15.00
N GLN A 993 -12.36 -3.67 15.45
CA GLN A 993 -11.96 -4.04 16.80
C GLN A 993 -12.70 -3.21 17.85
N VAL A 994 -12.87 -1.91 17.58
CA VAL A 994 -13.57 -1.02 18.50
C VAL A 994 -15.03 -1.44 18.63
N TRP A 995 -15.64 -1.81 17.50
CA TRP A 995 -17.02 -2.28 17.54
C TRP A 995 -17.15 -3.58 18.33
N LYS A 996 -16.29 -4.56 18.07
CA LYS A 996 -16.39 -5.84 18.75
C LYS A 996 -16.16 -5.69 20.25
N PHE A 997 -15.27 -4.78 20.64
CA PHE A 997 -15.04 -4.53 22.06
C PHE A 997 -16.27 -3.90 22.71
N GLN A 998 -16.91 -2.94 22.04
CA GLN A 998 -18.06 -2.29 22.65
C GLN A 998 -19.24 -3.24 22.78
N ARG A 999 -19.44 -4.09 21.77
CA ARG A 999 -20.51 -5.09 21.82
C ARG A 999 -20.24 -6.11 22.92
N PHE A 1000 -18.99 -6.53 23.06
CA PHE A 1000 -18.60 -7.46 24.12
C PHE A 1000 -18.84 -6.87 25.49
N PHE A 1001 -18.52 -5.59 25.67
CA PHE A 1001 -18.70 -4.96 26.96
C PHE A 1001 -20.17 -4.82 27.31
N LEU A 1002 -21.02 -4.53 26.33
CA LEU A 1002 -22.44 -4.43 26.63
C LEU A 1002 -23.06 -5.78 26.96
N VAL A 1003 -22.67 -6.83 26.22
CA VAL A 1003 -23.21 -8.16 26.51
C VAL A 1003 -22.77 -8.65 27.88
N GLN A 1004 -21.48 -8.46 28.20
CA GLN A 1004 -20.99 -8.96 29.48
C GLN A 1004 -21.54 -8.13 30.64
N GLU A 1005 -21.82 -6.85 30.40
CA GLU A 1005 -22.48 -6.06 31.43
C GLU A 1005 -23.90 -6.53 31.65
N TYR A 1006 -24.59 -6.94 30.60
CA TYR A 1006 -25.97 -7.39 30.80
C TYR A 1006 -26.02 -8.78 31.43
N CYS A 1007 -24.99 -9.60 31.20
CA CYS A 1007 -25.00 -10.98 31.70
C CYS A 1007 -24.95 -11.04 33.22
N SER A 1008 -24.43 -9.99 33.86
CA SER A 1008 -24.15 -10.08 35.28
C SER A 1008 -25.34 -9.71 36.15
N ARG A 1009 -26.51 -9.44 35.58
CA ARG A 1009 -27.69 -9.26 36.40
C ARG A 1009 -28.27 -10.60 36.85
N LEU A 1010 -29.43 -10.54 37.49
CA LEU A 1010 -30.12 -11.73 37.96
C LEU A 1010 -30.64 -12.57 36.78
N THR A 1011 -30.98 -13.82 37.07
CA THR A 1011 -31.30 -14.76 36.00
C THR A 1011 -32.80 -15.00 35.90
N ILE A 1012 -33.51 -14.87 37.03
CA ILE A 1012 -34.96 -15.04 37.12
C ILE A 1012 -35.68 -14.04 36.25
N PRO A 1013 -36.70 -14.45 35.50
CA PRO A 1013 -37.53 -13.50 34.74
C PRO A 1013 -38.25 -12.52 35.65
N PHE A 1014 -38.67 -11.39 35.05
CA PHE A 1014 -39.11 -10.17 35.74
C PHE A 1014 -40.12 -10.34 36.87
N PRO A 1015 -41.33 -10.91 36.68
CA PRO A 1015 -42.35 -10.81 37.75
C PRO A 1015 -42.03 -11.67 38.96
N PHE A 1016 -41.01 -12.50 38.87
CA PHE A 1016 -40.63 -13.43 39.92
C PHE A 1016 -39.30 -13.02 40.58
N VAL A 1017 -38.69 -11.92 40.11
CA VAL A 1017 -37.32 -11.56 40.52
C VAL A 1017 -37.21 -11.36 42.03
N ILE A 1018 -38.24 -10.77 42.64
CA ILE A 1018 -38.22 -10.47 44.07
C ILE A 1018 -38.15 -11.72 44.91
N PHE A 1019 -38.65 -12.86 44.39
CA PHE A 1019 -38.51 -14.13 45.07
C PHE A 1019 -37.05 -14.47 45.33
N ALA A 1020 -36.19 -14.29 44.31
CA ALA A 1020 -34.76 -14.46 44.48
C ALA A 1020 -34.23 -13.45 45.50
N TYR A 1021 -34.74 -12.21 45.44
CA TYR A 1021 -34.35 -11.20 46.41
C TYR A 1021 -34.79 -11.61 47.81
N ILE A 1022 -35.96 -12.25 47.90
CA ILE A 1022 -36.49 -12.70 49.18
C ILE A 1022 -35.60 -13.78 49.77
N PHE A 1023 -34.84 -14.48 48.93
CA PHE A 1023 -33.88 -15.43 49.46
C PHE A 1023 -32.51 -14.80 49.61
N MET A 1024 -32.20 -13.79 48.77
CA MET A 1024 -30.81 -13.32 48.66
C MET A 1024 -30.36 -12.60 49.92
N VAL A 1025 -31.17 -11.66 50.40
CA VAL A 1025 -30.90 -11.03 51.69
C VAL A 1025 -31.11 -12.05 52.81
N MET A 1026 -31.98 -13.04 52.59
CA MET A 1026 -32.10 -14.14 53.53
C MET A 1026 -30.84 -15.00 53.52
N ARG A 1027 -30.14 -15.04 52.38
CA ARG A 1027 -28.87 -15.75 52.34
C ARG A 1027 -27.77 -14.92 52.98
N LYS A 1028 -27.81 -13.61 52.81
CA LYS A 1028 -26.82 -12.73 53.41
C LYS A 1028 -27.33 -12.18 54.73
N GLU A 1040 -10.36 -20.87 55.32
CA GLU A 1040 -9.20 -21.29 54.55
C GLU A 1040 -9.35 -20.88 53.08
N PRO A 1041 -8.61 -19.86 52.67
CA PRO A 1041 -8.70 -19.40 51.27
C PRO A 1041 -8.00 -20.37 50.33
N SER A 1042 -8.58 -20.52 49.14
CA SER A 1042 -7.95 -21.32 48.09
C SER A 1042 -6.72 -20.61 47.56
N VAL A 1043 -5.80 -21.39 47.00
CA VAL A 1043 -4.53 -20.86 46.56
C VAL A 1043 -4.41 -21.00 45.05
N CYS A 1044 -3.34 -20.43 44.48
CA CYS A 1044 -3.23 -20.32 43.03
C CYS A 1044 -2.81 -21.63 42.38
N CYS A 1045 -1.66 -22.18 42.76
CA CYS A 1045 -1.07 -23.28 41.99
C CYS A 1045 -0.80 -24.53 42.82
N SER A 1046 -1.66 -24.88 43.77
CA SER A 1046 -1.46 -26.12 44.51
C SER A 1046 -2.46 -27.21 44.15
N ARG A 1047 -3.57 -26.88 43.51
CA ARG A 1047 -4.52 -27.89 43.09
C ARG A 1047 -3.96 -28.70 41.92
N ASN A 1048 -4.52 -29.89 41.70
CA ASN A 1048 -3.91 -30.80 40.73
C ASN A 1048 -4.30 -30.43 39.30
N GLU A 1049 -5.57 -30.09 39.08
CA GLU A 1049 -6.02 -29.75 37.73
C GLU A 1049 -5.43 -28.41 37.28
N ASP A 1050 -5.10 -27.54 38.25
CA ASP A 1050 -4.40 -26.31 37.92
C ASP A 1050 -3.00 -26.62 37.44
N ASN A 1051 -2.37 -27.65 38.00
CA ASN A 1051 -1.09 -28.09 37.46
C ASN A 1051 -1.26 -28.78 36.11
N GLU A 1052 -2.45 -29.35 35.86
CA GLU A 1052 -2.68 -30.02 34.60
C GLU A 1052 -2.85 -29.03 33.45
N ILE A 1053 -3.49 -27.88 33.73
CA ILE A 1053 -3.72 -26.90 32.66
C ILE A 1053 -2.43 -26.18 32.28
N LEU A 1054 -1.62 -25.81 33.28
CA LEU A 1054 -0.52 -24.89 33.04
C LEU A 1054 0.60 -25.56 32.25
N ALA A 1055 0.80 -26.87 32.43
CA ALA A 1055 1.80 -27.57 31.63
C ALA A 1055 1.39 -27.64 30.17
N TRP A 1056 0.09 -27.79 29.94
CA TRP A 1056 -0.43 -27.73 28.57
C TRP A 1056 -0.21 -26.36 27.96
N GLU A 1057 -0.40 -25.31 28.76
CA GLU A 1057 -0.11 -23.96 28.27
C GLU A 1057 1.37 -23.78 27.97
N ALA A 1058 2.24 -24.42 28.75
CA ALA A 1058 3.67 -24.33 28.49
C ALA A 1058 4.05 -25.02 27.18
N VAL A 1059 3.44 -26.17 26.91
CA VAL A 1059 3.68 -26.87 25.65
C VAL A 1059 3.20 -26.03 24.47
N MET A 1060 2.04 -25.38 24.63
CA MET A 1060 1.55 -24.52 23.57
C MET A 1060 2.42 -23.28 23.39
N LYS A 1061 3.05 -22.81 24.47
CA LYS A 1061 3.98 -21.70 24.36
C LYS A 1061 5.21 -22.09 23.56
N GLU A 1062 5.71 -23.31 23.78
CA GLU A 1062 6.88 -23.73 23.00
C GLU A 1062 6.53 -23.92 21.53
N ASN A 1063 5.31 -24.40 21.25
CA ASN A 1063 4.90 -24.52 19.85
C ASN A 1063 4.64 -23.16 19.22
N TYR A 1064 4.33 -22.16 20.03
CA TYR A 1064 4.31 -20.78 19.52
C TYR A 1064 5.71 -20.28 19.20
N LEU A 1065 6.66 -20.55 20.10
CA LEU A 1065 8.01 -19.99 19.95
C LEU A 1065 8.74 -20.59 18.76
N VAL A 1066 8.45 -21.85 18.44
CA VAL A 1066 9.06 -22.43 17.24
C VAL A 1066 8.52 -21.76 15.99
N LYS A 1067 7.21 -21.50 15.95
CA LYS A 1067 6.62 -20.85 14.78
C LYS A 1067 7.05 -19.40 14.65
N ILE A 1068 7.42 -18.76 15.76
CA ILE A 1068 7.83 -17.36 15.67
C ILE A 1068 9.35 -17.27 15.45
N ASN A 1069 10.07 -18.35 15.71
CA ASN A 1069 11.51 -18.32 15.46
C ASN A 1069 11.88 -18.92 14.11
N THR A 1070 10.96 -19.58 13.42
CA THR A 1070 11.23 -19.99 12.04
C THR A 1070 11.26 -18.80 11.09
N LYS A 1071 10.75 -17.64 11.52
CA LYS A 1071 10.63 -16.49 10.64
C LYS A 1071 12.00 -15.94 10.22
N ALA A 1072 13.00 -16.08 11.07
CA ALA A 1072 14.34 -15.63 10.72
C ALA A 1072 15.01 -16.59 9.76
N UNK A 1079 18.81 -13.44 4.37
CA UNK A 1079 19.12 -13.59 2.95
C UNK A 1079 20.40 -12.85 2.58
N UNK A 1080 20.54 -11.64 3.12
CA UNK A 1080 21.75 -10.85 2.94
C UNK A 1080 22.89 -11.50 3.69
N UNK A 1081 22.58 -12.04 4.87
CA UNK A 1081 23.55 -12.79 5.65
C UNK A 1081 23.86 -14.11 4.96
N UNK A 1082 22.85 -14.68 4.30
CA UNK A 1082 23.03 -15.91 3.54
C UNK A 1082 23.94 -15.69 2.33
N UNK A 1083 23.73 -14.57 1.64
CA UNK A 1083 24.55 -14.19 0.50
C UNK A 1083 25.97 -13.87 0.95
N UNK A 1084 26.10 -13.27 2.13
CA UNK A 1084 27.40 -12.97 2.71
C UNK A 1084 28.13 -14.27 3.10
N UNK A 1085 27.38 -15.25 3.59
CA UNK A 1085 27.93 -16.55 3.93
C UNK A 1085 28.39 -17.30 2.69
N UNK A 1086 27.61 -17.15 1.62
CA UNK A 1086 27.97 -17.73 0.33
C UNK A 1086 29.24 -17.08 -0.21
N UNK A 1087 29.34 -15.76 -0.03
CA UNK A 1087 30.53 -15.01 -0.43
C UNK A 1087 31.76 -15.44 0.37
N UNK A 1088 31.58 -15.66 1.67
CA UNK A 1088 32.66 -16.12 2.55
C UNK A 1088 33.12 -17.54 2.20
N UNK A 1089 32.18 -18.43 1.91
CA UNK A 1089 32.50 -19.80 1.50
C UNK A 1089 33.20 -19.82 0.13
N UNK A 1090 32.75 -18.94 -0.77
CA UNK A 1090 33.37 -18.81 -2.08
C UNK A 1090 34.78 -18.24 -1.95
N UNK A 1091 34.97 -17.32 -1.00
CA UNK A 1091 36.28 -16.76 -0.71
C UNK A 1091 37.21 -17.82 -0.11
N UNK A 1092 36.65 -18.70 0.71
CA UNK A 1092 37.39 -19.83 1.27
C UNK A 1092 37.83 -20.81 0.18
N UNK A 1093 36.93 -21.10 -0.75
CA UNK A 1093 37.24 -21.99 -1.87
C UNK A 1093 38.28 -21.37 -2.82
N UNK A 1094 38.18 -20.07 -3.05
CA UNK A 1094 39.14 -19.35 -3.87
C UNK A 1094 40.50 -19.28 -3.18
N UNK A 1095 40.49 -19.20 -1.85
CA UNK A 1095 41.71 -19.22 -1.06
C UNK A 1095 42.38 -20.58 -1.15
N UNK A 1096 41.57 -21.64 -1.11
CA UNK A 1096 42.07 -23.02 -1.26
C UNK A 1096 42.67 -23.24 -2.65
N UNK A 1097 41.98 -22.74 -3.68
CA UNK A 1097 42.46 -22.84 -5.05
C UNK A 1097 43.74 -22.03 -5.28
N UNK A 1098 43.85 -20.88 -4.62
CA UNK A 1098 45.06 -20.06 -4.72
C UNK A 1098 46.24 -20.67 -3.97
N UNK A 1099 45.96 -21.28 -2.83
CA UNK A 1099 47.00 -21.91 -2.02
C UNK A 1099 47.48 -23.21 -2.65
N UNK A 1100 46.60 -23.88 -3.39
CA UNK A 1100 46.99 -25.12 -4.07
C UNK A 1100 47.53 -24.85 -5.47
N UNK A 1101 47.25 -23.67 -6.01
CA UNK A 1101 47.66 -23.33 -7.37
C UNK A 1101 48.98 -22.58 -7.42
N UNK A 1102 49.41 -22.07 -6.27
CA UNK A 1102 50.69 -21.34 -6.19
C UNK A 1102 51.86 -22.32 -6.11
N UNK B 97 22.62 16.46 -53.49
CA UNK B 97 23.86 16.99 -54.05
C UNK B 97 23.62 18.35 -54.68
N UNK B 98 23.06 19.27 -53.91
CA UNK B 98 22.74 20.60 -54.42
C UNK B 98 23.97 21.50 -54.49
N UNK B 99 23.79 22.64 -55.13
CA UNK B 99 24.86 23.63 -55.24
C UNK B 99 24.51 24.86 -54.41
N UNK B 100 25.49 25.38 -53.69
CA UNK B 100 25.26 26.52 -52.80
C UNK B 100 25.09 27.82 -53.57
N UNK B 101 24.61 28.84 -52.86
CA UNK B 101 24.36 30.16 -53.45
C UNK B 101 24.32 31.22 -52.36
N UNK B 102 25.30 32.12 -52.34
CA UNK B 102 25.33 33.17 -51.33
C UNK B 102 26.07 34.42 -51.82
N UNK B 103 26.21 35.38 -50.91
CA UNK B 103 26.79 36.68 -51.25
C UNK B 103 28.30 36.61 -51.48
N UNK B 104 28.75 37.27 -52.55
CA UNK B 104 30.15 37.34 -52.98
C UNK B 104 30.78 35.96 -53.18
N UNK B 105 29.99 35.01 -53.68
CA UNK B 105 30.40 33.63 -53.72
C UNK B 105 30.15 32.95 -55.06
N UNK B 106 31.22 32.71 -55.80
CA UNK B 106 31.14 31.92 -57.02
C UNK B 106 31.01 30.45 -56.64
N UNK B 107 30.07 29.75 -57.25
CA UNK B 107 29.83 28.35 -56.93
C UNK B 107 30.62 27.43 -57.85
N UNK B 108 30.64 26.14 -57.51
CA UNK B 108 31.32 25.14 -58.30
C UNK B 108 30.68 23.78 -58.02
N UNK B 109 30.83 22.84 -58.95
CA UNK B 109 30.20 21.53 -58.80
C UNK B 109 30.96 20.64 -57.83
N UNK B 110 30.37 19.50 -57.52
CA UNK B 110 31.01 18.51 -56.65
C UNK B 110 32.01 17.68 -57.44
N UNK B 111 21.59 25.76 -48.53
CA UNK B 111 22.64 26.20 -47.61
C UNK B 111 23.42 27.37 -48.19
N UNK B 112 23.04 28.60 -47.82
CA UNK B 112 23.74 29.78 -48.28
C UNK B 112 25.10 29.90 -47.62
N UNK B 113 26.15 29.56 -48.37
CA UNK B 113 27.50 29.53 -47.83
C UNK B 113 28.35 30.67 -48.38
N UNK B 114 28.67 31.64 -47.51
CA UNK B 114 29.44 32.81 -47.92
C UNK B 114 30.92 32.48 -48.10
N UNK B 115 31.26 31.87 -49.23
CA UNK B 115 32.62 31.42 -49.49
C UNK B 115 33.54 32.58 -49.87
N UNK B 116 34.78 32.25 -50.21
CA UNK B 116 35.76 33.26 -50.62
C UNK B 116 36.76 32.66 -51.59
N UNK B 117 36.30 31.71 -52.40
CA UNK B 117 37.14 31.05 -53.39
C UNK B 117 37.50 31.99 -54.53
N LYS B 118 28.76 30.45 -42.25
CA LYS B 118 29.12 29.30 -43.07
C LYS B 118 30.22 29.66 -44.04
N TYR B 119 31.21 30.41 -43.55
CA TYR B 119 32.28 30.90 -44.41
C TYR B 119 33.19 29.77 -44.86
N ILE B 120 33.54 29.80 -46.14
CA ILE B 120 34.38 28.78 -46.75
C ILE B 120 35.60 29.46 -47.34
N ARG B 121 36.79 28.99 -46.98
CA ARG B 121 38.03 29.48 -47.57
C ARG B 121 38.79 28.30 -48.15
N LEU B 122 39.10 28.38 -49.44
CA LEU B 122 40.01 27.43 -50.06
C LEU B 122 41.44 27.95 -49.87
N SER B 123 42.37 27.04 -49.58
CA SER B 123 43.69 27.47 -49.17
C SER B 123 44.76 26.53 -49.70
N CYS B 124 45.93 27.10 -49.97
CA CYS B 124 47.11 26.31 -50.24
C CYS B 124 47.78 25.91 -48.93
N ASP B 125 48.57 24.84 -48.98
CA ASP B 125 49.16 24.26 -47.78
C ASP B 125 50.36 25.09 -47.34
N THR B 126 50.06 26.14 -46.57
CA THR B 126 51.09 27.03 -46.02
C THR B 126 50.51 27.80 -44.84
N ASP B 127 51.42 28.32 -44.00
CA ASP B 127 51.15 29.37 -43.01
C ASP B 127 50.08 28.98 -41.98
N SER B 128 50.41 27.99 -41.15
CA SER B 128 49.49 27.52 -40.12
C SER B 128 49.26 28.59 -39.05
N GLU B 129 50.33 29.30 -38.67
CA GLU B 129 50.20 30.33 -37.64
C GLU B 129 49.38 31.50 -38.12
N THR B 130 49.58 31.91 -39.38
CA THR B 130 48.74 32.95 -39.97
C THR B 130 47.30 32.47 -40.13
N LEU B 131 47.11 31.17 -40.37
CA LEU B 131 45.77 30.60 -40.48
C LEU B 131 45.02 30.67 -39.16
N TYR B 132 45.67 30.27 -38.06
CA TYR B 132 45.04 30.36 -36.75
C TYR B 132 44.85 31.82 -36.34
N ASP B 133 45.78 32.70 -36.73
CA ASP B 133 45.61 34.12 -36.46
C ASP B 133 44.41 34.69 -37.19
N LEU B 134 44.17 34.22 -38.42
CA LEU B 134 42.99 34.64 -39.17
C LEU B 134 41.71 34.12 -38.52
N MET B 135 41.72 32.85 -38.08
CA MET B 135 40.52 32.28 -37.47
C MET B 135 40.22 32.90 -36.12
N THR B 136 41.24 33.43 -35.44
CA THR B 136 41.00 34.14 -34.19
C THR B 136 40.56 35.58 -34.44
N GLN B 137 41.22 36.28 -35.37
CA GLN B 137 40.95 37.70 -35.55
C GLN B 137 39.63 37.94 -36.27
N HIS B 138 39.28 37.06 -37.22
CA HIS B 138 38.11 37.31 -38.04
C HIS B 138 36.83 36.78 -37.40
N TRP B 139 36.80 35.50 -37.03
CA TRP B 139 35.53 34.93 -36.58
C TRP B 139 35.50 34.53 -35.12
N HIS B 140 36.40 33.65 -34.69
CA HIS B 140 36.20 32.86 -33.49
C HIS B 140 37.06 33.32 -32.34
N LEU B 141 36.56 33.10 -31.12
CA LEU B 141 37.30 33.42 -29.90
C LEU B 141 38.26 32.30 -29.55
N LYS B 142 39.15 32.58 -28.60
CA LYS B 142 40.11 31.59 -28.14
C LYS B 142 39.40 30.51 -27.34
N THR B 143 39.72 29.26 -27.64
CA THR B 143 38.88 28.20 -27.08
C THR B 143 39.67 27.25 -26.20
N PRO B 144 39.11 26.87 -25.05
CA PRO B 144 39.91 26.12 -24.06
C PRO B 144 40.13 24.67 -24.44
N ASN B 145 39.31 24.11 -25.33
CA ASN B 145 39.37 22.70 -25.63
C ASN B 145 39.23 22.52 -27.14
N LEU B 146 39.73 21.39 -27.64
CA LEU B 146 39.52 21.01 -29.03
C LEU B 146 39.60 19.50 -29.16
N VAL B 147 38.61 18.92 -29.84
CA VAL B 147 38.49 17.48 -30.02
C VAL B 147 38.65 17.17 -31.50
N ILE B 148 39.66 16.39 -31.84
CA ILE B 148 39.85 15.87 -33.18
C ILE B 148 39.37 14.43 -33.23
N SER B 149 38.43 14.16 -34.13
CA SER B 149 37.88 12.82 -34.33
C SER B 149 38.08 12.41 -35.78
N VAL B 150 38.46 11.16 -35.98
CA VAL B 150 38.60 10.62 -37.31
C VAL B 150 37.63 9.45 -37.51
N LYS B 155 33.95 4.96 -46.83
CA LYS B 155 34.09 5.02 -45.39
C LYS B 155 32.73 4.99 -44.70
N ASN B 156 31.79 4.27 -45.29
CA ASN B 156 30.45 4.19 -44.72
C ASN B 156 30.43 3.23 -43.54
N PHE B 157 29.55 3.50 -42.58
CA PHE B 157 29.40 2.69 -41.39
C PHE B 157 27.94 2.68 -40.96
N ALA B 158 27.65 1.87 -39.94
CA ALA B 158 26.30 1.72 -39.41
C ALA B 158 26.29 2.14 -37.94
N LEU B 159 25.22 2.79 -37.53
CA LEU B 159 25.10 3.23 -36.15
C LEU B 159 24.65 2.08 -35.26
N LYS B 160 25.18 2.06 -34.04
CA LYS B 160 24.71 1.15 -33.00
C LYS B 160 23.73 1.92 -32.12
N PRO B 161 22.90 1.25 -31.32
CA PRO B 161 22.04 2.02 -30.40
C PRO B 161 22.79 2.60 -29.21
N ARG B 162 24.01 2.16 -28.94
CA ARG B 162 24.80 2.72 -27.85
C ARG B 162 25.65 3.91 -28.31
N MET B 163 26.28 3.77 -29.48
CA MET B 163 27.20 4.75 -30.05
C MET B 163 26.57 6.13 -30.25
N ARG B 164 25.27 6.14 -30.55
CA ARG B 164 24.52 7.38 -30.67
C ARG B 164 24.51 8.17 -29.36
N LYS B 165 24.28 7.46 -28.26
CA LYS B 165 24.35 8.08 -26.93
C LYS B 165 25.76 8.59 -26.63
N ILE B 166 26.78 7.87 -27.07
CA ILE B 166 28.17 8.25 -26.82
C ILE B 166 28.50 9.55 -27.56
N PHE B 167 28.10 9.65 -28.82
CA PHE B 167 28.46 10.84 -29.60
C PHE B 167 27.59 12.03 -29.22
N SER B 168 26.35 11.80 -28.82
CA SER B 168 25.54 12.88 -28.27
C SER B 168 26.12 13.39 -26.95
N ARG B 169 26.64 12.47 -26.14
CA ARG B 169 27.33 12.84 -24.91
C ARG B 169 28.57 13.67 -25.19
N LEU B 170 29.32 13.28 -26.24
CA LEU B 170 30.54 14.00 -26.59
C LEU B 170 30.25 15.42 -27.06
N ILE B 171 29.21 15.58 -27.90
CA ILE B 171 28.87 16.92 -28.36
C ILE B 171 28.27 17.75 -27.24
N TYR B 172 27.59 17.10 -26.28
CA TYR B 172 27.09 17.82 -25.12
C TYR B 172 28.23 18.35 -24.25
N ILE B 173 29.27 17.54 -24.05
CA ILE B 173 30.45 18.00 -23.32
C ILE B 173 31.14 19.13 -24.08
N ALA B 174 31.20 19.01 -25.41
CA ALA B 174 31.86 20.03 -26.22
C ALA B 174 31.12 21.36 -26.18
N GLN B 175 29.80 21.32 -26.02
CA GLN B 175 29.07 22.57 -25.86
C GLN B 175 29.19 23.11 -24.45
N SER B 176 29.25 22.22 -23.46
CA SER B 176 29.31 22.66 -22.07
C SER B 176 30.64 23.34 -21.74
N LYS B 177 31.76 22.74 -22.17
CA LYS B 177 33.04 23.37 -21.91
C LYS B 177 33.32 24.50 -22.89
N GLY B 178 32.94 24.32 -24.15
CA GLY B 178 33.28 25.27 -25.18
C GLY B 178 34.51 24.77 -25.91
N ALA B 179 34.34 24.20 -27.09
CA ALA B 179 35.42 23.47 -27.74
C ALA B 179 35.33 23.55 -29.26
N TRP B 180 36.31 22.93 -29.90
CA TRP B 180 36.35 22.82 -31.35
C TRP B 180 36.33 21.36 -31.75
N ILE B 181 35.52 21.02 -32.74
CA ILE B 181 35.47 19.69 -33.32
C ILE B 181 36.12 19.75 -34.69
N PHE B 182 37.13 18.92 -34.91
CA PHE B 182 37.76 18.76 -36.22
C PHE B 182 37.39 17.39 -36.77
N THR B 183 36.70 17.38 -37.90
CA THR B 183 36.18 16.15 -38.45
C THR B 183 36.64 16.01 -39.89
N GLY B 184 36.26 14.88 -40.50
CA GLY B 184 36.72 14.58 -41.85
C GLY B 184 36.07 15.47 -42.91
N GLY B 185 34.89 16.00 -42.61
CA GLY B 185 34.19 16.81 -43.60
C GLY B 185 33.64 15.99 -44.75
N THR B 186 33.28 14.73 -44.49
CA THR B 186 32.91 13.78 -45.53
C THR B 186 31.54 14.11 -46.08
N HIS B 187 31.15 13.42 -47.14
CA HIS B 187 29.83 13.56 -47.77
C HIS B 187 28.77 13.17 -46.74
N TYR B 188 28.67 11.90 -46.34
CA TYR B 188 27.72 11.42 -45.36
C TYR B 188 28.27 10.17 -44.73
N GLY B 189 27.94 9.96 -43.46
CA GLY B 189 28.42 8.81 -42.71
C GLY B 189 28.36 9.11 -41.23
N LEU B 190 29.47 8.88 -40.55
CA LEU B 190 29.55 9.19 -39.13
C LEU B 190 29.62 10.70 -38.90
N MET B 191 30.34 11.41 -39.78
CA MET B 191 30.45 12.85 -39.68
C MET B 191 29.12 13.53 -39.95
N LYS B 192 28.29 12.91 -40.79
CA LYS B 192 26.92 13.37 -41.03
C LYS B 192 26.10 13.29 -39.75
N TYR B 193 26.26 12.20 -38.99
CA TYR B 193 25.52 12.06 -37.75
C TYR B 193 25.99 13.05 -36.70
N ILE B 194 27.31 13.31 -36.67
CA ILE B 194 27.85 14.33 -35.77
C ILE B 194 27.30 15.71 -36.13
N GLY B 195 27.24 16.03 -37.42
CA GLY B 195 26.66 17.30 -37.84
C GLY B 195 25.18 17.41 -37.52
N GLU B 196 24.46 16.29 -37.60
CA GLU B 196 23.04 16.27 -37.24
C GLU B 196 22.84 16.53 -35.75
N VAL B 197 23.65 15.89 -34.90
CA VAL B 197 23.51 16.10 -33.46
C VAL B 197 23.97 17.51 -33.08
N VAL B 198 24.92 18.07 -33.83
CA VAL B 198 25.32 19.47 -33.65
C VAL B 198 24.16 20.40 -33.95
N ARG B 199 23.46 20.18 -35.07
CA ARG B 199 22.30 21.01 -35.42
C ARG B 199 21.20 20.86 -34.38
N ASP B 200 21.00 19.64 -33.88
CA ASP B 200 19.99 19.40 -32.86
C ASP B 200 20.31 20.13 -31.56
N ASN B 201 21.57 20.13 -31.14
CA ASN B 201 21.92 20.78 -29.89
C ASN B 201 22.00 22.29 -30.04
N THR B 202 22.20 22.78 -31.27
CA THR B 202 22.08 24.22 -31.47
C THR B 202 20.63 24.68 -31.40
N ILE B 203 19.70 23.91 -31.96
CA ILE B 203 18.31 24.33 -31.87
C ILE B 203 17.73 23.98 -30.50
N SER B 204 18.43 23.14 -29.73
CA SER B 204 17.96 22.81 -28.38
C SER B 204 18.25 23.93 -27.39
N ARG B 205 19.54 24.29 -27.23
CA ARG B 205 19.98 25.24 -26.21
C ARG B 205 20.34 26.56 -26.84
N SER B 206 20.43 27.60 -26.02
CA SER B 206 20.83 28.93 -26.48
C SER B 206 22.28 29.20 -26.08
N SER B 207 23.19 28.62 -26.87
CA SER B 207 24.62 28.83 -26.69
C SER B 207 25.28 28.80 -28.06
N GLU B 208 26.57 29.10 -28.08
CA GLU B 208 27.33 29.17 -29.32
C GLU B 208 28.48 28.18 -29.28
N GLU B 209 28.48 27.25 -30.23
CA GLU B 209 29.57 26.30 -30.38
C GLU B 209 29.71 25.95 -31.85
N ASN B 210 30.91 25.54 -32.24
CA ASN B 210 31.29 25.46 -33.65
C ASN B 210 32.04 24.18 -33.94
N VAL B 211 32.16 23.85 -35.22
CA VAL B 211 32.86 22.66 -35.70
C VAL B 211 33.54 23.01 -37.02
N VAL B 212 34.85 22.80 -37.07
CA VAL B 212 35.61 23.05 -38.29
C VAL B 212 35.87 21.73 -38.98
N ALA B 213 35.29 21.54 -40.16
CA ALA B 213 35.36 20.28 -40.88
C ALA B 213 36.27 20.42 -42.09
N ILE B 214 37.54 20.10 -41.92
CA ILE B 214 38.52 20.19 -42.99
C ILE B 214 38.35 19.05 -43.98
N ARG B 249 39.35 24.38 -55.11
CA ARG B 249 40.45 23.67 -55.74
C ARG B 249 40.50 22.21 -55.33
N ASP B 250 40.03 21.91 -54.13
CA ASP B 250 39.95 20.51 -53.71
C ASP B 250 38.83 19.81 -54.47
N PRO B 251 39.10 18.66 -55.07
CA PRO B 251 38.04 17.92 -55.77
C PRO B 251 37.08 17.25 -54.80
N LEU B 252 36.17 18.04 -54.23
CA LEU B 252 35.30 17.53 -53.18
C LEU B 252 34.10 16.80 -53.77
N TYR B 253 33.47 15.97 -52.95
CA TYR B 253 32.23 15.29 -53.29
C TYR B 253 31.06 16.19 -52.89
N CYS B 254 29.86 15.63 -52.82
CA CYS B 254 28.76 16.34 -52.16
C CYS B 254 29.08 16.55 -50.69
N LEU B 255 28.47 17.57 -50.09
CA LEU B 255 28.82 17.98 -48.74
C LEU B 255 27.65 17.74 -47.80
N ASP B 256 27.97 17.50 -46.53
CA ASP B 256 27.00 17.57 -45.46
C ASP B 256 26.87 19.02 -45.05
N ASN B 257 25.77 19.66 -45.42
CA ASN B 257 25.63 21.11 -45.28
C ASN B 257 25.05 21.46 -43.91
N ASN B 258 25.83 21.15 -42.87
CA ASN B 258 25.41 21.39 -41.51
C ASN B 258 26.49 22.02 -40.64
N HIS B 259 27.74 21.99 -41.06
CA HIS B 259 28.83 22.52 -40.28
C HIS B 259 28.85 24.04 -40.30
N THR B 260 29.63 24.63 -39.41
CA THR B 260 29.75 26.07 -39.29
C THR B 260 30.91 26.63 -40.10
N HIS B 261 32.03 25.91 -40.16
CA HIS B 261 33.17 26.32 -40.98
C HIS B 261 33.74 25.07 -41.62
N LEU B 262 34.10 25.15 -42.89
CA LEU B 262 34.72 24.02 -43.59
C LEU B 262 35.76 24.58 -44.55
N LEU B 263 36.98 24.05 -44.44
CA LEU B 263 38.13 24.56 -45.19
C LEU B 263 38.78 23.39 -45.92
N LEU B 264 38.83 23.46 -47.24
CA LEU B 264 39.43 22.42 -48.06
C LEU B 264 40.59 22.98 -48.87
N VAL B 265 41.55 22.12 -49.19
CA VAL B 265 42.74 22.52 -49.91
C VAL B 265 42.72 22.00 -51.33
N ILE B 275 45.16 12.93 -51.56
CA ILE B 275 44.34 12.88 -50.35
C ILE B 275 45.23 12.84 -49.12
N GLU B 276 46.10 13.83 -49.00
CA GLU B 276 47.00 13.97 -47.86
C GLU B 276 46.48 15.06 -46.95
N ALA B 277 46.43 14.78 -45.64
CA ALA B 277 45.95 15.77 -44.68
C ALA B 277 46.87 16.98 -44.62
N LYS B 278 48.09 16.81 -44.09
CA LYS B 278 49.25 17.67 -44.28
C LYS B 278 49.13 19.10 -43.76
N VAL B 279 47.96 19.50 -43.28
CA VAL B 279 47.76 20.75 -42.56
C VAL B 279 46.98 20.53 -41.27
N ARG B 280 46.25 19.41 -41.22
CA ARG B 280 45.47 18.94 -40.09
C ARG B 280 46.39 18.75 -38.89
N THR B 281 47.33 17.83 -39.07
CA THR B 281 48.38 17.54 -38.10
C THR B 281 49.25 18.76 -37.84
N GLN B 282 49.48 19.58 -38.86
CA GLN B 282 50.30 20.77 -38.68
C GLN B 282 49.61 21.81 -37.81
N LEU B 283 48.30 22.00 -38.01
CA LEU B 283 47.53 22.88 -37.14
C LEU B 283 47.47 22.34 -35.72
N GLU B 284 47.32 21.03 -35.55
CA GLU B 284 47.29 20.45 -34.22
C GLU B 284 48.64 20.58 -33.51
N LYS B 285 49.74 20.46 -34.25
CA LYS B 285 51.06 20.65 -33.65
C LYS B 285 51.32 22.13 -33.35
N TYR B 286 50.68 23.02 -34.11
CA TYR B 286 50.79 24.44 -33.79
C TYR B 286 50.06 24.78 -32.50
N ILE B 287 48.84 24.29 -32.33
CA ILE B 287 48.08 24.60 -31.12
C ILE B 287 48.64 23.82 -29.94
N SER B 288 49.38 22.74 -30.22
CA SER B 288 50.18 22.08 -29.18
C SER B 288 51.22 23.04 -28.60
N GLU B 289 51.78 23.90 -29.43
CA GLU B 289 52.77 24.88 -29.00
C GLU B 289 52.17 26.23 -28.65
N ARG B 290 50.85 26.31 -28.49
CA ARG B 290 50.20 27.57 -28.21
C ARG B 290 50.39 27.94 -26.73
N VAL B 291 50.56 29.24 -26.47
CA VAL B 291 50.70 29.76 -25.12
C VAL B 291 49.46 30.57 -24.77
N ILE B 292 48.97 30.40 -23.54
CA ILE B 292 47.87 31.19 -23.00
C ILE B 292 48.29 31.64 -21.60
N PRO B 293 48.17 32.93 -21.26
CA PRO B 293 48.58 33.37 -19.92
C PRO B 293 47.69 32.86 -18.80
N GLU B 294 46.37 33.02 -18.90
CA GLU B 294 45.46 32.55 -17.86
C GLU B 294 44.90 31.18 -18.25
N SER B 295 45.79 30.20 -18.26
CA SER B 295 45.45 28.82 -18.64
C SER B 295 45.56 27.92 -17.43
N ASN B 296 44.48 27.22 -17.12
CA ASN B 296 44.46 26.26 -16.01
C ASN B 296 45.18 24.97 -16.34
N TYR B 297 45.45 24.72 -17.63
CA TYR B 297 46.12 23.52 -18.07
C TYR B 297 47.64 23.66 -17.98
N GLY B 298 48.14 24.87 -17.81
CA GLY B 298 49.57 25.09 -17.69
C GLY B 298 50.18 25.92 -18.79
N GLY B 299 49.39 26.71 -19.52
CA GLY B 299 49.93 27.53 -20.57
C GLY B 299 49.79 26.86 -21.92
N LYS B 300 48.94 25.84 -21.99
CA LYS B 300 48.68 25.10 -23.21
C LYS B 300 47.19 24.89 -23.36
N ILE B 301 46.81 24.15 -24.39
CA ILE B 301 45.42 23.79 -24.65
C ILE B 301 45.32 22.27 -24.73
N PRO B 302 44.39 21.63 -24.05
CA PRO B 302 44.20 20.18 -24.20
C PRO B 302 43.74 19.79 -25.59
N ILE B 303 44.29 18.68 -26.09
CA ILE B 303 44.02 18.18 -27.43
C ILE B 303 43.76 16.68 -27.32
N VAL B 304 42.59 16.23 -27.75
CA VAL B 304 42.18 14.84 -27.61
C VAL B 304 41.88 14.26 -28.98
N CYS B 305 42.64 13.24 -29.37
CA CYS B 305 42.41 12.50 -30.61
C CYS B 305 41.47 11.35 -30.33
N PHE B 306 40.59 11.06 -31.28
CA PHE B 306 39.49 10.15 -31.07
C PHE B 306 39.47 9.11 -32.19
N ALA B 307 39.19 7.85 -31.85
CA ALA B 307 39.22 6.77 -32.83
C ALA B 307 37.95 5.93 -32.69
N GLN B 308 37.09 6.01 -33.72
CA GLN B 308 35.88 5.21 -33.76
C GLN B 308 35.48 4.88 -35.19
N GLY B 311 41.46 2.79 -40.16
CA GLY B 311 41.95 3.01 -41.51
C GLY B 311 43.44 3.25 -41.58
N LYS B 312 43.96 3.27 -42.81
CA LYS B 312 45.38 3.51 -43.03
C LYS B 312 45.74 4.95 -42.71
N GLU B 313 44.95 5.91 -43.22
CA GLU B 313 45.16 7.31 -42.87
C GLU B 313 44.84 7.56 -41.41
N THR B 314 43.92 6.76 -40.84
CA THR B 314 43.64 6.84 -39.40
C THR B 314 44.87 6.44 -38.59
N LEU B 315 45.53 5.35 -38.97
CA LEU B 315 46.74 4.93 -38.28
C LEU B 315 47.87 5.91 -38.52
N LYS B 316 47.93 6.52 -39.71
CA LYS B 316 48.92 7.55 -39.99
C LYS B 316 48.74 8.75 -39.08
N SER B 317 47.49 9.18 -38.90
CA SER B 317 47.19 10.29 -38.00
C SER B 317 47.47 9.93 -36.54
N ILE B 318 47.25 8.65 -36.18
CA ILE B 318 47.58 8.16 -34.85
C ILE B 318 49.07 8.26 -34.59
N ASN B 319 49.88 7.80 -35.56
CA ASN B 319 51.33 7.84 -35.43
C ASN B 319 51.86 9.26 -35.37
N VAL B 320 51.30 10.16 -36.17
CA VAL B 320 51.75 11.55 -36.17
C VAL B 320 51.32 12.27 -34.90
N ALA B 321 50.12 11.97 -34.40
CA ALA B 321 49.61 12.65 -33.22
C ALA B 321 50.34 12.21 -31.96
N ILE B 322 50.58 10.90 -31.81
CA ILE B 322 51.34 10.42 -30.66
C ILE B 322 52.81 10.85 -30.81
N LYS B 323 53.27 11.00 -32.05
CA LYS B 323 54.60 11.55 -32.31
C LYS B 323 54.72 12.99 -31.82
N SER B 324 53.62 13.73 -31.85
CA SER B 324 53.64 15.10 -31.34
C SER B 324 53.15 15.20 -29.89
N LYS B 325 53.16 14.07 -29.16
CA LYS B 325 52.83 13.98 -27.73
C LYS B 325 51.41 14.50 -27.44
N ILE B 326 50.45 13.78 -28.00
CA ILE B 326 49.03 14.07 -27.79
C ILE B 326 48.33 12.78 -27.35
N PRO B 327 47.53 12.80 -26.30
CA PRO B 327 46.82 11.59 -25.88
C PRO B 327 45.73 11.19 -26.88
N CYS B 328 45.34 9.93 -26.84
CA CYS B 328 44.36 9.40 -27.77
C CYS B 328 43.36 8.52 -27.04
N VAL B 329 42.15 8.47 -27.57
CA VAL B 329 41.05 7.68 -27.01
C VAL B 329 40.56 6.74 -28.10
N VAL B 330 40.47 5.45 -27.78
CA VAL B 330 40.05 4.42 -28.71
C VAL B 330 38.88 3.65 -28.09
N VAL B 331 37.81 3.49 -28.85
CA VAL B 331 36.63 2.76 -28.40
C VAL B 331 36.79 1.30 -28.80
N GLU B 332 36.63 0.40 -27.83
CA GLU B 332 36.70 -1.03 -28.12
C GLU B 332 35.42 -1.50 -28.80
N GLY B 333 35.59 -2.38 -29.79
CA GLY B 333 34.46 -2.97 -30.48
C GLY B 333 33.97 -2.21 -31.70
N SER B 334 34.83 -1.40 -32.33
CA SER B 334 34.39 -0.65 -33.50
C SER B 334 34.32 -1.55 -34.74
N GLY B 335 34.94 -2.73 -34.68
CA GLY B 335 35.00 -3.60 -35.84
C GLY B 335 36.10 -3.24 -36.82
N ARG B 336 37.06 -2.42 -36.40
CA ARG B 336 38.08 -1.91 -37.30
C ARG B 336 39.48 -2.19 -36.73
N ILE B 337 40.48 -1.54 -37.31
CA ILE B 337 41.86 -1.67 -36.84
C ILE B 337 42.01 -1.15 -35.40
N ALA B 338 41.11 -0.25 -34.98
CA ALA B 338 41.11 0.25 -33.62
C ALA B 338 40.82 -0.86 -32.61
N ASP B 339 40.01 -1.84 -33.00
CA ASP B 339 39.78 -3.00 -32.14
C ASP B 339 41.07 -3.80 -31.99
N VAL B 340 41.88 -3.86 -33.05
CA VAL B 340 43.15 -4.58 -32.97
C VAL B 340 44.13 -3.83 -32.08
N ILE B 341 44.09 -2.49 -32.12
CA ILE B 341 44.95 -1.70 -31.23
C ILE B 341 44.48 -1.84 -29.79
N ALA B 342 43.17 -1.99 -29.59
CA ALA B 342 42.63 -2.19 -28.24
C ALA B 342 43.01 -3.56 -27.69
N SER B 343 42.98 -4.59 -28.53
CA SER B 343 43.33 -5.93 -28.07
C SER B 343 44.83 -6.06 -27.84
N LEU B 344 45.64 -5.41 -28.68
CA LEU B 344 47.09 -5.50 -28.52
C LEU B 344 47.56 -4.69 -27.31
N VAL B 345 46.77 -3.72 -26.86
CA VAL B 345 47.14 -2.90 -25.72
C VAL B 345 47.03 -3.69 -24.42
N SER B 353 54.75 -7.23 -33.90
CA SER B 353 55.98 -8.01 -33.83
C SER B 353 55.69 -9.48 -34.10
N SER B 354 54.88 -9.72 -35.14
CA SER B 354 54.49 -11.00 -35.74
C SER B 354 53.53 -11.81 -34.86
N CYS B 355 53.32 -11.37 -33.61
CA CYS B 355 52.12 -11.76 -32.89
C CYS B 355 51.04 -10.72 -33.08
N VAL B 356 51.47 -9.47 -33.27
CA VAL B 356 50.57 -8.40 -33.67
C VAL B 356 50.02 -8.68 -35.07
N LYS B 357 50.88 -9.13 -35.98
CA LYS B 357 50.45 -9.48 -37.33
C LYS B 357 49.55 -10.71 -37.33
N GLU B 358 49.76 -11.61 -36.37
CA GLU B 358 48.83 -12.73 -36.20
C GLU B 358 47.50 -12.26 -35.64
N SER B 359 47.53 -11.21 -34.81
CA SER B 359 46.30 -10.69 -34.23
C SER B 359 45.52 -9.85 -35.24
N LEU B 360 46.21 -9.35 -36.28
CA LEU B 360 45.57 -8.57 -37.33
C LEU B 360 44.51 -9.37 -38.08
N LEU B 361 44.79 -10.65 -38.33
CA LEU B 361 43.89 -11.53 -39.06
C LEU B 361 42.58 -11.76 -38.33
N ARG B 362 42.62 -11.75 -37.00
CA ARG B 362 41.41 -11.92 -36.21
C ARG B 362 40.50 -10.70 -36.33
N PHE B 363 41.09 -9.51 -36.49
CA PHE B 363 40.28 -8.30 -36.58
C PHE B 363 39.66 -8.13 -37.96
N LEU B 364 40.49 -8.04 -39.00
CA LEU B 364 39.99 -7.82 -40.35
C LEU B 364 40.88 -8.53 -41.37
N PRO B 365 40.44 -9.65 -41.93
CA PRO B 365 41.25 -10.35 -42.92
C PRO B 365 41.15 -9.76 -44.31
N ARG B 366 40.13 -8.91 -44.53
CA ARG B 366 39.91 -8.35 -45.87
C ARG B 366 40.96 -7.29 -46.20
N THR B 367 41.37 -6.52 -45.20
CA THR B 367 42.34 -5.45 -45.45
C THR B 367 43.75 -5.99 -45.64
N ILE B 368 44.09 -7.05 -44.91
CA ILE B 368 45.44 -7.62 -45.01
C ILE B 368 45.57 -8.50 -46.25
N SER B 369 44.44 -8.82 -46.89
CA SER B 369 44.46 -9.71 -48.05
C SER B 369 45.06 -9.03 -49.27
N ARG B 370 44.50 -7.91 -49.69
CA ARG B 370 45.00 -7.23 -50.89
C ARG B 370 46.28 -6.46 -50.61
N LEU B 371 46.61 -6.28 -49.34
CA LEU B 371 47.82 -5.55 -48.97
C LEU B 371 49.07 -6.35 -49.33
N SER B 372 50.18 -5.64 -49.52
CA SER B 372 51.45 -6.25 -49.88
C SER B 372 52.22 -6.60 -48.60
N GLU B 373 53.42 -7.17 -48.78
CA GLU B 373 54.24 -7.53 -47.63
C GLU B 373 54.95 -6.31 -47.05
N GLU B 374 55.35 -5.38 -47.92
CA GLU B 374 55.98 -4.15 -47.44
C GLU B 374 54.98 -3.29 -46.69
N GLU B 375 53.70 -3.34 -47.09
CA GLU B 375 52.66 -2.63 -46.34
C GLU B 375 52.44 -3.27 -44.98
N THR B 376 52.53 -4.60 -44.90
CA THR B 376 52.44 -5.28 -43.61
C THR B 376 53.63 -4.94 -42.73
N GLU B 377 54.82 -4.81 -43.31
CA GLU B 377 56.01 -4.42 -42.56
C GLU B 377 55.90 -2.99 -42.07
N SER B 378 55.33 -2.09 -42.88
CA SER B 378 55.12 -0.72 -42.46
C SER B 378 54.07 -0.64 -41.35
N TRP B 379 53.03 -1.47 -41.43
CA TRP B 379 52.04 -1.51 -40.36
C TRP B 379 52.63 -2.03 -39.05
N ILE B 380 53.46 -3.07 -39.12
CA ILE B 380 54.12 -3.59 -37.92
C ILE B 380 55.06 -2.55 -37.32
N LYS B 381 55.81 -1.84 -38.17
CA LYS B 381 56.72 -0.79 -37.68
C LYS B 381 55.95 0.36 -37.05
N TRP B 382 54.83 0.76 -37.65
CA TRP B 382 54.08 1.90 -37.14
C TRP B 382 53.31 1.55 -35.87
N ILE B 383 52.82 0.31 -35.77
CA ILE B 383 52.14 -0.10 -34.54
C ILE B 383 53.14 -0.29 -33.41
N LYS B 384 54.34 -0.79 -33.73
CA LYS B 384 55.39 -0.88 -32.72
C LYS B 384 55.87 0.49 -32.27
N GLU B 385 55.83 1.47 -33.17
CA GLU B 385 56.08 2.85 -32.77
C GLU B 385 54.91 3.42 -31.98
N VAL B 386 53.71 2.90 -32.21
CA VAL B 386 52.49 3.40 -31.57
C VAL B 386 52.42 2.90 -30.14
N LEU B 387 52.65 1.59 -29.95
CA LEU B 387 52.48 0.97 -28.64
C LEU B 387 53.79 1.06 -27.84
N GLU B 388 54.69 1.94 -28.27
CA GLU B 388 55.90 2.21 -27.50
C GLU B 388 55.57 2.86 -26.15
N SER B 389 54.53 3.70 -26.12
CA SER B 389 54.11 4.36 -24.90
C SER B 389 52.67 3.95 -24.58
N PRO B 390 52.45 3.03 -23.64
CA PRO B 390 51.06 2.64 -23.33
C PRO B 390 50.29 3.70 -22.59
N HIS B 391 50.99 4.57 -21.84
CA HIS B 391 50.31 5.52 -20.96
C HIS B 391 49.61 6.62 -21.74
N LEU B 392 50.07 6.90 -22.96
CA LEU B 392 49.49 8.01 -23.71
C LEU B 392 48.13 7.64 -24.29
N LEU B 393 47.96 6.38 -24.69
CA LEU B 393 46.66 5.97 -25.23
C LEU B 393 45.73 5.55 -24.11
N THR B 394 44.43 5.62 -24.39
CA THR B 394 43.41 5.23 -23.42
C THR B 394 42.26 4.58 -24.17
N VAL B 395 41.78 3.44 -23.65
CA VAL B 395 40.69 2.74 -24.31
C VAL B 395 39.44 2.66 -23.43
N ILE B 396 38.30 3.04 -24.00
CA ILE B 396 37.03 3.01 -23.30
C ILE B 396 36.62 1.57 -23.01
N LYS B 397 36.07 1.34 -21.82
CA LYS B 397 35.62 0.01 -21.44
C LYS B 397 34.42 -0.41 -22.27
N ILE B 398 34.34 -1.70 -22.58
CA ILE B 398 33.25 -2.23 -23.39
C ILE B 398 31.92 -2.05 -22.66
N GLU B 399 31.92 -2.26 -21.35
CA GLU B 399 30.71 -2.12 -20.55
C GLU B 399 30.39 -0.66 -20.30
N GLU B 404 28.19 8.76 -17.69
CA GLU B 404 29.30 9.70 -17.71
C GLU B 404 30.64 9.04 -18.04
N ILE B 405 30.64 8.01 -18.87
CA ILE B 405 31.90 7.33 -19.19
C ILE B 405 32.76 8.20 -20.11
N VAL B 406 32.13 9.08 -20.89
CA VAL B 406 32.87 9.86 -21.88
C VAL B 406 33.71 10.92 -21.20
N SER B 407 33.09 11.69 -20.31
CA SER B 407 33.83 12.72 -19.56
C SER B 407 34.87 12.10 -18.67
N ASN B 408 34.55 10.93 -18.09
CA ASN B 408 35.51 10.21 -17.26
C ASN B 408 36.72 9.78 -18.06
N ALA B 409 36.49 9.26 -19.27
CA ALA B 409 37.59 8.77 -20.10
C ALA B 409 38.46 9.92 -20.59
N ILE B 410 37.82 11.02 -21.03
CA ILE B 410 38.57 12.17 -21.53
C ILE B 410 39.40 12.80 -20.42
N SER B 411 38.80 13.00 -19.25
CA SER B 411 39.50 13.62 -18.14
C SER B 411 40.60 12.73 -17.60
N PHE B 412 40.37 11.40 -17.60
CA PHE B 412 41.40 10.49 -17.11
C PHE B 412 42.58 10.43 -18.06
N ALA B 413 42.32 10.44 -19.37
CA ALA B 413 43.41 10.47 -20.35
C ALA B 413 44.18 11.78 -20.27
N LEU B 414 43.48 12.89 -20.07
CA LEU B 414 44.15 14.18 -20.01
C LEU B 414 44.98 14.31 -18.73
N TYR B 415 44.47 13.76 -17.62
CA TYR B 415 45.25 13.77 -16.39
C TYR B 415 46.47 12.86 -16.50
N LYS B 416 46.32 11.73 -17.20
CA LYS B 416 47.45 10.85 -17.45
C LYS B 416 48.53 11.56 -18.27
N ALA B 417 48.12 12.31 -19.30
CA ALA B 417 49.05 13.07 -20.12
C ALA B 417 49.77 14.16 -19.32
N PHE B 418 49.01 14.92 -18.52
CA PHE B 418 49.62 16.01 -17.78
C PHE B 418 50.48 15.50 -16.64
N SER B 419 50.17 14.31 -16.11
CA SER B 419 51.03 13.74 -15.08
C SER B 419 52.31 13.16 -15.68
N THR B 420 52.20 12.56 -16.86
CA THR B 420 53.39 12.00 -17.52
C THR B 420 54.28 13.10 -18.08
N ASN B 421 53.72 14.30 -18.28
CA ASN B 421 54.55 15.46 -18.62
C ASN B 421 55.56 15.77 -17.52
N GLU B 422 55.08 15.80 -16.27
CA GLU B 422 55.87 15.90 -15.03
C GLU B 422 56.70 17.17 -14.92
N HIS B 423 56.51 18.15 -15.80
CA HIS B 423 57.16 19.45 -15.62
C HIS B 423 56.52 20.18 -14.45
N ASP B 424 55.23 19.98 -14.24
CA ASP B 424 54.53 20.44 -13.06
C ASP B 424 54.29 19.33 -12.04
N ARG B 425 55.27 18.44 -11.85
CA ARG B 425 55.11 17.36 -10.87
C ARG B 425 55.08 17.91 -9.45
N ASP B 426 55.95 18.88 -9.14
CA ASP B 426 55.87 19.54 -7.85
C ASP B 426 54.66 20.47 -7.78
N ASN B 427 54.25 21.00 -8.93
CA ASN B 427 53.08 21.87 -9.01
C ASN B 427 51.83 21.00 -9.06
N TRP B 428 51.45 20.49 -7.90
CA TRP B 428 50.23 19.70 -7.74
C TRP B 428 49.00 20.58 -7.84
N ASN B 429 49.19 21.89 -7.74
CA ASN B 429 48.15 22.90 -7.81
C ASN B 429 47.40 22.88 -9.13
N GLY B 430 48.08 22.56 -10.22
CA GLY B 430 47.40 22.51 -11.50
C GLY B 430 46.53 21.27 -11.65
N GLN B 431 46.95 20.15 -11.05
CA GLN B 431 46.17 18.92 -11.15
C GLN B 431 44.86 19.04 -10.40
N LEU B 432 44.83 19.85 -9.34
CA LEU B 432 43.59 20.03 -8.60
C LEU B 432 42.59 20.85 -9.40
N LYS B 433 43.07 21.88 -10.10
CA LYS B 433 42.19 22.64 -10.98
C LYS B 433 41.74 21.78 -12.17
N LEU B 434 42.62 20.88 -12.63
CA LEU B 434 42.26 19.99 -13.72
C LEU B 434 41.16 19.02 -13.30
N LEU B 435 41.26 18.46 -12.10
CA LEU B 435 40.20 17.60 -11.59
C LEU B 435 39.03 18.41 -11.02
N LEU B 436 39.16 19.73 -11.02
CA LEU B 436 38.03 20.58 -10.69
C LEU B 436 37.20 20.89 -11.93
N GLU B 437 37.85 21.06 -13.09
CA GLU B 437 37.12 21.42 -14.30
C GLU B 437 36.21 20.27 -14.75
N TRP B 438 36.75 19.07 -14.83
CA TRP B 438 35.95 17.88 -15.02
C TRP B 438 35.67 17.27 -13.65
N ASN B 439 34.41 16.99 -13.36
CA ASN B 439 34.00 16.56 -12.04
C ASN B 439 34.44 15.11 -11.84
N GLN B 440 35.52 14.92 -11.08
CA GLN B 440 35.95 13.60 -10.62
C GLN B 440 36.35 13.69 -9.15
N LEU B 441 35.49 13.16 -8.28
CA LEU B 441 35.78 13.23 -6.86
C LEU B 441 36.81 12.17 -6.44
N ASP B 442 36.57 10.91 -6.83
CA ASP B 442 37.27 9.79 -6.22
C ASP B 442 38.73 9.75 -6.62
N LEU B 443 39.03 10.02 -7.89
CA LEU B 443 40.41 10.06 -8.33
C LEU B 443 41.17 11.22 -7.70
N ALA B 444 40.47 12.33 -7.46
CA ALA B 444 41.09 13.47 -6.78
C ALA B 444 41.37 13.18 -5.32
N SER B 445 40.49 12.45 -4.65
CA SER B 445 40.73 12.12 -3.26
C SER B 445 41.81 11.07 -3.11
N ASP B 446 41.89 10.13 -4.05
CA ASP B 446 42.88 9.08 -3.97
C ASP B 446 44.28 9.56 -4.37
N GLU B 447 44.39 10.36 -5.43
CA GLU B 447 45.70 10.73 -5.94
C GLU B 447 46.37 11.83 -5.11
N ILE B 448 45.74 13.00 -5.02
CA ILE B 448 46.43 14.18 -4.51
C ILE B 448 46.51 14.15 -2.99
N PHE B 449 45.38 13.84 -2.35
CA PHE B 449 45.30 13.86 -0.89
C PHE B 449 45.84 12.63 -0.15
N THR B 450 47.11 12.31 -0.38
CA THR B 450 47.76 11.22 0.33
C THR B 450 48.29 11.85 1.61
N ASN B 451 48.24 11.13 2.72
CA ASN B 451 48.70 11.75 3.97
C ASN B 451 50.15 12.22 3.91
N ASP B 452 50.83 12.02 2.77
CA ASP B 452 52.22 12.43 2.66
C ASP B 452 52.36 13.95 2.60
N ARG B 453 51.78 14.55 1.56
CA ARG B 453 51.85 15.99 1.35
C ARG B 453 51.23 16.85 2.47
N ASN B 454 51.70 18.09 2.57
CA ASN B 454 51.21 19.04 3.56
C ASN B 454 50.55 20.26 2.92
N TRP B 455 49.37 20.62 3.42
CA TRP B 455 48.63 21.75 2.88
C TRP B 455 48.08 22.70 3.95
N GLU B 456 48.00 23.99 3.60
CA GLU B 456 47.49 25.01 4.50
C GLU B 456 46.17 25.55 3.95
N SER B 457 45.61 26.58 4.59
CA SER B 457 44.36 27.14 4.10
C SER B 457 44.58 28.07 2.92
N ALA B 458 45.64 28.88 2.99
CA ALA B 458 45.94 29.85 1.93
C ALA B 458 46.33 29.16 0.63
N ASP B 459 46.80 27.92 0.72
CA ASP B 459 46.95 27.09 -0.47
C ASP B 459 45.60 26.78 -1.10
N LEU B 460 44.59 26.46 -0.29
CA LEU B 460 43.30 26.04 -0.86
C LEU B 460 42.25 27.11 -1.16
N GLN B 461 42.48 28.32 -0.70
CA GLN B 461 41.53 29.42 -0.86
C GLN B 461 41.04 29.70 -2.29
N ASP B 462 41.97 29.88 -3.21
CA ASP B 462 41.60 30.24 -4.58
C ASP B 462 40.93 29.09 -5.30
N VAL B 463 41.31 27.86 -5.00
CA VAL B 463 40.63 26.70 -5.56
C VAL B 463 39.24 26.56 -4.94
N MET B 464 39.12 26.91 -3.67
CA MET B 464 37.85 26.81 -2.97
C MET B 464 36.82 27.77 -3.54
N PHE B 465 37.27 28.97 -3.91
CA PHE B 465 36.35 29.97 -4.43
C PHE B 465 35.72 29.54 -5.75
N THR B 466 36.52 29.00 -6.67
CA THR B 466 35.98 28.58 -7.95
C THR B 466 35.09 27.35 -7.81
N ALA B 467 35.34 26.53 -6.80
CA ALA B 467 34.46 25.40 -6.54
C ALA B 467 33.15 25.87 -5.93
N LEU B 468 33.18 27.01 -5.23
CA LEU B 468 31.94 27.64 -4.82
C LEU B 468 31.21 28.26 -6.00
N VAL B 469 31.94 28.63 -7.06
CA VAL B 469 31.31 29.33 -8.17
C VAL B 469 30.36 28.43 -8.94
N LYS B 470 30.84 27.27 -9.40
CA LYS B 470 30.05 26.45 -10.31
C LYS B 470 29.83 25.04 -9.74
N ASP B 471 28.90 24.95 -8.78
CA ASP B 471 28.13 23.76 -8.36
C ASP B 471 28.94 22.47 -8.26
N ARG B 472 29.95 22.44 -7.40
CA ARG B 472 30.76 21.24 -7.20
C ARG B 472 30.67 20.82 -5.73
N PRO B 473 29.55 20.23 -5.32
CA PRO B 473 29.29 20.07 -3.89
C PRO B 473 30.13 18.98 -3.22
N LYS B 474 30.32 17.84 -3.88
CA LYS B 474 31.24 16.82 -3.37
C LYS B 474 32.64 17.38 -3.28
N PHE B 475 32.99 18.24 -4.22
CA PHE B 475 34.29 18.86 -4.21
C PHE B 475 34.35 20.03 -3.25
N VAL B 476 33.25 20.33 -2.55
CA VAL B 476 33.31 21.18 -1.37
C VAL B 476 33.47 20.33 -0.11
N ARG B 477 32.79 19.18 -0.05
CA ARG B 477 32.97 18.23 1.07
C ARG B 477 34.41 17.79 1.22
N LEU B 478 35.11 17.64 0.09
CA LEU B 478 36.51 17.21 0.13
C LEU B 478 37.40 18.19 0.87
N PHE B 479 37.22 19.50 0.65
CA PHE B 479 38.09 20.45 1.32
C PHE B 479 37.76 20.61 2.80
N LEU B 480 36.48 20.46 3.16
CA LEU B 480 36.14 20.53 4.59
C LEU B 480 36.66 19.31 5.33
N GLU B 481 36.68 18.14 4.68
CA GLU B 481 37.27 16.98 5.34
C GLU B 481 38.79 17.05 5.34
N ASN B 482 39.35 17.79 4.39
CA ASN B 482 40.80 17.95 4.32
C ASN B 482 41.28 19.11 5.18
N GLY B 483 40.34 19.79 5.81
CA GLY B 483 40.67 20.90 6.69
C GLY B 483 40.70 22.29 6.11
N LEU B 484 39.75 23.12 6.54
CA LEU B 484 39.66 24.51 6.13
C LEU B 484 38.80 25.26 7.11
N ASN B 485 39.25 26.44 7.51
CA ASN B 485 38.55 27.25 8.49
C ASN B 485 37.55 28.13 7.76
N LEU B 486 36.29 27.70 7.75
CA LEU B 486 35.32 28.29 6.84
C LEU B 486 34.90 29.68 7.29
N ARG B 487 34.87 29.91 8.60
CA ARG B 487 34.57 31.26 9.10
C ARG B 487 35.74 32.19 8.85
N LYS B 488 36.96 31.64 8.82
CA LYS B 488 38.14 32.46 8.52
C LYS B 488 38.21 32.77 7.03
N PHE B 489 37.56 31.95 6.21
CA PHE B 489 37.61 32.14 4.77
C PHE B 489 36.75 33.32 4.33
N LEU B 490 35.50 33.36 4.75
CA LEU B 490 34.54 34.31 4.22
C LEU B 490 34.83 35.72 4.72
N THR B 491 35.24 36.60 3.82
CA THR B 491 35.43 38.01 4.11
C THR B 491 34.46 38.80 3.27
N THR B 492 34.18 40.04 3.66
CA THR B 492 33.21 40.88 2.98
C THR B 492 33.59 41.23 1.55
N GLU B 493 34.88 41.13 1.22
CA GLU B 493 35.30 41.24 -0.18
C GLU B 493 34.78 40.05 -0.98
N VAL B 494 34.88 38.84 -0.42
CA VAL B 494 34.48 37.63 -1.11
C VAL B 494 32.97 37.59 -1.30
N LEU B 495 32.22 38.08 -0.31
CA LEU B 495 30.76 38.05 -0.45
C LEU B 495 30.27 39.10 -1.43
N ARG B 496 30.96 40.24 -1.54
CA ARG B 496 30.64 41.18 -2.59
C ARG B 496 30.96 40.60 -3.96
N GLU B 497 32.11 39.92 -4.08
CA GLU B 497 32.47 39.28 -5.34
C GLU B 497 31.53 38.14 -5.68
N LEU B 498 30.86 37.59 -4.68
CA LEU B 498 29.94 36.49 -4.92
C LEU B 498 28.55 36.99 -5.29
N TYR B 499 28.03 37.97 -4.55
CA TYR B 499 26.68 38.46 -4.82
C TYR B 499 26.61 39.34 -6.07
N THR B 500 27.63 40.13 -6.34
CA THR B 500 27.52 41.04 -7.49
C THR B 500 27.74 40.31 -8.81
N ASN B 501 28.61 39.30 -8.82
CA ASN B 501 28.93 38.59 -10.04
C ASN B 501 28.09 37.34 -10.26
N ASN B 502 28.14 36.39 -9.31
CA ASN B 502 27.65 35.05 -9.55
C ASN B 502 26.21 34.84 -9.12
N PHE B 503 25.41 35.89 -9.10
CA PHE B 503 24.00 35.79 -8.72
C PHE B 503 23.18 36.14 -9.95
N SER B 504 22.44 35.16 -10.46
CA SER B 504 21.76 35.31 -11.74
C SER B 504 20.61 36.29 -11.66
N SER B 505 20.53 37.18 -12.65
CA SER B 505 19.64 38.34 -12.55
C SER B 505 18.17 37.95 -12.68
N LEU B 506 17.91 36.76 -13.22
CA LEU B 506 16.53 36.25 -13.25
C LEU B 506 16.01 36.02 -11.83
N VAL B 507 16.82 35.40 -10.98
CA VAL B 507 16.43 35.16 -9.60
C VAL B 507 16.29 36.47 -8.85
N PHE B 508 17.12 37.46 -9.19
CA PHE B 508 17.02 38.77 -8.57
C PHE B 508 15.75 39.49 -8.96
N LYS B 509 15.37 39.41 -10.24
CA LYS B 509 14.10 40.00 -10.67
C LYS B 509 12.92 39.30 -10.03
N ASN B 510 13.04 37.98 -9.84
CA ASN B 510 11.96 37.23 -9.23
C ASN B 510 11.81 37.58 -7.75
N LEU B 511 12.93 37.75 -7.06
CA LEU B 511 12.89 38.19 -5.68
C LEU B 511 12.37 39.62 -5.57
N GLN B 512 12.71 40.46 -6.54
CA GLN B 512 12.18 41.82 -6.60
C GLN B 512 10.67 41.83 -6.72
N ILE B 513 10.12 40.90 -7.50
CA ILE B 513 8.66 40.78 -7.56
C ILE B 513 8.09 40.28 -6.24
N ALA B 514 8.75 39.26 -5.66
CA ALA B 514 8.20 38.60 -4.48
C ALA B 514 8.25 39.49 -3.24
N LYS B 515 9.16 40.47 -3.24
CA LYS B 515 9.22 41.39 -2.12
C LYS B 515 8.03 42.34 -2.13
N ASN B 516 7.73 42.92 -3.29
CA ASN B 516 6.67 43.92 -3.37
C ASN B 516 5.29 43.28 -3.29
N SER B 517 5.13 42.11 -3.92
CA SER B 517 3.79 41.54 -3.98
C SER B 517 3.41 40.82 -2.69
N TYR B 518 4.28 39.97 -2.15
CA TYR B 518 3.96 39.16 -0.98
C TYR B 518 4.98 39.49 0.13
N ASN B 519 4.64 40.44 0.96
CA ASN B 519 5.63 41.00 1.89
C ASN B 519 5.48 40.37 3.27
N ASP B 520 6.61 40.21 3.96
CA ASP B 520 6.67 39.67 5.31
C ASP B 520 7.91 40.23 6.01
N ALA B 521 8.16 39.75 7.22
CA ALA B 521 9.28 40.28 8.00
C ALA B 521 10.61 39.75 7.50
N LEU B 522 10.71 38.41 7.42
CA LEU B 522 11.96 37.75 7.02
C LEU B 522 12.38 38.15 5.62
N LEU B 523 11.41 38.22 4.70
CA LEU B 523 11.74 38.53 3.32
C LEU B 523 12.22 39.98 3.19
N THR B 524 11.65 40.87 4.00
CA THR B 524 12.12 42.26 4.03
C THR B 524 13.55 42.34 4.54
N PHE B 525 13.87 41.59 5.61
CA PHE B 525 15.22 41.61 6.14
C PHE B 525 16.22 41.00 5.16
N VAL B 526 15.81 39.98 4.43
CA VAL B 526 16.70 39.36 3.46
C VAL B 526 16.95 40.30 2.29
N TRP B 527 15.91 41.03 1.85
CA TRP B 527 16.10 41.99 0.77
C TRP B 527 16.98 43.15 1.19
N LYS B 528 16.89 43.57 2.45
CA LYS B 528 17.78 44.63 2.93
C LYS B 528 19.22 44.14 3.01
N MET B 529 19.43 42.88 3.40
CA MET B 529 20.78 42.31 3.40
C MET B 529 21.35 42.22 1.99
N VAL B 530 20.51 41.83 1.03
CA VAL B 530 21.00 41.67 -0.34
C VAL B 530 21.34 43.02 -0.95
N GLU B 531 20.52 44.04 -0.70
CA GLU B 531 20.86 45.35 -1.23
C GLU B 531 21.99 46.02 -0.44
N ASP B 532 22.25 45.55 0.78
CA ASP B 532 23.44 46.02 1.47
C ASP B 532 24.69 45.41 0.85
N PHE B 533 24.65 44.13 0.51
CA PHE B 533 25.80 43.50 -0.12
C PHE B 533 25.97 43.89 -1.58
N ARG B 534 24.90 44.36 -2.22
CA ARG B 534 24.92 44.48 -3.67
C ARG B 534 25.75 45.67 -4.13
N ARG B 535 25.84 46.71 -3.32
CA ARG B 535 26.63 47.89 -3.67
C ARG B 535 28.13 47.59 -3.61
N PRO B 557 31.38 43.76 10.11
CA PRO B 557 31.31 45.19 9.81
C PRO B 557 29.93 45.63 9.31
N ILE B 558 29.47 45.12 8.17
CA ILE B 558 28.12 45.41 7.73
C ILE B 558 27.17 44.32 8.21
N THR B 559 27.68 43.10 8.41
CA THR B 559 26.94 42.07 9.10
C THR B 559 27.92 41.13 9.80
N ARG B 560 27.44 40.54 10.89
CA ARG B 560 28.04 39.34 11.46
C ARG B 560 27.22 38.16 10.95
N HIS B 561 27.52 36.97 11.47
CA HIS B 561 27.02 35.70 10.95
C HIS B 561 27.27 35.54 9.44
N PRO B 562 28.50 35.28 9.01
CA PRO B 562 28.73 35.09 7.57
C PRO B 562 28.17 33.78 7.04
N LEU B 563 28.11 32.76 7.89
CA LEU B 563 27.69 31.43 7.42
C LEU B 563 26.23 31.42 7.00
N GLN B 564 25.38 32.17 7.70
CA GLN B 564 24.00 32.32 7.25
C GLN B 564 23.91 33.11 5.95
N ALA B 565 24.86 34.01 5.69
CA ALA B 565 24.84 34.75 4.44
C ALA B 565 25.16 33.83 3.27
N LEU B 566 26.18 32.98 3.41
CA LEU B 566 26.48 32.02 2.36
C LEU B 566 25.36 30.99 2.22
N PHE B 567 24.73 30.63 3.33
CA PHE B 567 23.63 29.68 3.26
C PHE B 567 22.42 30.23 2.53
N ILE B 568 22.06 31.49 2.78
CA ILE B 568 20.92 32.08 2.10
C ILE B 568 21.24 32.32 0.63
N TRP B 569 22.50 32.64 0.33
CA TRP B 569 22.94 32.68 -1.07
C TRP B 569 22.77 31.34 -1.76
N SER B 570 23.02 30.25 -1.05
CA SER B 570 22.85 28.95 -1.69
C SER B 570 21.39 28.58 -1.84
N VAL B 571 20.54 28.99 -0.89
CA VAL B 571 19.16 28.53 -0.93
C VAL B 571 18.34 29.31 -1.94
N LEU B 572 18.67 30.59 -2.16
CA LEU B 572 17.90 31.39 -3.13
C LEU B 572 18.04 30.89 -4.56
N GLN B 573 19.15 30.27 -4.92
CA GLN B 573 19.32 29.84 -6.30
C GLN B 573 18.85 28.42 -6.56
N ASN B 574 18.17 27.78 -5.60
CA ASN B 574 17.70 26.40 -5.68
C ASN B 574 18.82 25.42 -6.01
N LYS B 575 19.89 25.47 -5.22
CA LYS B 575 20.96 24.48 -5.33
C LYS B 575 20.78 23.50 -4.18
N LYS B 576 20.48 22.24 -4.51
CA LYS B 576 20.18 21.27 -3.48
C LYS B 576 21.46 20.79 -2.80
N GLU B 577 22.35 20.18 -3.58
CA GLU B 577 23.46 19.43 -3.00
C GLU B 577 24.51 20.35 -2.42
N LEU B 578 24.54 21.60 -2.86
CA LEU B 578 25.46 22.55 -2.23
C LEU B 578 24.90 23.04 -0.91
N SER B 579 23.58 23.21 -0.82
CA SER B 579 23.00 23.75 0.40
C SER B 579 23.00 22.70 1.50
N LYS B 580 22.85 21.42 1.14
CA LYS B 580 22.93 20.37 2.15
C LYS B 580 24.34 20.26 2.71
N VAL B 581 25.35 20.59 1.91
CA VAL B 581 26.72 20.60 2.40
C VAL B 581 26.95 21.80 3.30
N ILE B 582 26.53 22.98 2.87
CA ILE B 582 26.83 24.15 3.67
C ILE B 582 25.93 24.26 4.89
N TRP B 583 24.87 23.45 4.98
CA TRP B 583 24.02 23.47 6.17
C TRP B 583 24.70 22.82 7.36
N GLU B 584 25.65 21.93 7.10
CA GLU B 584 26.25 21.19 8.21
C GLU B 584 27.33 21.99 8.91
N GLN B 585 27.61 23.21 8.43
CA GLN B 585 28.66 23.99 9.07
C GLN B 585 28.09 25.16 9.86
N THR B 586 26.80 25.43 9.72
CA THR B 586 26.24 26.60 10.38
C THR B 586 25.99 26.32 11.86
N ARG B 587 25.85 27.38 12.63
CA ARG B 587 25.83 27.21 14.08
C ARG B 587 24.45 26.82 14.58
N GLY B 588 23.45 27.67 14.37
CA GLY B 588 22.12 27.38 14.85
C GLY B 588 21.37 26.54 13.85
N CYS B 589 21.32 25.23 14.08
CA CYS B 589 21.02 24.29 13.00
C CYS B 589 19.54 24.27 12.68
N THR B 590 18.69 24.02 13.69
CA THR B 590 17.26 23.94 13.46
C THR B 590 16.68 25.30 13.08
N LEU B 591 17.29 26.37 13.60
CA LEU B 591 16.83 27.71 13.26
C LEU B 591 17.13 28.02 11.80
N ALA B 592 18.31 27.64 11.32
CA ALA B 592 18.67 27.87 9.93
C ALA B 592 17.82 27.04 9.00
N ALA B 593 17.53 25.79 9.39
CA ALA B 593 16.67 24.95 8.57
C ALA B 593 15.28 25.53 8.46
N LEU B 594 14.74 26.04 9.57
CA LEU B 594 13.38 26.53 9.53
C LEU B 594 13.31 27.88 8.82
N GLY B 595 14.38 28.67 8.90
CA GLY B 595 14.44 29.91 8.14
C GLY B 595 14.50 29.66 6.65
N ALA B 596 15.23 28.63 6.23
CA ALA B 596 15.24 28.27 4.81
C ALA B 596 13.86 27.82 4.35
N SER B 597 13.11 27.13 5.22
CA SER B 597 11.75 26.75 4.86
C SER B 597 10.85 27.96 4.67
N LYS B 598 10.90 28.92 5.60
CA LYS B 598 10.01 30.08 5.50
C LYS B 598 10.43 31.01 4.37
N LEU B 599 11.70 30.93 3.96
CA LEU B 599 12.12 31.71 2.80
C LEU B 599 11.64 31.07 1.51
N LEU B 600 11.74 29.74 1.41
CA LEU B 600 11.38 29.11 0.14
C LEU B 600 9.89 29.06 -0.08
N LYS B 601 9.07 29.08 0.99
CA LYS B 601 7.63 29.21 0.79
C LYS B 601 7.28 30.53 0.11
N SER B 602 7.88 31.62 0.58
CA SER B 602 7.58 32.93 0.01
C SER B 602 8.17 33.08 -1.38
N MET B 603 9.27 32.38 -1.66
CA MET B 603 9.73 32.32 -3.04
C MET B 603 8.81 31.46 -3.90
N ALA B 604 8.11 30.50 -3.28
CA ALA B 604 7.25 29.62 -4.06
C ALA B 604 5.92 30.25 -4.37
N LYS B 605 5.51 31.27 -3.62
CA LYS B 605 4.23 31.91 -3.89
C LYS B 605 4.24 32.76 -5.16
N VAL B 606 5.41 33.02 -5.74
CA VAL B 606 5.45 33.81 -6.96
C VAL B 606 5.00 32.94 -8.11
N LYS B 607 4.53 33.57 -9.19
CA LYS B 607 3.96 32.85 -10.32
C LYS B 607 4.48 33.36 -11.66
N ASN B 608 5.71 33.87 -11.70
CA ASN B 608 6.28 34.33 -12.96
C ASN B 608 6.86 33.15 -13.74
N ASP B 609 7.51 32.22 -13.05
CA ASP B 609 8.16 31.08 -13.66
C ASP B 609 7.87 29.86 -12.79
N ILE B 610 7.26 28.83 -13.38
CA ILE B 610 6.76 27.73 -12.56
C ILE B 610 7.84 26.66 -12.38
N ASN B 611 8.84 26.65 -13.25
CA ASN B 611 9.88 25.62 -13.21
C ASN B 611 10.76 25.76 -11.99
N ALA B 612 11.09 26.99 -11.61
CA ALA B 612 11.82 27.18 -10.35
C ALA B 612 10.90 26.98 -9.16
N ALA B 613 9.60 27.26 -9.33
CA ALA B 613 8.69 27.27 -8.19
C ALA B 613 8.42 25.86 -7.68
N GLY B 614 8.27 24.89 -8.59
CA GLY B 614 8.08 23.52 -8.16
C GLY B 614 9.26 22.96 -7.38
N GLU B 615 10.48 23.22 -7.88
CA GLU B 615 11.68 22.77 -7.18
C GLU B 615 11.84 23.48 -5.86
N SER B 616 11.39 24.74 -5.79
CA SER B 616 11.50 25.49 -4.55
C SER B 616 10.58 24.93 -3.49
N GLU B 617 9.36 24.55 -3.86
CA GLU B 617 8.46 24.01 -2.84
C GLU B 617 8.90 22.62 -2.40
N GLU B 618 9.51 21.85 -3.32
CA GLU B 618 10.06 20.54 -2.92
C GLU B 618 11.24 20.70 -1.97
N LEU B 619 12.12 21.67 -2.23
CA LEU B 619 13.25 21.89 -1.33
C LEU B 619 12.78 22.39 0.02
N ALA B 620 11.69 23.17 0.04
CA ALA B 620 11.16 23.64 1.31
C ALA B 620 10.62 22.51 2.16
N ASN B 621 9.87 21.59 1.56
CA ASN B 621 9.37 20.44 2.33
C ASN B 621 10.52 19.54 2.78
N GLU B 622 11.55 19.42 1.94
CA GLU B 622 12.70 18.59 2.31
C GLU B 622 13.49 19.21 3.46
N TYR B 623 13.52 20.53 3.59
CA TYR B 623 14.13 21.11 4.78
C TYR B 623 13.25 21.06 6.01
N GLU B 624 11.93 21.11 5.85
CA GLU B 624 11.05 21.00 7.01
C GLU B 624 11.16 19.63 7.67
N THR B 625 11.21 18.56 6.87
CA THR B 625 11.33 17.23 7.47
C THR B 625 12.68 17.02 8.14
N ARG B 626 13.73 17.65 7.62
CA ARG B 626 15.03 17.52 8.25
C ARG B 626 15.08 18.28 9.56
N ALA B 627 14.40 19.43 9.64
CA ALA B 627 14.33 20.16 10.88
C ALA B 627 13.56 19.39 11.95
N VAL B 628 12.47 18.72 11.56
CA VAL B 628 11.69 18.03 12.58
C VAL B 628 12.40 16.76 13.05
N GLU B 629 13.15 16.09 12.16
CA GLU B 629 13.90 14.92 12.59
C GLU B 629 15.04 15.31 13.53
N LEU B 630 15.74 16.41 13.23
CA LEU B 630 16.79 16.89 14.12
C LEU B 630 16.25 17.29 15.48
N PHE B 631 15.10 17.95 15.52
CA PHE B 631 14.62 18.39 16.83
C PHE B 631 14.04 17.24 17.63
N THR B 632 13.49 16.21 16.98
CA THR B 632 13.08 15.03 17.73
C THR B 632 14.28 14.34 18.35
N GLU B 633 15.35 14.20 17.58
CA GLU B 633 16.57 13.58 18.10
C GLU B 633 17.17 14.40 19.24
N CYS B 634 17.14 15.74 19.12
CA CYS B 634 17.70 16.58 20.19
C CYS B 634 16.79 16.63 21.39
N TYR B 635 15.50 16.38 21.21
CA TYR B 635 14.58 16.40 22.34
C TYR B 635 14.63 15.07 23.08
N SER B 636 15.20 14.05 22.45
CA SER B 636 15.32 12.77 23.13
C SER B 636 16.28 12.84 24.32
N ASN B 637 17.34 13.66 24.26
CA ASN B 637 18.32 13.61 25.32
C ASN B 637 17.91 14.41 26.56
N ASP B 638 17.79 15.73 26.43
CA ASP B 638 17.69 16.59 27.61
C ASP B 638 16.60 17.61 27.36
N GLU B 639 15.51 17.53 28.14
CA GLU B 639 14.31 18.29 27.82
C GLU B 639 14.49 19.77 28.12
N ASP B 640 15.16 20.10 29.21
CA ASP B 640 15.29 21.49 29.64
C ASP B 640 16.13 22.29 28.66
N LEU B 641 17.25 21.72 28.24
CA LEU B 641 18.11 22.39 27.27
C LEU B 641 17.43 22.46 25.90
N ALA B 642 16.60 21.48 25.58
CA ALA B 642 15.89 21.50 24.30
C ALA B 642 14.84 22.61 24.27
N GLU B 643 14.16 22.86 25.38
CA GLU B 643 13.17 23.93 25.36
C GLU B 643 13.82 25.29 25.43
N GLN B 644 14.95 25.39 26.14
CA GLN B 644 15.74 26.62 26.09
C GLN B 644 16.29 26.85 24.69
N LEU B 645 16.52 25.78 23.94
CA LEU B 645 16.91 25.89 22.55
C LEU B 645 15.74 26.35 21.68
N LEU B 646 14.52 25.97 22.03
CA LEU B 646 13.36 26.48 21.32
C LEU B 646 13.22 27.98 21.47
N THR B 647 13.22 28.47 22.71
CA THR B 647 12.90 29.88 22.89
C THR B 647 14.08 30.81 22.61
N TYR B 648 15.20 30.31 22.12
CA TYR B 648 16.36 31.14 21.84
C TYR B 648 16.20 31.91 20.54
N SER B 649 16.70 33.13 20.49
CA SER B 649 16.60 33.98 19.30
C SER B 649 17.99 34.41 18.85
N CYS B 650 18.12 34.66 17.55
CA CYS B 650 19.37 35.19 17.00
C CYS B 650 19.08 36.39 16.11
N GLU B 651 20.15 37.13 15.79
CA GLU B 651 20.03 38.30 14.95
C GLU B 651 20.23 38.01 13.47
N ALA B 652 20.75 36.83 13.13
CA ALA B 652 21.04 36.53 11.73
C ALA B 652 19.78 36.44 10.91
N TRP B 653 18.77 35.79 11.44
CA TRP B 653 17.42 35.84 10.88
C TRP B 653 16.73 37.04 11.49
N GLY B 654 15.45 37.22 11.17
CA GLY B 654 14.79 38.45 11.54
C GLY B 654 14.45 38.63 13.00
N GLY B 655 15.47 38.52 13.87
CA GLY B 655 15.33 38.63 15.32
C GLY B 655 14.26 37.77 15.92
N SER B 656 14.19 36.50 15.52
CA SER B 656 13.03 35.70 15.82
C SER B 656 13.42 34.29 16.24
N ASN B 657 12.84 33.82 17.33
CA ASN B 657 13.00 32.47 17.80
C ASN B 657 12.29 31.48 16.88
N CYS B 658 12.67 30.21 17.01
CA CYS B 658 12.24 29.17 16.07
C CYS B 658 10.74 28.94 16.13
N LEU B 659 10.16 29.04 17.32
CA LEU B 659 8.76 28.69 17.50
C LEU B 659 7.85 29.75 16.91
N GLU B 660 8.30 31.01 16.87
CA GLU B 660 7.52 32.02 16.19
C GLU B 660 7.67 31.89 14.68
N LEU B 661 8.83 31.40 14.24
CA LEU B 661 9.08 31.30 12.81
C LEU B 661 8.26 30.17 12.19
N ALA B 662 8.00 29.12 12.98
CA ALA B 662 7.20 28.01 12.46
C ALA B 662 5.76 28.43 12.21
N VAL B 663 5.21 29.32 13.04
CA VAL B 663 3.84 29.75 12.85
C VAL B 663 3.72 30.67 11.65
N GLU B 664 4.70 31.55 11.45
CA GLU B 664 4.68 32.43 10.29
C GLU B 664 4.92 31.66 9.00
N ALA B 665 5.68 30.57 9.08
CA ALA B 665 5.87 29.74 7.89
C ALA B 665 4.61 28.98 7.54
N ARG B 666 3.73 28.79 8.53
CA ARG B 666 2.49 28.02 8.42
C ARG B 666 2.76 26.61 7.93
N ASP B 667 3.74 25.96 8.54
CA ASP B 667 4.02 24.58 8.16
C ASP B 667 3.44 23.61 9.18
N GLN B 668 3.14 22.41 8.72
CA GLN B 668 2.33 21.48 9.47
C GLN B 668 3.15 20.51 10.30
N GLN B 669 4.32 20.11 9.81
CA GLN B 669 4.95 18.89 10.28
C GLN B 669 5.99 19.18 11.35
N PHE B 670 6.14 20.43 11.74
CA PHE B 670 7.06 20.72 12.85
C PHE B 670 6.28 20.77 14.13
N ILE B 671 5.05 21.25 14.07
CA ILE B 671 4.25 21.50 15.26
C ILE B 671 3.62 20.18 15.69
N ALA B 672 3.57 19.21 14.79
CA ALA B 672 2.83 17.98 15.02
C ALA B 672 3.49 17.06 16.03
N GLN B 673 4.79 17.14 16.20
CA GLN B 673 5.49 16.19 17.06
C GLN B 673 5.21 16.49 18.52
N PRO B 674 5.36 15.51 19.42
CA PRO B 674 4.94 15.75 20.81
C PRO B 674 5.86 16.65 21.62
N GLY B 675 7.03 17.01 21.10
CA GLY B 675 7.93 17.87 21.86
C GLY B 675 7.35 19.26 22.10
N VAL B 676 6.96 19.94 21.02
CA VAL B 676 6.41 21.27 21.18
C VAL B 676 5.00 21.21 21.73
N GLN B 677 4.33 20.07 21.60
CA GLN B 677 3.03 19.90 22.22
C GLN B 677 3.15 19.84 23.74
N ASN B 678 4.14 19.08 24.23
CA ASN B 678 4.40 19.04 25.66
C ASN B 678 4.82 20.40 26.17
N PHE B 679 5.64 21.11 25.38
CA PHE B 679 6.04 22.48 25.73
C PHE B 679 4.84 23.42 25.84
N LEU B 680 3.99 23.42 24.83
CA LEU B 680 2.80 24.26 24.83
C LEU B 680 1.89 23.94 26.01
N SER B 681 1.63 22.66 26.24
CA SER B 681 0.65 22.29 27.25
C SER B 681 1.17 22.60 28.66
N LYS B 682 2.47 22.44 28.89
CA LYS B 682 2.95 22.77 30.22
C LYS B 682 3.22 24.26 30.35
N GLN B 683 3.16 25.00 29.24
CA GLN B 683 3.05 26.44 29.38
C GLN B 683 1.60 26.85 29.66
N TRP B 684 0.64 26.08 29.17
CA TRP B 684 -0.76 26.35 29.45
C TRP B 684 -1.09 26.08 30.91
N TYR B 685 -0.43 25.09 31.52
CA TYR B 685 -0.66 24.86 32.94
C TYR B 685 0.25 25.69 33.82
N GLY B 686 1.41 26.10 33.33
CA GLY B 686 2.24 27.02 34.09
C GLY B 686 2.93 26.31 35.24
N GLU B 687 3.00 26.98 36.39
CA GLU B 687 3.71 26.41 37.52
C GLU B 687 2.87 25.34 38.22
N ILE B 688 1.57 25.28 37.92
CA ILE B 688 0.78 24.14 38.34
C ILE B 688 1.27 22.91 37.60
N SER B 689 1.63 21.88 38.36
CA SER B 689 2.08 20.65 37.74
C SER B 689 0.90 19.93 37.11
N ARG B 690 1.21 19.11 36.12
CA ARG B 690 0.20 18.34 35.42
C ARG B 690 -0.25 17.17 36.29
N ASP B 691 -1.09 16.31 35.69
CA ASP B 691 -1.55 15.06 36.28
C ASP B 691 -2.32 15.29 37.56
N THR B 692 -3.09 16.37 37.59
CA THR B 692 -4.09 16.61 38.62
C THR B 692 -5.44 16.71 37.94
N LYS B 693 -6.49 16.39 38.69
CA LYS B 693 -7.83 16.39 38.12
C LYS B 693 -8.32 17.81 37.94
N ASN B 694 -9.28 17.99 37.04
CA ASN B 694 -9.76 19.34 36.74
C ASN B 694 -10.74 19.82 37.79
N TRP B 695 -11.57 18.92 38.32
CA TRP B 695 -12.49 19.29 39.39
C TRP B 695 -11.73 19.68 40.65
N LYS B 696 -10.55 19.08 40.85
CA LYS B 696 -9.71 19.43 41.98
C LYS B 696 -9.21 20.86 41.88
N ILE B 697 -8.84 21.29 40.66
CA ILE B 697 -8.38 22.65 40.47
C ILE B 697 -9.55 23.63 40.57
N ILE B 698 -10.75 23.18 40.19
CA ILE B 698 -11.92 24.06 40.34
C ILE B 698 -12.29 24.23 41.81
N LEU B 699 -12.21 23.16 42.59
CA LEU B 699 -12.47 23.28 44.02
C LEU B 699 -11.39 24.10 44.72
N CYS B 700 -10.14 24.01 44.24
CA CYS B 700 -9.10 24.87 44.78
C CYS B 700 -9.25 26.31 44.28
N LEU B 701 -9.99 26.49 43.20
CA LEU B 701 -10.34 27.84 42.79
C LEU B 701 -11.40 28.44 43.71
N PHE B 702 -12.32 27.62 44.20
CA PHE B 702 -13.25 28.12 45.21
C PHE B 702 -12.58 28.35 46.55
N PHE B 703 -11.66 27.46 46.94
CA PHE B 703 -11.16 27.43 48.32
C PHE B 703 -9.69 27.84 48.36
N PHE B 704 -9.39 28.88 49.15
CA PHE B 704 -8.01 29.29 49.35
C PHE B 704 -7.12 28.31 50.13
N PRO B 705 -7.48 27.76 51.32
CA PRO B 705 -6.44 27.07 52.11
C PRO B 705 -6.04 25.70 51.59
N LEU B 706 -6.70 25.20 50.55
CA LEU B 706 -6.25 23.98 49.90
C LEU B 706 -4.91 24.19 49.20
N ILE B 707 -4.61 25.43 48.83
CA ILE B 707 -3.31 25.77 48.27
C ILE B 707 -2.22 25.62 49.33
N GLY B 708 -2.47 26.15 50.53
CA GLY B 708 -1.48 26.03 51.59
C GLY B 708 -1.46 24.65 52.23
N CYS B 709 -2.48 23.84 51.94
CA CYS B 709 -2.49 22.45 52.42
C CYS B 709 -1.38 21.63 51.77
N GLY B 710 -0.95 22.00 50.57
CA GLY B 710 -0.13 21.13 49.77
C GLY B 710 -0.94 20.12 48.98
N PHE B 711 -2.14 20.51 48.56
CA PHE B 711 -3.10 19.54 48.01
C PHE B 711 -2.89 19.35 46.52
N ILE B 712 -2.39 20.36 45.83
CA ILE B 712 -1.98 20.23 44.44
C ILE B 712 -0.46 20.13 44.40
N SER B 713 0.08 19.24 43.57
CA SER B 713 1.52 19.18 43.41
C SER B 713 2.01 20.36 42.58
N PHE B 714 3.33 20.55 42.57
CA PHE B 714 3.95 21.68 41.90
C PHE B 714 5.32 21.30 41.35
N ARG B 715 6.01 22.29 40.81
CA ARG B 715 7.39 22.13 40.42
C ARG B 715 8.32 22.66 41.51
N LYS B 716 9.31 21.87 41.88
CA LYS B 716 10.24 22.26 42.93
C LYS B 716 11.22 23.33 42.42
N LYS B 723 9.05 32.18 52.82
CA LYS B 723 7.90 32.68 52.08
C LYS B 723 7.64 31.82 50.86
N LYS B 724 7.25 30.56 51.10
CA LYS B 724 6.98 29.66 49.99
C LYS B 724 5.52 29.73 49.56
N LEU B 725 4.61 29.92 50.52
CA LEU B 725 3.18 29.84 50.21
C LEU B 725 2.70 31.06 49.43
N PHE B 726 3.34 32.22 49.65
CA PHE B 726 3.01 33.38 48.84
C PHE B 726 3.45 33.17 47.39
N LEU B 727 4.60 32.54 47.19
CA LEU B 727 5.03 32.13 45.87
C LEU B 727 4.05 31.12 45.26
N TYR B 728 3.48 30.26 46.12
CA TYR B 728 2.46 29.32 45.64
C TYR B 728 1.22 30.04 45.16
N TYR B 729 0.75 31.05 45.91
CA TYR B 729 -0.43 31.80 45.49
C TYR B 729 -0.19 32.58 44.20
N VAL B 730 0.98 33.21 44.07
CA VAL B 730 1.27 33.99 42.86
C VAL B 730 1.42 33.07 41.66
N SER B 731 2.14 31.95 41.82
CA SER B 731 2.29 30.99 40.73
C SER B 731 0.97 30.31 40.40
N PHE B 732 0.07 30.23 41.38
CA PHE B 732 -1.25 29.68 41.13
C PHE B 732 -2.07 30.60 40.26
N PHE B 733 -2.13 31.89 40.61
CA PHE B 733 -3.02 32.77 39.85
C PHE B 733 -2.37 33.28 38.57
N THR B 734 -1.08 33.00 38.35
CA THR B 734 -0.51 33.35 37.06
C THR B 734 -0.66 32.25 36.03
N SER B 735 -1.11 31.07 36.43
CA SER B 735 -1.36 30.03 35.46
C SER B 735 -2.63 30.35 34.67
N PRO B 736 -2.58 30.34 33.34
CA PRO B 736 -3.69 30.91 32.58
C PRO B 736 -4.95 30.07 32.56
N PHE B 737 -4.86 28.79 32.92
CA PHE B 737 -6.04 27.94 32.98
C PHE B 737 -7.01 28.38 34.06
N VAL B 738 -6.46 28.71 35.23
CA VAL B 738 -7.27 29.20 36.34
C VAL B 738 -7.87 30.56 35.97
N VAL B 739 -7.11 31.35 35.21
CA VAL B 739 -7.59 32.65 34.77
C VAL B 739 -8.76 32.51 33.82
N PHE B 740 -8.60 31.62 32.83
CA PHE B 740 -9.66 31.40 31.86
C PHE B 740 -10.90 30.86 32.54
N SER B 741 -10.70 29.92 33.46
CA SER B 741 -11.82 29.34 34.18
C SER B 741 -12.50 30.41 35.01
N TRP B 742 -11.70 31.25 35.66
CA TRP B 742 -12.25 32.31 36.48
C TRP B 742 -13.04 33.29 35.63
N ASN B 743 -12.52 33.60 34.45
CA ASN B 743 -13.19 34.55 33.56
C ASN B 743 -14.56 34.03 33.16
N VAL B 744 -14.64 32.76 32.82
CA VAL B 744 -15.92 32.20 32.41
C VAL B 744 -16.91 32.25 33.57
N ILE B 745 -16.46 31.85 34.75
CA ILE B 745 -17.32 31.87 35.93
C ILE B 745 -17.73 33.29 36.24
N PHE B 746 -16.78 34.21 36.15
CA PHE B 746 -17.02 35.62 36.42
C PHE B 746 -18.00 36.18 35.40
N TYR B 747 -17.82 35.78 34.14
CA TYR B 747 -18.67 36.23 33.05
C TYR B 747 -20.12 35.80 33.25
N ILE B 748 -20.31 34.57 33.71
CA ILE B 748 -21.65 34.05 33.93
C ILE B 748 -22.36 34.87 34.99
N ALA B 749 -21.63 35.25 36.04
CA ALA B 749 -22.18 36.07 37.11
C ALA B 749 -22.52 37.47 36.63
N PHE B 750 -21.67 38.03 35.76
CA PHE B 750 -21.96 39.30 35.10
C PHE B 750 -23.25 39.24 34.32
N LEU B 751 -23.48 38.13 33.61
CA LEU B 751 -24.68 38.01 32.81
C LEU B 751 -25.91 37.93 33.69
N LEU B 752 -25.81 37.23 34.82
CA LEU B 752 -26.92 37.17 35.78
C LEU B 752 -27.23 38.53 36.36
N LEU B 753 -26.20 39.30 36.71
CA LEU B 753 -26.43 40.63 37.29
C LEU B 753 -27.01 41.58 36.24
N PHE B 754 -26.59 41.41 34.98
CA PHE B 754 -27.13 42.22 33.90
C PHE B 754 -28.61 41.93 33.71
N ALA B 755 -28.99 40.66 33.82
CA ALA B 755 -30.40 40.28 33.73
C ALA B 755 -31.20 40.84 34.90
N TYR B 756 -30.60 40.83 36.10
CA TYR B 756 -31.30 41.34 37.27
C TYR B 756 -31.53 42.84 37.18
N VAL B 757 -30.58 43.57 36.60
CA VAL B 757 -30.78 45.01 36.43
C VAL B 757 -31.79 45.27 35.32
N LEU B 758 -31.79 44.44 34.27
CA LEU B 758 -32.75 44.60 33.18
C LEU B 758 -34.18 44.33 33.64
N LEU B 759 -34.34 43.48 34.66
CA LEU B 759 -35.68 43.27 35.20
C LEU B 759 -36.01 44.27 36.29
N MET B 760 -35.05 44.60 37.14
CA MET B 760 -35.22 45.61 38.19
C MET B 760 -34.59 46.93 37.73
N ASP B 761 -35.20 47.56 36.75
CA ASP B 761 -34.72 48.82 36.19
C ASP B 761 -35.65 49.93 36.62
N PHE B 762 -35.08 51.04 37.08
CA PHE B 762 -35.86 52.18 37.52
C PHE B 762 -35.88 53.23 36.41
N GLN B 763 -36.58 54.35 36.65
CA GLN B 763 -36.68 55.46 35.73
C GLN B 763 -35.42 56.32 35.87
N LYS B 764 -35.46 57.57 35.38
CA LYS B 764 -34.37 58.46 34.89
C LYS B 764 -33.08 58.33 35.73
N GLU B 765 -33.16 58.31 37.05
CA GLU B 765 -31.95 58.16 37.86
C GLU B 765 -31.55 56.69 37.96
N PRO B 766 -30.34 56.34 37.51
CA PRO B 766 -29.88 54.95 37.64
C PRO B 766 -29.33 54.67 39.03
N THR B 767 -29.56 53.46 39.51
CA THR B 767 -29.02 53.03 40.79
C THR B 767 -27.54 52.68 40.67
N ALA B 768 -26.95 52.27 41.80
CA ALA B 768 -25.53 51.96 41.83
C ALA B 768 -25.21 50.67 41.07
N LEU B 769 -26.20 49.78 40.95
CA LEU B 769 -26.01 48.53 40.22
C LEU B 769 -25.74 48.79 38.74
N GLU B 770 -26.51 49.69 38.14
CA GLU B 770 -26.29 50.06 36.74
C GLU B 770 -24.92 50.71 36.56
N ILE B 771 -24.48 51.49 37.56
CA ILE B 771 -23.16 52.12 37.51
C ILE B 771 -22.07 51.07 37.54
N ILE B 772 -22.26 50.03 38.37
CA ILE B 772 -21.32 48.91 38.42
C ILE B 772 -21.27 48.20 37.07
N LEU B 773 -22.42 48.08 36.41
CA LEU B 773 -22.45 47.52 35.05
C LEU B 773 -21.66 48.38 34.06
N TYR B 774 -21.79 49.70 34.16
CA TYR B 774 -21.08 50.56 33.21
C TYR B 774 -19.58 50.48 33.45
N VAL B 775 -19.17 50.32 34.71
CA VAL B 775 -17.75 50.15 35.02
C VAL B 775 -17.22 48.83 34.45
N LEU B 776 -18.01 47.76 34.57
CA LEU B 776 -17.57 46.47 34.05
C LEU B 776 -17.46 46.49 32.52
N VAL B 777 -18.40 47.15 31.85
CA VAL B 777 -18.32 47.23 30.39
C VAL B 777 -17.18 48.13 29.97
N PHE B 778 -16.85 49.13 30.81
CA PHE B 778 -15.67 49.95 30.54
C PHE B 778 -14.37 49.14 30.65
N ILE B 779 -14.34 48.20 31.60
CA ILE B 779 -13.21 47.27 31.69
C ILE B 779 -13.09 46.44 30.41
N LEU B 780 -14.24 45.96 29.93
CA LEU B 780 -14.27 45.25 28.65
C LEU B 780 -13.78 46.12 27.49
N LEU B 781 -14.14 47.41 27.51
CA LEU B 781 -13.73 48.30 26.43
C LEU B 781 -12.23 48.54 26.44
N CYS B 782 -11.66 48.65 27.65
CA CYS B 782 -10.21 48.78 27.77
C CYS B 782 -9.50 47.54 27.24
N ASP B 783 -10.06 46.36 27.52
CA ASP B 783 -9.46 45.12 27.02
C ASP B 783 -9.56 45.03 25.50
N GLU B 784 -10.67 45.50 24.93
CA GLU B 784 -10.84 45.48 23.49
C GLU B 784 -9.88 46.43 22.79
N VAL B 785 -9.68 47.62 23.35
CA VAL B 785 -8.72 48.57 22.79
C VAL B 785 -7.29 48.02 22.90
N ARG B 786 -7.00 47.32 23.99
CA ARG B 786 -5.69 46.69 24.14
C ARG B 786 -5.47 45.63 23.06
N GLN B 787 -6.50 44.85 22.74
CA GLN B 787 -6.29 43.81 21.73
C GLN B 787 -6.24 44.41 20.32
N TRP B 788 -6.96 45.52 20.11
CA TRP B 788 -6.80 46.32 18.90
C TRP B 788 -5.35 46.70 18.66
N TYR B 789 -4.74 47.32 19.67
CA TYR B 789 -3.39 47.87 19.55
C TYR B 789 -2.34 46.79 19.33
N MET B 790 -2.63 45.56 19.76
CA MET B 790 -1.66 44.47 19.61
C MET B 790 -1.81 43.76 18.27
N ASN B 791 -3.05 43.47 17.86
CA ASN B 791 -3.22 42.69 16.64
C ASN B 791 -3.28 43.56 15.39
N GLY B 792 -4.17 44.55 15.36
CA GLY B 792 -4.30 45.30 14.12
C GLY B 792 -5.43 44.77 13.25
N SER B 793 -5.08 44.30 12.05
CA SER B 793 -6.12 43.88 11.10
C SER B 793 -6.45 42.40 11.25
N LYS B 794 -5.47 41.61 11.71
CA LYS B 794 -5.74 40.20 12.00
C LYS B 794 -6.74 40.05 13.15
N TYR B 795 -6.85 41.07 13.99
CA TYR B 795 -8.01 41.23 14.86
C TYR B 795 -9.31 41.19 14.08
N PHE B 796 -9.45 42.09 13.11
CA PHE B 796 -10.71 42.29 12.41
C PHE B 796 -10.94 41.27 11.30
N SER B 797 -10.02 40.32 11.12
CA SER B 797 -10.27 39.23 10.18
C SER B 797 -11.42 38.33 10.65
N ASP B 798 -11.57 38.18 11.97
CA ASP B 798 -12.61 37.31 12.52
C ASP B 798 -13.90 38.11 12.72
N LEU B 799 -15.01 37.58 12.22
CA LEU B 799 -16.27 38.34 12.23
C LEU B 799 -16.87 38.41 13.62
N TRP B 800 -16.59 37.42 14.48
CA TRP B 800 -17.10 37.46 15.84
C TRP B 800 -16.46 38.58 16.64
N ASN B 801 -15.23 38.93 16.28
CA ASN B 801 -14.53 39.99 16.98
C ASN B 801 -15.10 41.35 16.61
N VAL B 802 -15.47 41.49 15.33
CA VAL B 802 -16.21 42.65 14.85
C VAL B 802 -17.57 42.74 15.53
N MET B 803 -18.21 41.58 15.74
CA MET B 803 -19.49 41.53 16.46
C MET B 803 -19.35 42.02 17.89
N ASP B 804 -18.29 41.59 18.58
CA ASP B 804 -18.06 41.99 19.96
C ASP B 804 -17.80 43.49 20.05
N THR B 805 -17.01 44.03 19.11
CA THR B 805 -16.73 45.45 19.09
C THR B 805 -17.98 46.28 18.81
N LEU B 806 -18.78 45.86 17.82
CA LEU B 806 -20.03 46.56 17.52
C LEU B 806 -21.01 46.47 18.67
N ALA B 807 -21.03 45.35 19.39
CA ALA B 807 -21.92 45.21 20.53
C ALA B 807 -21.53 46.15 21.66
N ILE B 808 -20.23 46.25 21.96
CA ILE B 808 -19.83 47.06 23.10
C ILE B 808 -19.93 48.55 22.75
N PHE B 809 -19.71 48.92 21.48
CA PHE B 809 -19.91 50.32 21.12
C PHE B 809 -21.40 50.67 21.06
N TYR B 810 -22.24 49.69 20.71
CA TYR B 810 -23.68 49.87 20.74
C TYR B 810 -24.17 50.07 22.17
N PHE B 811 -23.57 49.34 23.10
CA PHE B 811 -23.88 49.53 24.53
C PHE B 811 -23.43 50.90 25.01
N ILE B 812 -22.26 51.35 24.54
CA ILE B 812 -21.73 52.66 24.95
C ILE B 812 -22.63 53.77 24.44
N ALA B 813 -23.23 53.58 23.26
CA ALA B 813 -24.21 54.54 22.76
C ALA B 813 -25.49 54.48 23.58
N GLY B 814 -25.94 53.26 23.92
CA GLY B 814 -27.19 53.12 24.66
C GLY B 814 -27.11 53.66 26.08
N ILE B 815 -25.91 53.66 26.66
CA ILE B 815 -25.71 54.22 28.00
C ILE B 815 -25.98 55.72 27.98
N VAL B 816 -25.44 56.43 26.98
CA VAL B 816 -25.66 57.87 26.88
C VAL B 816 -27.08 58.17 26.44
N PHE B 817 -27.68 57.25 25.68
CA PHE B 817 -29.06 57.45 25.25
C PHE B 817 -30.02 57.31 26.43
N ARG B 818 -29.68 56.44 27.38
CA ARG B 818 -30.45 56.36 28.61
C ARG B 818 -30.15 57.53 29.54
N LEU B 819 -28.91 58.03 29.52
CA LEU B 819 -28.51 59.09 30.45
C LEU B 819 -29.23 60.41 30.14
N HIS B 820 -29.67 60.60 28.91
CA HIS B 820 -30.46 61.76 28.57
C HIS B 820 -31.84 61.67 29.21
N SER B 821 -32.30 62.78 29.76
CA SER B 821 -33.57 62.83 30.50
C SER B 821 -34.61 63.45 29.59
N ASP B 822 -35.46 62.61 29.01
CA ASP B 822 -36.60 63.06 28.23
C ASP B 822 -37.89 62.29 28.52
N GLU B 823 -37.80 61.15 29.21
CA GLU B 823 -38.88 60.30 29.71
C GLU B 823 -39.64 59.57 28.60
N SER B 824 -39.30 59.83 27.34
CA SER B 824 -39.92 59.09 26.24
C SER B 824 -38.89 58.22 25.54
N SER B 825 -37.65 58.69 25.45
CA SER B 825 -36.59 57.89 24.85
C SER B 825 -36.17 56.75 25.77
N TRP B 826 -36.40 56.93 27.09
CA TRP B 826 -36.08 56.02 28.18
C TRP B 826 -36.37 54.57 27.88
N TYR B 827 -37.65 54.29 27.63
CA TYR B 827 -38.13 52.97 27.22
C TYR B 827 -37.35 52.43 26.04
N SER B 828 -37.20 53.25 24.99
CA SER B 828 -36.49 52.83 23.79
C SER B 828 -35.03 52.53 24.09
N GLY B 829 -34.42 53.34 24.97
CA GLY B 829 -33.05 53.07 25.37
C GLY B 829 -32.94 51.75 26.10
N ARG B 830 -33.94 51.46 26.94
CA ARG B 830 -34.02 50.18 27.65
C ARG B 830 -34.12 49.04 26.65
N VAL B 831 -34.87 49.25 25.57
CA VAL B 831 -35.01 48.25 24.51
C VAL B 831 -33.65 47.91 23.91
N ILE B 832 -32.81 48.94 23.73
CA ILE B 832 -31.47 48.77 23.17
C ILE B 832 -30.67 47.81 24.01
N PHE B 833 -30.78 47.94 25.35
CA PHE B 833 -30.02 47.10 26.27
C PHE B 833 -30.38 45.65 26.08
N CYS B 834 -31.68 45.37 25.88
CA CYS B 834 -32.16 44.01 25.74
C CYS B 834 -31.53 43.35 24.51
N LEU B 835 -31.42 44.10 23.41
CA LEU B 835 -30.83 43.55 22.21
C LEU B 835 -29.36 43.24 22.43
N ASP B 836 -28.66 44.16 23.11
CA ASP B 836 -27.25 43.96 23.39
C ASP B 836 -27.05 42.75 24.28
N TYR B 837 -28.03 42.50 25.16
CA TYR B 837 -28.00 41.36 26.07
C TYR B 837 -27.88 40.06 25.30
N ILE B 838 -28.67 39.93 24.22
CA ILE B 838 -28.66 38.69 23.44
C ILE B 838 -27.30 38.48 22.81
N VAL B 839 -26.67 39.58 22.38
CA VAL B 839 -25.39 39.47 21.71
C VAL B 839 -24.33 39.00 22.69
N PHE B 840 -24.43 39.45 23.96
CA PHE B 840 -23.48 38.99 24.97
C PHE B 840 -23.61 37.50 25.20
N THR B 841 -24.85 37.01 25.21
CA THR B 841 -25.09 35.58 25.36
C THR B 841 -24.49 34.82 24.20
N LEU B 842 -24.61 35.38 22.98
CA LEU B 842 -24.07 34.72 21.81
C LEU B 842 -22.56 34.65 21.90
N ARG B 843 -21.95 35.68 22.49
CA ARG B 843 -20.52 35.70 22.71
C ARG B 843 -20.10 34.52 23.56
N LEU B 844 -20.86 34.28 24.64
CA LEU B 844 -20.57 33.18 25.55
C LEU B 844 -20.66 31.85 24.82
N ILE B 845 -21.65 31.71 23.94
CA ILE B 845 -21.89 30.42 23.31
C ILE B 845 -20.75 30.08 22.38
N HIS B 846 -20.12 31.11 21.78
CA HIS B 846 -19.00 30.86 20.89
C HIS B 846 -17.84 30.24 21.63
N ILE B 847 -17.64 30.66 22.89
CA ILE B 847 -16.55 30.13 23.70
C ILE B 847 -16.75 28.65 23.94
N PHE B 848 -18.01 28.25 24.20
CA PHE B 848 -18.30 26.84 24.41
C PHE B 848 -18.08 26.05 23.13
N THR B 849 -18.42 26.65 21.98
CA THR B 849 -18.26 25.91 20.73
C THR B 849 -16.80 25.79 20.35
N VAL B 850 -15.93 26.60 20.97
CA VAL B 850 -14.51 26.37 20.78
C VAL B 850 -14.00 25.41 21.85
N SER B 851 -14.59 25.49 23.05
CA SER B 851 -14.06 24.69 24.16
C SER B 851 -14.46 23.23 24.02
N ARG B 852 -15.70 22.97 23.60
CA ARG B 852 -16.15 21.60 23.44
C ARG B 852 -15.48 20.93 22.24
N ASN B 853 -15.46 21.64 21.11
CA ASN B 853 -14.94 21.10 19.87
C ASN B 853 -13.43 21.09 19.79
N LEU B 854 -12.75 21.62 20.80
CA LEU B 854 -11.29 21.52 20.86
C LEU B 854 -10.91 20.06 20.97
N GLY B 855 -10.12 19.59 20.02
CA GLY B 855 -10.09 18.20 19.66
C GLY B 855 -10.19 18.16 18.15
N PRO B 856 -10.25 16.99 17.53
CA PRO B 856 -10.00 16.92 16.08
C PRO B 856 -11.11 17.48 15.20
N LYS B 857 -12.13 18.13 15.78
CA LYS B 857 -13.27 18.58 15.02
C LYS B 857 -13.06 19.95 14.38
N ILE B 858 -11.99 20.67 14.75
CA ILE B 858 -11.90 22.10 14.48
C ILE B 858 -11.69 22.37 13.00
N ILE B 859 -10.99 21.46 12.31
CA ILE B 859 -10.85 21.51 10.85
C ILE B 859 -12.22 21.55 10.19
N MET B 860 -13.15 20.74 10.71
CA MET B 860 -14.55 20.88 10.36
C MET B 860 -15.06 22.26 10.74
N LEU B 861 -14.95 22.59 12.03
CA LEU B 861 -15.85 23.55 12.69
C LEU B 861 -15.83 24.92 12.04
N GLN B 862 -14.64 25.53 11.96
CA GLN B 862 -14.48 26.85 11.38
C GLN B 862 -15.00 26.91 9.96
N ARG B 863 -14.66 25.88 9.16
CA ARG B 863 -15.10 25.84 7.77
C ARG B 863 -16.60 25.86 7.67
N MET B 864 -17.27 25.12 8.58
CA MET B 864 -18.73 25.07 8.59
C MET B 864 -19.32 26.45 8.76
N MET B 865 -18.76 27.22 9.71
CA MET B 865 -19.24 28.57 10.01
C MET B 865 -19.19 29.44 8.78
N ILE B 866 -18.08 29.35 8.05
CA ILE B 866 -17.85 30.22 6.90
C ILE B 866 -18.91 29.97 5.84
N ASP B 867 -19.19 28.68 5.56
CA ASP B 867 -20.11 28.34 4.49
C ASP B 867 -21.52 28.78 4.84
N VAL B 868 -21.88 28.69 6.12
CA VAL B 868 -23.24 29.00 6.50
C VAL B 868 -23.46 30.51 6.40
N PHE B 869 -22.40 31.30 6.70
CA PHE B 869 -22.46 32.74 6.49
C PHE B 869 -22.77 33.06 5.05
N PHE B 870 -22.05 32.40 4.13
CA PHE B 870 -22.25 32.66 2.71
C PHE B 870 -23.64 32.27 2.28
N PHE B 871 -24.14 31.17 2.85
CA PHE B 871 -25.49 30.70 2.55
C PHE B 871 -26.51 31.74 2.94
N LEU B 872 -26.36 32.32 4.13
CA LEU B 872 -27.34 33.30 4.61
C LEU B 872 -27.32 34.53 3.73
N PHE B 873 -26.12 34.87 3.22
CA PHE B 873 -25.99 36.01 2.32
C PHE B 873 -26.84 35.81 1.08
N LEU B 874 -26.75 34.62 0.48
CA LEU B 874 -27.53 34.33 -0.71
C LEU B 874 -29.01 34.35 -0.38
N PHE B 875 -29.35 33.85 0.80
CA PHE B 875 -30.74 33.80 1.23
C PHE B 875 -31.28 35.20 1.38
N ALA B 876 -30.45 36.11 1.93
CA ALA B 876 -30.90 37.49 2.13
C ALA B 876 -31.19 38.15 0.80
N VAL B 877 -30.36 37.84 -0.22
CA VAL B 877 -30.53 38.42 -1.54
C VAL B 877 -31.88 38.03 -2.10
N TRP B 878 -32.23 36.73 -1.95
CA TRP B 878 -33.48 36.23 -2.51
C TRP B 878 -34.66 36.93 -1.88
N MET B 879 -34.56 37.17 -0.56
CA MET B 879 -35.70 37.70 0.17
C MET B 879 -36.01 39.10 -0.30
N VAL B 880 -34.96 39.89 -0.59
CA VAL B 880 -35.16 41.27 -1.01
C VAL B 880 -35.84 41.30 -2.36
N ALA B 881 -35.47 40.36 -3.24
CA ALA B 881 -36.09 40.26 -4.55
C ALA B 881 -37.57 39.97 -4.40
N PHE B 882 -37.90 39.01 -3.51
CA PHE B 882 -39.27 38.64 -3.24
C PHE B 882 -40.07 39.85 -2.78
N GLY B 883 -39.45 40.63 -1.88
CA GLY B 883 -40.13 41.78 -1.30
C GLY B 883 -40.52 42.79 -2.35
N VAL B 884 -39.62 43.06 -3.29
CA VAL B 884 -39.90 44.05 -4.34
C VAL B 884 -41.03 43.55 -5.20
N ALA B 885 -40.94 42.27 -5.59
CA ALA B 885 -41.96 41.66 -6.43
C ALA B 885 -43.29 41.65 -5.73
N ARG B 886 -43.25 41.45 -4.40
CA ARG B 886 -44.47 41.35 -3.61
C ARG B 886 -45.23 42.66 -3.65
N GLN B 887 -44.51 43.78 -3.52
CA GLN B 887 -45.21 45.06 -3.50
C GLN B 887 -45.70 45.40 -4.89
N GLY B 888 -44.99 44.91 -5.91
CA GLY B 888 -45.42 45.13 -7.28
C GLY B 888 -46.75 44.45 -7.56
N ILE B 889 -47.04 43.38 -6.84
CA ILE B 889 -48.35 42.76 -7.01
C ILE B 889 -49.38 43.48 -6.16
N LEU B 890 -49.01 43.90 -4.95
CA LEU B 890 -50.04 44.15 -3.95
C LEU B 890 -50.49 45.60 -3.93
N ARG B 891 -49.56 46.54 -3.83
CA ARG B 891 -49.93 47.94 -3.69
C ARG B 891 -49.25 48.75 -4.78
N LYS B 892 -50.05 49.51 -5.52
CA LYS B 892 -49.53 50.40 -6.56
C LYS B 892 -50.12 51.80 -6.33
N ASN B 893 -49.49 52.54 -5.43
CA ASN B 893 -49.83 53.91 -5.08
C ASN B 893 -48.75 54.43 -4.15
N GLU B 894 -48.86 55.71 -3.79
CA GLU B 894 -48.14 56.30 -2.66
C GLU B 894 -46.62 56.24 -2.77
N HIS B 895 -46.05 57.07 -3.64
CA HIS B 895 -44.62 57.03 -3.98
C HIS B 895 -43.73 57.72 -2.95
N ARG B 896 -44.12 57.70 -1.67
CA ARG B 896 -43.30 58.31 -0.65
C ARG B 896 -42.02 57.51 -0.53
N TRP B 897 -40.88 58.20 -0.43
CA TRP B 897 -39.60 57.53 -0.34
C TRP B 897 -39.46 56.67 0.92
N GLU B 898 -39.89 57.20 2.05
CA GLU B 898 -39.81 56.48 3.32
C GLU B 898 -40.67 55.21 3.38
N TRP B 899 -41.89 55.32 2.87
CA TRP B 899 -42.82 54.19 2.91
C TRP B 899 -42.36 52.97 2.10
N ILE B 900 -41.85 53.21 0.90
CA ILE B 900 -41.40 52.12 0.04
C ILE B 900 -40.23 51.32 0.60
N PHE B 901 -39.27 52.01 1.19
CA PHE B 901 -38.10 51.35 1.75
C PHE B 901 -38.47 50.43 2.91
N ARG B 902 -39.38 50.89 3.75
CA ARG B 902 -39.82 50.12 4.91
C ARG B 902 -40.48 48.81 4.49
N SER B 903 -41.30 48.86 3.44
CA SER B 903 -41.96 47.66 2.93
C SER B 903 -40.95 46.66 2.40
N VAL B 904 -40.08 47.09 1.50
CA VAL B 904 -39.22 46.15 0.78
C VAL B 904 -38.05 45.71 1.64
N ILE B 905 -37.87 46.30 2.81
CA ILE B 905 -36.97 45.63 3.75
C ILE B 905 -37.73 44.73 4.74
N TYR B 906 -38.67 45.24 5.54
CA TYR B 906 -39.15 44.40 6.63
C TYR B 906 -40.60 43.94 6.49
N GLU B 907 -41.17 43.88 5.29
CA GLU B 907 -42.39 43.10 5.17
C GLU B 907 -42.15 41.58 5.08
N PRO B 908 -41.21 41.04 4.27
CA PRO B 908 -41.11 39.57 4.20
C PRO B 908 -40.61 38.91 5.48
N TYR B 909 -39.73 39.58 6.24
CA TYR B 909 -39.28 39.00 7.50
C TYR B 909 -40.42 38.98 8.52
N LEU B 910 -41.29 39.99 8.52
CA LEU B 910 -42.44 39.94 9.40
C LEU B 910 -43.48 38.95 8.90
N ALA B 911 -43.48 38.65 7.59
CA ALA B 911 -44.41 37.68 7.06
C ALA B 911 -44.00 36.26 7.42
N MET B 912 -42.72 35.94 7.26
CA MET B 912 -42.24 34.61 7.61
C MET B 912 -42.15 34.43 9.12
N PHE B 913 -41.85 35.51 9.85
CA PHE B 913 -41.78 35.44 11.31
C PHE B 913 -43.18 35.39 11.92
N GLY B 914 -44.04 36.35 11.57
CA GLY B 914 -45.39 36.38 12.08
C GLY B 914 -46.40 35.87 11.08
N GLU B 954 -55.30 35.19 -13.46
CA GLU B 954 -55.51 33.99 -12.65
C GLU B 954 -54.66 32.84 -13.17
N TRP B 955 -53.96 33.09 -14.28
CA TRP B 955 -53.07 32.10 -14.90
C TRP B 955 -51.63 32.28 -14.40
N ILE B 956 -51.47 32.90 -13.22
CA ILE B 956 -50.16 33.03 -12.62
C ILE B 956 -49.86 31.92 -11.63
N THR B 957 -50.70 30.87 -11.59
CA THR B 957 -50.50 29.79 -10.63
C THR B 957 -49.29 28.96 -10.98
N ILE B 958 -49.24 28.42 -12.19
CA ILE B 958 -48.14 27.59 -12.66
C ILE B 958 -46.79 28.32 -12.79
N PRO B 959 -46.71 29.58 -13.30
CA PRO B 959 -45.39 30.23 -13.28
C PRO B 959 -44.85 30.53 -11.88
N LEU B 960 -45.70 30.99 -10.96
CA LEU B 960 -45.25 31.18 -9.59
C LEU B 960 -44.88 29.87 -8.93
N VAL B 961 -45.64 28.81 -9.24
CA VAL B 961 -45.38 27.49 -8.69
C VAL B 961 -44.09 26.89 -9.21
N CYS B 962 -43.65 27.26 -10.42
CA CYS B 962 -42.35 26.74 -10.83
C CYS B 962 -41.20 27.67 -10.41
N ILE B 963 -41.48 28.97 -10.23
CA ILE B 963 -40.45 29.89 -9.75
C ILE B 963 -40.08 29.59 -8.31
N TYR B 964 -41.07 29.29 -7.45
CA TYR B 964 -40.76 28.83 -6.09
C TYR B 964 -39.94 27.54 -6.11
N MET B 965 -40.22 26.64 -7.06
CA MET B 965 -39.45 25.40 -7.15
C MET B 965 -38.00 25.66 -7.54
N LEU B 966 -37.79 26.56 -8.50
CA LEU B 966 -36.43 26.93 -8.90
C LEU B 966 -35.66 27.59 -7.76
N SER B 967 -36.34 28.47 -7.02
CA SER B 967 -35.71 29.15 -5.90
C SER B 967 -35.36 28.17 -4.79
N THR B 968 -36.24 27.19 -4.52
CA THR B 968 -35.93 26.19 -3.51
C THR B 968 -34.79 25.29 -3.93
N ASN B 969 -34.64 25.06 -5.23
CA ASN B 969 -33.47 24.32 -5.71
C ASN B 969 -32.18 25.08 -5.45
N ILE B 970 -32.12 26.35 -5.90
CA ILE B 970 -30.87 27.11 -5.79
C ILE B 970 -30.53 27.37 -4.33
N LEU B 971 -31.57 27.49 -3.49
CA LEU B 971 -31.34 27.74 -2.09
C LEU B 971 -30.88 26.48 -1.38
N LEU B 972 -31.48 25.33 -1.68
CA LEU B 972 -31.17 24.09 -0.97
C LEU B 972 -29.80 23.55 -1.33
N VAL B 973 -29.37 23.75 -2.58
CA VAL B 973 -28.09 23.21 -3.03
C VAL B 973 -26.93 23.87 -2.27
N ASN B 974 -27.07 25.15 -1.95
CA ASN B 974 -26.05 25.86 -1.19
C ASN B 974 -25.90 25.29 0.23
N LEU B 975 -27.03 25.02 0.89
CA LEU B 975 -26.96 24.50 2.25
C LEU B 975 -26.45 23.05 2.26
N LEU B 976 -26.81 22.28 1.25
CA LEU B 976 -26.31 20.90 1.19
C LEU B 976 -24.83 20.87 0.82
N VAL B 977 -24.35 21.90 0.13
CA VAL B 977 -22.90 22.08 0.03
C VAL B 977 -22.34 22.48 1.39
N ALA B 978 -23.08 23.30 2.13
CA ALA B 978 -22.57 23.87 3.37
C ALA B 978 -22.46 22.81 4.47
N MET B 979 -23.27 21.76 4.40
CA MET B 979 -23.08 20.63 5.31
C MET B 979 -21.74 19.94 5.04
N PHE B 980 -21.31 19.95 3.79
CA PHE B 980 -20.06 19.34 3.38
C PHE B 980 -19.01 20.41 3.09
N GLY B 981 -17.95 20.00 2.43
CA GLY B 981 -16.91 20.89 1.99
C GLY B 981 -15.61 20.74 2.73
N TYR B 982 -15.67 20.48 4.03
CA TYR B 982 -14.50 20.01 4.76
C TYR B 982 -14.12 18.60 4.32
N THR B 983 -15.11 17.84 3.83
CA THR B 983 -14.89 16.50 3.33
C THR B 983 -14.04 16.49 2.08
N VAL B 984 -14.45 17.23 1.06
CA VAL B 984 -13.77 17.19 -0.22
C VAL B 984 -12.49 18.03 -0.19
N GLY B 985 -12.37 18.91 0.78
CA GLY B 985 -11.18 19.75 0.87
C GLY B 985 -10.00 19.04 1.49
N ASN B 990 -3.71 12.68 7.43
CA ASN B 990 -3.05 13.97 7.38
C ASN B 990 -3.96 15.05 7.92
N ASN B 991 -5.11 14.64 8.47
CA ASN B 991 -5.91 15.57 9.26
C ASN B 991 -5.27 15.80 10.62
N ASP B 992 -4.39 14.88 11.03
CA ASP B 992 -3.74 14.94 12.34
C ASP B 992 -2.86 16.18 12.48
N GLN B 993 -1.99 16.41 11.48
CA GLN B 993 -1.05 17.53 11.55
C GLN B 993 -1.77 18.87 11.45
N VAL B 994 -2.77 18.94 10.57
CA VAL B 994 -3.55 20.18 10.39
C VAL B 994 -4.32 20.50 11.66
N TRP B 995 -4.89 19.47 12.30
CA TRP B 995 -5.58 19.68 13.55
C TRP B 995 -4.64 20.17 14.65
N LYS B 996 -3.50 19.51 14.82
CA LYS B 996 -2.57 19.89 15.89
C LYS B 996 -2.04 21.30 15.68
N PHE B 997 -1.82 21.69 14.43
CA PHE B 997 -1.38 23.05 14.15
C PHE B 997 -2.45 24.07 14.50
N GLN B 998 -3.71 23.79 14.16
CA GLN B 998 -4.76 24.76 14.44
C GLN B 998 -5.00 24.91 15.95
N ARG B 999 -4.93 23.79 16.68
CA ARG B 999 -5.08 23.83 18.14
C ARG B 999 -3.93 24.59 18.77
N PHE B 1000 -2.70 24.37 18.28
CA PHE B 1000 -1.54 25.08 18.77
C PHE B 1000 -1.66 26.57 18.54
N PHE B 1001 -2.14 26.95 17.36
CA PHE B 1001 -2.26 28.37 17.05
C PHE B 1001 -3.30 29.05 17.92
N LEU B 1002 -4.41 28.36 18.22
CA LEU B 1002 -5.42 28.96 19.09
C LEU B 1002 -4.93 29.09 20.52
N VAL B 1003 -4.23 28.07 21.04
CA VAL B 1003 -3.72 28.14 22.41
C VAL B 1003 -2.68 29.24 22.54
N GLN B 1004 -1.75 29.32 21.59
CA GLN B 1004 -0.70 30.32 21.67
C GLN B 1004 -1.25 31.73 21.45
N GLU B 1005 -2.31 31.85 20.66
CA GLU B 1005 -2.96 33.16 20.54
C GLU B 1005 -3.64 33.56 21.83
N TYR B 1006 -4.22 32.60 22.55
CA TYR B 1006 -4.88 32.98 23.80
C TYR B 1006 -3.88 33.26 24.92
N CYS B 1007 -2.70 32.64 24.85
CA CYS B 1007 -1.70 32.81 25.91
C CYS B 1007 -1.16 34.22 25.98
N SER B 1008 -1.22 34.96 24.88
CA SER B 1008 -0.53 36.24 24.82
C SER B 1008 -1.35 37.41 25.37
N ARG B 1009 -2.55 37.16 25.89
CA ARG B 1009 -3.27 38.22 26.57
C ARG B 1009 -2.73 38.47 27.97
N LEU B 1010 -3.41 39.33 28.71
CA LEU B 1010 -3.04 39.64 30.09
C LEU B 1010 -3.26 38.45 31.00
N THR B 1011 -2.66 38.50 32.19
CA THR B 1011 -2.65 37.32 33.06
C THR B 1011 -3.62 37.50 34.22
N ILE B 1012 -3.87 38.74 34.62
CA ILE B 1012 -4.78 39.09 35.71
C ILE B 1012 -6.21 38.65 35.39
N PRO B 1013 -6.92 38.05 36.34
CA PRO B 1013 -8.34 37.73 36.13
C PRO B 1013 -9.19 38.97 35.89
N PHE B 1014 -10.37 38.74 35.30
CA PHE B 1014 -11.22 39.77 34.68
C PHE B 1014 -11.50 41.03 35.52
N PRO B 1015 -12.10 40.96 36.72
CA PRO B 1015 -12.56 42.22 37.36
C PRO B 1015 -11.44 43.10 37.85
N PHE B 1016 -10.21 42.61 37.81
CA PHE B 1016 -9.04 43.31 38.30
C PHE B 1016 -8.13 43.75 37.17
N VAL B 1017 -8.49 43.44 35.90
CA VAL B 1017 -7.60 43.62 34.76
C VAL B 1017 -7.17 45.08 34.60
N ILE B 1018 -8.10 46.01 34.85
CA ILE B 1018 -7.82 47.43 34.66
C ILE B 1018 -6.74 47.93 35.60
N PHE B 1019 -6.58 47.26 36.76
CA PHE B 1019 -5.47 47.59 37.66
C PHE B 1019 -4.13 47.45 36.97
N ALA B 1020 -3.94 46.35 36.24
CA ALA B 1020 -2.73 46.19 35.44
C ALA B 1020 -2.65 47.26 34.37
N TYR B 1021 -3.79 47.61 33.77
CA TYR B 1021 -3.83 48.69 32.78
C TYR B 1021 -3.48 50.01 33.44
N ILE B 1022 -3.90 50.19 34.69
CA ILE B 1022 -3.62 51.42 35.43
C ILE B 1022 -2.13 51.54 35.69
N PHE B 1023 -1.41 50.42 35.68
CA PHE B 1023 0.04 50.50 35.80
C PHE B 1023 0.70 50.51 34.43
N MET B 1024 0.05 49.88 33.43
CA MET B 1024 0.73 49.59 32.17
C MET B 1024 1.02 50.86 31.38
N VAL B 1025 0.00 51.70 31.22
CA VAL B 1025 0.20 53.02 30.62
C VAL B 1025 1.02 53.89 31.57
N MET B 1026 0.93 53.63 32.88
CA MET B 1026 1.81 54.29 33.82
C MET B 1026 3.25 53.83 33.65
N ARG B 1027 3.43 52.60 33.18
CA ARG B 1027 4.78 52.12 32.88
C ARG B 1027 5.27 52.70 31.56
N LYS B 1028 4.38 52.83 30.59
CA LYS B 1028 4.74 53.41 29.30
C LYS B 1028 4.45 54.90 29.28
N GLU B 1040 22.30 49.92 24.79
CA GLU B 1040 23.16 48.84 24.31
C GLU B 1040 22.36 47.58 24.05
N PRO B 1041 22.14 47.26 22.77
CA PRO B 1041 21.36 46.06 22.43
C PRO B 1041 22.17 44.79 22.66
N SER B 1042 21.48 43.74 23.11
CA SER B 1042 22.10 42.44 23.27
C SER B 1042 22.40 41.83 21.90
N VAL B 1043 23.38 40.94 21.87
CA VAL B 1043 23.84 40.38 20.62
C VAL B 1043 23.54 38.88 20.58
N CYS B 1044 23.80 38.25 19.43
CA CYS B 1044 23.37 36.88 19.22
C CYS B 1044 24.27 35.87 19.92
N CYS B 1045 25.56 35.85 19.59
CA CYS B 1045 26.43 34.75 20.00
C CYS B 1045 27.65 35.19 20.81
N SER B 1046 27.52 36.20 21.67
CA SER B 1046 28.65 36.57 22.52
C SER B 1046 28.49 36.18 23.97
N ARG B 1047 27.28 35.88 24.43
CA ARG B 1047 27.08 35.46 25.81
C ARG B 1047 27.61 34.04 25.99
N ASN B 1048 27.88 33.67 27.25
CA ASN B 1048 28.57 32.41 27.49
C ASN B 1048 27.62 31.22 27.41
N GLU B 1049 26.42 31.34 27.99
CA GLU B 1049 25.47 30.23 27.95
C GLU B 1049 24.94 30.01 26.54
N ASP B 1050 24.94 31.05 25.71
CA ASP B 1050 24.60 30.89 24.31
C ASP B 1050 25.66 30.05 23.60
N ASN B 1051 26.93 30.22 23.99
CA ASN B 1051 27.97 29.34 23.48
C ASN B 1051 27.84 27.94 24.06
N GLU B 1052 27.26 27.82 25.25
CA GLU B 1052 27.10 26.50 25.86
C GLU B 1052 26.02 25.68 25.16
N ILE B 1053 24.94 26.34 24.73
CA ILE B 1053 23.84 25.61 24.10
C ILE B 1053 24.22 25.15 22.69
N LEU B 1054 24.89 26.01 21.93
CA LEU B 1054 25.06 25.75 20.51
C LEU B 1054 26.04 24.62 20.24
N ALA B 1055 27.03 24.44 21.11
CA ALA B 1055 27.95 23.33 20.95
C ALA B 1055 27.24 22.00 21.22
N TRP B 1056 26.31 22.01 22.17
CA TRP B 1056 25.48 20.84 22.42
C TRP B 1056 24.61 20.52 21.21
N GLU B 1057 24.07 21.56 20.57
CA GLU B 1057 23.31 21.36 19.34
C GLU B 1057 24.18 20.80 18.23
N ALA B 1058 25.44 21.22 18.18
CA ALA B 1058 26.36 20.69 17.17
C ALA B 1058 26.65 19.22 17.38
N VAL B 1059 26.83 18.82 18.64
CA VAL B 1059 27.05 17.41 18.96
C VAL B 1059 25.82 16.57 18.59
N MET B 1060 24.63 17.11 18.87
CA MET B 1060 23.41 16.41 18.49
C MET B 1060 23.24 16.34 16.98
N LYS B 1061 23.73 17.36 16.26
CA LYS B 1061 23.69 17.30 14.80
C LYS B 1061 24.59 16.20 14.27
N GLU B 1062 25.76 16.02 14.86
CA GLU B 1062 26.63 14.95 14.40
C GLU B 1062 26.04 13.58 14.70
N ASN B 1063 25.36 13.45 15.86
CA ASN B 1063 24.70 12.19 16.16
C ASN B 1063 23.49 11.94 15.27
N TYR B 1064 22.89 13.01 14.74
CA TYR B 1064 21.88 12.85 13.70
C TYR B 1064 22.50 12.37 12.40
N LEU B 1065 23.63 12.97 12.01
CA LEU B 1065 24.23 12.67 10.71
C LEU B 1065 24.74 11.25 10.64
N VAL B 1066 25.22 10.71 11.76
CA VAL B 1066 25.65 9.31 11.76
C VAL B 1066 24.46 8.39 11.55
N LYS B 1067 23.33 8.69 12.20
CA LYS B 1067 22.14 7.85 12.05
C LYS B 1067 21.53 7.98 10.67
N ILE B 1068 21.74 9.11 9.99
CA ILE B 1068 21.16 9.24 8.66
C ILE B 1068 22.14 8.75 7.58
N ASN B 1069 23.42 8.59 7.95
CA ASN B 1069 24.36 8.06 6.97
C ASN B 1069 24.60 6.56 7.13
N THR B 1070 24.11 5.94 8.20
CA THR B 1070 24.13 4.48 8.28
C THR B 1070 23.13 3.84 7.33
N LYS B 1071 22.18 4.64 6.79
CA LYS B 1071 21.11 4.10 5.96
C LYS B 1071 21.64 3.52 4.65
N ALA B 1072 22.73 4.09 4.12
CA ALA B 1072 23.31 3.59 2.89
C ALA B 1072 24.09 2.31 3.15
N UNK B 1079 23.27 -2.88 -1.93
CA UNK B 1079 23.15 -4.32 -2.08
C UNK B 1079 23.51 -4.77 -3.50
N UNK B 1080 23.04 -4.00 -4.48
CA UNK B 1080 23.38 -4.25 -5.88
C UNK B 1080 24.85 -3.93 -6.10
N UNK B 1081 25.31 -2.87 -5.44
CA UNK B 1081 26.72 -2.50 -5.48
C UNK B 1081 27.54 -3.53 -4.70
N UNK B 1082 26.95 -4.08 -3.64
CA UNK B 1082 27.60 -5.12 -2.86
C UNK B 1082 27.75 -6.41 -3.66
N UNK B 1083 26.70 -6.76 -4.40
CA UNK B 1083 26.71 -7.93 -5.27
C UNK B 1083 27.70 -7.72 -6.43
N UNK B 1084 27.78 -6.49 -6.92
CA UNK B 1084 28.73 -6.14 -7.96
C UNK B 1084 30.17 -6.22 -7.46
N UNK B 1085 30.37 -5.83 -6.20
CA UNK B 1085 31.69 -5.91 -5.56
C UNK B 1085 32.09 -7.36 -5.34
N UNK B 1086 31.10 -8.19 -4.99
CA UNK B 1086 31.31 -9.62 -4.84
C UNK B 1086 31.68 -10.24 -6.18
N UNK B 1087 31.00 -9.80 -7.24
CA UNK B 1087 31.28 -10.24 -8.59
C UNK B 1087 32.69 -9.84 -9.05
N UNK B 1088 33.10 -8.62 -8.70
CA UNK B 1088 34.43 -8.12 -9.02
C UNK B 1088 35.53 -8.88 -8.27
N UNK B 1089 35.30 -9.16 -6.99
CA UNK B 1089 36.25 -9.93 -6.18
C UNK B 1089 36.34 -11.37 -6.68
N UNK B 1090 35.21 -11.94 -7.09
CA UNK B 1090 35.17 -13.28 -7.65
C UNK B 1090 35.89 -13.32 -8.98
N UNK B 1091 35.76 -12.25 -9.77
CA UNK B 1091 36.46 -12.12 -11.04
C UNK B 1091 37.97 -11.99 -10.81
N UNK B 1092 38.35 -11.29 -9.75
CA UNK B 1092 39.76 -11.17 -9.35
C UNK B 1092 40.34 -12.52 -8.96
N UNK B 1093 39.58 -13.29 -8.18
CA UNK B 1093 40.00 -14.63 -7.76
C UNK B 1093 40.09 -15.60 -8.94
N UNK B 1094 39.14 -15.50 -9.87
CA UNK B 1094 39.15 -16.31 -11.07
C UNK B 1094 40.31 -15.93 -11.98
N UNK B 1095 40.66 -14.64 -11.99
CA UNK B 1095 41.80 -14.14 -12.74
C UNK B 1095 43.11 -14.68 -12.14
N UNK B 1096 43.17 -14.73 -10.82
CA UNK B 1096 44.33 -15.30 -10.11
C UNK B 1096 44.48 -16.79 -10.39
N UNK B 1097 43.36 -17.50 -10.36
CA UNK B 1097 43.33 -18.94 -10.66
C UNK B 1097 43.71 -19.23 -12.11
N UNK B 1098 43.28 -18.37 -13.03
CA UNK B 1098 43.62 -18.52 -14.44
C UNK B 1098 45.09 -18.19 -14.71
N UNK B 1099 45.62 -17.19 -14.02
CA UNK B 1099 47.01 -16.79 -14.20
C UNK B 1099 47.96 -17.79 -13.55
N UNK B 1100 47.51 -18.47 -12.50
CA UNK B 1100 48.33 -19.47 -11.85
C UNK B 1100 48.13 -20.86 -12.46
N UNK B 1101 47.04 -21.04 -13.18
CA UNK B 1101 46.70 -22.34 -13.77
C UNK B 1101 47.20 -22.48 -15.21
N UNK B 1102 47.55 -21.36 -15.83
CA UNK B 1102 48.06 -21.38 -17.20
C UNK B 1102 49.53 -21.77 -17.22
N UNK C 97 -10.14 -51.73 -29.40
CA UNK C 97 -9.74 -52.40 -30.63
C UNK C 97 -10.94 -52.64 -31.54
N UNK C 98 -11.68 -51.58 -31.83
CA UNK C 98 -12.88 -51.68 -32.65
C UNK C 98 -12.55 -51.79 -34.13
N UNK C 99 -13.58 -52.10 -34.91
CA UNK C 99 -13.44 -52.21 -36.36
C UNK C 99 -14.20 -51.06 -37.03
N UNK C 100 -13.58 -50.46 -38.04
CA UNK C 100 -14.16 -49.30 -38.70
C UNK C 100 -15.32 -49.69 -39.61
N UNK C 101 -16.08 -48.68 -40.04
CA UNK C 101 -17.25 -48.88 -40.89
C UNK C 101 -17.60 -47.60 -41.63
N UNK C 102 -17.42 -47.58 -42.94
CA UNK C 102 -17.74 -46.38 -43.71
C UNK C 102 -18.11 -46.71 -45.16
N UNK C 103 -18.33 -45.66 -45.95
CA UNK C 103 -18.80 -45.79 -47.32
C UNK C 103 -17.73 -46.35 -48.27
N UNK C 104 -18.14 -47.30 -49.11
CA UNK C 104 -17.30 -47.99 -50.09
C UNK C 104 -16.05 -48.63 -49.46
N UNK C 105 -16.21 -49.15 -48.25
CA UNK C 105 -15.06 -49.60 -47.47
C UNK C 105 -15.25 -50.98 -46.86
N UNK C 106 -14.55 -51.96 -47.40
CA UNK C 106 -14.50 -53.28 -46.80
C UNK C 106 -13.58 -53.23 -45.59
N UNK C 107 -14.02 -53.79 -44.46
CA UNK C 107 -13.23 -53.75 -43.24
C UNK C 107 -12.38 -55.01 -43.09
N UNK C 108 -11.47 -54.98 -42.13
CA UNK C 108 -10.61 -56.11 -41.83
C UNK C 108 -10.16 -56.02 -40.39
N UNK C 109 -9.76 -57.15 -39.81
CA UNK C 109 -9.38 -57.19 -38.41
C UNK C 109 -7.98 -56.63 -38.20
N UNK C 110 -7.60 -56.47 -36.93
CA UNK C 110 -6.27 -56.01 -36.57
C UNK C 110 -5.28 -57.16 -36.62
N UNK C 111 -15.05 -44.65 -35.56
CA UNK C 111 -14.28 -43.89 -36.54
C UNK C 111 -14.60 -44.34 -37.96
N UNK C 112 -15.51 -43.63 -38.62
CA UNK C 112 -15.87 -43.93 -39.99
C UNK C 112 -14.75 -43.56 -40.94
N UNK C 113 -14.02 -44.57 -41.40
CA UNK C 113 -12.85 -44.36 -42.24
C UNK C 113 -13.11 -44.78 -43.68
N UNK C 114 -13.19 -43.80 -44.58
CA UNK C 114 -13.47 -44.08 -45.99
C UNK C 114 -12.25 -44.64 -46.72
N UNK C 115 -11.98 -45.92 -46.53
CA UNK C 115 -10.80 -46.56 -47.09
C UNK C 115 -10.95 -46.85 -48.58
N UNK C 116 -9.95 -47.49 -49.15
CA UNK C 116 -9.98 -47.85 -50.57
C UNK C 116 -9.19 -49.13 -50.82
N UNK C 117 -9.19 -50.01 -49.82
CA UNK C 117 -8.48 -51.28 -49.91
C UNK C 117 -9.14 -52.23 -50.91
N LYS C 118 -10.77 -39.09 -43.53
CA LYS C 118 -10.05 -40.21 -42.93
C LYS C 118 -9.78 -41.29 -43.97
N TYR C 119 -9.36 -40.85 -45.15
CA TYR C 119 -9.16 -41.78 -46.27
C TYR C 119 -7.94 -42.66 -46.02
N ILE C 120 -8.09 -43.94 -46.32
CA ILE C 120 -7.04 -44.93 -46.12
C ILE C 120 -6.76 -45.59 -47.47
N ARG C 121 -5.49 -45.60 -47.87
CA ARG C 121 -5.07 -46.30 -49.07
C ARG C 121 -3.97 -47.29 -48.70
N LEU C 122 -4.20 -48.57 -49.02
CA LEU C 122 -3.14 -49.56 -48.92
C LEU C 122 -2.36 -49.56 -50.23
N SER C 123 -1.04 -49.69 -50.15
CA SER C 123 -0.22 -49.47 -51.32
C SER C 123 0.97 -50.42 -51.33
N CYS C 124 1.39 -50.79 -52.54
CA CYS C 124 2.65 -51.47 -52.72
C CYS C 124 3.79 -50.46 -52.80
N ASP C 125 5.00 -50.92 -52.50
CA ASP C 125 6.16 -50.04 -52.39
C ASP C 125 6.66 -49.67 -53.79
N THR C 126 6.03 -48.64 -54.37
CA THR C 126 6.41 -48.13 -55.69
C THR C 126 5.87 -46.71 -55.84
N ASP C 127 6.48 -45.98 -56.79
CA ASP C 127 5.94 -44.74 -57.38
C ASP C 127 5.72 -43.63 -56.34
N SER C 128 6.84 -43.14 -55.78
CA SER C 128 6.76 -42.07 -54.78
C SER C 128 6.28 -40.76 -55.39
N GLU C 129 6.73 -40.46 -56.61
CA GLU C 129 6.34 -39.21 -57.26
C GLU C 129 4.86 -39.24 -57.63
N THR C 130 4.37 -40.38 -58.11
CA THR C 130 2.94 -40.52 -58.38
C THR C 130 2.14 -40.48 -57.09
N LEU C 131 2.73 -40.96 -55.99
CA LEU C 131 2.07 -40.92 -54.69
C LEU C 131 1.88 -39.50 -54.19
N TYR C 132 2.95 -38.69 -54.28
CA TYR C 132 2.82 -37.29 -53.89
C TYR C 132 1.93 -36.52 -54.83
N ASP C 133 1.95 -36.88 -56.13
CA ASP C 133 1.04 -36.26 -57.08
C ASP C 133 -0.42 -36.57 -56.76
N LEU C 134 -0.68 -37.80 -56.30
CA LEU C 134 -2.03 -38.16 -55.87
C LEU C 134 -2.44 -37.41 -54.62
N MET C 135 -1.52 -37.27 -53.65
CA MET C 135 -1.86 -36.59 -52.41
C MET C 135 -2.04 -35.08 -52.63
N THR C 136 -1.40 -34.54 -53.67
CA THR C 136 -1.64 -33.13 -54.00
C THR C 136 -2.92 -32.95 -54.79
N GLN C 137 -3.14 -33.81 -55.79
CA GLN C 137 -4.27 -33.59 -56.70
C GLN C 137 -5.59 -33.95 -56.04
N HIS C 138 -5.61 -34.98 -55.19
CA HIS C 138 -6.88 -35.46 -54.66
C HIS C 138 -7.28 -34.71 -53.40
N TRP C 139 -6.40 -34.65 -52.40
CA TRP C 139 -6.84 -34.09 -51.12
C TRP C 139 -6.16 -32.78 -50.73
N HIS C 140 -4.83 -32.77 -50.64
CA HIS C 140 -4.12 -31.76 -49.85
C HIS C 140 -3.42 -30.74 -50.72
N LEU C 141 -3.28 -29.53 -50.18
CA LEU C 141 -2.57 -28.45 -50.86
C LEU C 141 -1.07 -28.57 -50.62
N LYS C 142 -0.30 -27.79 -51.38
CA LYS C 142 1.15 -27.79 -51.23
C LYS C 142 1.55 -27.13 -49.92
N THR C 143 2.46 -27.77 -49.19
CA THR C 143 2.66 -27.32 -47.83
C THR C 143 4.09 -26.86 -47.59
N PRO C 144 4.27 -25.74 -46.89
CA PRO C 144 5.62 -25.14 -46.81
C PRO C 144 6.54 -25.87 -45.86
N ASN C 145 6.01 -26.68 -44.95
CA ASN C 145 6.83 -27.31 -43.93
C ASN C 145 6.38 -28.75 -43.76
N LEU C 146 7.28 -29.59 -43.25
CA LEU C 146 6.93 -30.96 -42.89
C LEU C 146 7.87 -31.45 -41.79
N VAL C 147 7.30 -32.02 -40.74
CA VAL C 147 8.03 -32.50 -39.58
C VAL C 147 7.88 -34.02 -39.51
N ILE C 148 9.00 -34.73 -39.61
CA ILE C 148 9.03 -36.18 -39.39
C ILE C 148 9.54 -36.44 -37.98
N SER C 149 8.75 -37.18 -37.20
CA SER C 149 9.11 -37.56 -35.85
C SER C 149 9.05 -39.07 -35.71
N VAL C 150 10.04 -39.63 -35.04
CA VAL C 150 10.06 -41.06 -34.77
C VAL C 150 10.00 -41.30 -33.27
N LYS C 155 7.20 -50.43 -27.84
CA LYS C 155 7.71 -49.07 -27.92
C LYS C 155 6.96 -48.14 -26.98
N ASN C 156 6.53 -48.67 -25.85
CA ASN C 156 5.77 -47.87 -24.88
C ASN C 156 6.72 -46.96 -24.09
N PHE C 157 6.20 -45.81 -23.69
CA PHE C 157 6.97 -44.83 -22.93
C PHE C 157 6.04 -44.12 -21.95
N ALA C 158 6.64 -43.29 -21.11
CA ALA C 158 5.92 -42.54 -20.09
C ALA C 158 6.10 -41.05 -20.35
N LEU C 159 5.05 -40.27 -20.11
CA LEU C 159 5.12 -38.83 -20.31
C LEU C 159 5.77 -38.15 -19.12
N LYS C 160 6.54 -37.11 -19.40
CA LYS C 160 7.08 -36.25 -18.37
C LYS C 160 6.17 -35.02 -18.26
N PRO C 161 6.21 -34.25 -17.18
CA PRO C 161 5.40 -33.01 -17.17
C PRO C 161 5.96 -31.90 -18.05
N ARG C 162 7.21 -32.01 -18.50
CA ARG C 162 7.78 -31.00 -19.40
C ARG C 162 7.53 -31.35 -20.87
N MET C 163 7.70 -32.62 -21.22
CA MET C 163 7.60 -33.13 -22.59
C MET C 163 6.23 -32.86 -23.23
N ARG C 164 5.19 -32.87 -22.39
CA ARG C 164 3.84 -32.55 -22.85
C ARG C 164 3.76 -31.12 -23.38
N LYS C 165 4.37 -30.18 -22.66
CA LYS C 165 4.45 -28.79 -23.12
C LYS C 165 5.25 -28.68 -24.41
N ILE C 166 6.31 -29.49 -24.55
CA ILE C 166 7.15 -29.45 -25.74
C ILE C 166 6.38 -29.92 -26.97
N PHE C 167 5.63 -31.01 -26.83
CA PHE C 167 4.93 -31.55 -27.99
C PHE C 167 3.69 -30.74 -28.32
N SER C 168 3.04 -30.14 -27.31
CA SER C 168 1.96 -29.21 -27.58
C SER C 168 2.49 -27.96 -28.28
N ARG C 169 3.68 -27.50 -27.90
CA ARG C 169 4.33 -26.39 -28.58
C ARG C 169 4.64 -26.74 -30.03
N LEU C 170 5.10 -27.97 -30.27
CA LEU C 170 5.44 -28.40 -31.62
C LEU C 170 4.21 -28.45 -32.51
N ILE C 171 3.11 -28.99 -32.00
CA ILE C 171 1.89 -29.06 -32.82
C ILE C 171 1.29 -27.66 -33.00
N TYR C 172 1.49 -26.78 -32.03
CA TYR C 172 1.05 -25.39 -32.19
C TYR C 172 1.81 -24.68 -33.30
N ILE C 173 3.13 -24.90 -33.36
CA ILE C 173 3.94 -24.35 -34.45
C ILE C 173 3.52 -24.95 -35.79
N ALA C 174 3.21 -26.25 -35.80
CA ALA C 174 2.82 -26.92 -37.03
C ALA C 174 1.48 -26.42 -37.54
N GLN C 175 0.59 -26.00 -36.65
CA GLN C 175 -0.67 -25.41 -37.10
C GLN C 175 -0.47 -23.97 -37.53
N SER C 176 0.43 -23.24 -36.86
CA SER C 176 0.63 -21.83 -37.18
C SER C 176 1.29 -21.65 -38.55
N LYS C 177 2.33 -22.42 -38.84
CA LYS C 177 2.96 -22.29 -40.15
C LYS C 177 2.18 -23.02 -41.22
N GLY C 178 1.62 -24.18 -40.89
CA GLY C 178 0.96 -25.03 -41.88
C GLY C 178 1.95 -26.08 -42.33
N ALA C 179 1.80 -27.30 -41.83
CA ALA C 179 2.84 -28.31 -42.02
C ALA C 179 2.25 -29.71 -42.08
N TRP C 180 3.13 -30.68 -42.28
CA TRP C 180 2.79 -32.09 -42.28
C TRP C 180 3.55 -32.81 -41.17
N ILE C 181 2.85 -33.66 -40.44
CA ILE C 181 3.46 -34.50 -39.42
C ILE C 181 3.47 -35.93 -39.95
N PHE C 182 4.65 -36.53 -39.99
CA PHE C 182 4.80 -37.94 -40.33
C PHE C 182 5.20 -38.71 -39.08
N THR C 183 4.36 -39.64 -38.67
CA THR C 183 4.56 -40.34 -37.41
C THR C 183 4.54 -41.84 -37.66
N GLY C 184 4.76 -42.59 -36.59
CA GLY C 184 4.86 -44.04 -36.72
C GLY C 184 3.53 -44.71 -37.01
N GLY C 185 2.43 -44.07 -36.63
CA GLY C 185 1.12 -44.67 -36.82
C GLY C 185 0.86 -45.83 -35.89
N THR C 186 1.45 -45.81 -34.70
CA THR C 186 1.44 -46.93 -33.77
C THR C 186 0.07 -47.09 -33.15
N HIS C 187 -0.12 -48.19 -32.41
CA HIS C 187 -1.35 -48.47 -31.68
C HIS C 187 -1.56 -47.36 -30.66
N TYR C 188 -0.74 -47.27 -29.62
CA TYR C 188 -0.84 -46.24 -28.60
C TYR C 188 0.54 -46.04 -27.98
N GLY C 189 0.81 -44.82 -27.55
CA GLY C 189 2.09 -44.47 -26.96
C GLY C 189 2.32 -42.99 -27.10
N LEU C 190 3.49 -42.62 -27.63
CA LEU C 190 3.78 -41.22 -27.85
C LEU C 190 2.98 -40.67 -29.02
N MET C 191 2.80 -41.49 -30.06
CA MET C 191 2.03 -41.08 -31.23
C MET C 191 0.56 -40.91 -30.88
N LYS C 192 0.08 -41.67 -29.91
CA LYS C 192 -1.26 -41.50 -29.37
C LYS C 192 -1.43 -40.13 -28.72
N TYR C 193 -0.41 -39.70 -27.98
CA TYR C 193 -0.47 -38.40 -27.33
C TYR C 193 -0.41 -37.28 -28.35
N ILE C 194 0.39 -37.45 -29.40
CA ILE C 194 0.44 -36.48 -30.49
C ILE C 194 -0.92 -36.39 -31.19
N GLY C 195 -1.55 -37.53 -31.44
CA GLY C 195 -2.89 -37.51 -32.04
C GLY C 195 -3.94 -36.88 -31.14
N GLU C 196 -3.79 -37.05 -29.83
CA GLU C 196 -4.70 -36.43 -28.88
C GLU C 196 -4.54 -34.91 -28.88
N VAL C 197 -3.31 -34.42 -28.90
CA VAL C 197 -3.08 -32.97 -28.90
C VAL C 197 -3.50 -32.38 -30.24
N VAL C 198 -3.37 -33.16 -31.32
CA VAL C 198 -3.90 -32.75 -32.63
C VAL C 198 -5.40 -32.57 -32.59
N ARG C 199 -6.12 -33.54 -32.01
CA ARG C 199 -7.57 -33.44 -31.89
C ARG C 199 -7.98 -32.26 -31.03
N ASP C 200 -7.21 -32.02 -29.95
CA ASP C 200 -7.48 -30.90 -29.07
C ASP C 200 -7.29 -29.56 -29.77
N ASN C 201 -6.24 -29.43 -30.58
CA ASN C 201 -6.01 -28.16 -31.25
C ASN C 201 -6.93 -27.97 -32.45
N THR C 202 -7.46 -29.06 -33.00
CA THR C 202 -8.49 -28.90 -34.02
C THR C 202 -9.79 -28.43 -33.42
N ILE C 203 -10.17 -28.94 -32.25
CA ILE C 203 -11.42 -28.46 -31.65
C ILE C 203 -11.21 -27.12 -30.95
N SER C 204 -9.94 -26.73 -30.74
CA SER C 204 -9.66 -25.44 -30.14
C SER C 204 -9.83 -24.29 -31.13
N ARG C 205 -9.07 -24.32 -32.23
CA ARG C 205 -9.00 -23.23 -33.20
C ARG C 205 -9.76 -23.60 -34.46
N SER C 206 -10.09 -22.59 -35.28
CA SER C 206 -10.74 -22.80 -36.56
C SER C 206 -9.72 -22.67 -37.69
N SER C 207 -8.95 -23.74 -37.88
CA SER C 207 -7.98 -23.82 -38.97
C SER C 207 -7.91 -25.26 -39.43
N GLU C 208 -7.15 -25.49 -40.50
CA GLU C 208 -7.03 -26.81 -41.11
C GLU C 208 -5.58 -27.23 -41.10
N GLU C 209 -5.30 -28.35 -40.44
CA GLU C 209 -3.98 -28.95 -40.43
C GLU C 209 -4.11 -30.45 -40.33
N ASN C 210 -3.10 -31.17 -40.82
CA ASN C 210 -3.22 -32.60 -41.06
C ASN C 210 -1.96 -33.33 -40.60
N VAL C 211 -2.08 -34.65 -40.48
CA VAL C 211 -1.00 -35.53 -40.05
C VAL C 211 -1.11 -36.84 -40.82
N VAL C 212 -0.05 -37.21 -41.51
CA VAL C 212 -0.03 -38.47 -42.25
C VAL C 212 0.75 -39.49 -41.45
N ALA C 213 0.08 -40.53 -40.97
CA ALA C 213 0.69 -41.52 -40.10
C ALA C 213 0.88 -42.83 -40.84
N ILE C 214 2.06 -43.00 -41.43
CA ILE C 214 2.38 -44.21 -42.18
C ILE C 214 2.65 -45.37 -41.25
N ARG C 249 -3.32 -54.93 -46.38
CA ARG C 249 -2.28 -55.93 -46.60
C ARG C 249 -1.23 -55.89 -45.50
N ASP C 250 -1.01 -54.71 -44.92
CA ASP C 250 -0.09 -54.61 -43.80
C ASP C 250 -0.70 -55.27 -42.57
N PRO C 251 0.01 -56.16 -41.90
CA PRO C 251 -0.52 -56.77 -40.68
C PRO C 251 -0.51 -55.80 -39.50
N LEU C 252 -1.48 -54.89 -39.48
CA LEU C 252 -1.49 -53.83 -38.48
C LEU C 252 -2.09 -54.32 -37.18
N TYR C 253 -1.79 -53.60 -36.10
CA TYR C 253 -2.38 -53.82 -34.79
C TYR C 253 -3.66 -53.00 -34.69
N CYS C 254 -4.17 -52.78 -33.47
CA CYS C 254 -5.20 -51.78 -33.27
C CYS C 254 -4.64 -50.40 -33.57
N LEU C 255 -5.52 -49.46 -33.92
CA LEU C 255 -5.10 -48.16 -34.41
C LEU C 255 -5.50 -47.07 -33.43
N ASP C 256 -4.74 -45.99 -33.40
CA ASP C 256 -5.16 -44.76 -32.77
C ASP C 256 -6.02 -44.01 -33.78
N ASN C 257 -7.32 -43.98 -33.55
CA ASN C 257 -8.27 -43.48 -34.54
C ASN C 257 -8.47 -41.98 -34.38
N ASN C 258 -7.41 -41.23 -34.62
CA ASN C 258 -7.43 -39.79 -34.46
C ASN C 258 -6.76 -39.04 -35.61
N HIS C 259 -5.97 -39.71 -36.42
CA HIS C 259 -5.24 -39.07 -37.51
C HIS C 259 -6.19 -38.75 -38.66
N THR C 260 -5.69 -37.92 -39.58
CA THR C 260 -6.46 -37.50 -40.75
C THR C 260 -6.20 -38.39 -41.96
N HIS C 261 -4.97 -38.84 -42.15
CA HIS C 261 -4.64 -39.76 -43.24
C HIS C 261 -3.65 -40.77 -42.70
N LEU C 262 -3.83 -42.04 -43.04
CA LEU C 262 -2.91 -43.09 -42.62
C LEU C 262 -2.78 -44.10 -43.76
N LEU C 263 -1.55 -44.39 -44.15
CA LEU C 263 -1.25 -45.21 -45.33
C LEU C 263 -0.28 -46.30 -44.89
N LEU C 264 -0.70 -47.55 -45.03
CA LEU C 264 0.12 -48.70 -44.66
C LEU C 264 0.37 -49.58 -45.87
N VAL C 265 1.50 -50.28 -45.87
CA VAL C 265 1.90 -51.12 -46.99
C VAL C 265 1.76 -52.60 -46.63
N ILE C 275 9.02 -55.41 -41.39
CA ILE C 275 8.82 -54.11 -40.76
C ILE C 275 9.87 -53.14 -41.26
N GLU C 276 9.94 -52.97 -42.57
CA GLU C 276 10.86 -52.05 -43.21
C GLU C 276 10.10 -50.81 -43.67
N ALA C 277 10.64 -49.63 -43.37
CA ALA C 277 9.98 -48.39 -43.77
C ALA C 277 9.93 -48.25 -45.29
N LYS C 278 11.08 -48.04 -45.92
CA LYS C 278 11.34 -48.26 -47.35
C LYS C 278 10.53 -47.40 -48.33
N VAL C 279 9.58 -46.61 -47.85
CA VAL C 279 8.90 -45.59 -48.63
C VAL C 279 8.87 -44.27 -47.90
N ARG C 280 9.04 -44.33 -46.57
CA ARG C 280 9.10 -43.19 -45.67
C ARG C 280 10.26 -42.30 -46.06
N THR C 281 11.46 -42.88 -46.00
CA THR C 281 12.69 -42.24 -46.42
C THR C 281 12.67 -41.88 -47.91
N GLN C 282 12.02 -42.72 -48.72
CA GLN C 282 11.94 -42.44 -50.15
C GLN C 282 11.07 -41.22 -50.44
N LEU C 283 9.93 -41.10 -49.74
CA LEU C 283 9.10 -39.90 -49.86
C LEU C 283 9.82 -38.67 -49.37
N GLU C 284 10.57 -38.79 -48.26
CA GLU C 284 11.32 -37.65 -47.75
C GLU C 284 12.43 -37.22 -48.71
N LYS C 285 13.08 -38.18 -49.36
CA LYS C 285 14.11 -37.84 -50.34
C LYS C 285 13.49 -37.28 -51.61
N TYR C 286 12.24 -37.65 -51.91
CA TYR C 286 11.55 -37.04 -53.05
C TYR C 286 11.22 -35.59 -52.78
N ILE C 287 10.68 -35.29 -51.59
CA ILE C 287 10.31 -33.92 -51.28
C ILE C 287 11.56 -33.08 -51.00
N SER C 288 12.68 -33.75 -50.68
CA SER C 288 13.97 -33.08 -50.68
C SER C 288 14.34 -32.53 -52.05
N GLU C 289 13.95 -33.24 -53.11
CA GLU C 289 14.22 -32.80 -54.47
C GLU C 289 13.05 -32.03 -55.09
N ARG C 290 12.09 -31.60 -54.27
CA ARG C 290 10.94 -30.89 -54.80
C ARG C 290 11.31 -29.45 -55.14
N VAL C 291 10.71 -28.94 -56.21
CA VAL C 291 10.92 -27.55 -56.65
C VAL C 291 9.63 -26.77 -56.44
N ILE C 292 9.75 -25.54 -55.94
CA ILE C 292 8.63 -24.62 -55.80
C ILE C 292 9.09 -23.27 -56.35
N PRO C 293 8.33 -22.63 -57.24
CA PRO C 293 8.77 -21.33 -57.78
C PRO C 293 8.78 -20.21 -56.76
N GLU C 294 7.68 -19.98 -56.02
CA GLU C 294 7.63 -18.92 -55.03
C GLU C 294 7.94 -19.48 -53.65
N SER C 295 9.19 -19.91 -53.49
CA SER C 295 9.67 -20.52 -52.25
C SER C 295 10.68 -19.60 -51.59
N ASN C 296 10.42 -19.24 -50.33
CA ASN C 296 11.33 -18.41 -49.56
C ASN C 296 12.54 -19.18 -49.06
N TYR C 297 12.49 -20.50 -49.10
CA TYR C 297 13.58 -21.35 -48.66
C TYR C 297 14.63 -21.55 -49.74
N GLY C 298 14.30 -21.21 -50.98
CA GLY C 298 15.24 -21.35 -52.07
C GLY C 298 14.84 -22.33 -53.14
N GLY C 299 13.57 -22.66 -53.26
CA GLY C 299 13.13 -23.59 -54.28
C GLY C 299 13.01 -25.01 -53.73
N LYS C 300 13.00 -25.12 -52.40
CA LYS C 300 12.88 -26.40 -51.73
C LYS C 300 11.88 -26.27 -50.59
N ILE C 301 11.73 -27.35 -49.83
CA ILE C 301 10.87 -27.38 -48.66
C ILE C 301 11.71 -27.80 -47.46
N PRO C 302 11.63 -27.11 -46.33
CA PRO C 302 12.34 -27.54 -45.12
C PRO C 302 11.80 -28.87 -44.58
N ILE C 303 12.73 -29.71 -44.13
CA ILE C 303 12.43 -31.04 -43.62
C ILE C 303 13.19 -31.22 -42.32
N VAL C 304 12.47 -31.50 -41.23
CA VAL C 304 13.08 -31.60 -39.91
C VAL C 304 12.80 -32.97 -39.32
N CYS C 305 13.84 -33.74 -39.06
CA CYS C 305 13.76 -35.03 -38.41
C CYS C 305 13.85 -34.84 -36.91
N PHE C 306 13.10 -35.63 -36.16
CA PHE C 306 12.92 -35.41 -34.73
C PHE C 306 13.20 -36.71 -33.99
N ALA C 307 13.87 -36.63 -32.84
CA ALA C 307 14.25 -37.81 -32.08
C ALA C 307 13.87 -37.61 -30.61
N GLN C 308 12.90 -38.38 -30.15
CA GLN C 308 12.50 -38.36 -28.75
C GLN C 308 11.95 -39.71 -28.31
N GLY C 311 16.07 -46.16 -30.83
CA GLY C 311 15.86 -47.49 -31.37
C GLY C 311 16.77 -47.82 -32.54
N LYS C 312 16.75 -49.10 -32.94
CA LYS C 312 17.57 -49.54 -34.05
C LYS C 312 17.06 -48.98 -35.38
N GLU C 313 15.74 -49.08 -35.60
CA GLU C 313 15.14 -48.47 -36.77
C GLU C 313 15.21 -46.95 -36.70
N THR C 314 15.20 -46.40 -35.48
CA THR C 314 15.40 -44.97 -35.30
C THR C 314 16.79 -44.54 -35.76
N LEU C 315 17.82 -45.29 -35.37
CA LEU C 315 19.16 -44.98 -35.82
C LEU C 315 19.33 -45.22 -37.32
N LYS C 316 18.62 -46.21 -37.86
CA LYS C 316 18.63 -46.45 -39.30
C LYS C 316 18.03 -45.27 -40.06
N SER C 317 16.91 -44.74 -39.55
CA SER C 317 16.29 -43.57 -40.16
C SER C 317 17.18 -42.33 -40.01
N ILE C 318 17.90 -42.24 -38.88
CA ILE C 318 18.85 -41.14 -38.68
C ILE C 318 19.97 -41.20 -39.72
N ASN C 319 20.53 -42.39 -39.93
CA ASN C 319 21.61 -42.56 -40.91
C ASN C 319 21.14 -42.27 -42.33
N VAL C 320 19.93 -42.72 -42.68
CA VAL C 320 19.42 -42.49 -44.03
C VAL C 320 19.06 -41.02 -44.23
N ALA C 321 18.51 -40.37 -43.20
CA ALA C 321 18.09 -38.99 -43.33
C ALA C 321 19.28 -38.04 -43.43
N ILE C 322 20.30 -38.25 -42.59
CA ILE C 322 21.51 -37.43 -42.68
C ILE C 322 22.27 -37.78 -43.95
N LYS C 323 22.12 -39.02 -44.43
CA LYS C 323 22.69 -39.41 -45.72
C LYS C 323 22.05 -38.64 -46.86
N SER C 324 20.78 -38.27 -46.72
CA SER C 324 20.11 -37.47 -47.73
C SER C 324 20.15 -35.97 -47.43
N LYS C 325 21.05 -35.54 -46.56
CA LYS C 325 21.31 -34.13 -46.22
C LYS C 325 20.06 -33.43 -45.67
N ILE C 326 19.62 -33.93 -44.52
CA ILE C 326 18.47 -33.38 -43.81
C ILE C 326 18.90 -33.12 -42.36
N PRO C 327 18.62 -31.94 -41.80
CA PRO C 327 18.98 -31.68 -40.40
C PRO C 327 18.12 -32.49 -39.44
N CYS C 328 18.63 -32.66 -38.21
CA CYS C 328 17.95 -33.47 -37.22
C CYS C 328 17.98 -32.76 -35.87
N VAL C 329 16.96 -33.03 -35.06
CA VAL C 329 16.82 -32.46 -33.73
C VAL C 329 16.71 -33.60 -32.74
N VAL C 330 17.53 -33.57 -31.69
CA VAL C 330 17.56 -34.61 -30.67
C VAL C 330 17.39 -33.96 -29.31
N VAL C 331 16.45 -34.49 -28.52
CA VAL C 331 16.19 -33.99 -27.17
C VAL C 331 17.09 -34.74 -26.20
N GLU C 332 17.81 -33.99 -25.37
CA GLU C 332 18.64 -34.61 -24.35
C GLU C 332 17.79 -35.10 -23.19
N GLY C 333 18.15 -36.28 -22.67
CA GLY C 333 17.47 -36.83 -21.52
C GLY C 333 16.28 -37.72 -21.82
N SER C 334 16.22 -38.30 -23.01
CA SER C 334 15.08 -39.16 -23.35
C SER C 334 15.19 -40.52 -22.67
N GLY C 335 16.38 -40.87 -22.19
CA GLY C 335 16.60 -42.19 -21.62
C GLY C 335 16.87 -43.26 -22.64
N ARG C 336 17.20 -42.88 -23.87
CA ARG C 336 17.36 -43.82 -24.97
C ARG C 336 18.71 -43.65 -25.63
N ILE C 337 18.87 -44.25 -26.81
CA ILE C 337 20.10 -44.12 -27.59
C ILE C 337 20.33 -42.67 -28.02
N ALA C 338 19.26 -41.88 -28.09
CA ALA C 338 19.37 -40.46 -28.42
C ALA C 338 20.15 -39.70 -27.36
N ASP C 339 20.04 -40.13 -26.09
CA ASP C 339 20.85 -39.54 -25.03
C ASP C 339 22.33 -39.85 -25.26
N VAL C 340 22.63 -41.04 -25.79
CA VAL C 340 24.02 -41.39 -26.08
C VAL C 340 24.55 -40.57 -27.25
N ILE C 341 23.68 -40.29 -28.24
CA ILE C 341 24.09 -39.45 -29.35
C ILE C 341 24.29 -38.01 -28.89
N ALA C 342 23.50 -37.58 -27.90
CA ALA C 342 23.65 -36.24 -27.36
C ALA C 342 24.92 -36.11 -26.54
N SER C 343 25.27 -37.14 -25.77
CA SER C 343 26.49 -37.09 -24.97
C SER C 343 27.74 -37.21 -25.84
N LEU C 344 27.67 -38.03 -26.90
CA LEU C 344 28.82 -38.19 -27.78
C LEU C 344 29.05 -36.96 -28.64
N VAL C 345 28.02 -36.15 -28.84
CA VAL C 345 28.13 -34.95 -29.66
C VAL C 345 28.94 -33.86 -28.94
N SER C 353 33.80 -45.31 -31.69
CA SER C 353 35.19 -45.68 -31.90
C SER C 353 35.80 -46.22 -30.62
N SER C 354 35.03 -47.09 -29.95
CA SER C 354 35.35 -47.87 -28.74
C SER C 354 35.41 -47.02 -27.47
N CYS C 355 35.38 -45.70 -27.61
CA CYS C 355 34.97 -44.85 -26.50
C CYS C 355 33.48 -44.56 -26.60
N VAL C 356 32.97 -44.53 -27.83
CA VAL C 356 31.53 -44.49 -28.06
C VAL C 356 30.87 -45.77 -27.55
N LYS C 357 31.50 -46.91 -27.81
CA LYS C 357 30.98 -48.19 -27.32
C LYS C 357 31.08 -48.28 -25.80
N GLU C 358 32.08 -47.63 -25.22
CA GLU C 358 32.15 -47.53 -23.76
C GLU C 358 31.06 -46.61 -23.23
N SER C 359 30.70 -45.59 -24.00
CA SER C 359 29.66 -44.65 -23.57
C SER C 359 28.27 -45.26 -23.73
N LEU C 360 28.15 -46.27 -24.60
CA LEU C 360 26.87 -46.96 -24.83
C LEU C 360 26.36 -47.63 -23.56
N LEU C 361 27.27 -48.22 -22.78
CA LEU C 361 26.93 -48.94 -21.55
C LEU C 361 26.34 -48.02 -20.49
N ARG C 362 26.79 -46.76 -20.47
CA ARG C 362 26.24 -45.80 -19.52
C ARG C 362 24.80 -45.45 -19.85
N PHE C 363 24.45 -45.45 -21.14
CA PHE C 363 23.09 -45.08 -21.53
C PHE C 363 22.12 -46.22 -21.31
N LEU C 364 22.34 -47.36 -21.96
CA LEU C 364 21.42 -48.50 -21.86
C LEU C 364 22.18 -49.81 -21.96
N PRO C 365 22.38 -50.51 -20.83
CA PRO C 365 23.11 -51.78 -20.87
C PRO C 365 22.23 -52.95 -21.32
N ARG C 366 20.90 -52.75 -21.30
CA ARG C 366 19.99 -53.83 -21.64
C ARG C 366 20.00 -54.13 -23.12
N THR C 367 20.14 -53.09 -23.95
CA THR C 367 20.10 -53.28 -25.40
C THR C 367 21.41 -53.88 -25.91
N ILE C 368 22.54 -53.51 -25.30
CA ILE C 368 23.82 -54.01 -25.76
C ILE C 368 24.07 -55.42 -25.23
N SER C 369 23.25 -55.86 -24.29
CA SER C 369 23.45 -57.18 -23.67
C SER C 369 23.10 -58.30 -24.63
N ARG C 370 21.87 -58.33 -25.13
CA ARG C 370 21.45 -59.41 -26.01
C ARG C 370 22.01 -59.24 -27.42
N LEU C 371 22.53 -58.06 -27.73
CA LEU C 371 23.07 -57.79 -29.05
C LEU C 371 24.35 -58.58 -29.28
N SER C 372 24.67 -58.83 -30.54
CA SER C 372 25.86 -59.57 -30.92
C SER C 372 27.03 -58.60 -31.11
N GLU C 373 28.19 -59.15 -31.46
CA GLU C 373 29.36 -58.31 -31.68
C GLU C 373 29.32 -57.64 -33.05
N GLU C 374 28.77 -58.33 -34.06
CA GLU C 374 28.62 -57.72 -35.37
C GLU C 374 27.59 -56.59 -35.34
N GLU C 375 26.57 -56.72 -34.48
CA GLU C 375 25.61 -55.63 -34.30
C GLU C 375 26.26 -54.43 -33.63
N THR C 376 27.17 -54.68 -32.68
CA THR C 376 27.92 -53.60 -32.06
C THR C 376 28.85 -52.93 -33.05
N GLU C 377 29.46 -53.71 -33.95
CA GLU C 377 30.31 -53.15 -34.98
C GLU C 377 29.51 -52.31 -35.98
N SER C 378 28.30 -52.78 -36.32
CA SER C 378 27.43 -52.01 -37.20
C SER C 378 26.96 -50.72 -36.53
N TRP C 379 26.69 -50.77 -35.22
CA TRP C 379 26.33 -49.55 -34.49
C TRP C 379 27.47 -48.55 -34.45
N ILE C 380 28.70 -49.03 -34.20
CA ILE C 380 29.86 -48.15 -34.19
C ILE C 380 30.10 -47.54 -35.57
N LYS C 381 29.96 -48.34 -36.64
CA LYS C 381 30.11 -47.82 -38.00
C LYS C 381 29.04 -46.79 -38.34
N TRP C 382 27.80 -47.05 -37.93
CA TRP C 382 26.72 -46.14 -38.29
C TRP C 382 26.77 -44.85 -37.47
N ILE C 383 27.19 -44.93 -36.21
CA ILE C 383 27.33 -43.73 -35.39
C ILE C 383 28.53 -42.90 -35.86
N LYS C 384 29.60 -43.56 -36.29
CA LYS C 384 30.74 -42.85 -36.86
C LYS C 384 30.39 -42.21 -38.19
N GLU C 385 29.47 -42.83 -38.94
CA GLU C 385 28.94 -42.18 -40.14
C GLU C 385 27.99 -41.05 -39.77
N VAL C 386 27.35 -41.14 -38.60
CA VAL C 386 26.37 -40.16 -38.15
C VAL C 386 27.06 -38.90 -37.66
N LEU C 387 28.09 -39.07 -36.82
CA LEU C 387 28.75 -37.94 -36.19
C LEU C 387 29.89 -37.44 -37.08
N GLU C 388 29.87 -37.81 -38.36
CA GLU C 388 30.83 -37.27 -39.32
C GLU C 388 30.61 -35.78 -39.54
N SER C 389 29.35 -35.34 -39.50
CA SER C 389 29.01 -33.93 -39.66
C SER C 389 28.31 -33.42 -38.40
N PRO C 390 29.00 -32.69 -37.53
CA PRO C 390 28.33 -32.21 -36.31
C PRO C 390 27.35 -31.09 -36.58
N HIS C 391 27.56 -30.34 -37.66
CA HIS C 391 26.76 -29.13 -37.90
C HIS C 391 25.33 -29.47 -38.30
N LEU C 392 25.11 -30.65 -38.87
CA LEU C 392 23.77 -31.00 -39.35
C LEU C 392 22.84 -31.36 -38.21
N LEU C 393 23.36 -31.99 -37.16
CA LEU C 393 22.51 -32.32 -36.04
C LEU C 393 22.43 -31.15 -35.06
N THR C 394 21.37 -31.14 -34.27
CA THR C 394 21.14 -30.10 -33.27
C THR C 394 20.48 -30.73 -32.05
N VAL C 395 20.99 -30.39 -30.87
CA VAL C 395 20.42 -30.94 -29.64
C VAL C 395 19.83 -29.87 -28.73
N ILE C 396 18.60 -30.10 -28.31
CA ILE C 396 17.91 -29.16 -27.42
C ILE C 396 18.57 -29.14 -26.05
N LYS C 397 18.68 -27.95 -25.48
CA LYS C 397 19.29 -27.80 -24.16
C LYS C 397 18.42 -28.44 -23.09
N ILE C 398 19.06 -29.02 -22.08
CA ILE C 398 18.34 -29.67 -20.99
C ILE C 398 17.47 -28.67 -20.22
N GLU C 399 18.02 -27.47 -20.01
CA GLU C 399 17.30 -26.43 -19.30
C GLU C 399 16.25 -25.78 -20.19
N GLU C 404 9.69 -20.67 -25.76
CA GLU C 404 9.92 -20.70 -27.20
C GLU C 404 11.19 -21.44 -27.58
N ILE C 405 11.57 -22.46 -26.84
CA ILE C 405 12.79 -23.20 -27.17
C ILE C 405 12.61 -24.04 -28.41
N VAL C 406 11.37 -24.45 -28.71
CA VAL C 406 11.13 -25.37 -29.82
C VAL C 406 11.30 -24.65 -31.15
N SER C 407 10.65 -23.49 -31.29
CA SER C 407 10.78 -22.70 -32.52
C SER C 407 12.21 -22.21 -32.69
N ASN C 408 12.86 -21.87 -31.58
CA ASN C 408 14.26 -21.43 -31.62
C ASN C 408 15.15 -22.56 -32.13
N ALA C 409 14.94 -23.78 -31.63
CA ALA C 409 15.78 -24.91 -32.02
C ALA C 409 15.55 -25.30 -33.47
N ILE C 410 14.28 -25.31 -33.90
CA ILE C 410 13.97 -25.69 -35.28
C ILE C 410 14.53 -24.66 -36.25
N SER C 411 14.33 -23.37 -35.96
CA SER C 411 14.80 -22.32 -36.85
C SER C 411 16.32 -22.25 -36.86
N PHE C 412 16.96 -22.51 -35.72
CA PHE C 412 18.42 -22.47 -35.68
C PHE C 412 19.02 -23.63 -36.45
N ALA C 413 18.42 -24.82 -36.34
CA ALA C 413 18.89 -25.96 -37.10
C ALA C 413 18.68 -25.76 -38.60
N LEU C 414 17.55 -25.15 -38.96
CA LEU C 414 17.26 -24.94 -40.38
C LEU C 414 18.18 -23.87 -40.97
N TYR C 415 18.49 -22.84 -40.18
CA TYR C 415 19.43 -21.83 -40.65
C TYR C 415 20.84 -22.39 -40.76
N LYS C 416 21.22 -23.29 -39.84
CA LYS C 416 22.50 -23.97 -39.92
C LYS C 416 22.60 -24.80 -41.20
N ALA C 417 21.53 -25.52 -41.53
CA ALA C 417 21.48 -26.32 -42.75
C ALA C 417 21.57 -25.46 -44.01
N PHE C 418 20.81 -24.38 -44.05
CA PHE C 418 20.82 -23.54 -45.24
C PHE C 418 22.11 -22.74 -45.38
N SER C 419 22.77 -22.46 -44.26
CA SER C 419 24.06 -21.80 -44.34
C SER C 419 25.15 -22.76 -44.76
N THR C 420 25.09 -24.01 -44.29
CA THR C 420 26.09 -25.00 -44.67
C THR C 420 25.89 -25.47 -46.11
N ASN C 421 24.69 -25.26 -46.66
CA ASN C 421 24.48 -25.50 -48.09
C ASN C 421 25.37 -24.59 -48.92
N GLU C 422 25.39 -23.29 -48.60
CA GLU C 422 26.28 -22.26 -49.14
C GLU C 422 26.14 -22.04 -50.64
N HIS C 423 25.13 -22.60 -51.29
CA HIS C 423 24.86 -22.27 -52.68
C HIS C 423 24.30 -20.85 -52.78
N ASP C 424 23.56 -20.42 -51.76
CA ASP C 424 23.13 -19.05 -51.60
C ASP C 424 23.95 -18.30 -50.57
N ARG C 425 25.27 -18.52 -50.54
CA ARG C 425 26.12 -17.81 -49.58
C ARG C 425 26.19 -16.33 -49.91
N ASP C 426 26.34 -15.99 -51.19
CA ASP C 426 26.27 -14.59 -51.61
C ASP C 426 24.86 -14.06 -51.51
N ASN C 427 23.86 -14.94 -51.69
CA ASN C 427 22.45 -14.57 -51.59
C ASN C 427 22.05 -14.56 -50.11
N TRP C 428 22.46 -13.49 -49.42
CA TRP C 428 22.10 -13.27 -48.03
C TRP C 428 20.63 -12.90 -47.89
N ASN C 429 20.01 -12.54 -49.01
CA ASN C 429 18.61 -12.16 -49.09
C ASN C 429 17.66 -13.26 -48.64
N GLY C 430 18.02 -14.52 -48.89
CA GLY C 430 17.15 -15.61 -48.45
C GLY C 430 17.23 -15.85 -46.95
N GLN C 431 18.41 -15.63 -46.36
CA GLN C 431 18.58 -15.84 -44.93
C GLN C 431 17.77 -14.83 -44.12
N LEU C 432 17.58 -13.63 -44.67
CA LEU C 432 16.80 -12.62 -43.98
C LEU C 432 15.32 -12.98 -43.97
N LYS C 433 14.82 -13.51 -45.09
CA LYS C 433 13.45 -14.00 -45.13
C LYS C 433 13.28 -15.23 -44.24
N LEU C 434 14.33 -16.05 -44.15
CA LEU C 434 14.28 -17.22 -43.28
C LEU C 434 14.19 -16.83 -41.81
N LEU C 435 14.98 -15.82 -41.41
CA LEU C 435 14.89 -15.32 -40.04
C LEU C 435 13.73 -14.36 -39.87
N LEU C 436 13.01 -14.07 -40.95
CA LEU C 436 11.77 -13.33 -40.84
C LEU C 436 10.59 -14.26 -40.59
N GLU C 437 10.61 -15.45 -41.19
CA GLU C 437 9.48 -16.37 -41.02
C GLU C 437 9.38 -16.88 -39.59
N TRP C 438 10.48 -17.34 -39.04
CA TRP C 438 10.57 -17.62 -37.61
C TRP C 438 11.16 -16.41 -36.92
N ASN C 439 10.51 -15.95 -35.87
CA ASN C 439 10.89 -14.69 -35.22
C ASN C 439 12.15 -14.93 -34.41
N GLN C 440 13.29 -14.48 -34.94
CA GLN C 440 14.55 -14.45 -34.20
C GLN C 440 15.24 -13.11 -34.47
N LEU C 441 15.21 -12.22 -33.49
CA LEU C 441 15.83 -10.91 -33.66
C LEU C 441 17.34 -10.99 -33.52
N ASP C 442 17.82 -11.58 -32.42
CA ASP C 442 19.20 -11.42 -32.00
C ASP C 442 20.17 -12.11 -32.95
N LEU C 443 19.83 -13.32 -33.39
CA LEU C 443 20.67 -14.02 -34.35
C LEU C 443 20.70 -13.30 -35.69
N ALA C 444 19.60 -12.67 -36.07
CA ALA C 444 19.55 -11.90 -37.31
C ALA C 444 20.39 -10.64 -37.22
N SER C 445 20.40 -9.98 -36.06
CA SER C 445 21.21 -8.78 -35.91
C SER C 445 22.69 -9.11 -35.81
N ASP C 446 23.03 -10.24 -35.20
CA ASP C 446 24.43 -10.61 -35.04
C ASP C 446 25.02 -11.17 -36.34
N GLU C 447 24.28 -12.02 -37.05
CA GLU C 447 24.85 -12.69 -38.21
C GLU C 447 24.92 -11.80 -39.44
N ILE C 448 23.77 -11.31 -39.91
CA ILE C 448 23.71 -10.69 -41.23
C ILE C 448 24.25 -9.27 -41.20
N PHE C 449 23.82 -8.50 -40.21
CA PHE C 449 24.20 -7.09 -40.12
C PHE C 449 25.58 -6.77 -39.51
N THR C 450 26.62 -7.33 -40.11
CA THR C 450 27.98 -7.06 -39.67
C THR C 450 28.38 -5.80 -40.45
N ASN C 451 29.14 -4.90 -39.83
CA ASN C 451 29.47 -3.66 -40.55
C ASN C 451 30.22 -3.92 -41.85
N ASP C 452 30.50 -5.19 -42.18
CA ASP C 452 31.22 -5.49 -43.41
C ASP C 452 30.36 -5.23 -44.65
N ARG C 453 29.25 -5.95 -44.77
CA ARG C 453 28.36 -5.83 -45.92
C ARG C 453 27.73 -4.45 -46.11
N ASN C 454 27.33 -4.16 -47.35
CA ASN C 454 26.71 -2.89 -47.70
C ASN C 454 25.28 -3.08 -48.23
N TRP C 455 24.36 -2.27 -47.72
CA TRP C 455 22.96 -2.37 -48.11
C TRP C 455 22.32 -1.02 -48.42
N GLU C 456 21.36 -1.04 -49.35
CA GLU C 456 20.64 0.17 -49.75
C GLU C 456 19.18 0.04 -49.32
N SER C 457 18.33 0.99 -49.71
CA SER C 457 16.93 0.93 -49.33
C SER C 457 16.16 -0.03 -50.22
N ALA C 458 16.45 0.00 -51.53
CA ALA C 458 15.74 -0.84 -52.50
C ALA C 458 16.06 -2.32 -52.28
N ASP C 459 17.19 -2.62 -51.65
CA ASP C 459 17.43 -3.97 -51.18
C ASP C 459 16.44 -4.36 -50.08
N LEU C 460 16.15 -3.46 -49.15
CA LEU C 460 15.30 -3.83 -48.02
C LEU C 460 13.79 -3.64 -48.15
N GLN C 461 13.36 -2.97 -49.20
CA GLN C 461 11.94 -2.67 -49.41
C GLN C 461 10.97 -3.86 -49.35
N ASP C 462 11.25 -4.89 -50.14
CA ASP C 462 10.35 -6.03 -50.23
C ASP C 462 10.33 -6.84 -48.95
N VAL C 463 11.46 -6.91 -48.26
CA VAL C 463 11.50 -7.57 -46.96
C VAL C 463 10.77 -6.73 -45.92
N MET C 464 10.86 -5.41 -46.06
CA MET C 464 10.21 -4.50 -45.12
C MET C 464 8.70 -4.61 -45.19
N PHE C 465 8.18 -4.78 -46.41
CA PHE C 465 6.73 -4.85 -46.59
C PHE C 465 6.13 -6.07 -45.90
N THR C 466 6.76 -7.24 -46.05
CA THR C 466 6.23 -8.44 -45.44
C THR C 466 6.37 -8.41 -43.92
N ALA C 467 7.38 -7.69 -43.42
CA ALA C 467 7.51 -7.52 -41.98
C ALA C 467 6.45 -6.56 -41.46
N LEU C 468 6.00 -5.64 -42.30
CA LEU C 468 4.83 -4.84 -41.96
C LEU C 468 3.55 -5.67 -42.01
N VAL C 469 3.53 -6.74 -42.80
CA VAL C 469 2.30 -7.51 -42.97
C VAL C 469 1.93 -8.24 -41.69
N LYS C 470 2.84 -9.06 -41.15
CA LYS C 470 2.49 -9.93 -40.05
C LYS C 470 3.37 -9.68 -38.81
N ASP C 471 3.04 -8.59 -38.10
CA ASP C 471 3.34 -8.32 -36.69
C ASP C 471 4.75 -8.69 -36.23
N ARG C 472 5.77 -8.09 -36.83
CA ARG C 472 7.15 -8.33 -36.44
C ARG C 472 7.80 -7.03 -36.00
N PRO C 473 7.47 -6.54 -34.81
CA PRO C 473 7.83 -5.16 -34.46
C PRO C 473 9.31 -4.94 -34.17
N LYS C 474 9.95 -5.88 -33.46
CA LYS C 474 11.39 -5.82 -33.27
C LYS C 474 12.10 -5.90 -34.60
N PHE C 475 11.54 -6.66 -35.52
CA PHE C 475 12.10 -6.79 -36.84
C PHE C 475 11.73 -5.61 -37.72
N VAL C 476 10.96 -4.65 -37.21
CA VAL C 476 10.85 -3.35 -37.83
C VAL C 476 11.87 -2.37 -37.24
N ARG C 477 12.11 -2.44 -35.93
CA ARG C 477 13.16 -1.64 -35.29
C ARG C 477 14.52 -1.90 -35.88
N LEU C 478 14.77 -3.16 -36.28
CA LEU C 478 16.07 -3.51 -36.86
C LEU C 478 16.35 -2.76 -38.16
N PHE C 479 15.35 -2.63 -39.03
CA PHE C 479 15.62 -1.95 -40.30
C PHE C 479 15.72 -0.44 -40.14
N LEU C 480 15.00 0.14 -39.18
CA LEU C 480 15.14 1.57 -38.95
C LEU C 480 16.50 1.89 -38.33
N GLU C 481 17.03 1.00 -37.49
CA GLU C 481 18.38 1.23 -36.97
C GLU C 481 19.43 0.93 -38.02
N ASN C 482 19.10 0.08 -38.99
CA ASN C 482 20.03 -0.25 -40.06
C ASN C 482 19.95 0.72 -41.21
N GLY C 483 19.03 1.69 -41.09
CA GLY C 483 18.87 2.72 -42.10
C GLY C 483 17.86 2.47 -43.20
N LEU C 484 16.80 3.27 -43.19
CA LEU C 484 15.76 3.22 -44.20
C LEU C 484 14.96 4.51 -44.15
N ASN C 485 14.70 5.08 -45.33
CA ASN C 485 13.99 6.34 -45.44
C ASN C 485 12.50 6.06 -45.48
N LEU C 486 11.84 6.21 -44.34
CA LEU C 486 10.49 5.68 -44.18
C LEU C 486 9.47 6.52 -44.94
N ARG C 487 9.72 7.83 -45.04
CA ARG C 487 8.83 8.67 -45.84
C ARG C 487 9.03 8.41 -47.33
N LYS C 488 10.25 8.00 -47.71
CA LYS C 488 10.51 7.66 -49.10
C LYS C 488 9.92 6.30 -49.45
N PHE C 489 9.69 5.47 -48.44
CA PHE C 489 9.16 4.13 -48.67
C PHE C 489 7.69 4.16 -49.02
N LEU C 490 6.88 4.84 -48.22
CA LEU C 490 5.43 4.75 -48.34
C LEU C 490 4.93 5.50 -49.57
N THR C 491 4.41 4.75 -50.54
CA THR C 491 3.78 5.32 -51.71
C THR C 491 2.33 4.90 -51.71
N THR C 492 1.48 5.62 -52.46
CA THR C 492 0.05 5.37 -52.48
C THR C 492 -0.32 4.01 -53.05
N GLU C 493 0.57 3.40 -53.84
CA GLU C 493 0.38 2.01 -54.24
C GLU C 493 0.48 1.08 -53.04
N VAL C 494 1.47 1.33 -52.17
CA VAL C 494 1.71 0.46 -51.02
C VAL C 494 0.58 0.59 -50.01
N LEU C 495 0.03 1.80 -49.85
CA LEU C 495 -1.04 1.96 -48.88
C LEU C 495 -2.36 1.38 -49.40
N ARG C 496 -2.58 1.40 -50.71
CA ARG C 496 -3.72 0.68 -51.26
C ARG C 496 -3.56 -0.82 -51.09
N GLU C 497 -2.34 -1.33 -51.32
CA GLU C 497 -2.08 -2.75 -51.13
C GLU C 497 -2.16 -3.14 -49.66
N LEU C 498 -2.00 -2.18 -48.77
CA LEU C 498 -2.08 -2.47 -47.35
C LEU C 498 -3.51 -2.42 -46.83
N TYR C 499 -4.26 -1.39 -47.21
CA TYR C 499 -5.62 -1.24 -46.70
C TYR C 499 -6.60 -2.21 -47.37
N THR C 500 -6.42 -2.50 -48.65
CA THR C 500 -7.42 -3.35 -49.31
C THR C 500 -7.22 -4.82 -48.96
N ASN C 501 -5.98 -5.24 -48.76
CA ASN C 501 -5.69 -6.64 -48.48
C ASN C 501 -5.59 -6.96 -47.00
N ASN C 502 -4.68 -6.29 -46.28
CA ASN C 502 -4.29 -6.73 -44.95
C ASN C 502 -5.08 -6.07 -43.83
N PHE C 503 -6.30 -5.63 -44.10
CA PHE C 503 -7.14 -5.01 -43.09
C PHE C 503 -8.33 -5.92 -42.87
N SER C 504 -8.44 -6.47 -41.66
CA SER C 504 -9.41 -7.52 -41.39
C SER C 504 -10.82 -6.97 -41.37
N SER C 505 -11.73 -7.69 -42.03
CA SER C 505 -13.06 -7.15 -42.33
C SER C 505 -13.93 -7.05 -41.08
N LEU C 506 -13.56 -7.79 -40.03
CA LEU C 506 -14.26 -7.64 -38.75
C LEU C 506 -14.07 -6.24 -38.17
N VAL C 507 -12.83 -5.74 -38.21
CA VAL C 507 -12.54 -4.40 -37.71
C VAL C 507 -13.22 -3.35 -38.58
N PHE C 508 -13.32 -3.63 -39.88
CA PHE C 508 -14.00 -2.72 -40.78
C PHE C 508 -15.50 -2.66 -40.51
N LYS C 509 -16.11 -3.81 -40.25
CA LYS C 509 -17.53 -3.81 -39.90
C LYS C 509 -17.76 -3.13 -38.55
N ASN C 510 -16.81 -3.27 -37.64
CA ASN C 510 -16.94 -2.65 -36.33
C ASN C 510 -16.81 -1.13 -36.44
N LEU C 511 -15.88 -0.66 -37.27
CA LEU C 511 -15.75 0.77 -37.53
C LEU C 511 -16.97 1.30 -38.26
N GLN C 512 -17.55 0.50 -39.16
CA GLN C 512 -18.78 0.86 -39.84
C GLN C 512 -19.92 1.07 -38.88
N ILE C 513 -20.00 0.23 -37.84
CA ILE C 513 -21.00 0.45 -36.80
C ILE C 513 -20.70 1.71 -35.99
N ALA C 514 -19.42 1.89 -35.63
CA ALA C 514 -19.05 2.98 -34.72
C ALA C 514 -19.17 4.34 -35.37
N LYS C 515 -19.12 4.38 -36.71
CA LYS C 515 -19.29 5.65 -37.40
C LYS C 515 -20.74 6.10 -37.34
N ASN C 516 -21.67 5.20 -37.63
CA ASN C 516 -23.08 5.57 -37.70
C ASN C 516 -23.66 5.79 -36.30
N SER C 517 -23.27 4.96 -35.35
CA SER C 517 -23.91 5.05 -34.04
C SER C 517 -23.35 6.18 -33.20
N TYR C 518 -22.03 6.32 -33.11
CA TYR C 518 -21.40 7.31 -32.24
C TYR C 518 -20.51 8.22 -33.10
N ASN C 519 -21.09 9.32 -33.58
CA ASN C 519 -20.42 10.12 -34.59
C ASN C 519 -19.72 11.33 -33.97
N ASP C 520 -18.58 11.69 -34.55
CA ASP C 520 -17.80 12.85 -34.13
C ASP C 520 -17.03 13.37 -35.33
N ALA C 521 -16.17 14.37 -35.09
CA ALA C 521 -15.45 15.00 -36.20
C ALA C 521 -14.29 14.12 -36.67
N LEU C 522 -13.44 13.71 -35.73
CA LEU C 522 -12.25 12.92 -36.07
C LEU C 522 -12.61 11.60 -36.69
N LEU C 523 -13.65 10.93 -36.16
CA LEU C 523 -14.02 9.63 -36.67
C LEU C 523 -14.60 9.74 -38.07
N THR C 524 -15.31 10.84 -38.35
CA THR C 524 -15.80 11.09 -39.69
C THR C 524 -14.65 11.30 -40.67
N PHE C 525 -13.64 12.07 -40.27
CA PHE C 525 -12.50 12.29 -41.15
C PHE C 525 -11.71 11.01 -41.39
N VAL C 526 -11.60 10.17 -40.37
CA VAL C 526 -10.87 8.92 -40.53
C VAL C 526 -11.64 7.97 -41.45
N TRP C 527 -12.97 7.95 -41.33
CA TRP C 527 -13.76 7.09 -42.23
C TRP C 527 -13.69 7.58 -43.66
N LYS C 528 -13.63 8.89 -43.87
CA LYS C 528 -13.48 9.40 -45.24
C LYS C 528 -12.11 9.07 -45.80
N MET C 529 -11.07 9.11 -44.97
CA MET C 529 -9.74 8.70 -45.42
C MET C 529 -9.70 7.22 -45.78
N VAL C 530 -10.37 6.38 -44.98
CA VAL C 530 -10.34 4.94 -45.24
C VAL C 530 -11.11 4.60 -46.50
N GLU C 531 -12.25 5.26 -46.73
CA GLU C 531 -12.97 4.98 -47.96
C GLU C 531 -12.31 5.65 -49.17
N ASP C 532 -11.46 6.64 -48.93
CA ASP C 532 -10.66 7.16 -50.05
C ASP C 532 -9.57 6.17 -50.43
N PHE C 533 -8.92 5.56 -49.44
CA PHE C 533 -7.90 4.58 -49.75
C PHE C 533 -8.46 3.25 -50.22
N ARG C 534 -9.73 2.96 -49.89
CA ARG C 534 -10.24 1.61 -50.06
C ARG C 534 -10.50 1.28 -51.52
N ARG C 535 -10.83 2.27 -52.33
CA ARG C 535 -11.08 2.05 -53.75
C ARG C 535 -9.79 1.72 -54.50
N PRO C 557 -0.83 13.20 -53.17
CA PRO C 557 -1.86 13.25 -54.22
C PRO C 557 -3.28 13.18 -53.68
N ILE C 558 -3.65 12.06 -53.03
CA ILE C 558 -4.96 12.00 -52.38
C ILE C 558 -4.83 12.39 -50.92
N THR C 559 -3.64 12.19 -50.33
CA THR C 559 -3.34 12.77 -49.03
C THR C 559 -1.83 13.01 -48.93
N ARG C 560 -1.48 14.00 -48.13
CA ARG C 560 -0.15 14.15 -47.61
C ARG C 560 -0.17 13.56 -46.19
N HIS C 561 0.94 13.72 -45.46
CA HIS C 561 1.19 13.03 -44.20
C HIS C 561 1.00 11.52 -44.30
N PRO C 562 1.93 10.78 -44.92
CA PRO C 562 1.76 9.33 -44.99
C PRO C 562 2.00 8.63 -43.65
N LEU C 563 2.83 9.21 -42.81
CA LEU C 563 3.20 8.55 -41.55
C LEU C 563 2.01 8.45 -40.61
N GLN C 564 1.15 9.47 -40.59
CA GLN C 564 -0.08 9.36 -39.82
C GLN C 564 -1.04 8.33 -40.41
N ALA C 565 -0.97 8.10 -41.72
CA ALA C 565 -1.83 7.08 -42.32
C ALA C 565 -1.40 5.69 -41.88
N LEU C 566 -0.08 5.42 -41.90
CA LEU C 566 0.39 4.13 -41.41
C LEU C 566 0.17 3.99 -39.91
N PHE C 567 0.27 5.09 -39.17
CA PHE C 567 0.03 5.05 -37.74
C PHE C 567 -1.42 4.73 -37.40
N ILE C 568 -2.37 5.33 -38.11
CA ILE C 568 -3.77 5.06 -37.84
C ILE C 568 -4.14 3.65 -38.29
N TRP C 569 -3.51 3.17 -39.36
CA TRP C 569 -3.65 1.77 -39.73
C TRP C 569 -3.17 0.83 -38.65
N SER C 570 -2.09 1.20 -37.95
CA SER C 570 -1.62 0.33 -36.89
C SER C 570 -2.50 0.41 -35.65
N VAL C 571 -3.08 1.58 -35.37
CA VAL C 571 -3.81 1.72 -34.12
C VAL C 571 -5.20 1.11 -34.23
N LEU C 572 -5.82 1.13 -35.42
CA LEU C 572 -7.16 0.56 -35.55
C LEU C 572 -7.20 -0.95 -35.33
N GLN C 573 -6.11 -1.66 -35.59
CA GLN C 573 -6.15 -3.10 -35.44
C GLN C 573 -5.72 -3.59 -34.07
N ASN C 574 -5.52 -2.67 -33.10
CA ASN C 574 -5.04 -2.97 -31.75
C ASN C 574 -3.73 -3.75 -31.76
N LYS C 575 -2.73 -3.22 -32.46
CA LYS C 575 -1.38 -3.77 -32.42
C LYS C 575 -0.56 -2.87 -31.51
N LYS C 576 -0.11 -3.41 -30.38
CA LYS C 576 0.59 -2.59 -29.41
C LYS C 576 2.02 -2.32 -29.85
N GLU C 577 2.80 -3.39 -30.00
CA GLU C 577 4.25 -3.24 -30.13
C GLU C 577 4.63 -2.70 -31.50
N LEU C 578 3.75 -2.83 -32.48
CA LEU C 578 4.03 -2.21 -33.77
C LEU C 578 3.73 -0.72 -33.72
N SER C 579 2.70 -0.33 -32.99
CA SER C 579 2.32 1.08 -32.96
C SER C 579 3.30 1.88 -32.12
N LYS C 580 3.86 1.27 -31.08
CA LYS C 580 4.88 1.98 -30.30
C LYS C 580 6.14 2.19 -31.11
N VAL C 581 6.43 1.29 -32.06
CA VAL C 581 7.57 1.48 -32.94
C VAL C 581 7.29 2.56 -33.96
N ILE C 582 6.13 2.52 -34.59
CA ILE C 582 5.87 3.48 -35.65
C ILE C 582 5.52 4.86 -35.09
N TRP C 583 5.28 4.97 -33.77
CA TRP C 583 5.02 6.28 -33.19
C TRP C 583 6.27 7.12 -33.09
N GLU C 584 7.44 6.47 -33.05
CA GLU C 584 8.67 7.23 -32.83
C GLU C 584 9.18 7.86 -34.12
N GLN C 585 8.50 7.62 -35.24
CA GLN C 585 8.97 8.18 -36.50
C GLN C 585 8.09 9.33 -36.97
N THR C 586 6.94 9.54 -36.34
CA THR C 586 6.02 10.54 -36.83
C THR C 586 6.47 11.93 -36.40
N ARG C 587 5.95 12.95 -37.07
CA ARG C 587 6.49 14.29 -36.87
C ARG C 587 5.87 14.96 -35.65
N GLY C 588 4.56 15.18 -35.65
CA GLY C 588 3.92 15.84 -34.54
C GLY C 588 3.58 14.85 -33.46
N CYS C 589 4.42 14.78 -32.43
CA CYS C 589 4.44 13.60 -31.58
C CYS C 589 3.27 13.59 -30.59
N THR C 590 3.13 14.66 -29.81
CA THR C 590 2.06 14.73 -28.83
C THR C 590 0.69 14.81 -29.49
N LEU C 591 0.64 15.42 -30.68
CA LEU C 591 -0.62 15.50 -31.41
C LEU C 591 -1.05 14.13 -31.90
N ALA C 592 -0.09 13.35 -32.39
CA ALA C 592 -0.42 12.00 -32.86
C ALA C 592 -0.81 11.10 -31.72
N ALA C 593 -0.14 11.24 -30.57
CA ALA C 593 -0.50 10.44 -29.40
C ALA C 593 -1.90 10.77 -28.93
N LEU C 594 -2.26 12.05 -28.93
CA LEU C 594 -3.56 12.41 -28.41
C LEU C 594 -4.67 12.06 -29.42
N GLY C 595 -4.34 12.10 -30.71
CA GLY C 595 -5.29 11.65 -31.71
C GLY C 595 -5.56 10.16 -31.63
N ALA C 596 -4.52 9.37 -31.34
CA ALA C 596 -4.73 7.94 -31.13
C ALA C 596 -5.61 7.69 -29.91
N SER C 597 -5.46 8.51 -28.88
CA SER C 597 -6.33 8.37 -27.70
C SER C 597 -7.79 8.65 -28.04
N LYS C 598 -8.04 9.75 -28.77
CA LYS C 598 -9.43 10.10 -29.05
C LYS C 598 -10.04 9.15 -30.09
N LEU C 599 -9.21 8.48 -30.87
CA LEU C 599 -9.73 7.48 -31.78
C LEU C 599 -10.09 6.20 -31.03
N LEU C 600 -9.24 5.78 -30.10
CA LEU C 600 -9.49 4.51 -29.43
C LEU C 600 -10.62 4.59 -28.43
N LYS C 601 -10.90 5.78 -27.87
CA LYS C 601 -12.09 5.92 -27.03
C LYS C 601 -13.36 5.66 -27.83
N SER C 602 -13.45 6.23 -29.04
CA SER C 602 -14.64 6.06 -29.85
C SER C 602 -14.74 4.65 -30.39
N MET C 603 -13.60 3.99 -30.60
CA MET C 603 -13.65 2.56 -30.91
C MET C 603 -14.05 1.74 -29.69
N ALA C 604 -13.80 2.25 -28.49
CA ALA C 604 -14.11 1.49 -27.29
C ALA C 604 -15.57 1.62 -26.91
N LYS C 605 -16.25 2.66 -27.40
CA LYS C 605 -17.66 2.81 -27.05
C LYS C 605 -18.57 1.80 -27.74
N VAL C 606 -18.05 1.07 -28.74
CA VAL C 606 -18.88 0.08 -29.40
C VAL C 606 -19.03 -1.12 -28.50
N LYS C 607 -20.10 -1.89 -28.71
CA LYS C 607 -20.42 -3.03 -27.84
C LYS C 607 -20.76 -4.28 -28.63
N ASN C 608 -20.19 -4.45 -29.82
CA ASN C 608 -20.45 -5.68 -30.58
C ASN C 608 -19.55 -6.81 -30.10
N ASP C 609 -18.31 -6.50 -29.80
CA ASP C 609 -17.31 -7.49 -29.38
C ASP C 609 -16.52 -6.88 -28.23
N ILE C 610 -16.51 -7.55 -27.08
CA ILE C 610 -15.94 -6.93 -25.89
C ILE C 610 -14.45 -7.21 -25.79
N ASN C 611 -13.98 -8.26 -26.46
CA ASN C 611 -12.59 -8.68 -26.35
C ASN C 611 -11.64 -7.67 -26.99
N ALA C 612 -12.04 -7.09 -28.13
CA ALA C 612 -11.25 -6.01 -28.69
C ALA C 612 -11.42 -4.73 -27.89
N ALA C 613 -12.59 -4.55 -27.27
CA ALA C 613 -12.90 -3.29 -26.63
C ALA C 613 -12.08 -3.07 -25.36
N GLY C 614 -11.87 -4.12 -24.58
CA GLY C 614 -11.04 -3.99 -23.39
C GLY C 614 -9.60 -3.62 -23.71
N GLU C 615 -9.03 -4.29 -24.72
CA GLU C 615 -7.67 -3.98 -25.13
C GLU C 615 -7.58 -2.59 -25.73
N SER C 616 -8.65 -2.14 -26.37
CA SER C 616 -8.65 -0.82 -26.97
C SER C 616 -8.64 0.25 -25.90
N GLU C 617 -9.41 0.07 -24.83
CA GLU C 617 -9.42 1.10 -23.79
C GLU C 617 -8.11 1.10 -23.01
N GLU C 618 -7.49 -0.08 -22.86
CA GLU C 618 -6.16 -0.12 -22.22
C GLU C 618 -5.10 0.57 -23.07
N LEU C 619 -5.13 0.37 -24.39
CA LEU C 619 -4.18 1.04 -25.26
C LEU C 619 -4.40 2.54 -25.29
N ALA C 620 -5.67 2.96 -25.15
CA ALA C 620 -5.96 4.39 -25.11
C ALA C 620 -5.38 5.05 -23.87
N ASN C 621 -5.56 4.42 -22.71
CA ASN C 621 -4.98 5.00 -21.48
C ASN C 621 -3.46 4.97 -21.53
N GLU C 622 -2.88 3.92 -22.15
CA GLU C 622 -1.43 3.86 -22.26
C GLU C 622 -0.87 4.92 -23.19
N TYR C 623 -1.62 5.35 -24.20
CA TYR C 623 -1.16 6.48 -24.99
C TYR C 623 -1.40 7.82 -24.33
N GLU C 624 -2.44 7.96 -23.52
CA GLU C 624 -2.65 9.22 -22.81
C GLU C 624 -1.53 9.51 -21.82
N THR C 625 -1.07 8.48 -21.08
CA THR C 625 0.00 8.73 -20.13
C THR C 625 1.32 9.04 -20.83
N ARG C 626 1.53 8.46 -22.00
CA ARG C 626 2.76 8.76 -22.73
C ARG C 626 2.74 10.18 -23.28
N ALA C 627 1.56 10.65 -23.70
CA ALA C 627 1.45 12.03 -24.17
C ALA C 627 1.70 13.01 -23.03
N VAL C 628 1.19 12.71 -21.83
CA VAL C 628 1.35 13.70 -20.76
C VAL C 628 2.80 13.69 -20.24
N GLU C 629 3.46 12.53 -20.27
CA GLU C 629 4.87 12.52 -19.86
C GLU C 629 5.75 13.27 -20.84
N LEU C 630 5.50 13.08 -22.15
CA LEU C 630 6.25 13.82 -23.17
C LEU C 630 6.03 15.32 -23.06
N PHE C 631 4.80 15.75 -22.80
CA PHE C 631 4.59 17.20 -22.77
C PHE C 631 5.11 17.81 -21.49
N THR C 632 5.14 17.08 -20.38
CA THR C 632 5.80 17.60 -19.18
C THR C 632 7.29 17.78 -19.42
N GLU C 633 7.92 16.78 -20.05
CA GLU C 633 9.34 16.89 -20.36
C GLU C 633 9.62 18.04 -21.32
N CYS C 634 8.75 18.24 -22.33
CA CYS C 634 8.97 19.32 -23.27
C CYS C 634 8.64 20.68 -22.68
N TYR C 635 7.81 20.71 -21.64
CA TYR C 635 7.48 21.98 -21.01
C TYR C 635 8.55 22.38 -20.02
N SER C 636 9.38 21.41 -19.64
CA SER C 636 10.48 21.74 -18.72
C SER C 636 11.51 22.69 -19.35
N ASN C 637 11.74 22.60 -20.66
CA ASN C 637 12.83 23.39 -21.23
C ASN C 637 12.42 24.83 -21.51
N ASP C 638 11.49 25.05 -22.43
CA ASP C 638 11.25 26.39 -22.97
C ASP C 638 9.74 26.62 -23.04
N GLU C 639 9.25 27.56 -22.24
CA GLU C 639 7.81 27.68 -22.04
C GLU C 639 7.12 28.28 -23.26
N ASP C 640 7.75 29.26 -23.91
CA ASP C 640 7.13 29.95 -25.03
C ASP C 640 6.95 29.03 -26.22
N LEU C 641 7.99 28.26 -26.55
CA LEU C 641 7.89 27.32 -27.65
C LEU C 641 6.94 26.17 -27.31
N ALA C 642 6.84 25.82 -26.04
CA ALA C 642 5.90 24.77 -25.64
C ALA C 642 4.45 25.20 -25.80
N GLU C 643 4.15 26.46 -25.50
CA GLU C 643 2.77 26.90 -25.66
C GLU C 643 2.43 27.15 -27.12
N GLN C 644 3.41 27.61 -27.91
CA GLN C 644 3.22 27.67 -29.34
C GLN C 644 3.04 26.28 -29.94
N LEU C 645 3.64 25.27 -29.31
CA LEU C 645 3.42 23.89 -29.70
C LEU C 645 2.03 23.41 -29.33
N LEU C 646 1.48 23.93 -28.22
CA LEU C 646 0.10 23.60 -27.88
C LEU C 646 -0.88 24.13 -28.92
N THR C 647 -0.80 25.41 -29.24
CA THR C 647 -1.83 25.98 -30.09
C THR C 647 -1.63 25.68 -31.58
N TYR C 648 -0.66 24.86 -31.94
CA TYR C 648 -0.41 24.56 -33.35
C TYR C 648 -1.40 23.53 -33.86
N SER C 649 -1.81 23.66 -35.12
CA SER C 649 -2.76 22.75 -35.74
C SER C 649 -2.15 22.13 -36.99
N CYS C 650 -2.61 20.91 -37.33
CA CYS C 650 -2.20 20.26 -38.57
C CYS C 650 -3.41 19.75 -39.32
N GLU C 651 -3.19 19.40 -40.59
CA GLU C 651 -4.26 18.90 -41.44
C GLU C 651 -4.40 17.38 -41.41
N ALA C 652 -3.40 16.67 -40.87
CA ALA C 652 -3.42 15.22 -40.88
C ALA C 652 -4.55 14.67 -40.03
N TRP C 653 -4.73 15.25 -38.85
CA TRP C 653 -5.91 15.01 -38.03
C TRP C 653 -6.96 16.01 -38.46
N GLY C 654 -8.09 16.01 -37.77
CA GLY C 654 -9.22 16.78 -38.26
C GLY C 654 -9.12 18.29 -38.12
N GLY C 655 -8.05 18.87 -38.66
CA GLY C 655 -7.77 20.31 -38.60
C GLY C 655 -7.83 20.90 -37.22
N SER C 656 -7.22 20.24 -36.24
CA SER C 656 -7.48 20.59 -34.85
C SER C 656 -6.20 20.56 -34.03
N ASN C 657 -6.02 21.62 -33.25
CA ASN C 657 -4.91 21.72 -32.31
C ASN C 657 -5.12 20.76 -31.14
N CYS C 658 -4.02 20.51 -30.42
CA CYS C 658 -3.99 19.48 -29.40
C CYS C 658 -4.93 19.79 -28.24
N LEU C 659 -5.04 21.06 -27.88
CA LEU C 659 -5.78 21.44 -26.70
C LEU C 659 -7.28 21.32 -26.93
N GLU C 660 -7.73 21.48 -28.17
CA GLU C 660 -9.14 21.23 -28.46
C GLU C 660 -9.41 19.74 -28.51
N LEU C 661 -8.41 18.96 -28.93
CA LEU C 661 -8.60 17.53 -29.07
C LEU C 661 -8.70 16.85 -27.71
N ALA C 662 -8.00 17.40 -26.71
CA ALA C 662 -8.06 16.83 -25.37
C ALA C 662 -9.45 16.98 -24.76
N VAL C 663 -10.13 18.09 -25.04
CA VAL C 663 -11.45 18.30 -24.47
C VAL C 663 -12.47 17.39 -25.14
N GLU C 664 -12.36 17.21 -26.46
CA GLU C 664 -13.28 16.31 -27.15
C GLU C 664 -13.02 14.86 -26.78
N ALA C 665 -11.78 14.52 -26.45
CA ALA C 665 -11.50 13.16 -25.99
C ALA C 665 -12.06 12.91 -24.61
N ARG C 666 -12.28 13.99 -23.86
CA ARG C 666 -12.75 13.98 -22.47
C ARG C 666 -11.83 13.12 -21.60
N ASP C 667 -10.54 13.34 -21.72
CA ASP C 667 -9.61 12.60 -20.88
C ASP C 667 -9.12 13.47 -19.72
N GLN C 668 -8.74 12.81 -18.63
CA GLN C 668 -8.53 13.49 -17.37
C GLN C 668 -7.09 13.88 -17.14
N GLN C 669 -6.14 13.08 -17.63
CA GLN C 669 -4.79 13.11 -17.09
C GLN C 669 -3.87 13.97 -17.95
N PHE C 670 -4.42 14.61 -18.99
CA PHE C 670 -3.58 15.53 -19.75
C PHE C 670 -3.78 16.94 -19.23
N ILE C 671 -5.00 17.24 -18.79
CA ILE C 671 -5.35 18.59 -18.40
C ILE C 671 -4.88 18.83 -16.98
N ALA C 672 -4.60 17.76 -16.26
CA ALA C 672 -4.31 17.85 -14.83
C ALA C 672 -2.95 18.46 -14.52
N GLN C 673 -2.00 18.36 -15.43
CA GLN C 673 -0.64 18.81 -15.13
C GLN C 673 -0.59 20.33 -15.11
N PRO C 674 0.40 20.93 -14.44
CA PRO C 674 0.38 22.40 -14.29
C PRO C 674 0.74 23.18 -15.53
N GLY C 675 1.21 22.52 -16.59
CA GLY C 675 1.58 23.26 -17.80
C GLY C 675 0.38 23.92 -18.46
N VAL C 676 -0.64 23.13 -18.76
CA VAL C 676 -1.82 23.71 -19.41
C VAL C 676 -2.63 24.52 -18.41
N GLN C 677 -2.46 24.26 -17.12
CA GLN C 677 -3.12 25.09 -16.12
C GLN C 677 -2.51 26.49 -16.09
N ASN C 678 -1.19 26.58 -16.14
CA ASN C 678 -0.53 27.88 -16.21
C ASN C 678 -0.91 28.59 -17.51
N PHE C 679 -0.98 27.83 -18.60
CA PHE C 679 -1.42 28.39 -19.89
C PHE C 679 -2.82 28.97 -19.81
N LEU C 680 -3.77 28.19 -19.30
CA LEU C 680 -5.14 28.63 -19.15
C LEU C 680 -5.25 29.86 -18.28
N SER C 681 -4.59 29.84 -17.13
CA SER C 681 -4.75 30.93 -16.17
C SER C 681 -4.13 32.22 -16.67
N LYS C 682 -3.02 32.13 -17.40
CA LYS C 682 -2.45 33.37 -17.91
C LYS C 682 -3.14 33.79 -19.21
N GLN C 683 -3.97 32.92 -19.78
CA GLN C 683 -4.90 33.40 -20.79
C GLN C 683 -6.10 34.08 -20.14
N TRP C 684 -6.49 33.62 -18.96
CA TRP C 684 -7.59 34.25 -18.21
C TRP C 684 -7.21 35.64 -17.73
N TYR C 685 -5.93 35.84 -17.40
CA TYR C 685 -5.52 37.18 -17.02
C TYR C 685 -5.09 38.03 -18.21
N GLY C 686 -4.65 37.41 -19.29
CA GLY C 686 -4.38 38.19 -20.49
C GLY C 686 -3.08 38.96 -20.36
N GLU C 687 -3.09 40.20 -20.88
CA GLU C 687 -1.87 41.00 -20.85
C GLU C 687 -1.62 41.60 -19.47
N ILE C 688 -2.62 41.55 -18.59
CA ILE C 688 -2.37 41.85 -17.19
C ILE C 688 -1.49 40.78 -16.61
N SER C 689 -0.35 41.18 -16.05
CA SER C 689 0.53 40.21 -15.43
C SER C 689 -0.07 39.69 -14.15
N ARG C 690 0.34 38.50 -13.76
CA ARG C 690 -0.14 37.87 -12.55
C ARG C 690 0.51 38.51 -11.33
N ASP C 691 0.25 37.91 -10.17
CA ASP C 691 0.87 38.28 -8.89
C ASP C 691 0.55 39.72 -8.50
N THR C 692 -0.66 40.16 -8.83
CA THR C 692 -1.21 41.40 -8.32
C THR C 692 -2.47 41.07 -7.53
N LYS C 693 -2.80 41.91 -6.57
CA LYS C 693 -3.95 41.66 -5.73
C LYS C 693 -5.25 41.92 -6.49
N ASN C 694 -6.33 41.30 -6.03
CA ASN C 694 -7.59 41.42 -6.74
C ASN C 694 -8.28 42.74 -6.42
N TRP C 695 -8.16 43.21 -5.18
CA TRP C 695 -8.72 44.50 -4.81
C TRP C 695 -8.03 45.63 -5.55
N LYS C 696 -6.75 45.44 -5.86
CA LYS C 696 -6.00 46.43 -6.63
C LYS C 696 -6.54 46.54 -8.05
N ILE C 697 -6.90 45.42 -8.65
CA ILE C 697 -7.46 45.45 -10.00
C ILE C 697 -8.88 46.01 -9.97
N ILE C 698 -9.61 45.80 -8.87
CA ILE C 698 -10.94 46.39 -8.77
C ILE C 698 -10.87 47.90 -8.59
N LEU C 699 -9.90 48.39 -7.80
CA LEU C 699 -9.72 49.83 -7.66
C LEU C 699 -9.23 50.45 -8.96
N CYS C 700 -8.41 49.72 -9.73
CA CYS C 700 -8.02 50.22 -11.03
C CYS C 700 -9.15 50.10 -12.04
N LEU C 701 -10.15 49.27 -11.75
CA LEU C 701 -11.37 49.26 -12.55
C LEU C 701 -12.21 50.50 -12.27
N PHE C 702 -12.21 50.96 -11.02
CA PHE C 702 -12.90 52.23 -10.75
C PHE C 702 -12.13 53.42 -11.33
N PHE C 703 -10.80 53.41 -11.23
CA PHE C 703 -9.98 54.59 -11.49
C PHE C 703 -9.16 54.42 -12.75
N PHE C 704 -9.34 55.35 -13.68
CA PHE C 704 -8.52 55.36 -14.90
C PHE C 704 -7.03 55.68 -14.70
N PRO C 705 -6.59 56.75 -14.02
CA PRO C 705 -5.16 57.13 -14.14
C PRO C 705 -4.20 56.24 -13.39
N LEU C 706 -4.69 55.26 -12.62
CA LEU C 706 -3.81 54.27 -12.01
C LEU C 706 -3.18 53.38 -13.07
N ILE C 707 -3.84 53.24 -14.22
CA ILE C 707 -3.27 52.53 -15.35
C ILE C 707 -2.06 53.27 -15.91
N GLY C 708 -2.19 54.59 -16.10
CA GLY C 708 -1.07 55.37 -16.61
C GLY C 708 -0.02 55.64 -15.56
N CYS C 709 -0.34 55.39 -14.29
CA CYS C 709 0.63 55.52 -13.21
C CYS C 709 1.75 54.49 -13.35
N GLY C 710 1.46 53.34 -13.95
CA GLY C 710 2.35 52.21 -13.86
C GLY C 710 2.13 51.39 -12.61
N PHE C 711 0.88 51.33 -12.13
CA PHE C 711 0.62 50.80 -10.80
C PHE C 711 0.42 49.29 -10.84
N ILE C 712 -0.05 48.77 -11.97
CA ILE C 712 -0.09 47.32 -12.20
C ILE C 712 1.07 46.95 -13.11
N SER C 713 1.74 45.84 -12.82
CA SER C 713 2.77 45.37 -13.72
C SER C 713 2.15 44.76 -14.98
N PHE C 714 2.99 44.52 -15.98
CA PHE C 714 2.54 44.01 -17.27
C PHE C 714 3.60 43.11 -17.89
N ARG C 715 3.33 42.68 -19.12
CA ARG C 715 4.32 41.98 -19.91
C ARG C 715 5.00 42.95 -20.88
N LYS C 716 6.32 42.92 -20.90
CA LYS C 716 7.09 43.81 -21.78
C LYS C 716 6.99 43.38 -23.24
N LYS C 723 3.20 55.75 -28.09
CA LYS C 723 1.83 55.41 -27.75
C LYS C 723 1.79 54.09 -26.97
N LYS C 724 2.35 54.12 -25.76
CA LYS C 724 2.37 52.92 -24.94
C LYS C 724 1.13 52.82 -24.06
N LEU C 725 0.64 53.97 -23.57
CA LEU C 725 -0.44 53.95 -22.59
C LEU C 725 -1.78 53.61 -23.24
N PHE C 726 -1.96 53.94 -24.51
CA PHE C 726 -3.16 53.50 -25.21
C PHE C 726 -3.16 51.99 -25.41
N LEU C 727 -2.00 51.42 -25.69
CA LEU C 727 -1.84 49.97 -25.70
C LEU C 727 -2.12 49.38 -24.33
N TYR C 728 -1.75 50.10 -23.27
CA TYR C 728 -2.05 49.65 -21.92
C TYR C 728 -3.55 49.61 -21.66
N TYR C 729 -4.29 50.65 -22.09
CA TYR C 729 -5.74 50.68 -21.90
C TYR C 729 -6.43 49.58 -22.70
N VAL C 730 -6.01 49.36 -23.95
CA VAL C 730 -6.64 48.33 -24.78
C VAL C 730 -6.34 46.94 -24.22
N SER C 731 -5.09 46.68 -23.85
CA SER C 731 -4.72 45.40 -23.26
C SER C 731 -5.36 45.21 -21.90
N PHE C 732 -5.67 46.30 -21.21
CA PHE C 732 -6.37 46.21 -19.93
C PHE C 732 -7.82 45.77 -20.14
N PHE C 733 -8.53 46.41 -21.06
CA PHE C 733 -9.95 46.09 -21.19
C PHE C 733 -10.18 44.84 -22.04
N THR C 734 -9.13 44.31 -22.67
CA THR C 734 -9.34 43.05 -23.38
C THR C 734 -9.09 41.84 -22.49
N SER C 735 -8.58 42.05 -21.28
CA SER C 735 -8.42 40.93 -20.36
C SER C 735 -9.79 40.52 -19.82
N PRO C 736 -10.15 39.25 -19.90
CA PRO C 736 -11.55 38.88 -19.64
C PRO C 736 -11.96 38.93 -18.17
N PHE C 737 -10.98 38.97 -17.25
CA PHE C 737 -11.30 39.06 -15.82
C PHE C 737 -11.95 40.40 -15.50
N VAL C 738 -11.39 41.48 -16.04
CA VAL C 738 -11.95 42.81 -15.85
C VAL C 738 -13.32 42.91 -16.50
N VAL C 739 -13.49 42.20 -17.61
CA VAL C 739 -14.77 42.18 -18.32
C VAL C 739 -15.83 41.49 -17.47
N PHE C 740 -15.48 40.32 -16.95
CA PHE C 740 -16.41 39.57 -16.13
C PHE C 740 -16.77 40.34 -14.88
N SER C 741 -15.77 40.96 -14.27
CA SER C 741 -16.00 41.74 -13.07
C SER C 741 -16.90 42.92 -13.39
N TRP C 742 -16.63 43.56 -14.52
CA TRP C 742 -17.44 44.70 -14.95
C TRP C 742 -18.87 44.28 -15.20
N ASN C 743 -19.04 43.13 -15.82
CA ASN C 743 -20.38 42.65 -16.13
C ASN C 743 -21.19 42.43 -14.87
N VAL C 744 -20.58 41.82 -13.86
CA VAL C 744 -21.29 41.57 -12.63
C VAL C 744 -21.68 42.89 -11.97
N ILE C 745 -20.74 43.82 -11.91
CA ILE C 745 -21.02 45.13 -11.31
C ILE C 745 -22.10 45.85 -12.11
N PHE C 746 -21.98 45.77 -13.43
CA PHE C 746 -22.95 46.40 -14.32
C PHE C 746 -24.32 45.76 -14.15
N TYR C 747 -24.32 44.44 -14.01
CA TYR C 747 -25.57 43.69 -13.85
C TYR C 747 -26.29 44.07 -12.56
N ILE C 748 -25.53 44.27 -11.50
CA ILE C 748 -26.11 44.65 -10.21
C ILE C 748 -26.82 45.99 -10.33
N ALA C 749 -26.19 46.92 -11.06
CA ALA C 749 -26.76 48.25 -11.26
C ALA C 749 -28.01 48.19 -12.12
N PHE C 750 -28.01 47.31 -13.13
CA PHE C 750 -29.20 47.04 -13.93
C PHE C 750 -30.35 46.54 -13.08
N LEU C 751 -30.04 45.66 -12.12
CA LEU C 751 -31.10 45.13 -11.27
C LEU C 751 -31.68 46.20 -10.37
N LEU C 752 -30.82 47.09 -9.86
CA LEU C 752 -31.29 48.22 -9.05
C LEU C 752 -32.18 49.16 -9.86
N LEU C 753 -31.79 49.45 -11.10
CA LEU C 753 -32.58 50.35 -11.93
C LEU C 753 -33.91 49.70 -12.31
N PHE C 754 -33.90 48.38 -12.51
CA PHE C 754 -35.11 47.65 -12.81
C PHE C 754 -36.08 47.71 -11.63
N ALA C 755 -35.54 47.59 -10.41
CA ALA C 755 -36.37 47.72 -9.21
C ALA C 755 -36.93 49.13 -9.07
N TYR C 756 -36.13 50.14 -9.40
CA TYR C 756 -36.58 51.52 -9.28
C TYR C 756 -37.69 51.82 -10.27
N VAL C 757 -37.63 51.25 -11.47
CA VAL C 757 -38.70 51.46 -12.43
C VAL C 757 -39.95 50.68 -12.02
N LEU C 758 -39.75 49.48 -11.43
CA LEU C 758 -40.90 48.69 -10.96
C LEU C 758 -41.62 49.36 -9.81
N LEU C 759 -40.91 50.17 -9.02
CA LEU C 759 -41.58 50.90 -7.96
C LEU C 759 -42.11 52.25 -8.46
N MET C 760 -41.34 52.93 -9.30
CA MET C 760 -41.75 54.20 -9.92
C MET C 760 -42.24 53.95 -11.34
N ASP C 761 -43.39 53.28 -11.46
CA ASP C 761 -43.97 52.93 -12.75
C ASP C 761 -45.21 53.80 -12.96
N PHE C 762 -45.32 54.37 -14.16
CA PHE C 762 -46.45 55.22 -14.50
C PHE C 762 -47.46 54.41 -15.31
N GLN C 763 -48.56 55.04 -15.69
CA GLN C 763 -49.62 54.45 -16.50
C GLN C 763 -49.18 54.51 -17.97
N LYS C 764 -50.12 54.34 -18.92
CA LYS C 764 -50.03 53.87 -20.32
C LYS C 764 -48.76 54.36 -21.02
N GLU C 765 -48.38 55.63 -20.91
CA GLU C 765 -47.16 56.10 -21.55
C GLU C 765 -45.93 55.78 -20.70
N PRO C 766 -44.99 55.02 -21.25
CA PRO C 766 -43.77 54.73 -20.49
C PRO C 766 -42.75 55.86 -20.58
N THR C 767 -42.03 56.08 -19.49
CA THR C 767 -40.99 57.09 -19.47
C THR C 767 -39.73 56.58 -20.17
N ALA C 768 -38.70 57.44 -20.21
CA ALA C 768 -37.46 57.10 -20.90
C ALA C 768 -36.68 56.02 -20.16
N LEU C 769 -36.90 55.90 -18.84
CA LEU C 769 -36.22 54.88 -18.05
C LEU C 769 -36.64 53.48 -18.49
N GLU C 770 -37.94 53.27 -18.69
CA GLU C 770 -38.42 51.99 -19.17
C GLU C 770 -37.89 51.68 -20.56
N ILE C 771 -37.75 52.71 -21.40
CA ILE C 771 -37.19 52.55 -22.74
C ILE C 771 -35.73 52.10 -22.66
N ILE C 772 -34.98 52.69 -21.71
CA ILE C 772 -33.59 52.28 -21.48
C ILE C 772 -33.54 50.82 -21.03
N LEU C 773 -34.51 50.40 -20.21
CA LEU C 773 -34.61 49.00 -19.83
C LEU C 773 -34.86 48.09 -21.03
N TYR C 774 -35.73 48.51 -21.94
CA TYR C 774 -36.03 47.66 -23.09
C TYR C 774 -34.82 47.55 -24.01
N VAL C 775 -34.03 48.63 -24.11
CA VAL C 775 -32.81 48.60 -24.89
C VAL C 775 -31.79 47.64 -24.26
N LEU C 776 -31.66 47.66 -22.94
CA LEU C 776 -30.72 46.77 -22.27
C LEU C 776 -31.12 45.31 -22.41
N VAL C 777 -32.42 45.02 -22.32
CA VAL C 777 -32.86 43.63 -22.49
C VAL C 777 -32.71 43.21 -23.94
N PHE C 778 -32.82 44.16 -24.88
CA PHE C 778 -32.55 43.86 -26.28
C PHE C 778 -31.08 43.50 -26.51
N ILE C 779 -30.18 44.17 -25.79
CA ILE C 779 -28.76 43.82 -25.81
C ILE C 779 -28.57 42.39 -25.32
N LEU C 780 -29.25 42.04 -24.22
CA LEU C 780 -29.24 40.67 -23.71
C LEU C 780 -29.77 39.68 -24.74
N LEU C 781 -30.82 40.06 -25.48
CA LEU C 781 -31.40 39.16 -26.47
C LEU C 781 -30.45 38.92 -27.63
N CYS C 782 -29.73 39.97 -28.04
CA CYS C 782 -28.72 39.82 -29.07
C CYS C 782 -27.60 38.88 -28.63
N ASP C 783 -27.20 38.99 -27.35
CA ASP C 783 -26.17 38.09 -26.83
C ASP C 783 -26.65 36.65 -26.76
N GLU C 784 -27.93 36.46 -26.41
CA GLU C 784 -28.49 35.10 -26.34
C GLU C 784 -28.59 34.46 -27.71
N VAL C 785 -28.99 35.24 -28.72
CA VAL C 785 -29.04 34.72 -30.09
C VAL C 785 -27.64 34.40 -30.60
N ARG C 786 -26.66 35.22 -30.22
CA ARG C 786 -25.27 34.92 -30.59
C ARG C 786 -24.79 33.62 -29.97
N GLN C 787 -25.17 33.35 -28.73
CA GLN C 787 -24.68 32.10 -28.12
C GLN C 787 -25.45 30.90 -28.66
N TRP C 788 -26.73 31.10 -29.05
CA TRP C 788 -27.48 30.09 -29.80
C TRP C 788 -26.73 29.66 -31.05
N TYR C 789 -26.34 30.64 -31.87
CA TYR C 789 -25.74 30.37 -33.17
C TYR C 789 -24.38 29.70 -33.05
N MET C 790 -23.71 29.88 -31.93
CA MET C 790 -22.38 29.29 -31.74
C MET C 790 -22.47 27.87 -31.15
N ASN C 791 -23.32 27.68 -30.14
CA ASN C 791 -23.34 26.37 -29.48
C ASN C 791 -24.30 25.40 -30.16
N GLY C 792 -25.56 25.78 -30.33
CA GLY C 792 -26.49 24.80 -30.86
C GLY C 792 -27.27 24.09 -29.76
N SER C 793 -27.10 22.77 -29.67
CA SER C 793 -27.89 21.99 -28.73
C SER C 793 -27.19 21.84 -27.38
N LYS C 794 -25.85 21.90 -27.40
CA LYS C 794 -25.08 21.92 -26.15
C LYS C 794 -25.36 23.17 -25.34
N TYR C 795 -25.81 24.24 -26.00
CA TYR C 795 -26.48 25.35 -25.33
C TYR C 795 -27.65 24.86 -24.49
N PHE C 796 -28.60 24.18 -25.11
CA PHE C 796 -29.86 23.82 -24.46
C PHE C 796 -29.74 22.57 -23.60
N SER C 797 -28.55 21.99 -23.48
CA SER C 797 -28.35 20.90 -22.54
C SER C 797 -28.49 21.38 -21.09
N ASP C 798 -28.10 22.62 -20.81
CA ASP C 798 -28.16 23.17 -19.46
C ASP C 798 -29.52 23.82 -19.21
N LEU C 799 -30.16 23.44 -18.10
CA LEU C 799 -31.54 23.89 -17.85
C LEU C 799 -31.59 25.35 -17.46
N TRP C 800 -30.52 25.88 -16.87
CA TRP C 800 -30.49 27.29 -16.49
C TRP C 800 -30.45 28.18 -17.73
N ASN C 801 -29.90 27.65 -18.82
CA ASN C 801 -29.80 28.42 -20.04
C ASN C 801 -31.18 28.51 -20.70
N VAL C 802 -31.93 27.40 -20.64
CA VAL C 802 -33.33 27.37 -21.05
C VAL C 802 -34.16 28.33 -20.20
N MET C 803 -33.85 28.39 -18.90
CA MET C 803 -34.53 29.33 -17.99
C MET C 803 -34.28 30.77 -18.40
N ASP C 804 -33.04 31.09 -18.73
CA ASP C 804 -32.69 32.45 -19.13
C ASP C 804 -33.39 32.83 -20.43
N THR C 805 -33.43 31.91 -21.39
CA THR C 805 -34.11 32.15 -22.66
C THR C 805 -35.62 32.34 -22.48
N LEU C 806 -36.24 31.48 -21.67
CA LEU C 806 -37.66 31.60 -21.40
C LEU C 806 -37.98 32.88 -20.65
N ALA C 807 -37.08 33.31 -19.76
CA ALA C 807 -37.29 34.55 -19.02
C ALA C 807 -37.23 35.76 -19.94
N ILE C 808 -36.26 35.80 -20.85
CA ILE C 808 -36.12 36.98 -21.69
C ILE C 808 -37.20 37.02 -22.76
N PHE C 809 -37.66 35.86 -23.23
CA PHE C 809 -38.78 35.87 -24.17
C PHE C 809 -40.09 36.21 -23.46
N TYR C 810 -40.21 35.82 -22.20
CA TYR C 810 -41.36 36.20 -21.39
C TYR C 810 -41.40 37.70 -21.16
N PHE C 811 -40.23 38.30 -20.96
CA PHE C 811 -40.12 39.74 -20.84
C PHE C 811 -40.49 40.44 -22.15
N ILE C 812 -40.06 39.85 -23.29
CA ILE C 812 -40.35 40.44 -24.59
C ILE C 812 -41.84 40.40 -24.87
N ALA C 813 -42.52 39.35 -24.39
CA ALA C 813 -43.98 39.31 -24.49
C ALA C 813 -44.62 40.34 -23.57
N GLY C 814 -44.10 40.47 -22.35
CA GLY C 814 -44.70 41.41 -21.39
C GLY C 814 -44.53 42.86 -21.79
N ILE C 815 -43.48 43.16 -22.55
CA ILE C 815 -43.27 44.52 -23.06
C ILE C 815 -44.38 44.91 -24.01
N VAL C 816 -44.73 44.01 -24.94
CA VAL C 816 -45.80 44.29 -25.89
C VAL C 816 -47.16 44.23 -25.20
N PHE C 817 -47.26 43.43 -24.14
CA PHE C 817 -48.52 43.36 -23.42
C PHE C 817 -48.77 44.65 -22.64
N ARG C 818 -47.69 45.28 -22.17
CA ARG C 818 -47.82 46.60 -21.54
C ARG C 818 -48.04 47.68 -22.59
N LEU C 819 -47.45 47.52 -23.78
CA LEU C 819 -47.52 48.56 -24.81
C LEU C 819 -48.94 48.73 -25.35
N HIS C 820 -49.76 47.68 -25.25
CA HIS C 820 -51.16 47.80 -25.62
C HIS C 820 -51.90 48.67 -24.63
N SER C 821 -52.75 49.55 -25.14
CA SER C 821 -53.47 50.53 -24.32
C SER C 821 -54.90 50.04 -24.14
N ASP C 822 -55.18 49.46 -22.98
CA ASP C 822 -56.53 49.06 -22.61
C ASP C 822 -56.90 49.42 -21.18
N GLU C 823 -55.93 49.80 -20.34
CA GLU C 823 -56.05 50.30 -18.97
C GLU C 823 -56.48 49.24 -17.97
N SER C 824 -56.79 48.03 -18.43
CA SER C 824 -57.12 46.94 -17.53
C SER C 824 -56.05 45.86 -17.57
N SER C 825 -55.47 45.63 -18.73
CA SER C 825 -54.39 44.65 -18.85
C SER C 825 -53.11 45.18 -18.22
N TRP C 826 -52.98 46.52 -18.15
CA TRP C 826 -51.84 47.28 -17.63
C TRP C 826 -51.26 46.71 -16.35
N TYR C 827 -52.11 46.68 -15.31
CA TYR C 827 -51.77 46.09 -14.03
C TYR C 827 -51.24 44.68 -14.18
N SER C 828 -51.96 43.83 -14.93
CA SER C 828 -51.55 42.45 -15.13
C SER C 828 -50.22 42.37 -15.84
N GLY C 829 -49.99 43.26 -16.82
CA GLY C 829 -48.71 43.30 -17.49
C GLY C 829 -47.60 43.66 -16.53
N ARG C 830 -47.89 44.60 -15.63
CA ARG C 830 -46.94 44.98 -14.59
C ARG C 830 -46.62 43.80 -13.69
N VAL C 831 -47.63 42.97 -13.41
CA VAL C 831 -47.45 41.77 -12.60
C VAL C 831 -46.44 40.84 -13.25
N ILE C 832 -46.51 40.73 -14.59
CA ILE C 832 -45.61 39.88 -15.37
C ILE C 832 -44.17 40.29 -15.12
N PHE C 833 -43.92 41.62 -15.10
CA PHE C 833 -42.57 42.13 -14.93
C PHE C 833 -42.00 41.69 -13.59
N CYS C 834 -42.83 41.70 -12.55
CA CYS C 834 -42.39 41.35 -11.21
C CYS C 834 -41.91 39.91 -11.17
N LEU C 835 -42.64 39.01 -11.85
CA LEU C 835 -42.24 37.61 -11.87
C LEU C 835 -40.92 37.45 -12.58
N ASP C 836 -40.76 38.16 -13.71
CA ASP C 836 -39.53 38.09 -14.48
C ASP C 836 -38.36 38.61 -13.66
N TYR C 837 -38.65 39.60 -12.79
CA TYR C 837 -37.65 40.19 -11.91
C TYR C 837 -37.00 39.14 -11.04
N ILE C 838 -37.82 38.24 -10.46
CA ILE C 838 -37.31 37.22 -9.57
C ILE C 838 -36.38 36.29 -10.32
N VAL C 839 -36.73 35.99 -11.58
CA VAL C 839 -35.93 35.07 -12.37
C VAL C 839 -34.58 35.67 -12.67
N PHE C 840 -34.54 37.00 -12.89
CA PHE C 840 -33.25 37.65 -13.13
C PHE C 840 -32.36 37.56 -11.90
N THR C 841 -32.95 37.71 -10.71
CA THR C 841 -32.21 37.58 -9.48
C THR C 841 -31.67 36.17 -9.33
N LEU C 842 -32.48 35.17 -9.73
CA LEU C 842 -32.04 33.79 -9.63
C LEU C 842 -30.86 33.54 -10.56
N ARG C 843 -30.87 34.21 -11.72
CA ARG C 843 -29.76 34.12 -12.66
C ARG C 843 -28.48 34.58 -12.00
N LEU C 844 -28.56 35.71 -11.29
CA LEU C 844 -27.39 36.26 -10.60
C LEU C 844 -26.87 35.28 -9.57
N ILE C 845 -27.78 34.61 -8.85
CA ILE C 845 -27.36 33.76 -7.74
C ILE C 845 -26.59 32.56 -8.27
N HIS C 846 -26.95 32.10 -9.49
CA HIS C 846 -26.27 30.96 -10.07
C HIS C 846 -24.81 31.28 -10.33
N ILE C 847 -24.54 32.52 -10.73
CA ILE C 847 -23.18 32.95 -11.00
C ILE C 847 -22.34 32.88 -9.73
N PHE C 848 -22.93 33.30 -8.61
CA PHE C 848 -22.21 33.23 -7.35
C PHE C 848 -21.96 31.79 -6.93
N THR C 849 -22.92 30.90 -7.21
CA THR C 849 -22.74 29.51 -6.82
C THR C 849 -21.73 28.81 -7.70
N VAL C 850 -21.41 29.41 -8.85
CA VAL C 850 -20.29 28.88 -9.61
C VAL C 850 -19.00 29.57 -9.17
N SER C 851 -19.10 30.85 -8.80
CA SER C 851 -17.89 31.60 -8.50
C SER C 851 -17.32 31.22 -7.13
N ARG C 852 -18.20 31.03 -6.14
CA ARG C 852 -17.73 30.64 -4.82
C ARG C 852 -17.22 29.21 -4.81
N ASN C 853 -17.97 28.30 -5.41
CA ASN C 853 -17.65 26.88 -5.37
C ASN C 853 -16.57 26.50 -6.36
N LEU C 854 -16.09 27.43 -7.17
CA LEU C 854 -14.95 27.16 -8.05
C LEU C 854 -13.74 26.86 -7.18
N GLY C 855 -13.18 25.67 -7.39
CA GLY C 855 -12.41 25.00 -6.37
C GLY C 855 -12.93 23.59 -6.33
N PRO C 856 -12.44 22.73 -5.44
CA PRO C 856 -12.68 21.28 -5.60
C PRO C 856 -14.10 20.81 -5.33
N LYS C 857 -15.04 21.72 -5.13
CA LYS C 857 -16.40 21.34 -4.77
C LYS C 857 -17.28 21.01 -5.97
N ILE C 858 -16.82 21.31 -7.18
CA ILE C 858 -17.72 21.36 -8.35
C ILE C 858 -18.19 19.96 -8.74
N ILE C 859 -17.34 18.96 -8.54
CA ILE C 859 -17.72 17.56 -8.73
C ILE C 859 -18.94 17.22 -7.88
N MET C 860 -18.95 17.72 -6.65
CA MET C 860 -20.17 17.72 -5.85
C MET C 860 -21.27 18.49 -6.55
N LEU C 861 -21.00 19.78 -6.83
CA LEU C 861 -22.03 20.82 -6.92
C LEU C 861 -23.05 20.52 -8.01
N GLN C 862 -22.59 20.34 -9.25
CA GLN C 862 -23.47 20.06 -10.38
C GLN C 862 -24.31 18.83 -10.14
N ARG C 863 -23.69 17.76 -9.61
CA ARG C 863 -24.41 16.52 -9.34
C ARG C 863 -25.55 16.73 -8.39
N MET C 864 -25.30 17.57 -7.36
CA MET C 864 -26.32 17.88 -6.36
C MET C 864 -27.55 18.48 -7.02
N MET C 865 -27.32 19.45 -7.92
CA MET C 865 -28.39 20.14 -8.62
C MET C 865 -29.28 19.16 -9.35
N ILE C 866 -28.65 18.21 -10.05
CA ILE C 866 -29.37 17.27 -10.91
C ILE C 866 -30.31 16.44 -10.06
N ASP C 867 -29.80 15.94 -8.92
CA ASP C 867 -30.60 15.03 -8.11
C ASP C 867 -31.78 15.76 -7.51
N VAL C 868 -31.59 17.03 -7.15
CA VAL C 868 -32.66 17.74 -6.48
C VAL C 868 -33.77 18.04 -7.48
N PHE C 869 -33.39 18.29 -8.75
CA PHE C 869 -34.38 18.44 -9.81
C PHE C 869 -35.25 17.21 -9.91
N PHE C 870 -34.61 16.02 -9.91
CA PHE C 870 -35.36 14.78 -10.05
C PHE C 870 -36.26 14.58 -8.86
N PHE C 871 -35.77 14.96 -7.67
CA PHE C 871 -36.56 14.85 -6.46
C PHE C 871 -37.83 15.68 -6.55
N LEU C 872 -37.70 16.91 -7.04
CA LEU C 872 -38.86 17.78 -7.12
C LEU C 872 -39.87 17.24 -8.11
N PHE C 873 -39.37 16.59 -9.17
CA PHE C 873 -40.25 15.97 -10.15
C PHE C 873 -41.13 14.92 -9.49
N LEU C 874 -40.51 14.05 -8.68
CA LEU C 874 -41.29 13.02 -8.00
C LEU C 874 -42.27 13.64 -7.04
N PHE C 875 -41.83 14.72 -6.37
CA PHE C 875 -42.68 15.41 -5.42
C PHE C 875 -43.89 15.99 -6.12
N ALA C 876 -43.68 16.55 -7.32
CA ALA C 876 -44.79 17.15 -8.06
C ALA C 876 -45.82 16.10 -8.43
N VAL C 877 -45.34 14.90 -8.78
CA VAL C 877 -46.22 13.81 -9.16
C VAL C 877 -47.13 13.47 -8.01
N TRP C 878 -46.55 13.38 -6.79
CA TRP C 878 -47.31 12.99 -5.62
C TRP C 878 -48.41 13.99 -5.34
N MET C 879 -48.08 15.28 -5.53
CA MET C 879 -49.01 16.34 -5.16
C MET C 879 -50.24 16.28 -6.04
N VAL C 880 -50.04 15.97 -7.34
CA VAL C 880 -51.16 15.93 -8.27
C VAL C 880 -52.11 14.81 -7.90
N ALA C 881 -51.52 13.67 -7.47
CA ALA C 881 -52.33 12.54 -7.04
C ALA C 881 -53.17 12.91 -5.85
N PHE C 882 -52.55 13.61 -4.87
CA PHE C 882 -53.25 14.07 -3.69
C PHE C 882 -54.41 14.95 -4.06
N GLY C 883 -54.18 15.85 -5.02
CA GLY C 883 -55.19 16.81 -5.42
C GLY C 883 -56.42 16.14 -5.97
N VAL C 884 -56.21 15.11 -6.81
CA VAL C 884 -57.35 14.41 -7.41
C VAL C 884 -58.12 13.70 -6.33
N ALA C 885 -57.41 13.02 -5.44
CA ALA C 885 -58.03 12.29 -4.35
C ALA C 885 -58.77 13.23 -3.44
N ARG C 886 -58.21 14.44 -3.26
CA ARG C 886 -58.80 15.42 -2.36
C ARG C 886 -60.16 15.84 -2.85
N GLN C 887 -60.29 16.08 -4.16
CA GLN C 887 -61.57 16.54 -4.67
C GLN C 887 -62.57 15.41 -4.66
N GLY C 888 -62.07 14.18 -4.80
CA GLY C 888 -62.93 13.01 -4.74
C GLY C 888 -63.57 12.86 -3.37
N ILE C 889 -62.91 13.37 -2.34
CA ILE C 889 -63.53 13.33 -1.02
C ILE C 889 -64.47 14.52 -0.85
N LEU C 890 -64.07 15.69 -1.37
CA LEU C 890 -64.67 16.92 -0.84
C LEU C 890 -65.89 17.36 -1.64
N ARG C 891 -65.75 17.48 -2.96
CA ARG C 891 -66.82 18.01 -3.77
C ARG C 891 -67.17 17.03 -4.87
N LYS C 892 -68.44 16.66 -4.95
CA LYS C 892 -68.93 15.77 -6.01
C LYS C 892 -70.14 16.43 -6.65
N ASN C 893 -69.86 17.33 -7.60
CA ASN C 893 -70.85 18.06 -8.40
C ASN C 893 -70.08 18.83 -9.47
N GLU C 894 -70.84 19.50 -10.34
CA GLU C 894 -70.34 20.56 -11.22
C GLU C 894 -69.23 20.12 -12.17
N HIS C 895 -69.59 19.36 -13.21
CA HIS C 895 -68.63 18.74 -14.12
C HIS C 895 -68.09 19.69 -15.18
N ARG C 896 -67.95 20.97 -14.86
CA ARG C 896 -67.41 21.92 -15.81
C ARG C 896 -65.95 21.57 -16.04
N TRP C 897 -65.53 21.60 -17.30
CA TRP C 897 -64.14 21.27 -17.63
C TRP C 897 -63.13 22.23 -17.03
N GLU C 898 -63.42 23.52 -17.10
CA GLU C 898 -62.52 24.54 -16.56
C GLU C 898 -62.36 24.49 -15.04
N TRP C 899 -63.47 24.28 -14.32
CA TRP C 899 -63.45 24.24 -12.87
C TRP C 899 -62.62 23.09 -12.28
N ILE C 900 -62.75 21.91 -12.85
CA ILE C 900 -62.04 20.74 -12.35
C ILE C 900 -60.52 20.85 -12.48
N PHE C 901 -60.05 21.37 -13.62
CA PHE C 901 -58.63 21.50 -13.86
C PHE C 901 -57.98 22.47 -12.87
N ARG C 902 -58.66 23.57 -12.59
CA ARG C 902 -58.14 24.58 -11.67
C ARG C 902 -57.95 24.02 -10.27
N SER C 903 -58.91 23.19 -9.82
CA SER C 903 -58.81 22.58 -8.50
C SER C 903 -57.63 21.63 -8.42
N VAL C 904 -57.54 20.69 -9.36
CA VAL C 904 -56.57 19.62 -9.23
C VAL C 904 -55.17 20.08 -9.62
N ILE C 905 -55.04 21.29 -10.14
CA ILE C 905 -53.69 21.84 -10.19
C ILE C 905 -53.38 22.73 -8.98
N TYR C 906 -54.13 23.81 -8.71
CA TYR C 906 -53.63 24.75 -7.72
C TYR C 906 -54.45 24.82 -6.43
N GLU C 907 -55.19 23.78 -6.06
CA GLU C 907 -55.64 23.73 -4.68
C GLU C 907 -54.57 23.25 -3.69
N PRO C 908 -53.81 22.16 -3.93
CA PRO C 908 -52.85 21.73 -2.88
C PRO C 908 -51.68 22.69 -2.66
N TYR C 909 -51.22 23.38 -3.71
CA TYR C 909 -50.15 24.35 -3.51
C TYR C 909 -50.65 25.55 -2.71
N LEU C 910 -51.90 25.96 -2.91
CA LEU C 910 -52.44 27.03 -2.08
C LEU C 910 -52.74 26.55 -0.68
N ALA C 911 -52.96 25.24 -0.51
CA ALA C 911 -53.21 24.70 0.82
C ALA C 911 -51.93 24.63 1.64
N MET C 912 -50.85 24.14 1.03
CA MET C 912 -49.58 24.06 1.74
C MET C 912 -48.94 25.44 1.88
N PHE C 913 -49.15 26.31 0.89
CA PHE C 913 -48.62 27.67 0.98
C PHE C 913 -49.41 28.53 1.94
N GLY C 914 -50.73 28.60 1.76
CA GLY C 914 -51.57 29.37 2.64
C GLY C 914 -52.31 28.52 3.65
N GLU C 954 -65.95 6.90 8.98
CA GLU C 954 -65.11 7.43 10.04
C GLU C 954 -63.95 6.49 10.34
N TRP C 955 -63.94 5.35 9.66
CA TRP C 955 -62.88 4.36 9.80
C TRP C 955 -61.79 4.57 8.74
N ILE C 956 -61.69 5.79 8.22
CA ILE C 956 -60.63 6.13 7.28
C ILE C 956 -59.43 6.74 7.98
N THR C 957 -59.37 6.71 9.31
CA THR C 957 -58.28 7.34 10.04
C THR C 957 -56.99 6.56 9.86
N ILE C 958 -57.00 5.27 10.19
CA ILE C 958 -55.83 4.40 10.07
C ILE C 958 -55.35 4.17 8.64
N PRO C 959 -56.21 3.95 7.62
CA PRO C 959 -55.64 3.85 6.26
C PRO C 959 -55.00 5.13 5.74
N LEU C 960 -55.61 6.29 5.99
CA LEU C 960 -55.00 7.55 5.60
C LEU C 960 -53.70 7.80 6.37
N VAL C 961 -53.71 7.42 7.66
CA VAL C 961 -52.54 7.58 8.51
C VAL C 961 -51.39 6.67 8.10
N CYS C 962 -51.67 5.52 7.48
CA CYS C 962 -50.54 4.74 7.01
C CYS C 962 -50.15 5.11 5.58
N ILE C 963 -51.08 5.64 4.79
CA ILE C 963 -50.76 6.10 3.44
C ILE C 963 -49.85 7.32 3.48
N TYR C 964 -50.12 8.27 4.39
CA TYR C 964 -49.19 9.38 4.60
C TYR C 964 -47.81 8.91 5.03
N MET C 965 -47.76 7.85 5.84
CA MET C 965 -46.47 7.32 6.28
C MET C 965 -45.70 6.71 5.12
N LEU C 966 -46.39 5.95 4.26
CA LEU C 966 -45.75 5.37 3.08
C LEU C 966 -45.24 6.45 2.14
N SER C 967 -46.06 7.50 1.93
CA SER C 967 -45.65 8.59 1.06
C SER C 967 -44.46 9.35 1.61
N THR C 968 -44.41 9.56 2.94
CA THR C 968 -43.27 10.23 3.54
C THR C 968 -42.02 9.38 3.44
N ASN C 969 -42.17 8.05 3.48
CA ASN C 969 -41.02 7.19 3.25
C ASN C 969 -40.47 7.35 1.84
N ILE C 970 -41.32 7.19 0.82
CA ILE C 970 -40.85 7.22 -0.56
C ILE C 970 -40.32 8.60 -0.91
N LEU C 971 -40.88 9.63 -0.30
CA LEU C 971 -40.44 10.98 -0.57
C LEU C 971 -39.10 11.27 0.10
N LEU C 972 -38.94 10.83 1.36
CA LEU C 972 -37.74 11.17 2.11
C LEU C 972 -36.52 10.41 1.61
N VAL C 973 -36.71 9.17 1.12
CA VAL C 973 -35.59 8.36 0.68
C VAL C 973 -34.92 8.98 -0.54
N ASN C 974 -35.70 9.62 -1.41
CA ASN C 974 -35.15 10.29 -2.59
C ASN C 974 -34.27 11.47 -2.19
N LEU C 975 -34.71 12.28 -1.22
CA LEU C 975 -33.92 13.44 -0.81
C LEU C 975 -32.67 13.01 -0.06
N LEU C 976 -32.77 11.93 0.72
CA LEU C 976 -31.58 11.46 1.43
C LEU C 976 -30.60 10.80 0.48
N VAL C 977 -31.09 10.27 -0.64
CA VAL C 977 -30.18 9.93 -1.72
C VAL C 977 -29.60 11.18 -2.34
N ALA C 978 -30.42 12.24 -2.45
CA ALA C 978 -30.00 13.45 -3.16
C ALA C 978 -28.93 14.22 -2.40
N MET C 979 -28.90 14.08 -1.07
CA MET C 979 -27.79 14.63 -0.31
C MET C 979 -26.48 13.94 -0.66
N PHE C 980 -26.55 12.66 -1.00
CA PHE C 980 -25.40 11.87 -1.38
C PHE C 980 -25.37 11.64 -2.88
N GLY C 981 -24.56 10.68 -3.29
CA GLY C 981 -24.49 10.26 -4.67
C GLY C 981 -23.21 10.66 -5.37
N TYR C 982 -22.70 11.85 -5.08
CA TYR C 982 -21.34 12.18 -5.47
C TYR C 982 -20.34 11.35 -4.66
N THR C 983 -20.74 10.93 -3.47
CA THR C 983 -19.91 10.10 -2.60
C THR C 983 -19.67 8.73 -3.22
N VAL C 984 -20.75 8.02 -3.55
CA VAL C 984 -20.62 6.64 -4.01
C VAL C 984 -20.19 6.59 -5.47
N GLY C 985 -20.34 7.70 -6.19
CA GLY C 985 -19.96 7.74 -7.58
C GLY C 985 -18.47 7.91 -7.80
N ASN C 990 -8.17 10.77 -6.86
CA ASN C 990 -8.49 10.89 -8.28
C ASN C 990 -9.65 11.84 -8.48
N ASN C 991 -10.07 12.50 -7.39
CA ASN C 991 -10.97 13.63 -7.54
C ASN C 991 -10.23 14.86 -8.08
N ASP C 992 -8.89 14.85 -7.93
CA ASP C 992 -8.06 15.97 -8.35
C ASP C 992 -8.13 16.19 -9.86
N GLN C 993 -7.94 15.12 -10.64
CA GLN C 993 -7.93 15.25 -12.10
C GLN C 993 -9.31 15.62 -12.64
N VAL C 994 -10.35 15.01 -12.09
CA VAL C 994 -11.72 15.29 -12.51
C VAL C 994 -12.08 16.73 -12.21
N TRP C 995 -11.68 17.22 -11.03
CA TRP C 995 -11.92 18.61 -10.68
C TRP C 995 -11.20 19.56 -11.61
N LYS C 996 -9.90 19.33 -11.86
CA LYS C 996 -9.14 20.24 -12.71
C LYS C 996 -9.68 20.26 -14.13
N PHE C 997 -10.14 19.11 -14.62
CA PHE C 997 -10.75 19.07 -15.96
C PHE C 997 -12.04 19.87 -16.01
N GLN C 998 -12.89 19.75 -14.99
CA GLN C 998 -14.16 20.46 -15.02
C GLN C 998 -13.96 21.96 -14.92
N ARG C 999 -13.01 22.38 -14.08
CA ARG C 999 -12.69 23.81 -13.96
C ARG C 999 -12.12 24.36 -15.26
N PHE C 1000 -11.23 23.57 -15.90
CA PHE C 1000 -10.67 23.97 -17.19
C PHE C 1000 -11.74 24.11 -18.25
N PHE C 1001 -12.70 23.19 -18.27
CA PHE C 1001 -13.75 23.24 -19.28
C PHE C 1001 -14.64 24.45 -19.07
N LEU C 1002 -14.94 24.80 -17.81
CA LEU C 1002 -15.77 25.97 -17.58
C LEU C 1002 -15.05 27.27 -17.94
N VAL C 1003 -13.76 27.38 -17.60
CA VAL C 1003 -13.02 28.59 -17.92
C VAL C 1003 -12.89 28.74 -19.44
N GLN C 1004 -12.57 27.66 -20.14
CA GLN C 1004 -12.38 27.76 -21.59
C GLN C 1004 -13.71 28.00 -22.29
N GLU C 1005 -14.81 27.49 -21.73
CA GLU C 1005 -16.11 27.81 -22.30
C GLU C 1005 -16.46 29.28 -22.11
N TYR C 1006 -16.06 29.86 -20.97
CA TYR C 1006 -16.39 31.27 -20.77
C TYR C 1006 -15.49 32.18 -21.60
N CYS C 1007 -14.26 31.73 -21.91
CA CYS C 1007 -13.31 32.58 -22.63
C CYS C 1007 -13.77 32.86 -24.06
N SER C 1008 -14.61 31.99 -24.62
CA SER C 1008 -14.90 32.08 -26.04
C SER C 1008 -16.05 33.04 -26.36
N ARG C 1009 -16.61 33.73 -25.37
CA ARG C 1009 -17.58 34.78 -25.68
C ARG C 1009 -16.89 36.06 -26.16
N LEU C 1010 -17.70 37.10 -26.33
CA LEU C 1010 -17.18 38.41 -26.76
C LEU C 1010 -16.34 39.04 -25.66
N THR C 1011 -15.57 40.05 -26.05
CA THR C 1011 -14.57 40.61 -25.14
C THR C 1011 -15.03 41.96 -24.59
N ILE C 1012 -15.83 42.68 -25.36
CA ILE C 1012 -16.38 43.98 -24.98
C ILE C 1012 -17.25 43.87 -23.72
N PRO C 1013 -17.11 44.80 -22.76
CA PRO C 1013 -18.00 44.80 -21.60
C PRO C 1013 -19.46 45.05 -21.99
N PHE C 1014 -20.36 44.67 -21.08
CA PHE C 1014 -21.81 44.50 -21.32
C PHE C 1014 -22.52 45.65 -22.05
N PRO C 1015 -22.54 46.91 -21.56
CA PRO C 1015 -23.44 47.89 -22.18
C PRO C 1015 -23.02 48.33 -23.56
N PHE C 1016 -21.83 47.92 -23.99
CA PHE C 1016 -21.26 48.31 -25.27
C PHE C 1016 -21.22 47.14 -26.25
N VAL C 1017 -21.69 45.95 -25.83
CA VAL C 1017 -21.50 44.71 -26.59
C VAL C 1017 -22.13 44.80 -27.98
N ILE C 1018 -23.29 45.46 -28.07
CA ILE C 1018 -24.03 45.55 -29.33
C ILE C 1018 -23.26 46.34 -30.38
N PHE C 1019 -22.36 47.25 -29.94
CA PHE C 1019 -21.49 47.96 -30.87
C PHE C 1019 -20.64 46.98 -31.67
N ALA C 1020 -20.05 45.99 -30.99
CA ALA C 1020 -19.32 44.94 -31.68
C ALA C 1020 -20.25 44.16 -32.60
N TYR C 1021 -21.48 43.90 -32.13
CA TYR C 1021 -22.47 43.23 -32.96
C TYR C 1021 -22.82 44.08 -34.17
N ILE C 1022 -22.85 45.40 -33.98
CA ILE C 1022 -23.17 46.32 -35.06
C ILE C 1022 -22.08 46.29 -36.12
N PHE C 1023 -20.87 45.88 -35.74
CA PHE C 1023 -19.84 45.70 -36.75
C PHE C 1023 -19.78 44.26 -37.24
N MET C 1024 -20.17 43.31 -36.37
CA MET C 1024 -19.89 41.90 -36.65
C MET C 1024 -20.71 41.39 -37.83
N VAL C 1025 -22.02 41.64 -37.81
CA VAL C 1025 -22.86 41.33 -38.96
C VAL C 1025 -22.51 42.26 -40.12
N MET C 1026 -22.00 43.46 -39.81
CA MET C 1026 -21.47 44.34 -40.85
C MET C 1026 -20.20 43.76 -41.44
N ARG C 1027 -19.46 42.98 -40.65
CA ARG C 1027 -18.28 42.32 -41.18
C ARG C 1027 -18.67 41.09 -41.99
N LYS C 1028 -19.72 40.39 -41.56
CA LYS C 1028 -20.20 39.22 -42.27
C LYS C 1028 -21.34 39.60 -43.22
N GLU C 1040 -6.67 30.46 -51.29
CA GLU C 1040 -5.53 29.58 -51.06
C GLU C 1040 -5.42 29.21 -49.59
N PRO C 1041 -5.79 27.97 -49.26
CA PRO C 1041 -5.73 27.53 -47.87
C PRO C 1041 -4.29 27.28 -47.42
N SER C 1042 -4.02 27.62 -46.17
CA SER C 1042 -2.72 27.33 -45.57
C SER C 1042 -2.55 25.83 -45.36
N VAL C 1043 -1.30 25.39 -45.33
CA VAL C 1043 -0.99 23.97 -45.26
C VAL C 1043 -0.32 23.65 -43.93
N CYS C 1044 -0.10 22.36 -43.68
CA CYS C 1044 0.36 21.93 -42.36
C CYS C 1044 1.85 22.17 -42.16
N CYS C 1045 2.71 21.59 -43.01
CA CYS C 1045 4.13 21.54 -42.72
C CYS C 1045 5.00 22.16 -43.82
N SER C 1046 4.56 23.24 -44.46
CA SER C 1046 5.42 23.89 -45.45
C SER C 1046 5.98 25.21 -44.99
N ARG C 1047 5.43 25.83 -43.95
CA ARG C 1047 5.97 27.08 -43.45
C ARG C 1047 7.28 26.82 -42.72
N ASN C 1048 8.08 27.87 -42.56
CA ASN C 1048 9.44 27.67 -42.05
C ASN C 1048 9.46 27.51 -40.53
N GLU C 1049 8.69 28.34 -39.81
CA GLU C 1049 8.65 28.25 -38.36
C GLU C 1049 7.98 26.97 -37.90
N ASP C 1050 7.08 26.42 -38.72
CA ASP C 1050 6.51 25.12 -38.43
C ASP C 1050 7.56 24.04 -38.53
N ASN C 1051 8.50 24.18 -39.46
CA ASN C 1051 9.64 23.26 -39.50
C ASN C 1051 10.59 23.52 -38.34
N GLU C 1052 10.61 24.75 -37.81
CA GLU C 1052 11.49 25.06 -36.69
C GLU C 1052 10.98 24.44 -35.40
N ILE C 1053 9.66 24.39 -35.20
CA ILE C 1053 9.12 23.86 -33.96
C ILE C 1053 9.23 22.34 -33.91
N LEU C 1054 8.96 21.67 -35.03
CA LEU C 1054 8.80 20.22 -35.01
C LEU C 1054 10.13 19.50 -34.80
N ALA C 1055 11.22 20.08 -35.28
CA ALA C 1055 12.54 19.48 -35.04
C ALA C 1055 12.90 19.58 -33.57
N TRP C 1056 12.52 20.68 -32.92
CA TRP C 1056 12.70 20.82 -31.48
C TRP C 1056 11.89 19.77 -30.73
N GLU C 1057 10.67 19.51 -31.19
CA GLU C 1057 9.86 18.46 -30.59
C GLU C 1057 10.50 17.09 -30.78
N ALA C 1058 11.14 16.88 -31.92
CA ALA C 1058 11.82 15.61 -32.17
C ALA C 1058 13.00 15.40 -31.23
N VAL C 1059 13.77 16.47 -30.99
CA VAL C 1059 14.88 16.41 -30.06
C VAL C 1059 14.38 16.11 -28.65
N MET C 1060 13.27 16.75 -28.26
CA MET C 1060 12.70 16.49 -26.95
C MET C 1060 12.15 15.08 -26.84
N LYS C 1061 11.67 14.52 -27.96
CA LYS C 1061 11.22 13.13 -27.95
C LYS C 1061 12.38 12.18 -27.73
N GLU C 1062 13.53 12.46 -28.34
CA GLU C 1062 14.68 11.58 -28.11
C GLU C 1062 15.18 11.68 -26.68
N ASN C 1063 15.12 12.89 -26.09
CA ASN C 1063 15.51 13.02 -24.70
C ASN C 1063 14.50 12.38 -23.75
N TYR C 1064 13.25 12.24 -24.19
CA TYR C 1064 12.29 11.43 -23.46
C TYR C 1064 12.63 9.95 -23.55
N LEU C 1065 12.98 9.48 -24.76
CA LEU C 1065 13.18 8.06 -24.97
C LEU C 1065 14.41 7.54 -24.25
N VAL C 1066 15.43 8.39 -24.10
CA VAL C 1066 16.60 7.98 -23.32
C VAL C 1066 16.23 7.82 -21.85
N LYS C 1067 15.43 8.74 -21.32
CA LYS C 1067 15.03 8.66 -19.91
C LYS C 1067 14.08 7.49 -19.66
N ILE C 1068 13.34 7.06 -20.68
CA ILE C 1068 12.41 5.95 -20.46
C ILE C 1068 13.10 4.62 -20.77
N ASN C 1069 14.24 4.66 -21.47
CA ASN C 1069 14.95 3.41 -21.73
C ASN C 1069 16.09 3.16 -20.74
N THR C 1070 16.44 4.15 -19.91
CA THR C 1070 17.38 3.87 -18.82
C THR C 1070 16.74 3.03 -17.72
N LYS C 1071 15.41 2.90 -17.72
CA LYS C 1071 14.70 2.21 -16.65
C LYS C 1071 15.04 0.71 -16.62
N ALA C 1072 15.31 0.13 -17.77
CA ALA C 1072 15.67 -1.29 -17.83
C ALA C 1072 17.10 -1.50 -17.36
N UNK C 1079 18.10 -7.36 -13.11
CA UNK C 1079 18.85 -7.81 -11.94
C UNK C 1079 18.94 -9.32 -11.90
N UNK C 1080 17.84 -9.99 -12.21
CA UNK C 1080 17.81 -11.44 -12.30
C UNK C 1080 18.61 -11.89 -13.51
N UNK C 1081 18.49 -11.11 -14.59
CA UNK C 1081 19.28 -11.35 -15.79
C UNK C 1081 20.75 -11.03 -15.52
N UNK C 1082 20.98 -10.03 -14.68
CA UNK C 1082 22.34 -9.66 -14.28
C UNK C 1082 22.99 -10.76 -13.44
N UNK C 1083 22.21 -11.32 -12.52
CA UNK C 1083 22.67 -12.42 -11.68
C UNK C 1083 22.90 -13.67 -12.52
N UNK C 1084 22.06 -13.87 -13.53
CA UNK C 1084 22.21 -14.98 -14.46
C UNK C 1084 23.47 -14.81 -15.31
N UNK C 1085 23.76 -13.57 -15.69
CA UNK C 1085 24.96 -13.26 -16.46
C UNK C 1085 26.20 -13.47 -15.62
N UNK C 1086 26.10 -13.12 -14.34
CA UNK C 1086 27.18 -13.36 -13.39
C UNK C 1086 27.41 -14.86 -13.20
N UNK C 1087 26.32 -15.61 -13.14
CA UNK C 1087 26.38 -17.07 -13.05
C UNK C 1087 27.03 -17.69 -14.29
N UNK C 1088 26.68 -17.16 -15.47
CA UNK C 1088 27.24 -17.63 -16.73
C UNK C 1088 28.74 -17.32 -16.85
N UNK C 1089 29.13 -16.13 -16.43
CA UNK C 1089 30.55 -15.74 -16.43
C UNK C 1089 31.35 -16.56 -15.42
N UNK C 1090 30.74 -16.84 -14.27
CA UNK C 1090 31.36 -17.68 -13.25
C UNK C 1090 31.50 -19.11 -13.75
N UNK C 1091 30.50 -19.57 -14.51
CA UNK C 1091 30.54 -20.90 -15.11
C UNK C 1091 31.63 -20.97 -16.18
N UNK C 1092 31.81 -19.88 -16.93
CA UNK C 1092 32.88 -19.77 -17.91
C UNK C 1092 34.26 -19.83 -17.25
N UNK C 1093 34.41 -19.11 -16.15
CA UNK C 1093 35.67 -19.10 -15.40
C UNK C 1093 35.97 -20.47 -14.75
N UNK C 1094 34.92 -21.13 -14.26
CA UNK C 1094 35.05 -22.47 -13.70
C UNK C 1094 35.39 -23.48 -14.79
N UNK C 1095 34.85 -23.27 -15.99
CA UNK C 1095 35.15 -24.09 -17.14
C UNK C 1095 36.61 -23.93 -17.56
N UNK C 1096 37.09 -22.69 -17.52
CA UNK C 1096 38.50 -22.40 -17.82
C UNK C 1096 39.44 -23.04 -16.80
N UNK C 1097 39.07 -22.94 -15.52
CA UNK C 1097 39.84 -23.54 -14.43
C UNK C 1097 39.84 -25.08 -14.51
N UNK C 1098 38.72 -25.66 -14.93
CA UNK C 1098 38.63 -27.11 -15.08
C UNK C 1098 39.41 -27.60 -16.31
N UNK C 1099 39.39 -26.82 -17.38
CA UNK C 1099 40.11 -27.19 -18.61
C UNK C 1099 41.61 -27.00 -18.44
N UNK C 1100 42.01 -26.06 -17.59
CA UNK C 1100 43.43 -25.85 -17.35
C UNK C 1100 43.95 -26.71 -16.19
N UNK C 1101 43.04 -27.21 -15.36
CA UNK C 1101 43.41 -27.99 -14.19
C UNK C 1101 43.41 -29.50 -14.47
N UNK C 1102 42.80 -29.90 -15.57
CA UNK C 1102 42.76 -31.32 -15.93
C UNK C 1102 44.06 -31.74 -16.60
N UNK D 97 15.21 -37.81 44.53
CA UNK D 97 15.53 -39.21 44.73
C UNK D 97 14.52 -39.87 45.66
N UNK D 98 13.24 -39.75 45.32
CA UNK D 98 12.18 -40.30 46.15
C UNK D 98 12.03 -41.80 45.97
N UNK D 99 11.23 -42.41 46.84
CA UNK D 99 10.94 -43.84 46.76
C UNK D 99 9.49 -44.04 46.36
N UNK D 100 9.26 -44.99 45.47
CA UNK D 100 7.93 -45.24 44.95
C UNK D 100 7.04 -45.94 45.97
N UNK D 101 5.74 -45.96 45.68
CA UNK D 101 4.75 -46.58 46.56
C UNK D 101 3.47 -46.90 45.78
N UNK D 102 3.19 -48.18 45.60
CA UNK D 102 1.99 -48.57 44.87
C UNK D 102 1.46 -49.95 45.30
N UNK D 103 0.43 -50.41 44.61
CA UNK D 103 -0.27 -51.65 44.96
C UNK D 103 0.57 -52.89 44.65
N UNK D 104 0.59 -53.82 45.60
CA UNK D 104 1.33 -55.10 45.54
C UNK D 104 2.81 -54.91 45.24
N UNK D 105 3.40 -53.85 45.79
CA UNK D 105 4.74 -53.45 45.40
C UNK D 105 5.64 -53.15 46.59
N UNK D 106 6.58 -54.04 46.86
CA UNK D 106 7.62 -53.78 47.85
C UNK D 106 8.63 -52.80 47.25
N UNK D 107 8.99 -51.78 48.01
CA UNK D 107 9.92 -50.77 47.52
C UNK D 107 11.35 -51.10 47.92
N UNK D 108 12.30 -50.36 47.34
CA UNK D 108 13.71 -50.53 47.64
C UNK D 108 14.43 -49.22 47.34
N UNK D 109 15.59 -49.02 47.95
CA UNK D 109 16.33 -47.78 47.79
C UNK D 109 17.08 -47.74 46.46
N UNK D 110 17.64 -46.58 46.16
CA UNK D 110 18.43 -46.40 44.95
C UNK D 110 19.84 -46.93 45.17
N UNK D 111 5.39 -40.98 42.13
CA UNK D 111 5.19 -41.90 41.02
C UNK D 111 4.79 -43.29 41.51
N UNK D 112 3.49 -43.56 41.53
CA UNK D 112 2.99 -44.85 41.95
C UNK D 112 3.29 -45.91 40.90
N UNK D 113 4.30 -46.74 41.17
CA UNK D 113 4.76 -47.73 40.20
C UNK D 113 4.39 -49.14 40.63
N UNK D 114 3.44 -49.75 39.92
CA UNK D 114 2.98 -51.09 40.25
C UNK D 114 3.98 -52.17 39.85
N UNK D 115 5.03 -52.34 40.65
CA UNK D 115 6.10 -53.27 40.33
C UNK D 115 5.71 -54.73 40.58
N UNK D 116 6.65 -55.63 40.39
CA UNK D 116 6.41 -57.05 40.64
C UNK D 116 7.70 -57.74 41.07
N UNK D 117 8.54 -57.00 41.78
CA UNK D 117 9.81 -57.53 42.27
C UNK D 117 9.60 -58.56 43.39
N LYS D 118 2.65 -48.16 34.82
CA LYS D 118 4.04 -48.01 35.22
C LYS D 118 4.58 -49.30 35.81
N TYR D 119 4.26 -50.41 35.16
CA TYR D 119 4.62 -51.72 35.68
C TYR D 119 6.12 -51.94 35.56
N ILE D 120 6.71 -52.49 36.61
CA ILE D 120 8.14 -52.76 36.68
C ILE D 120 8.33 -54.24 36.95
N ARG D 121 9.13 -54.90 36.11
CA ARG D 121 9.50 -56.29 36.32
C ARG D 121 11.02 -56.40 36.37
N LEU D 122 11.54 -56.94 37.46
CA LEU D 122 12.95 -57.31 37.52
C LEU D 122 13.11 -58.71 36.97
N SER D 123 14.17 -58.93 36.21
CA SER D 123 14.28 -60.17 35.45
C SER D 123 15.72 -60.64 35.39
N CYS D 124 15.88 -61.96 35.34
CA CYS D 124 17.17 -62.56 35.03
C CYS D 124 17.34 -62.64 33.52
N ASP D 125 18.60 -62.73 33.09
CA ASP D 125 18.93 -62.66 31.67
C ASP D 125 18.64 -64.01 31.01
N THR D 126 17.38 -64.18 30.61
CA THR D 126 16.93 -65.39 29.92
C THR D 126 15.62 -65.10 29.19
N ASP D 127 15.32 -65.97 28.21
CA ASP D 127 13.99 -66.11 27.60
C ASP D 127 13.47 -64.83 26.94
N SER D 128 14.15 -64.41 25.86
CA SER D 128 13.75 -63.20 25.15
C SER D 128 12.41 -63.37 24.45
N GLU D 129 12.18 -64.56 23.87
CA GLU D 129 10.94 -64.81 23.17
C GLU D 129 9.75 -64.86 24.13
N THR D 130 9.95 -65.48 25.30
CA THR D 130 8.91 -65.47 26.33
C THR D 130 8.71 -64.06 26.88
N LEU D 131 9.77 -63.25 26.91
CA LEU D 131 9.66 -61.86 27.36
C LEU D 131 8.81 -61.03 26.41
N TYR D 132 9.06 -61.15 25.11
CA TYR D 132 8.25 -60.42 24.14
C TYR D 132 6.82 -60.96 24.11
N ASP D 133 6.66 -62.28 24.32
CA ASP D 133 5.33 -62.85 24.40
C ASP D 133 4.55 -62.31 25.60
N LEU D 134 5.26 -62.10 26.72
CA LEU D 134 4.62 -61.51 27.89
C LEU D 134 4.26 -60.05 27.64
N MET D 135 5.14 -59.29 26.99
CA MET D 135 4.86 -57.88 26.73
C MET D 135 3.74 -57.70 25.71
N THR D 136 3.55 -58.69 24.83
CA THR D 136 2.43 -58.64 23.91
C THR D 136 1.12 -59.08 24.57
N GLN D 137 1.17 -60.18 25.33
CA GLN D 137 -0.06 -60.76 25.87
C GLN D 137 -0.60 -59.94 27.03
N HIS D 138 0.28 -59.37 27.85
CA HIS D 138 -0.18 -58.71 29.07
C HIS D 138 -0.54 -57.25 28.82
N TRP D 139 0.37 -56.47 28.24
CA TRP D 139 0.11 -55.04 28.15
C TRP D 139 -0.09 -54.51 26.73
N HIS D 140 0.91 -54.69 25.87
CA HIS D 140 1.04 -53.87 24.68
C HIS D 140 0.66 -54.61 23.40
N LEU D 141 0.18 -53.84 22.42
CA LEU D 141 -0.16 -54.37 21.11
C LEU D 141 1.09 -54.49 20.23
N LYS D 142 0.92 -55.19 19.10
CA LYS D 142 2.03 -55.36 18.17
C LYS D 142 2.32 -54.04 17.46
N THR D 143 3.59 -53.68 17.38
CA THR D 143 3.89 -52.32 16.97
C THR D 143 4.72 -52.29 15.70
N PRO D 144 4.39 -51.40 14.76
CA PRO D 144 5.02 -51.46 13.43
C PRO D 144 6.43 -50.93 13.41
N ASN D 145 6.82 -50.13 14.41
CA ASN D 145 8.12 -49.49 14.40
C ASN D 145 8.73 -49.56 15.79
N LEU D 146 10.05 -49.47 15.86
CA LEU D 146 10.75 -49.36 17.14
C LEU D 146 12.07 -48.64 16.92
N VAL D 147 12.33 -47.65 17.79
CA VAL D 147 13.52 -46.81 17.71
C VAL D 147 14.35 -47.07 18.95
N ILE D 148 15.57 -47.55 18.77
CA ILE D 148 16.55 -47.68 19.84
C ILE D 148 17.53 -46.52 19.77
N SER D 149 17.64 -45.78 20.87
CA SER D 149 18.55 -44.65 20.98
C SER D 149 19.47 -44.87 22.16
N VAL D 150 20.75 -44.56 21.97
CA VAL D 150 21.72 -44.64 23.04
C VAL D 150 22.29 -43.26 23.32
N LYS D 155 27.51 -39.62 32.29
CA LYS D 155 27.03 -39.51 30.92
C LYS D 155 26.20 -38.24 30.74
N ASN D 156 26.56 -37.18 31.48
CA ASN D 156 25.83 -35.93 31.40
C ASN D 156 26.21 -35.17 30.14
N PHE D 157 25.25 -34.41 29.61
CA PHE D 157 25.44 -33.62 28.41
C PHE D 157 24.63 -32.33 28.51
N ALA D 158 24.81 -31.47 27.52
CA ALA D 158 24.14 -30.17 27.47
C ALA D 158 23.29 -30.10 26.21
N LEU D 159 22.12 -29.49 26.33
CA LEU D 159 21.23 -29.36 25.19
C LEU D 159 21.66 -28.20 24.30
N LYS D 160 21.49 -28.39 23.00
CA LYS D 160 21.68 -27.32 22.02
C LYS D 160 20.30 -26.75 21.71
N PRO D 161 20.19 -25.55 21.13
CA PRO D 161 18.85 -25.08 20.73
C PRO D 161 18.30 -25.78 19.49
N ARG D 162 19.13 -26.49 18.73
CA ARG D 162 18.65 -27.23 17.57
C ARG D 162 18.23 -28.66 17.93
N MET D 163 19.03 -29.32 18.76
CA MET D 163 18.83 -30.73 19.15
C MET D 163 17.49 -30.98 19.82
N ARG D 164 16.98 -29.97 20.54
CA ARG D 164 15.66 -30.06 21.16
C ARG D 164 14.57 -30.21 20.11
N LYS D 165 14.66 -29.43 19.03
CA LYS D 165 13.74 -29.56 17.91
C LYS D 165 13.85 -30.93 17.26
N ILE D 166 15.07 -31.47 17.16
CA ILE D 166 15.29 -32.77 16.54
C ILE D 166 14.64 -33.88 17.35
N PHE D 167 14.80 -33.85 18.67
CA PHE D 167 14.26 -34.93 19.48
C PHE D 167 12.75 -34.79 19.67
N SER D 168 12.24 -33.56 19.68
CA SER D 168 10.79 -33.38 19.67
C SER D 168 10.18 -33.86 18.35
N ARG D 169 10.90 -33.64 17.25
CA ARG D 169 10.49 -34.16 15.96
C ARG D 169 10.47 -35.69 15.95
N LEU D 170 11.48 -36.29 16.58
CA LEU D 170 11.57 -37.75 16.61
C LEU D 170 10.44 -38.36 17.42
N ILE D 171 10.12 -37.77 18.58
CA ILE D 171 9.03 -38.30 19.40
C ILE D 171 7.68 -38.03 18.73
N TYR D 172 7.58 -36.94 17.96
CA TYR D 172 6.36 -36.68 17.20
C TYR D 172 6.14 -37.74 16.12
N ILE D 173 7.21 -38.12 15.41
CA ILE D 173 7.13 -39.19 14.43
C ILE D 173 6.78 -40.51 15.10
N ALA D 174 7.35 -40.75 16.29
CA ALA D 174 7.10 -42.01 17.00
C ALA D 174 5.66 -42.10 17.47
N GLN D 175 5.03 -40.96 17.78
CA GLN D 175 3.62 -41.00 18.13
C GLN D 175 2.74 -41.12 16.89
N SER D 176 3.16 -40.49 15.78
CA SER D 176 2.35 -40.52 14.57
C SER D 176 2.28 -41.91 13.96
N LYS D 177 3.43 -42.58 13.84
CA LYS D 177 3.41 -43.93 13.28
C LYS D 177 2.94 -44.96 14.31
N GLY D 178 3.34 -44.80 15.56
CA GLY D 178 3.08 -45.79 16.58
C GLY D 178 4.31 -46.66 16.72
N ALA D 179 5.11 -46.45 17.75
CA ALA D 179 6.42 -47.07 17.84
C ALA D 179 6.83 -47.33 19.28
N TRP D 180 8.01 -47.93 19.42
CA TRP D 180 8.62 -48.18 20.71
C TRP D 180 9.95 -47.46 20.80
N ILE D 181 10.19 -46.81 21.93
CA ILE D 181 11.46 -46.17 22.22
C ILE D 181 12.19 -47.00 23.26
N PHE D 182 13.40 -47.42 22.96
CA PHE D 182 14.27 -48.11 23.90
C PHE D 182 15.41 -47.18 24.27
N THR D 183 15.50 -46.83 25.55
CA THR D 183 16.45 -45.84 26.00
C THR D 183 17.29 -46.42 27.13
N GLY D 184 18.24 -45.62 27.61
CA GLY D 184 19.15 -46.10 28.63
C GLY D 184 18.50 -46.25 29.99
N GLY D 185 17.43 -45.52 30.23
CA GLY D 185 16.79 -45.56 31.53
C GLY D 185 17.60 -44.89 32.63
N THR D 186 18.39 -43.88 32.27
CA THR D 186 19.36 -43.27 33.16
C THR D 186 18.64 -42.41 34.21
N HIS D 187 19.40 -41.93 35.18
CA HIS D 187 18.91 -41.04 36.23
C HIS D 187 18.40 -39.77 35.57
N TYR D 188 19.25 -38.93 35.01
CA TYR D 188 18.86 -37.70 34.34
C TYR D 188 19.94 -37.36 33.32
N GLY D 189 19.52 -36.72 32.24
CA GLY D 189 20.42 -36.36 31.16
C GLY D 189 19.63 -36.18 29.88
N LEU D 190 20.10 -36.85 28.82
CA LEU D 190 19.39 -36.79 27.55
C LEU D 190 18.11 -37.62 27.61
N MET D 191 18.16 -38.76 28.30
CA MET D 191 16.99 -39.61 28.46
C MET D 191 15.91 -38.93 29.29
N LYS D 192 16.34 -38.08 30.23
CA LYS D 192 15.42 -37.24 31.00
C LYS D 192 14.67 -36.28 30.10
N TYR D 193 15.37 -35.69 29.14
CA TYR D 193 14.72 -34.75 28.22
C TYR D 193 13.76 -35.48 27.28
N ILE D 194 14.14 -36.69 26.86
CA ILE D 194 13.24 -37.51 26.05
C ILE D 194 11.97 -37.86 26.83
N GLY D 195 12.13 -38.24 28.11
CA GLY D 195 10.97 -38.53 28.94
C GLY D 195 10.10 -37.31 29.17
N GLU D 196 10.72 -36.13 29.28
CA GLU D 196 9.96 -34.89 29.43
C GLU D 196 9.14 -34.57 28.18
N VAL D 197 9.75 -34.73 27.00
CA VAL D 197 9.01 -34.45 25.77
C VAL D 197 7.93 -35.51 25.53
N VAL D 198 8.17 -36.74 26.00
CA VAL D 198 7.13 -37.77 25.97
C VAL D 198 5.94 -37.38 26.83
N ARG D 199 6.20 -36.91 28.06
CA ARG D 199 5.11 -36.47 28.93
C ARG D 199 4.37 -35.28 28.34
N ASP D 200 5.10 -34.36 27.70
CA ASP D 200 4.49 -33.21 27.06
C ASP D 200 3.60 -33.61 25.90
N ASN D 201 4.03 -34.56 25.08
CA ASN D 201 3.22 -34.96 23.94
C ASN D 201 2.07 -35.86 24.35
N THR D 202 2.17 -36.52 25.50
CA THR D 202 1.01 -37.25 26.00
C THR D 202 -0.05 -36.30 26.52
N ILE D 203 0.35 -35.22 27.21
CA ILE D 203 -0.66 -34.28 27.69
C ILE D 203 -1.11 -33.36 26.56
N SER D 204 -0.37 -33.32 25.45
CA SER D 204 -0.77 -32.51 24.31
C SER D 204 -1.90 -33.15 23.52
N ARG D 205 -1.66 -34.37 23.00
CA ARG D 205 -2.59 -35.04 22.09
C ARG D 205 -3.30 -36.17 22.81
N SER D 206 -4.40 -36.65 22.23
CA SER D 206 -5.14 -37.78 22.76
C SER D 206 -4.84 -39.03 21.95
N SER D 207 -3.68 -39.62 22.25
CA SER D 207 -3.26 -40.87 21.63
C SER D 207 -2.47 -41.66 22.66
N GLU D 208 -2.11 -42.89 22.29
CA GLU D 208 -1.40 -43.80 23.19
C GLU D 208 -0.08 -44.20 22.56
N GLU D 209 1.01 -43.88 23.25
CA GLU D 209 2.34 -44.30 22.82
C GLU D 209 3.20 -44.51 24.06
N ASN D 210 4.22 -45.35 23.93
CA ASN D 210 4.94 -45.88 25.07
C ASN D 210 6.44 -45.88 24.83
N VAL D 211 7.20 -46.05 25.91
CA VAL D 211 8.65 -46.07 25.88
C VAL D 211 9.14 -47.08 26.91
N VAL D 212 9.92 -48.05 26.48
CA VAL D 212 10.47 -49.04 27.38
C VAL D 212 11.93 -48.68 27.67
N ALA D 213 12.21 -48.33 28.91
CA ALA D 213 13.54 -47.85 29.31
C ALA D 213 14.25 -48.91 30.13
N ILE D 214 15.03 -49.75 29.47
CA ILE D 214 15.77 -50.81 30.14
C ILE D 214 16.97 -50.26 30.89
N ARG D 249 16.88 -56.10 41.80
CA ARG D 249 18.20 -56.75 41.87
C ARG D 249 19.27 -55.92 41.19
N ASP D 250 18.89 -55.14 40.18
CA ASP D 250 19.85 -54.25 39.56
C ASP D 250 20.18 -53.10 40.51
N PRO D 251 21.45 -52.81 40.75
CA PRO D 251 21.82 -51.68 41.60
C PRO D 251 21.59 -50.35 40.91
N LEU D 252 20.33 -49.91 40.84
CA LEU D 252 19.99 -48.72 40.09
C LEU D 252 20.25 -47.46 40.91
N TYR D 253 20.37 -46.34 40.20
CA TYR D 253 20.48 -45.02 40.82
C TYR D 253 19.07 -44.47 41.03
N CYS D 254 18.95 -43.17 41.26
CA CYS D 254 17.65 -42.52 41.18
C CYS D 254 17.11 -42.60 39.76
N LEU D 255 15.79 -42.53 39.62
CA LEU D 255 15.15 -42.78 38.34
C LEU D 255 14.50 -41.51 37.82
N ASP D 256 14.40 -41.40 36.50
CA ASP D 256 13.52 -40.42 35.87
C ASP D 256 12.13 -41.03 35.81
N ASN D 257 11.25 -40.53 36.66
CA ASN D 257 9.94 -41.17 36.86
C ASN D 257 8.92 -40.61 35.87
N ASN D 258 9.17 -40.90 34.59
CA ASN D 258 8.31 -40.40 33.53
C ASN D 258 7.98 -41.46 32.48
N HIS D 259 8.73 -42.56 32.43
CA HIS D 259 8.52 -43.58 31.43
C HIS D 259 7.28 -44.42 31.75
N THR D 260 6.85 -45.20 30.77
CA THR D 260 5.67 -46.05 30.91
C THR D 260 6.03 -47.46 31.36
N HIS D 261 7.14 -48.00 30.89
CA HIS D 261 7.61 -49.32 31.32
C HIS D 261 9.12 -49.25 31.47
N LEU D 262 9.66 -49.83 32.53
CA LEU D 262 11.10 -49.87 32.73
C LEU D 262 11.46 -51.21 33.38
N LEU D 263 12.41 -51.91 32.76
CA LEU D 263 12.77 -53.27 33.14
C LEU D 263 14.28 -53.31 33.36
N LEU D 264 14.69 -53.65 34.58
CA LEU D 264 16.10 -53.74 34.92
C LEU D 264 16.45 -55.15 35.37
N VAL D 265 17.70 -55.54 35.16
CA VAL D 265 18.16 -56.88 35.49
C VAL D 265 19.07 -56.85 36.71
N ILE D 275 27.71 -54.04 34.31
CA ILE D 275 26.97 -53.10 33.48
C ILE D 275 26.97 -53.56 32.04
N GLU D 276 26.52 -54.79 31.81
CA GLU D 276 26.43 -55.38 30.48
C GLU D 276 24.97 -55.36 30.04
N ALA D 277 24.73 -54.92 28.79
CA ALA D 277 23.37 -54.88 28.27
C ALA D 277 22.78 -56.27 28.14
N LYS D 278 23.29 -57.07 27.20
CA LYS D 278 23.18 -58.53 27.13
C LYS D 278 21.76 -59.10 26.97
N VAL D 279 20.73 -58.25 27.03
CA VAL D 279 19.37 -58.62 26.66
C VAL D 279 18.76 -57.61 25.71
N ARG D 280 19.33 -56.40 25.70
CA ARG D 280 18.96 -55.28 24.84
C ARG D 280 19.13 -55.70 23.39
N THR D 281 20.37 -56.03 23.05
CA THR D 281 20.75 -56.53 21.74
C THR D 281 20.06 -57.86 21.43
N GLN D 282 19.85 -58.68 22.45
CA GLN D 282 19.18 -59.96 22.24
C GLN D 282 17.71 -59.78 21.88
N LEU D 283 17.03 -58.85 22.55
CA LEU D 283 15.66 -58.52 22.19
C LEU D 283 15.57 -57.91 20.79
N GLU D 284 16.52 -57.04 20.44
CA GLU D 284 16.53 -56.45 19.11
C GLU D 284 16.79 -57.48 18.03
N LYS D 285 17.65 -58.47 18.31
CA LYS D 285 17.88 -59.54 17.33
C LYS D 285 16.70 -60.49 17.26
N TYR D 286 15.92 -60.59 18.35
CA TYR D 286 14.70 -61.39 18.29
C TYR D 286 13.65 -60.72 17.42
N ILE D 287 13.45 -59.41 17.60
CA ILE D 287 12.43 -58.73 16.81
C ILE D 287 12.91 -58.53 15.37
N SER D 288 14.23 -58.62 15.16
CA SER D 288 14.77 -58.72 13.81
C SER D 288 14.27 -59.98 13.10
N GLU D 289 14.10 -61.06 13.84
CA GLU D 289 13.60 -62.32 13.29
C GLU D 289 12.10 -62.47 13.44
N ARG D 290 11.38 -61.41 13.77
CA ARG D 290 9.94 -61.50 13.96
C ARG D 290 9.23 -61.57 12.62
N VAL D 291 8.14 -62.35 12.58
CA VAL D 291 7.31 -62.48 11.38
C VAL D 291 5.96 -61.84 11.65
N ILE D 292 5.45 -61.10 10.66
CA ILE D 292 4.12 -60.52 10.70
C ILE D 292 3.46 -60.82 9.36
N PRO D 293 2.23 -61.36 9.34
CA PRO D 293 1.59 -61.66 8.04
C PRO D 293 1.22 -60.44 7.22
N GLU D 294 0.52 -59.46 7.81
CA GLU D 294 0.13 -58.26 7.07
C GLU D 294 1.13 -57.14 7.35
N SER D 295 2.35 -57.35 6.86
CA SER D 295 3.45 -56.42 7.06
C SER D 295 3.84 -55.78 5.74
N ASN D 296 3.81 -54.46 5.68
CA ASN D 296 4.21 -53.71 4.49
C ASN D 296 5.71 -53.67 4.30
N TYR D 297 6.48 -54.01 5.34
CA TYR D 297 7.92 -54.01 5.29
C TYR D 297 8.47 -55.31 4.71
N GLY D 298 7.64 -56.34 4.61
CA GLY D 298 8.07 -57.60 4.05
C GLY D 298 8.05 -58.77 5.01
N GLY D 299 7.29 -58.68 6.10
CA GLY D 299 7.23 -59.77 7.05
C GLY D 299 8.18 -59.56 8.21
N LYS D 300 8.65 -58.33 8.36
CA LYS D 300 9.56 -57.95 9.43
C LYS D 300 9.10 -56.63 10.04
N ILE D 301 9.90 -56.13 10.97
CA ILE D 301 9.64 -54.84 11.62
C ILE D 301 10.88 -53.97 11.43
N PRO D 302 10.75 -52.72 11.00
CA PRO D 302 11.90 -51.83 10.92
C PRO D 302 12.49 -51.51 12.29
N ILE D 303 13.82 -51.47 12.33
CA ILE D 303 14.58 -51.23 13.56
C ILE D 303 15.65 -50.19 13.25
N VAL D 304 15.63 -49.08 13.97
CA VAL D 304 16.54 -47.96 13.72
C VAL D 304 17.35 -47.66 14.97
N CYS D 305 18.67 -47.82 14.86
CA CYS D 305 19.60 -47.48 15.93
C CYS D 305 20.01 -46.03 15.78
N PHE D 306 20.19 -45.34 16.90
CA PHE D 306 20.36 -43.90 16.90
C PHE D 306 21.58 -43.56 17.74
N ALA D 307 22.37 -42.58 17.28
CA ALA D 307 23.61 -42.20 17.96
C ALA D 307 23.67 -40.69 18.11
N GLN D 308 23.58 -40.23 19.35
CA GLN D 308 23.69 -38.81 19.66
C GLN D 308 24.27 -38.59 21.05
N GLY D 311 30.43 -43.33 23.14
CA GLY D 311 30.92 -44.11 24.26
C GLY D 311 31.44 -45.48 23.86
N LYS D 312 32.08 -46.16 24.82
CA LYS D 312 32.60 -47.49 24.57
C LYS D 312 31.48 -48.51 24.45
N GLU D 313 30.51 -48.46 25.36
CA GLU D 313 29.33 -49.32 25.24
C GLU D 313 28.47 -48.91 24.06
N THR D 314 28.51 -47.63 23.70
CA THR D 314 27.84 -47.15 22.49
C THR D 314 28.44 -47.79 21.24
N LEU D 315 29.76 -47.81 21.16
CA LEU D 315 30.42 -48.45 20.02
C LEU D 315 30.22 -49.96 20.03
N LYS D 316 30.15 -50.55 21.24
CA LYS D 316 29.85 -51.99 21.34
C LYS D 316 28.46 -52.30 20.81
N SER D 317 27.48 -51.46 21.16
CA SER D 317 26.13 -51.65 20.65
C SER D 317 26.06 -51.39 19.14
N ILE D 318 26.88 -50.46 18.64
CA ILE D 318 26.96 -50.21 17.20
C ILE D 318 27.48 -51.45 16.48
N ASN D 319 28.56 -52.05 17.00
CA ASN D 319 29.14 -53.23 16.38
C ASN D 319 28.19 -54.42 16.42
N VAL D 320 27.47 -54.59 17.53
CA VAL D 320 26.55 -55.72 17.65
C VAL D 320 25.32 -55.50 16.75
N ALA D 321 24.85 -54.25 16.66
CA ALA D 321 23.65 -53.97 15.88
C ALA D 321 23.92 -54.09 14.39
N ILE D 322 25.04 -53.55 13.91
CA ILE D 322 25.38 -53.71 12.51
C ILE D 322 25.76 -55.16 12.22
N LYS D 323 26.28 -55.87 13.23
CA LYS D 323 26.52 -57.30 13.11
C LYS D 323 25.22 -58.07 12.90
N SER D 324 24.12 -57.58 13.45
CA SER D 324 22.83 -58.23 13.24
C SER D 324 22.03 -57.60 12.10
N LYS D 325 22.70 -56.85 11.21
CA LYS D 325 22.13 -56.26 9.99
C LYS D 325 20.96 -55.32 10.31
N ILE D 326 21.31 -54.25 11.02
CA ILE D 326 20.35 -53.20 11.38
C ILE D 326 20.94 -51.86 10.96
N PRO D 327 20.19 -51.00 10.27
CA PRO D 327 20.72 -49.68 9.90
C PRO D 327 20.89 -48.78 11.11
N CYS D 328 21.74 -47.76 10.96
CA CYS D 328 22.05 -46.85 12.06
C CYS D 328 22.06 -45.43 11.56
N VAL D 329 21.73 -44.50 12.45
CA VAL D 329 21.70 -43.08 12.16
C VAL D 329 22.61 -42.37 13.15
N VAL D 330 23.52 -41.55 12.63
CA VAL D 330 24.50 -40.83 13.43
C VAL D 330 24.39 -39.33 13.11
N VAL D 331 24.29 -38.52 14.15
CA VAL D 331 24.20 -37.07 14.01
C VAL D 331 25.61 -36.50 14.02
N GLU D 332 25.94 -35.69 13.02
CA GLU D 332 27.24 -35.04 12.99
C GLU D 332 27.29 -33.87 13.96
N GLY D 333 28.42 -33.72 14.64
CA GLY D 333 28.63 -32.61 15.55
C GLY D 333 28.21 -32.86 16.98
N SER D 334 28.15 -34.11 17.42
CA SER D 334 27.75 -34.39 18.80
C SER D 334 28.87 -34.09 19.79
N GLY D 335 30.09 -33.95 19.29
CA GLY D 335 31.23 -33.77 20.16
C GLY D 335 31.78 -35.04 20.75
N ARG D 336 31.40 -36.19 20.20
CA ARG D 336 31.76 -37.48 20.77
C ARG D 336 32.43 -38.36 19.72
N ILE D 337 32.55 -39.65 20.02
CA ILE D 337 33.12 -40.63 19.09
C ILE D 337 32.27 -40.75 17.83
N ALA D 338 30.98 -40.41 17.92
CA ALA D 338 30.09 -40.42 16.77
C ALA D 338 30.52 -39.38 15.73
N ASP D 339 31.10 -38.27 16.18
CA ASP D 339 31.66 -37.30 15.25
C ASP D 339 32.85 -37.89 14.50
N VAL D 340 33.64 -38.73 15.18
CA VAL D 340 34.77 -39.37 14.53
C VAL D 340 34.29 -40.41 13.51
N ILE D 341 33.19 -41.09 13.83
CA ILE D 341 32.62 -42.05 12.88
C ILE D 341 32.03 -41.31 11.68
N ALA D 342 31.49 -40.12 11.92
CA ALA D 342 30.94 -39.31 10.82
C ALA D 342 32.05 -38.77 9.92
N SER D 343 33.17 -38.36 10.51
CA SER D 343 34.27 -37.84 9.71
C SER D 343 34.99 -38.96 8.95
N LEU D 344 35.11 -40.13 9.57
CA LEU D 344 35.78 -41.25 8.90
C LEU D 344 34.93 -41.84 7.79
N VAL D 345 33.61 -41.61 7.84
CA VAL D 345 32.71 -42.14 6.82
C VAL D 345 32.86 -41.37 5.52
N SER D 353 42.55 -47.66 10.88
CA SER D 353 43.72 -48.23 10.24
C SER D 353 44.89 -47.26 10.30
N SER D 354 45.07 -46.67 11.49
CA SER D 354 46.15 -45.77 11.93
C SER D 354 46.08 -44.38 11.29
N CYS D 355 45.20 -44.19 10.30
CA CYS D 355 44.73 -42.86 9.97
C CYS D 355 43.43 -42.58 10.73
N VAL D 356 42.66 -43.63 10.98
CA VAL D 356 41.52 -43.55 11.89
C VAL D 356 41.98 -43.21 13.30
N LYS D 357 43.07 -43.85 13.75
CA LYS D 357 43.61 -43.58 15.07
C LYS D 357 44.21 -42.18 15.14
N GLU D 358 44.72 -41.67 14.01
CA GLU D 358 45.16 -40.29 13.97
C GLU D 358 43.97 -39.34 14.00
N SER D 359 42.84 -39.76 13.42
CA SER D 359 41.65 -38.92 13.42
C SER D 359 40.95 -38.93 14.78
N LEU D 360 41.21 -39.97 15.58
CA LEU D 360 40.64 -40.07 16.92
C LEU D 360 41.07 -38.91 17.82
N LEU D 361 42.33 -38.50 17.70
CA LEU D 361 42.91 -37.43 18.53
C LEU D 361 42.24 -36.08 18.26
N ARG D 362 41.80 -35.87 17.01
CA ARG D 362 41.11 -34.62 16.68
C ARG D 362 39.75 -34.56 17.34
N PHE D 363 39.09 -35.71 17.52
CA PHE D 363 37.75 -35.71 18.11
C PHE D 363 37.81 -35.57 19.63
N LEU D 364 38.48 -36.49 20.32
CA LEU D 364 38.53 -36.47 21.77
C LEU D 364 39.86 -37.02 22.27
N PRO D 365 40.78 -36.15 22.70
CA PRO D 365 42.08 -36.64 23.20
C PRO D 365 42.01 -37.15 24.63
N ARG D 366 40.93 -36.81 25.35
CA ARG D 366 40.83 -37.19 26.76
C ARG D 366 40.55 -38.68 26.91
N THR D 367 39.76 -39.26 26.00
CA THR D 367 39.41 -40.66 26.11
C THR D 367 40.56 -41.56 25.68
N ILE D 368 41.34 -41.13 24.69
CA ILE D 368 42.45 -41.95 24.21
C ILE D 368 43.66 -41.82 25.13
N SER D 369 43.63 -40.86 26.06
CA SER D 369 44.76 -40.62 26.93
C SER D 369 44.90 -41.72 27.98
N ARG D 370 43.87 -41.95 28.78
CA ARG D 370 43.95 -42.94 29.84
C ARG D 370 43.81 -44.36 29.29
N LEU D 371 43.37 -44.48 28.03
CA LEU D 371 43.20 -45.79 27.42
C LEU D 371 44.55 -46.46 27.18
N SER D 372 44.53 -47.78 27.11
CA SER D 372 45.73 -48.57 26.88
C SER D 372 45.94 -48.77 25.37
N GLU D 373 47.02 -49.47 25.01
CA GLU D 373 47.29 -49.73 23.61
C GLU D 373 46.42 -50.86 23.07
N GLU D 374 46.14 -51.86 23.91
CA GLU D 374 45.24 -52.94 23.50
C GLU D 374 43.82 -52.44 23.31
N GLU D 375 43.42 -51.44 24.11
CA GLU D 375 42.11 -50.82 23.92
C GLU D 375 42.05 -50.03 22.61
N THR D 376 43.16 -49.38 22.25
CA THR D 376 43.24 -48.69 20.97
C THR D 376 43.20 -49.68 19.81
N GLU D 377 43.84 -50.84 19.97
CA GLU D 377 43.80 -51.87 18.94
C GLU D 377 42.39 -52.46 18.80
N SER D 378 41.69 -52.63 19.93
CA SER D 378 40.32 -53.11 19.88
C SER D 378 39.39 -52.09 19.23
N TRP D 379 39.63 -50.78 19.50
CA TRP D 379 38.84 -49.74 18.85
C TRP D 379 39.08 -49.71 17.35
N ILE D 380 40.34 -49.84 16.93
CA ILE D 380 40.65 -49.87 15.50
C ILE D 380 40.03 -51.09 14.82
N LYS D 381 40.08 -52.25 15.47
CA LYS D 381 39.46 -53.46 14.92
C LYS D 381 37.95 -53.32 14.84
N TRP D 382 37.31 -52.74 15.86
CA TRP D 382 35.86 -52.64 15.86
C TRP D 382 35.36 -51.57 14.89
N ILE D 383 36.11 -50.48 14.72
CA ILE D 383 35.73 -49.46 13.76
C ILE D 383 35.95 -49.96 12.33
N LYS D 384 37.01 -50.75 12.11
CA LYS D 384 37.22 -51.35 10.80
C LYS D 384 36.15 -52.40 10.50
N GLU D 385 35.64 -53.07 11.53
CA GLU D 385 34.49 -53.94 11.34
C GLU D 385 33.22 -53.12 11.12
N VAL D 386 33.18 -51.91 11.66
CA VAL D 386 31.99 -51.05 11.58
C VAL D 386 31.88 -50.44 10.19
N LEU D 387 32.99 -49.89 9.69
CA LEU D 387 32.98 -49.17 8.41
C LEU D 387 33.22 -50.13 7.25
N GLU D 388 33.04 -51.44 7.50
CA GLU D 388 33.12 -52.42 6.43
C GLU D 388 31.96 -52.24 5.44
N SER D 389 30.79 -51.83 5.92
CA SER D 389 29.64 -51.59 5.08
C SER D 389 29.21 -50.14 5.21
N PRO D 390 29.54 -49.28 4.23
CA PRO D 390 29.12 -47.86 4.35
C PRO D 390 27.64 -47.66 4.14
N HIS D 391 26.99 -48.55 3.39
CA HIS D 391 25.61 -48.34 2.99
C HIS D 391 24.65 -48.50 4.17
N LEU D 392 25.04 -49.27 5.19
CA LEU D 392 24.13 -49.53 6.29
C LEU D 392 24.02 -48.33 7.22
N LEU D 393 25.11 -47.59 7.40
CA LEU D 393 25.05 -46.42 8.26
C LEU D 393 24.57 -45.21 7.47
N THR D 394 24.03 -44.23 8.19
CA THR D 394 23.54 -43.00 7.58
C THR D 394 23.82 -41.85 8.53
N VAL D 395 24.34 -40.74 8.00
CA VAL D 395 24.65 -39.58 8.84
C VAL D 395 23.85 -38.36 8.45
N ILE D 396 23.22 -37.74 9.45
CA ILE D 396 22.42 -36.54 9.23
C ILE D 396 23.31 -35.37 8.83
N LYS D 397 22.85 -34.57 7.88
CA LYS D 397 23.59 -33.41 7.42
C LYS D 397 23.69 -32.37 8.52
N ILE D 398 24.82 -31.66 8.58
CA ILE D 398 25.03 -30.63 9.59
C ILE D 398 24.02 -29.50 9.43
N GLU D 399 23.75 -29.14 8.18
CA GLU D 399 22.80 -28.06 7.89
C GLU D 399 21.37 -28.54 8.05
N GLU D 404 11.74 -31.28 8.24
CA GLU D 404 11.48 -32.70 8.06
C GLU D 404 12.74 -33.51 7.76
N ILE D 405 13.89 -33.12 8.33
CA ILE D 405 15.12 -33.86 8.06
C ILE D 405 15.12 -35.20 8.78
N VAL D 406 14.37 -35.31 9.89
CA VAL D 406 14.41 -36.53 10.69
C VAL D 406 13.69 -37.66 9.99
N SER D 407 12.46 -37.40 9.53
CA SER D 407 11.70 -38.40 8.79
C SER D 407 12.38 -38.75 7.48
N ASN D 408 12.98 -37.75 6.83
CA ASN D 408 13.73 -37.99 5.60
C ASN D 408 14.92 -38.91 5.84
N ALA D 409 15.67 -38.67 6.92
CA ALA D 409 16.84 -39.47 7.22
C ALA D 409 16.47 -40.90 7.59
N ILE D 410 15.41 -41.06 8.42
CA ILE D 410 14.99 -42.39 8.85
C ILE D 410 14.47 -43.18 7.67
N SER D 411 13.63 -42.57 6.84
CA SER D 411 13.06 -43.26 5.70
C SER D 411 14.11 -43.58 4.65
N PHE D 412 15.09 -42.69 4.47
CA PHE D 412 16.14 -42.95 3.49
C PHE D 412 17.05 -44.07 3.95
N ALA D 413 17.37 -44.11 5.25
CA ALA D 413 18.19 -45.21 5.78
C ALA D 413 17.43 -46.53 5.69
N LEU D 414 16.14 -46.52 5.96
CA LEU D 414 15.36 -47.75 5.92
C LEU D 414 15.19 -48.25 4.50
N TYR D 415 15.02 -47.33 3.54
CA TYR D 415 14.96 -47.73 2.14
C TYR D 415 16.29 -48.26 1.65
N LYS D 416 17.39 -47.66 2.12
CA LYS D 416 18.71 -48.18 1.79
C LYS D 416 18.90 -49.60 2.31
N ALA D 417 18.45 -49.86 3.53
CA ALA D 417 18.55 -51.20 4.12
C ALA D 417 17.70 -52.21 3.36
N PHE D 418 16.46 -51.84 3.03
CA PHE D 418 15.58 -52.79 2.35
C PHE D 418 15.99 -53.00 0.91
N SER D 419 16.65 -52.01 0.29
CA SER D 419 17.16 -52.20 -1.06
C SER D 419 18.42 -53.05 -1.06
N THR D 420 19.27 -52.87 -0.05
CA THR D 420 20.49 -53.68 0.03
C THR D 420 20.19 -55.11 0.46
N ASN D 421 19.02 -55.33 1.07
CA ASN D 421 18.57 -56.70 1.32
C ASN D 421 18.40 -57.48 0.02
N GLU D 422 17.73 -56.86 -0.96
CA GLU D 422 17.57 -57.32 -2.35
C GLU D 422 16.87 -58.67 -2.49
N HIS D 423 16.28 -59.21 -1.41
CA HIS D 423 15.45 -60.40 -1.56
C HIS D 423 14.15 -60.05 -2.27
N ASP D 424 13.66 -58.83 -2.06
CA ASP D 424 12.55 -58.27 -2.81
C ASP D 424 13.01 -57.28 -3.88
N ARG D 425 14.11 -57.57 -4.57
CA ARG D 425 14.59 -56.68 -5.62
C ARG D 425 13.63 -56.67 -6.81
N ASP D 426 13.14 -57.84 -7.21
CA ASP D 426 12.11 -57.88 -8.24
C ASP D 426 10.78 -57.38 -7.70
N ASN D 427 10.54 -57.55 -6.41
CA ASN D 427 9.32 -57.07 -5.76
C ASN D 427 9.48 -55.58 -5.44
N TRP D 428 9.33 -54.78 -6.48
CA TRP D 428 9.37 -53.32 -6.36
C TRP D 428 8.12 -52.79 -5.68
N ASN D 429 7.09 -53.65 -5.59
CA ASN D 429 5.82 -53.34 -4.97
C ASN D 429 5.95 -52.96 -3.50
N GLY D 430 6.90 -53.57 -2.79
CA GLY D 430 7.07 -53.23 -1.38
C GLY D 430 7.75 -51.89 -1.19
N GLN D 431 8.65 -51.51 -2.10
CA GLN D 431 9.34 -50.23 -1.99
C GLN D 431 8.38 -49.07 -2.20
N LEU D 432 7.34 -49.27 -3.00
CA LEU D 432 6.37 -48.21 -3.22
C LEU D 432 5.52 -48.00 -1.99
N LYS D 433 5.13 -49.07 -1.30
CA LYS D 433 4.41 -48.92 -0.04
C LYS D 433 5.32 -48.33 1.03
N LEU D 434 6.62 -48.64 0.97
CA LEU D 434 7.56 -48.09 1.93
C LEU D 434 7.72 -46.59 1.74
N LEU D 435 7.80 -46.13 0.49
CA LEU D 435 7.86 -44.70 0.22
C LEU D 435 6.47 -44.07 0.25
N LEU D 436 5.44 -44.89 0.47
CA LEU D 436 4.11 -44.34 0.72
C LEU D 436 3.89 -44.07 2.20
N GLU D 437 4.45 -44.93 3.07
CA GLU D 437 4.25 -44.75 4.51
C GLU D 437 4.93 -43.49 5.01
N TRP D 438 6.20 -43.29 4.67
CA TRP D 438 6.87 -42.02 4.88
C TRP D 438 6.77 -41.21 3.61
N ASN D 439 6.33 -39.97 3.73
CA ASN D 439 6.04 -39.13 2.56
C ASN D 439 7.35 -38.68 1.95
N GLN D 440 7.75 -39.32 0.83
CA GLN D 440 8.87 -38.88 0.01
C GLN D 440 8.46 -38.98 -1.45
N LEU D 441 8.20 -37.82 -2.07
CA LEU D 441 7.80 -37.81 -3.47
C LEU D 441 8.99 -38.01 -4.39
N ASP D 442 10.05 -37.21 -4.20
CA ASP D 442 11.08 -37.06 -5.22
C ASP D 442 11.92 -38.32 -5.37
N LEU D 443 12.27 -38.95 -4.26
CA LEU D 443 13.02 -40.20 -4.31
C LEU D 443 12.19 -41.32 -4.92
N ALA D 444 10.87 -41.30 -4.69
CA ALA D 444 9.99 -42.29 -5.30
C ALA D 444 9.85 -42.08 -6.80
N SER D 445 9.81 -40.83 -7.26
CA SER D 445 9.72 -40.57 -8.69
C SER D 445 11.03 -40.87 -9.40
N ASP D 446 12.15 -40.61 -8.74
CA ASP D 446 13.45 -40.86 -9.37
C ASP D 446 13.82 -42.33 -9.39
N GLU D 447 13.58 -43.05 -8.30
CA GLU D 447 14.05 -44.43 -8.20
C GLU D 447 13.18 -45.41 -8.98
N ILE D 448 11.89 -45.50 -8.62
CA ILE D 448 11.07 -46.60 -9.10
C ILE D 448 10.59 -46.35 -10.53
N PHE D 449 10.11 -45.14 -10.78
CA PHE D 449 9.57 -44.81 -12.09
C PHE D 449 10.55 -44.44 -13.19
N THR D 450 11.48 -45.36 -13.49
CA THR D 450 12.43 -45.17 -14.57
C THR D 450 11.71 -45.69 -15.80
N ASN D 451 11.89 -45.06 -16.96
CA ASN D 451 11.17 -45.52 -18.14
C ASN D 451 11.47 -46.97 -18.49
N ASP D 452 12.33 -47.64 -17.73
CA ASP D 452 12.67 -49.02 -18.02
C ASP D 452 11.50 -49.97 -17.71
N ARG D 453 11.11 -50.02 -16.44
CA ARG D 453 10.01 -50.90 -16.00
C ARG D 453 8.65 -50.63 -16.64
N ASN D 454 7.81 -51.65 -16.65
CA ASN D 454 6.46 -51.57 -17.22
C ASN D 454 5.39 -51.81 -16.16
N TRP D 455 4.39 -50.95 -16.14
CA TRP D 455 3.30 -51.04 -15.17
C TRP D 455 1.90 -50.91 -15.79
N GLU D 456 0.93 -51.59 -15.18
CA GLU D 456 -0.46 -51.54 -15.64
C GLU D 456 -1.31 -50.86 -14.57
N SER D 457 -2.62 -50.84 -14.76
CA SER D 457 -3.49 -50.18 -13.78
C SER D 457 -3.74 -51.10 -12.58
N ALA D 458 -3.95 -52.40 -12.85
CA ALA D 458 -4.25 -53.36 -11.79
C ALA D 458 -3.05 -53.57 -10.87
N ASP D 459 -1.85 -53.27 -11.36
CA ASP D 459 -0.69 -53.18 -10.47
C ASP D 459 -0.84 -52.03 -9.50
N LEU D 460 -1.32 -50.88 -9.95
CA LEU D 460 -1.36 -49.70 -9.06
C LEU D 460 -2.61 -49.47 -8.21
N GLN D 461 -3.67 -50.22 -8.50
CA GLN D 461 -4.94 -50.06 -7.80
C GLN D 461 -4.91 -50.08 -6.27
N ASP D 462 -4.30 -51.13 -5.70
CA ASP D 462 -4.30 -51.29 -4.26
C ASP D 462 -3.42 -50.25 -3.57
N VAL D 463 -2.34 -49.84 -4.22
CA VAL D 463 -1.50 -48.77 -3.70
C VAL D 463 -2.22 -47.44 -3.81
N MET D 464 -3.02 -47.28 -4.89
CA MET D 464 -3.76 -46.04 -5.11
C MET D 464 -4.81 -45.82 -4.04
N PHE D 465 -5.46 -46.91 -3.62
CA PHE D 465 -6.52 -46.80 -2.62
C PHE D 465 -6.00 -46.29 -1.29
N THR D 466 -4.88 -46.84 -0.82
CA THR D 466 -4.34 -46.42 0.46
C THR D 466 -3.78 -45.02 0.40
N ALA D 467 -3.34 -44.59 -0.78
CA ALA D 467 -2.91 -43.20 -0.93
C ALA D 467 -4.10 -42.26 -0.94
N LEU D 468 -5.25 -42.76 -1.39
CA LEU D 468 -6.49 -42.00 -1.21
C LEU D 468 -6.92 -41.96 0.25
N VAL D 469 -6.53 -42.97 1.04
CA VAL D 469 -7.01 -43.04 2.43
C VAL D 469 -6.43 -41.92 3.27
N LYS D 470 -5.11 -41.79 3.31
CA LYS D 470 -4.48 -40.87 4.25
C LYS D 470 -3.61 -39.82 3.53
N ASP D 471 -4.29 -38.83 2.95
CA ASP D 471 -3.82 -37.48 2.60
C ASP D 471 -2.41 -37.43 1.99
N ARG D 472 -2.24 -38.07 0.84
CA ARG D 472 -0.95 -38.06 0.14
C ARG D 472 -1.14 -37.47 -1.26
N PRO D 473 -1.32 -36.15 -1.36
CA PRO D 473 -1.80 -35.57 -2.62
C PRO D 473 -0.76 -35.55 -3.74
N LYS D 474 0.51 -35.23 -3.42
CA LYS D 474 1.58 -35.33 -4.40
C LYS D 474 1.73 -36.78 -4.86
N PHE D 475 1.51 -37.70 -3.95
CA PHE D 475 1.59 -39.10 -4.28
C PHE D 475 0.31 -39.58 -4.96
N VAL D 476 -0.67 -38.71 -5.16
CA VAL D 476 -1.74 -38.98 -6.10
C VAL D 476 -1.42 -38.41 -7.47
N ARG D 477 -0.79 -37.22 -7.53
CA ARG D 477 -0.32 -36.65 -8.79
C ARG D 477 0.65 -37.57 -9.52
N LEU D 478 1.48 -38.29 -8.75
CA LEU D 478 2.46 -39.19 -9.35
C LEU D 478 1.80 -40.30 -10.15
N PHE D 479 0.72 -40.89 -9.63
CA PHE D 479 0.11 -41.99 -10.37
C PHE D 479 -0.69 -41.52 -11.57
N LEU D 480 -1.28 -40.32 -11.50
CA LEU D 480 -1.97 -39.81 -12.68
C LEU D 480 -0.99 -39.42 -13.77
N GLU D 481 0.20 -38.94 -13.41
CA GLU D 481 1.19 -38.67 -14.45
C GLU D 481 1.83 -39.97 -14.96
N ASN D 482 1.80 -41.01 -14.13
CA ASN D 482 2.36 -42.30 -14.53
C ASN D 482 1.33 -43.15 -15.26
N GLY D 483 0.13 -42.62 -15.39
CA GLY D 483 -0.94 -43.31 -16.10
C GLY D 483 -1.87 -44.20 -15.30
N LEU D 484 -3.12 -43.78 -15.21
CA LEU D 484 -4.16 -44.53 -14.53
C LEU D 484 -5.52 -44.03 -14.99
N ASN D 485 -6.41 -44.96 -15.29
CA ASN D 485 -7.73 -44.63 -15.79
C ASN D 485 -8.66 -44.42 -14.60
N LEU D 486 -8.88 -43.16 -14.23
CA LEU D 486 -9.50 -42.85 -12.95
C LEU D 486 -10.98 -43.16 -12.95
N ARG D 487 -11.64 -43.01 -14.10
CA ARG D 487 -13.05 -43.39 -14.19
C ARG D 487 -13.19 -44.91 -14.19
N LYS D 488 -12.18 -45.62 -14.69
CA LYS D 488 -12.22 -47.08 -14.66
C LYS D 488 -11.92 -47.60 -13.26
N PHE D 489 -11.25 -46.79 -12.44
CA PHE D 489 -10.90 -47.20 -11.09
C PHE D 489 -12.10 -47.23 -10.16
N LEU D 490 -12.85 -46.13 -10.12
CA LEU D 490 -13.89 -45.96 -9.11
C LEU D 490 -15.10 -46.86 -9.40
N THR D 491 -15.32 -47.84 -8.53
CA THR D 491 -16.48 -48.69 -8.60
C THR D 491 -17.28 -48.48 -7.33
N THR D 492 -18.57 -48.86 -7.35
CA THR D 492 -19.47 -48.64 -6.24
C THR D 492 -19.08 -49.41 -4.98
N GLU D 493 -18.30 -50.49 -5.13
CA GLU D 493 -17.72 -51.15 -3.98
C GLU D 493 -16.70 -50.25 -3.29
N VAL D 494 -15.87 -49.57 -4.09
CA VAL D 494 -14.80 -48.73 -3.54
C VAL D 494 -15.39 -47.50 -2.86
N LEU D 495 -16.48 -46.95 -3.41
CA LEU D 495 -17.06 -45.77 -2.79
C LEU D 495 -17.82 -46.12 -1.52
N ARG D 496 -18.40 -47.32 -1.44
CA ARG D 496 -18.96 -47.77 -0.18
C ARG D 496 -17.87 -47.99 0.86
N GLU D 497 -16.74 -48.58 0.44
CA GLU D 497 -15.62 -48.78 1.35
C GLU D 497 -14.99 -47.47 1.76
N LEU D 498 -15.20 -46.42 0.97
CA LEU D 498 -14.63 -45.13 1.30
C LEU D 498 -15.54 -44.32 2.21
N TYR D 499 -16.84 -44.29 1.91
CA TYR D 499 -17.76 -43.49 2.71
C TYR D 499 -18.09 -44.14 4.05
N THR D 500 -18.18 -45.47 4.10
CA THR D 500 -18.58 -46.09 5.37
C THR D 500 -17.43 -46.13 6.36
N ASN D 501 -16.21 -46.30 5.88
CA ASN D 501 -15.05 -46.42 6.76
C ASN D 501 -14.33 -45.10 7.00
N ASN D 502 -13.85 -44.45 5.93
CA ASN D 502 -12.89 -43.37 6.06
C ASN D 502 -13.52 -41.99 6.12
N PHE D 503 -14.76 -41.90 6.57
CA PHE D 503 -15.45 -40.62 6.70
C PHE D 503 -15.68 -40.37 8.18
N SER D 504 -15.04 -39.33 8.71
CA SER D 504 -15.02 -39.11 10.15
C SER D 504 -16.39 -38.67 10.66
N SER D 505 -16.82 -39.27 11.77
CA SER D 505 -18.20 -39.15 12.21
C SER D 505 -18.51 -37.76 12.76
N LEU D 506 -17.47 -37.01 13.12
CA LEU D 506 -17.67 -35.61 13.51
C LEU D 506 -18.20 -34.78 12.35
N VAL D 507 -17.62 -34.96 11.16
CA VAL D 507 -18.08 -34.23 9.98
C VAL D 507 -19.48 -34.69 9.60
N PHE D 508 -19.79 -35.96 9.82
CA PHE D 508 -21.13 -36.46 9.54
C PHE D 508 -22.16 -35.88 10.48
N LYS D 509 -21.83 -35.77 11.77
CA LYS D 509 -22.74 -35.13 12.71
C LYS D 509 -22.92 -33.65 12.40
N ASN D 510 -21.85 -33.01 11.93
CA ASN D 510 -21.94 -31.60 11.59
C ASN D 510 -22.80 -31.38 10.35
N LEU D 511 -22.67 -32.26 9.36
CA LEU D 511 -23.53 -32.19 8.18
C LEU D 511 -24.97 -32.50 8.54
N GLN D 512 -25.17 -33.43 9.49
CA GLN D 512 -26.50 -33.75 9.99
C GLN D 512 -27.16 -32.52 10.62
N ILE D 513 -26.39 -31.73 11.35
CA ILE D 513 -26.93 -30.48 11.89
C ILE D 513 -27.22 -29.49 10.76
N ALA D 514 -26.30 -29.36 9.80
CA ALA D 514 -26.41 -28.32 8.79
C ALA D 514 -27.53 -28.61 7.81
N LYS D 515 -27.94 -29.88 7.68
CA LYS D 515 -29.05 -30.20 6.80
C LYS D 515 -30.37 -29.74 7.41
N ASN D 516 -30.59 -30.04 8.70
CA ASN D 516 -31.86 -29.71 9.33
C ASN D 516 -31.98 -28.22 9.60
N SER D 517 -30.88 -27.58 10.01
CA SER D 517 -31.00 -26.19 10.42
C SER D 517 -31.04 -25.24 9.23
N TYR D 518 -30.13 -25.40 8.27
CA TYR D 518 -30.00 -24.48 7.14
C TYR D 518 -30.19 -25.27 5.84
N ASN D 519 -31.42 -25.34 5.37
CA ASN D 519 -31.74 -26.26 4.28
C ASN D 519 -31.78 -25.54 2.94
N ASP D 520 -31.36 -26.25 1.90
CA ASP D 520 -31.36 -25.74 0.53
C ASP D 520 -31.50 -26.93 -0.42
N ALA D 521 -31.41 -26.64 -1.72
CA ALA D 521 -31.60 -27.69 -2.72
C ALA D 521 -30.38 -28.59 -2.83
N LEU D 522 -29.22 -27.98 -3.04
CA LEU D 522 -27.97 -28.72 -3.24
C LEU D 522 -27.62 -29.55 -2.02
N LEU D 523 -27.80 -28.98 -0.82
CA LEU D 523 -27.43 -29.68 0.39
C LEU D 523 -28.35 -30.87 0.62
N THR D 524 -29.62 -30.74 0.25
CA THR D 524 -30.56 -31.85 0.32
C THR D 524 -30.15 -32.97 -0.62
N PHE D 525 -29.76 -32.62 -1.85
CA PHE D 525 -29.34 -33.65 -2.80
C PHE D 525 -28.06 -34.33 -2.36
N VAL D 526 -27.14 -33.59 -1.76
CA VAL D 526 -25.90 -34.18 -1.29
C VAL D 526 -26.16 -35.11 -0.11
N TRP D 527 -27.08 -34.73 0.78
CA TRP D 527 -27.40 -35.62 1.90
C TRP D 527 -28.09 -36.88 1.43
N LYS D 528 -28.91 -36.78 0.39
CA LYS D 528 -29.55 -37.99 -0.14
C LYS D 528 -28.51 -38.89 -0.82
N MET D 529 -27.52 -38.31 -1.49
CA MET D 529 -26.45 -39.12 -2.06
C MET D 529 -25.62 -39.80 -0.99
N VAL D 530 -25.35 -39.10 0.12
CA VAL D 530 -24.53 -39.68 1.17
C VAL D 530 -25.27 -40.80 1.88
N GLU D 531 -26.57 -40.63 2.13
CA GLU D 531 -27.30 -41.72 2.76
C GLU D 531 -27.61 -42.84 1.77
N ASP D 532 -27.53 -42.57 0.47
CA ASP D 532 -27.61 -43.67 -0.48
C ASP D 532 -26.32 -44.49 -0.46
N PHE D 533 -25.17 -43.83 -0.40
CA PHE D 533 -23.92 -44.56 -0.33
C PHE D 533 -23.66 -45.20 1.03
N ARG D 534 -24.31 -44.69 2.08
CA ARG D 534 -23.91 -45.05 3.43
C ARG D 534 -24.34 -46.47 3.79
N ARG D 535 -25.44 -46.94 3.22
CA ARG D 535 -25.92 -48.29 3.50
C ARG D 535 -25.01 -49.35 2.88
N PRO D 557 -25.11 -47.29 -11.60
CA PRO D 557 -26.22 -48.06 -11.02
C PRO D 557 -27.03 -47.27 -10.00
N ILE D 558 -26.42 -46.84 -8.89
CA ILE D 558 -27.14 -45.96 -7.96
C ILE D 558 -26.84 -44.50 -8.29
N THR D 559 -25.68 -44.23 -8.89
CA THR D 559 -25.40 -42.94 -9.47
C THR D 559 -24.42 -43.10 -10.63
N ARG D 560 -24.52 -42.18 -11.58
CA ARG D 560 -23.48 -41.92 -12.54
C ARG D 560 -22.70 -40.71 -12.02
N HIS D 561 -21.77 -40.22 -12.84
CA HIS D 561 -20.77 -39.23 -12.43
C HIS D 561 -20.01 -39.63 -11.16
N PRO D 562 -19.08 -40.59 -11.24
CA PRO D 562 -18.33 -40.95 -10.03
C PRO D 562 -17.32 -39.90 -9.61
N LEU D 563 -16.81 -39.13 -10.56
CA LEU D 563 -15.75 -38.17 -10.25
C LEU D 563 -16.25 -37.05 -9.36
N GLN D 564 -17.50 -36.62 -9.56
CA GLN D 564 -18.10 -35.65 -8.65
C GLN D 564 -18.34 -36.25 -7.27
N ALA D 565 -18.55 -37.57 -7.19
CA ALA D 565 -18.73 -38.19 -5.89
C ALA D 565 -17.43 -38.19 -5.10
N LEU D 566 -16.33 -38.53 -5.75
CA LEU D 566 -15.03 -38.47 -5.07
C LEU D 566 -14.65 -37.03 -4.75
N PHE D 567 -15.03 -36.10 -5.62
CA PHE D 567 -14.72 -34.70 -5.37
C PHE D 567 -15.48 -34.14 -4.17
N ILE D 568 -16.76 -34.49 -4.04
CA ILE D 568 -17.53 -33.99 -2.90
C ILE D 568 -17.08 -34.67 -1.61
N TRP D 569 -16.66 -35.93 -1.71
CA TRP D 569 -16.02 -36.58 -0.57
C TRP D 569 -14.75 -35.87 -0.13
N SER D 570 -13.99 -35.34 -1.09
CA SER D 570 -12.77 -34.63 -0.70
C SER D 570 -13.09 -33.26 -0.12
N VAL D 571 -14.13 -32.61 -0.63
CA VAL D 571 -14.37 -31.22 -0.21
C VAL D 571 -15.04 -31.17 1.16
N LEU D 572 -15.87 -32.17 1.50
CA LEU D 572 -16.54 -32.16 2.80
C LEU D 572 -15.57 -32.28 3.97
N GLN D 573 -14.43 -32.93 3.80
CA GLN D 573 -13.53 -33.11 4.92
C GLN D 573 -12.49 -32.01 5.06
N ASN D 574 -12.60 -30.92 4.28
CA ASN D 574 -11.65 -29.81 4.25
C ASN D 574 -10.23 -30.27 3.97
N LYS D 575 -10.04 -31.02 2.89
CA LYS D 575 -8.72 -31.38 2.43
C LYS D 575 -8.38 -30.49 1.24
N LYS D 576 -7.38 -29.63 1.41
CA LYS D 576 -7.06 -28.67 0.37
C LYS D 576 -6.33 -29.33 -0.78
N GLU D 577 -5.15 -29.88 -0.49
CA GLU D 577 -4.24 -30.26 -1.55
C GLU D 577 -4.71 -31.52 -2.26
N LEU D 578 -5.58 -32.30 -1.63
CA LEU D 578 -6.15 -33.43 -2.34
C LEU D 578 -7.27 -32.98 -3.27
N SER D 579 -8.03 -31.98 -2.86
CA SER D 579 -9.15 -31.56 -3.68
C SER D 579 -8.67 -30.78 -4.89
N LYS D 580 -7.57 -30.05 -4.75
CA LYS D 580 -7.02 -29.35 -5.92
C LYS D 580 -6.48 -30.34 -6.94
N VAL D 581 -6.02 -31.50 -6.48
CA VAL D 581 -5.56 -32.53 -7.41
C VAL D 581 -6.75 -33.19 -8.08
N ILE D 582 -7.77 -33.56 -7.32
CA ILE D 582 -8.88 -34.29 -7.91
C ILE D 582 -9.79 -33.37 -8.72
N TRP D 583 -9.64 -32.05 -8.59
CA TRP D 583 -10.45 -31.12 -9.38
C TRP D 583 -10.01 -31.11 -10.83
N GLU D 584 -8.76 -31.45 -11.10
CA GLU D 584 -8.26 -31.33 -12.46
C GLU D 584 -8.67 -32.52 -13.32
N GLN D 585 -9.38 -33.50 -12.75
CA GLN D 585 -9.76 -34.65 -13.54
C GLN D 585 -11.25 -34.65 -13.85
N THR D 586 -12.01 -33.77 -13.23
CA THR D 586 -13.46 -33.81 -13.40
C THR D 586 -13.85 -33.17 -14.73
N ARG D 587 -15.06 -33.46 -15.19
CA ARG D 587 -15.42 -33.08 -16.54
C ARG D 587 -15.90 -31.64 -16.60
N GLY D 588 -16.98 -31.32 -15.91
CA GLY D 588 -17.51 -29.97 -15.94
C GLY D 588 -16.83 -29.10 -14.93
N CYS D 589 -15.85 -28.32 -15.38
CA CYS D 589 -14.86 -27.78 -14.46
C CYS D 589 -15.40 -26.60 -13.66
N THR D 590 -15.91 -25.58 -14.35
CA THR D 590 -16.42 -24.41 -13.65
C THR D 590 -17.67 -24.74 -12.86
N LEU D 591 -18.46 -25.72 -13.33
CA LEU D 591 -19.65 -26.12 -12.59
C LEU D 591 -19.27 -26.81 -11.30
N ALA D 592 -18.24 -27.67 -11.35
CA ALA D 592 -17.81 -28.36 -10.14
C ALA D 592 -17.18 -27.40 -9.15
N ALA D 593 -16.43 -26.41 -9.65
CA ALA D 593 -15.84 -25.42 -8.77
C ALA D 593 -16.92 -24.60 -8.08
N LEU D 594 -17.95 -24.23 -8.81
CA LEU D 594 -18.97 -23.38 -8.20
C LEU D 594 -19.86 -24.18 -7.27
N GLY D 595 -20.05 -25.48 -7.57
CA GLY D 595 -20.77 -26.33 -6.65
C GLY D 595 -20.04 -26.54 -5.34
N ALA D 596 -18.71 -26.66 -5.41
CA ALA D 596 -17.93 -26.75 -4.18
C ALA D 596 -18.03 -25.47 -3.37
N SER D 597 -18.11 -24.32 -4.05
CA SER D 597 -18.28 -23.07 -3.32
C SER D 597 -19.62 -23.01 -2.60
N LYS D 598 -20.71 -23.39 -3.28
CA LYS D 598 -22.03 -23.30 -2.66
C LYS D 598 -22.20 -24.37 -1.58
N LEU D 599 -21.43 -25.44 -1.66
CA LEU D 599 -21.47 -26.43 -0.59
C LEU D 599 -20.72 -25.94 0.63
N LEU D 600 -19.56 -25.33 0.44
CA LEU D 600 -18.76 -24.94 1.59
C LEU D 600 -19.33 -23.73 2.30
N LYS D 601 -20.08 -22.87 1.61
CA LYS D 601 -20.77 -21.80 2.32
C LYS D 601 -21.78 -22.35 3.32
N SER D 602 -22.57 -23.34 2.90
CA SER D 602 -23.58 -23.90 3.77
C SER D 602 -22.96 -24.73 4.87
N MET D 603 -21.79 -25.32 4.62
CA MET D 603 -21.05 -25.94 5.72
C MET D 603 -20.47 -24.88 6.65
N ALA D 604 -20.22 -23.68 6.15
CA ALA D 604 -19.61 -22.65 6.98
C ALA D 604 -20.64 -21.95 7.85
N LYS D 605 -21.92 -22.02 7.50
CA LYS D 605 -22.94 -21.36 8.31
C LYS D 605 -23.19 -22.07 9.64
N VAL D 606 -22.66 -23.29 9.82
CA VAL D 606 -22.88 -23.98 11.08
C VAL D 606 -21.97 -23.36 12.13
N LYS D 607 -22.33 -23.52 13.40
CA LYS D 607 -21.61 -22.89 14.49
C LYS D 607 -21.33 -23.85 15.64
N ASN D 608 -21.18 -25.14 15.35
CA ASN D 608 -20.86 -26.10 16.41
C ASN D 608 -19.36 -26.10 16.70
N ASP D 609 -18.54 -26.00 15.65
CA ASP D 609 -17.09 -26.04 15.78
C ASP D 609 -16.53 -24.97 14.84
N ILE D 610 -15.75 -24.04 15.38
CA ILE D 610 -15.36 -22.88 14.60
C ILE D 610 -14.06 -23.16 13.83
N ASN D 611 -13.29 -24.14 14.30
CA ASN D 611 -11.98 -24.43 13.71
C ASN D 611 -12.12 -24.99 12.30
N ALA D 612 -13.10 -25.85 12.08
CA ALA D 612 -13.36 -26.31 10.72
C ALA D 612 -14.02 -25.21 9.89
N ALA D 613 -14.80 -24.34 10.55
CA ALA D 613 -15.61 -23.36 9.82
C ALA D 613 -14.76 -22.29 9.18
N GLY D 614 -13.70 -21.83 9.88
CA GLY D 614 -12.82 -20.84 9.27
C GLY D 614 -12.10 -21.36 8.05
N GLU D 615 -11.58 -22.60 8.14
CA GLU D 615 -10.90 -23.21 7.00
C GLU D 615 -11.87 -23.47 5.86
N SER D 616 -13.13 -23.76 6.20
CA SER D 616 -14.12 -24.01 5.17
C SER D 616 -14.45 -22.74 4.39
N GLU D 617 -14.56 -21.61 5.08
CA GLU D 617 -14.88 -20.39 4.36
C GLU D 617 -13.68 -19.92 3.53
N GLU D 618 -12.46 -20.18 4.02
CA GLU D 618 -11.28 -19.85 3.20
C GLU D 618 -11.20 -20.72 1.96
N LEU D 619 -11.50 -22.02 2.08
CA LEU D 619 -11.47 -22.89 0.91
C LEU D 619 -12.57 -22.51 -0.07
N ALA D 620 -13.70 -22.03 0.44
CA ALA D 620 -14.78 -21.60 -0.45
C ALA D 620 -14.38 -20.39 -1.27
N ASN D 621 -13.77 -19.39 -0.63
CA ASN D 621 -13.31 -18.22 -1.40
C ASN D 621 -12.21 -18.59 -2.38
N GLU D 622 -11.34 -19.53 -1.99
CA GLU D 622 -10.27 -19.96 -2.89
C GLU D 622 -10.81 -20.72 -4.10
N TYR D 623 -11.93 -21.42 -3.97
CA TYR D 623 -12.53 -22.01 -5.17
C TYR D 623 -13.33 -21.01 -6.00
N GLU D 624 -13.91 -20.00 -5.38
CA GLU D 624 -14.63 -18.98 -6.16
C GLU D 624 -13.67 -18.22 -7.08
N THR D 625 -12.49 -17.84 -6.57
CA THR D 625 -11.56 -17.09 -7.41
C THR D 625 -11.01 -17.97 -8.55
N ARG D 626 -10.86 -19.27 -8.30
CA ARG D 626 -10.38 -20.14 -9.36
C ARG D 626 -11.44 -20.32 -10.44
N ALA D 627 -12.71 -20.38 -10.04
CA ALA D 627 -13.78 -20.48 -11.02
C ALA D 627 -13.85 -19.22 -11.88
N VAL D 628 -13.67 -18.05 -11.28
CA VAL D 628 -13.81 -16.84 -12.08
C VAL D 628 -12.60 -16.64 -13.00
N GLU D 629 -11.41 -17.07 -12.57
CA GLU D 629 -10.26 -16.98 -13.46
C GLU D 629 -10.38 -17.93 -14.64
N LEU D 630 -10.86 -19.16 -14.39
CA LEU D 630 -11.08 -20.11 -15.47
C LEU D 630 -12.12 -19.62 -16.46
N PHE D 631 -13.20 -19.02 -15.97
CA PHE D 631 -14.23 -18.61 -16.92
C PHE D 631 -13.83 -17.36 -17.68
N THR D 632 -13.02 -16.48 -17.10
CA THR D 632 -12.49 -15.36 -17.88
C THR D 632 -11.58 -15.86 -18.99
N GLU D 633 -10.71 -16.82 -18.68
CA GLU D 633 -9.84 -17.38 -19.70
C GLU D 633 -10.63 -18.09 -20.79
N CYS D 634 -11.70 -18.81 -20.41
CA CYS D 634 -12.50 -19.51 -21.42
C CYS D 634 -13.38 -18.56 -22.20
N TYR D 635 -13.69 -17.40 -21.64
CA TYR D 635 -14.51 -16.43 -22.35
C TYR D 635 -13.66 -15.63 -23.32
N SER D 636 -12.35 -15.65 -23.13
CA SER D 636 -11.47 -14.94 -24.04
C SER D 636 -11.49 -15.54 -25.46
N ASN D 637 -11.67 -16.85 -25.60
CA ASN D 637 -11.55 -17.43 -26.93
C ASN D 637 -12.82 -17.28 -27.76
N ASP D 638 -13.91 -17.91 -27.35
CA ASP D 638 -15.08 -18.06 -28.23
C ASP D 638 -16.32 -17.76 -27.43
N GLU D 639 -17.02 -16.68 -27.78
CA GLU D 639 -18.07 -16.17 -26.93
C GLU D 639 -19.32 -17.05 -26.98
N ASP D 640 -19.66 -17.55 -28.16
CA ASP D 640 -20.88 -18.34 -28.32
C ASP D 640 -20.82 -19.64 -27.55
N LEU D 641 -19.70 -20.35 -27.67
CA LEU D 641 -19.52 -21.59 -26.93
C LEU D 641 -19.41 -21.34 -25.43
N ALA D 642 -18.88 -20.19 -25.04
CA ALA D 642 -18.79 -19.86 -23.63
C ALA D 642 -20.16 -19.61 -23.02
N GLU D 643 -21.06 -18.97 -23.76
CA GLU D 643 -22.38 -18.73 -23.19
C GLU D 643 -23.23 -20.00 -23.21
N GLN D 644 -23.04 -20.83 -24.23
CA GLN D 644 -23.67 -22.14 -24.22
C GLN D 644 -23.13 -23.00 -23.07
N LEU D 645 -21.88 -22.75 -22.68
CA LEU D 645 -21.32 -23.41 -21.51
C LEU D 645 -21.92 -22.86 -20.21
N LEU D 646 -22.30 -21.58 -20.20
CA LEU D 646 -23.00 -21.05 -19.04
C LEU D 646 -24.35 -21.70 -18.85
N THR D 647 -25.17 -21.73 -19.88
CA THR D 647 -26.54 -22.19 -19.67
C THR D 647 -26.67 -23.71 -19.63
N TYR D 648 -25.58 -24.46 -19.67
CA TYR D 648 -25.64 -25.91 -19.65
C TYR D 648 -25.90 -26.43 -18.25
N SER D 649 -26.65 -27.52 -18.14
CA SER D 649 -26.98 -28.12 -16.86
C SER D 649 -26.55 -29.57 -16.83
N CYS D 650 -26.24 -30.08 -15.63
CA CYS D 650 -25.92 -31.50 -15.45
C CYS D 650 -26.73 -32.08 -14.30
N GLU D 651 -26.74 -33.41 -14.24
CA GLU D 651 -27.48 -34.10 -13.19
C GLU D 651 -26.64 -34.40 -11.97
N ALA D 652 -25.31 -34.25 -12.05
CA ALA D 652 -24.44 -34.61 -10.94
C ALA D 652 -24.67 -33.68 -9.75
N TRP D 653 -24.78 -32.40 -10.02
CA TRP D 653 -25.23 -31.43 -9.04
C TRP D 653 -26.75 -31.39 -9.12
N GLY D 654 -27.36 -30.50 -8.36
CA GLY D 654 -28.80 -30.55 -8.22
C GLY D 654 -29.61 -30.08 -9.42
N GLY D 655 -29.36 -30.68 -10.59
CA GLY D 655 -30.00 -30.36 -11.84
C GLY D 655 -30.00 -28.89 -12.21
N SER D 656 -28.85 -28.24 -12.05
CA SER D 656 -28.81 -26.79 -12.09
C SER D 656 -27.62 -26.27 -12.88
N ASN D 657 -27.89 -25.33 -13.77
CA ASN D 657 -26.86 -24.65 -14.53
C ASN D 657 -26.06 -23.72 -13.62
N CYS D 658 -24.89 -23.32 -14.11
CA CYS D 658 -23.91 -22.59 -13.31
C CYS D 658 -24.42 -21.22 -12.89
N LEU D 659 -25.17 -20.57 -13.77
CA LEU D 659 -25.59 -19.20 -13.52
C LEU D 659 -26.67 -19.13 -12.46
N GLU D 660 -27.48 -20.18 -12.34
CA GLU D 660 -28.44 -20.22 -11.24
C GLU D 660 -27.74 -20.57 -9.94
N LEU D 661 -26.67 -21.34 -10.01
CA LEU D 661 -25.98 -21.77 -8.81
C LEU D 661 -25.21 -20.61 -8.19
N ALA D 662 -24.72 -19.69 -9.02
CA ALA D 662 -24.00 -18.53 -8.49
C ALA D 662 -24.92 -17.62 -7.67
N VAL D 663 -26.18 -17.49 -8.07
CA VAL D 663 -27.10 -16.62 -7.35
C VAL D 663 -27.49 -17.26 -6.02
N GLU D 664 -27.71 -18.58 -6.00
CA GLU D 664 -28.04 -19.26 -4.76
C GLU D 664 -26.86 -19.29 -3.81
N ALA D 665 -25.63 -19.32 -4.36
CA ALA D 665 -24.45 -19.25 -3.50
C ALA D 665 -24.28 -17.88 -2.89
N ARG D 666 -24.88 -16.86 -3.53
CA ARG D 666 -24.78 -15.45 -3.16
C ARG D 666 -23.32 -15.02 -3.07
N ASP D 667 -22.54 -15.35 -4.09
CA ASP D 667 -21.16 -14.91 -4.11
C ASP D 667 -20.98 -13.72 -5.03
N GLN D 668 -19.96 -12.92 -4.73
CA GLN D 668 -19.83 -11.60 -5.34
C GLN D 668 -18.95 -11.60 -6.56
N GLN D 669 -17.92 -12.44 -6.59
CA GLN D 669 -16.79 -12.20 -7.48
C GLN D 669 -16.93 -13.01 -8.76
N PHE D 670 -18.02 -13.74 -8.94
CA PHE D 670 -18.22 -14.43 -10.20
C PHE D 670 -19.06 -13.56 -11.12
N ILE D 671 -19.99 -12.82 -10.53
CA ILE D 671 -20.97 -12.07 -11.30
C ILE D 671 -20.32 -10.76 -11.75
N ALA D 672 -19.24 -10.38 -11.08
CA ALA D 672 -18.65 -9.07 -11.28
C ALA D 672 -17.94 -8.90 -12.61
N GLN D 673 -17.46 -10.00 -13.20
CA GLN D 673 -16.66 -9.89 -14.41
C GLN D 673 -17.54 -9.53 -15.60
N PRO D 674 -16.98 -8.96 -16.67
CA PRO D 674 -17.84 -8.47 -17.76
C PRO D 674 -18.45 -9.55 -18.65
N GLY D 675 -18.03 -10.81 -18.50
CA GLY D 675 -18.59 -11.86 -19.34
C GLY D 675 -20.08 -12.08 -19.08
N VAL D 676 -20.43 -12.33 -17.83
CA VAL D 676 -21.84 -12.58 -17.53
C VAL D 676 -22.62 -11.27 -17.56
N GLN D 677 -21.94 -10.13 -17.44
CA GLN D 677 -22.61 -8.85 -17.59
C GLN D 677 -23.02 -8.63 -19.04
N ASN D 678 -22.13 -8.94 -19.98
CA ASN D 678 -22.47 -8.84 -21.39
C ASN D 678 -23.57 -9.83 -21.74
N PHE D 679 -23.50 -11.03 -21.16
CA PHE D 679 -24.56 -12.03 -21.35
C PHE D 679 -25.92 -11.53 -20.86
N LEU D 680 -25.96 -11.03 -19.63
CA LEU D 680 -27.19 -10.50 -19.06
C LEU D 680 -27.74 -9.36 -19.89
N SER D 681 -26.90 -8.40 -20.27
CA SER D 681 -27.39 -7.21 -20.94
C SER D 681 -27.89 -7.53 -22.34
N LYS D 682 -27.24 -8.46 -23.03
CA LYS D 682 -27.76 -8.78 -24.35
C LYS D 682 -28.90 -9.78 -24.28
N GLN D 683 -29.15 -10.34 -23.10
CA GLN D 683 -30.44 -11.00 -22.90
C GLN D 683 -31.54 -9.98 -22.59
N TRP D 684 -31.17 -8.87 -21.94
CA TRP D 684 -32.12 -7.80 -21.68
C TRP D 684 -32.54 -7.10 -22.96
N TYR D 685 -31.65 -6.99 -23.93
CA TYR D 685 -32.04 -6.41 -25.21
C TYR D 685 -32.61 -7.44 -26.17
N GLY D 686 -32.26 -8.70 -26.03
CA GLY D 686 -32.90 -9.72 -26.84
C GLY D 686 -32.40 -9.68 -28.27
N GLU D 687 -33.31 -9.88 -29.21
CA GLU D 687 -32.92 -9.93 -30.62
C GLU D 687 -32.66 -8.54 -31.18
N ILE D 688 -33.10 -7.50 -30.46
CA ILE D 688 -32.67 -6.15 -30.80
C ILE D 688 -31.18 -6.04 -30.53
N SER D 689 -30.42 -5.64 -31.56
CA SER D 689 -29.00 -5.46 -31.38
C SER D 689 -28.73 -4.23 -30.53
N ARG D 690 -27.58 -4.24 -29.89
CA ARG D 690 -27.16 -3.13 -29.04
C ARG D 690 -26.71 -1.96 -29.91
N ASP D 691 -26.17 -0.94 -29.24
CA ASP D 691 -25.55 0.23 -29.87
C ASP D 691 -26.55 1.00 -30.74
N THR D 692 -27.80 1.05 -30.29
CA THR D 692 -28.79 1.94 -30.84
C THR D 692 -29.26 2.87 -29.73
N LYS D 693 -29.74 4.05 -30.12
CA LYS D 693 -30.15 5.03 -29.14
C LYS D 693 -31.49 4.63 -28.54
N ASN D 694 -31.75 5.16 -27.33
CA ASN D 694 -32.97 4.77 -26.63
C ASN D 694 -34.18 5.52 -27.16
N TRP D 695 -33.99 6.78 -27.54
CA TRP D 695 -35.09 7.55 -28.14
C TRP D 695 -35.50 6.96 -29.48
N LYS D 696 -34.54 6.36 -30.19
CA LYS D 696 -34.84 5.70 -31.44
C LYS D 696 -35.75 4.50 -31.24
N ILE D 697 -35.51 3.73 -30.18
CA ILE D 697 -36.36 2.57 -29.89
C ILE D 697 -37.72 3.03 -29.39
N ILE D 698 -37.77 4.19 -28.71
CA ILE D 698 -39.07 4.70 -28.28
C ILE D 698 -39.89 5.20 -29.47
N LEU D 699 -39.24 5.86 -30.42
CA LEU D 699 -39.95 6.28 -31.62
C LEU D 699 -40.37 5.09 -32.48
N CYS D 700 -39.57 4.02 -32.48
CA CYS D 700 -39.99 2.81 -33.18
C CYS D 700 -41.05 2.07 -32.39
N LEU D 701 -41.18 2.37 -31.10
CA LEU D 701 -42.31 1.86 -30.33
C LEU D 701 -43.59 2.58 -30.70
N PHE D 702 -43.50 3.87 -31.00
CA PHE D 702 -44.69 4.56 -31.50
C PHE D 702 -45.03 4.14 -32.93
N PHE D 703 -44.03 3.95 -33.78
CA PHE D 703 -44.24 3.81 -35.22
C PHE D 703 -43.92 2.40 -35.68
N PHE D 704 -44.91 1.75 -36.30
CA PHE D 704 -44.69 0.44 -36.89
C PHE D 704 -43.75 0.38 -38.10
N PRO D 705 -43.87 1.20 -39.17
CA PRO D 705 -43.11 0.88 -40.39
C PRO D 705 -41.62 1.18 -40.32
N LEU D 706 -41.16 1.79 -39.23
CA LEU D 706 -39.72 1.95 -39.02
C LEU D 706 -39.04 0.60 -38.81
N ILE D 707 -39.79 -0.38 -38.33
CA ILE D 707 -39.29 -1.75 -38.20
C ILE D 707 -39.03 -2.36 -39.57
N GLY D 708 -39.99 -2.20 -40.49
CA GLY D 708 -39.81 -2.74 -41.83
C GLY D 708 -38.89 -1.90 -42.69
N CYS D 709 -38.58 -0.68 -42.23
CA CYS D 709 -37.62 0.17 -42.93
C CYS D 709 -36.21 -0.42 -42.88
N GLY D 710 -35.92 -1.20 -41.85
CA GLY D 710 -34.54 -1.57 -41.57
C GLY D 710 -33.81 -0.52 -40.76
N PHE D 711 -34.53 0.18 -39.89
CA PHE D 711 -33.99 1.37 -39.24
C PHE D 711 -33.22 1.02 -37.98
N ILE D 712 -33.59 -0.07 -37.33
CA ILE D 712 -32.81 -0.61 -36.21
C ILE D 712 -32.02 -1.81 -36.72
N SER D 713 -30.76 -1.93 -36.32
CA SER D 713 -30.00 -3.12 -36.67
C SER D 713 -30.46 -4.31 -35.85
N PHE D 714 -30.02 -5.49 -36.26
CA PHE D 714 -30.43 -6.74 -35.63
C PHE D 714 -29.31 -7.76 -35.68
N ARG D 715 -29.62 -8.97 -35.23
CA ARG D 715 -28.71 -10.11 -35.37
C ARG D 715 -29.12 -10.94 -36.58
N LYS D 716 -28.13 -11.25 -37.43
CA LYS D 716 -28.39 -12.03 -38.63
C LYS D 716 -28.65 -13.49 -38.31
N LYS D 723 -40.49 -14.45 -45.39
CA LYS D 723 -41.17 -13.92 -44.21
C LYS D 723 -40.16 -13.47 -43.17
N LYS D 724 -39.38 -12.44 -43.49
CA LYS D 724 -38.38 -11.94 -42.57
C LYS D 724 -38.96 -10.86 -41.66
N LEU D 725 -39.86 -10.04 -42.18
CA LEU D 725 -40.33 -8.88 -41.42
C LEU D 725 -41.30 -9.29 -40.30
N PHE D 726 -42.02 -10.40 -40.50
CA PHE D 726 -42.86 -10.91 -39.41
C PHE D 726 -41.99 -11.43 -38.27
N LEU D 727 -40.87 -12.09 -38.62
CA LEU D 727 -39.88 -12.47 -37.62
C LEU D 727 -39.30 -11.25 -36.93
N TYR D 728 -39.14 -10.15 -37.68
CA TYR D 728 -38.66 -8.90 -37.08
C TYR D 728 -39.66 -8.35 -36.07
N TYR D 729 -40.96 -8.37 -36.40
CA TYR D 729 -41.97 -7.89 -35.46
C TYR D 729 -42.05 -8.76 -34.21
N VAL D 730 -42.00 -10.07 -34.37
CA VAL D 730 -42.08 -10.97 -33.21
C VAL D 730 -40.85 -10.83 -32.33
N SER D 731 -39.66 -10.79 -32.95
CA SER D 731 -38.43 -10.61 -32.19
C SER D 731 -38.35 -9.22 -31.56
N PHE D 732 -39.03 -8.24 -32.16
CA PHE D 732 -39.10 -6.91 -31.58
C PHE D 732 -39.93 -6.91 -30.31
N PHE D 733 -41.14 -7.48 -30.37
CA PHE D 733 -42.00 -7.39 -29.21
C PHE D 733 -41.68 -8.43 -28.15
N THR D 734 -40.78 -9.37 -28.44
CA THR D 734 -40.37 -10.29 -27.39
C THR D 734 -39.18 -9.77 -26.61
N SER D 735 -38.56 -8.69 -27.05
CA SER D 735 -37.49 -8.11 -26.27
C SER D 735 -38.05 -7.40 -25.05
N PRO D 736 -37.57 -7.70 -23.85
CA PRO D 736 -38.28 -7.24 -22.65
C PRO D 736 -38.15 -5.76 -22.37
N PHE D 737 -37.18 -5.08 -22.98
CA PHE D 737 -37.04 -3.63 -22.79
C PHE D 737 -38.23 -2.87 -23.36
N VAL D 738 -38.65 -3.27 -24.56
CA VAL D 738 -39.80 -2.65 -25.20
C VAL D 738 -41.06 -2.96 -24.40
N VAL D 739 -41.10 -4.15 -23.80
CA VAL D 739 -42.24 -4.55 -22.99
C VAL D 739 -42.32 -3.70 -21.74
N PHE D 740 -41.19 -3.54 -21.06
CA PHE D 740 -41.15 -2.74 -19.84
C PHE D 740 -41.50 -1.30 -20.15
N SER D 741 -40.96 -0.78 -21.24
CA SER D 741 -41.24 0.59 -21.64
C SER D 741 -42.71 0.74 -21.95
N TRP D 742 -43.27 -0.24 -22.65
CA TRP D 742 -44.67 -0.21 -23.01
C TRP D 742 -45.54 -0.25 -21.77
N ASN D 743 -45.15 -1.08 -20.80
CA ASN D 743 -45.93 -1.20 -19.59
C ASN D 743 -45.99 0.12 -18.84
N VAL D 744 -44.87 0.81 -18.74
CA VAL D 744 -44.85 2.08 -18.03
C VAL D 744 -45.74 3.08 -18.74
N ILE D 745 -45.61 3.16 -20.06
CA ILE D 745 -46.42 4.09 -20.84
C ILE D 745 -47.89 3.72 -20.72
N PHE D 746 -48.17 2.42 -20.79
CA PHE D 746 -49.54 1.92 -20.67
C PHE D 746 -50.10 2.22 -19.28
N TYR D 747 -49.25 2.05 -18.27
CA TYR D 747 -49.63 2.29 -16.89
C TYR D 747 -50.01 3.75 -16.65
N ILE D 748 -49.24 4.66 -17.26
CA ILE D 748 -49.50 6.09 -17.11
C ILE D 748 -50.87 6.43 -17.67
N ALA D 749 -51.20 5.82 -18.81
CA ALA D 749 -52.50 6.05 -19.44
C ALA D 749 -53.64 5.48 -18.61
N PHE D 750 -53.41 4.33 -18.00
CA PHE D 750 -54.36 3.75 -17.05
C PHE D 750 -54.62 4.68 -15.89
N LEU D 751 -53.57 5.33 -15.39
CA LEU D 751 -53.74 6.23 -14.26
C LEU D 751 -54.55 7.45 -14.66
N LEU D 752 -54.31 7.96 -15.87
CA LEU D 752 -55.10 9.09 -16.37
C LEU D 752 -56.56 8.73 -16.54
N LEU D 753 -56.84 7.54 -17.07
CA LEU D 753 -58.22 7.12 -17.27
C LEU D 753 -58.91 6.89 -15.91
N PHE D 754 -58.16 6.39 -14.94
CA PHE D 754 -58.69 6.19 -13.59
C PHE D 754 -59.06 7.52 -12.97
N ALA D 755 -58.23 8.54 -13.18
CA ALA D 755 -58.53 9.88 -12.69
C ALA D 755 -59.76 10.46 -13.38
N TYR D 756 -59.89 10.22 -14.68
CA TYR D 756 -61.04 10.74 -15.43
C TYR D 756 -62.34 10.10 -14.97
N VAL D 757 -62.31 8.82 -14.63
CA VAL D 757 -63.51 8.17 -14.12
C VAL D 757 -63.81 8.65 -12.70
N LEU D 758 -62.77 8.89 -11.90
CA LEU D 758 -62.96 9.39 -10.54
C LEU D 758 -63.55 10.80 -10.53
N LEU D 759 -63.27 11.58 -11.57
CA LEU D 759 -63.89 12.90 -11.64
C LEU D 759 -65.25 12.84 -12.32
N MET D 760 -65.36 12.04 -13.39
CA MET D 760 -66.64 11.84 -14.09
C MET D 760 -67.27 10.53 -13.64
N ASP D 761 -67.73 10.50 -12.40
CA ASP D 761 -68.35 9.32 -11.81
C ASP D 761 -69.84 9.57 -11.66
N PHE D 762 -70.65 8.59 -12.06
CA PHE D 762 -72.09 8.70 -11.99
C PHE D 762 -72.58 7.95 -10.75
N GLN D 763 -73.89 7.97 -10.53
CA GLN D 763 -74.55 7.28 -9.41
C GLN D 763 -74.72 5.80 -9.81
N LYS D 764 -75.59 5.07 -9.10
CA LYS D 764 -75.67 3.60 -8.86
C LYS D 764 -75.25 2.79 -10.09
N GLU D 765 -75.73 3.11 -11.29
CA GLU D 765 -75.33 2.35 -12.48
C GLU D 765 -73.98 2.83 -13.00
N PRO D 766 -72.99 1.94 -13.06
CA PRO D 766 -71.69 2.34 -13.61
C PRO D 766 -71.68 2.30 -15.13
N THR D 767 -70.95 3.24 -15.72
CA THR D 767 -70.81 3.27 -17.18
C THR D 767 -69.80 2.22 -17.64
N ALA D 768 -69.58 2.18 -18.96
CA ALA D 768 -68.69 1.18 -19.54
C ALA D 768 -67.23 1.47 -19.21
N LEU D 769 -66.91 2.73 -18.92
CA LEU D 769 -65.54 3.11 -18.56
C LEU D 769 -65.11 2.46 -17.25
N GLU D 770 -66.00 2.49 -16.24
CA GLU D 770 -65.73 1.84 -14.97
C GLU D 770 -65.57 0.34 -15.15
N ILE D 771 -66.35 -0.26 -16.06
CA ILE D 771 -66.26 -1.68 -16.36
C ILE D 771 -64.91 -2.00 -16.97
N ILE D 772 -64.43 -1.13 -17.86
CA ILE D 772 -63.10 -1.29 -18.45
C ILE D 772 -62.02 -1.22 -17.37
N LEU D 773 -62.22 -0.34 -16.38
CA LEU D 773 -61.31 -0.27 -15.24
C LEU D 773 -61.31 -1.57 -14.44
N TYR D 774 -62.49 -2.16 -14.21
CA TYR D 774 -62.54 -3.39 -13.43
C TYR D 774 -61.87 -4.54 -14.17
N VAL D 775 -62.00 -4.55 -15.50
CA VAL D 775 -61.32 -5.56 -16.31
C VAL D 775 -59.80 -5.40 -16.23
N LEU D 776 -59.32 -4.15 -16.28
CA LEU D 776 -57.88 -3.92 -16.20
C LEU D 776 -57.32 -4.30 -14.83
N VAL D 777 -58.05 -4.02 -13.77
CA VAL D 777 -57.58 -4.41 -12.44
C VAL D 777 -57.67 -5.92 -12.26
N PHE D 778 -58.62 -6.56 -12.96
CA PHE D 778 -58.66 -8.03 -12.96
C PHE D 778 -57.45 -8.63 -13.66
N ILE D 779 -56.98 -7.97 -14.73
CA ILE D 779 -55.73 -8.37 -15.39
C ILE D 779 -54.57 -8.28 -14.41
N LEU D 780 -54.52 -7.17 -13.66
CA LEU D 780 -53.52 -7.02 -12.61
C LEU D 780 -53.60 -8.11 -11.56
N LEU D 781 -54.83 -8.51 -11.19
CA LEU D 781 -55.01 -9.53 -10.17
C LEU D 781 -54.53 -10.88 -10.66
N CYS D 782 -54.77 -11.19 -11.93
CA CYS D 782 -54.26 -12.42 -12.52
C CYS D 782 -52.74 -12.43 -12.53
N ASP D 783 -52.12 -11.29 -12.81
CA ASP D 783 -50.65 -11.22 -12.80
C ASP D 783 -50.10 -11.38 -11.38
N GLU D 784 -50.81 -10.82 -10.39
CA GLU D 784 -50.35 -10.95 -9.00
C GLU D 784 -50.46 -12.39 -8.51
N VAL D 785 -51.54 -13.09 -8.88
CA VAL D 785 -51.70 -14.50 -8.50
C VAL D 785 -50.64 -15.35 -9.20
N ARG D 786 -50.29 -15.00 -10.44
CA ARG D 786 -49.23 -15.71 -11.14
C ARG D 786 -47.89 -15.53 -10.44
N GLN D 787 -47.61 -14.33 -9.94
CA GLN D 787 -46.31 -14.14 -9.29
C GLN D 787 -46.30 -14.78 -7.90
N TRP D 788 -47.46 -14.82 -7.23
CA TRP D 788 -47.64 -15.62 -6.02
C TRP D 788 -47.21 -17.05 -6.23
N TYR D 789 -47.78 -17.69 -7.26
CA TYR D 789 -47.58 -19.12 -7.49
C TYR D 789 -46.14 -19.45 -7.87
N MET D 790 -45.40 -18.47 -8.40
CA MET D 790 -44.02 -18.71 -8.81
C MET D 790 -43.05 -18.46 -7.66
N ASN D 791 -43.23 -17.37 -6.91
CA ASN D 791 -42.24 -17.05 -5.89
C ASN D 791 -42.55 -17.71 -4.55
N GLY D 792 -43.76 -17.51 -4.02
CA GLY D 792 -44.00 -18.05 -2.69
C GLY D 792 -43.79 -17.01 -1.61
N SER D 793 -42.84 -17.27 -0.71
CA SER D 793 -42.64 -16.38 0.44
C SER D 793 -41.62 -15.29 0.12
N LYS D 794 -40.68 -15.56 -0.79
CA LYS D 794 -39.75 -14.54 -1.24
C LYS D 794 -40.47 -13.42 -1.98
N TYR D 795 -41.66 -13.71 -2.52
CA TYR D 795 -42.61 -12.67 -2.89
C TYR D 795 -42.90 -11.75 -1.73
N PHE D 796 -43.38 -12.29 -0.61
CA PHE D 796 -43.87 -11.51 0.50
C PHE D 796 -42.75 -10.99 1.40
N SER D 797 -41.50 -11.26 1.06
CA SER D 797 -40.39 -10.65 1.80
C SER D 797 -40.33 -9.14 1.59
N ASP D 798 -40.73 -8.66 0.40
CA ASP D 798 -40.70 -7.25 0.09
C ASP D 798 -42.00 -6.57 0.50
N LEU D 799 -41.90 -5.48 1.25
CA LEU D 799 -43.09 -4.86 1.82
C LEU D 799 -43.91 -4.13 0.76
N TRP D 800 -43.26 -3.66 -0.32
CA TRP D 800 -44.00 -3.00 -1.39
C TRP D 800 -44.90 -3.97 -2.13
N ASN D 801 -44.51 -5.24 -2.14
CA ASN D 801 -45.28 -6.23 -2.83
C ASN D 801 -46.54 -6.58 -2.03
N VAL D 802 -46.39 -6.60 -0.70
CA VAL D 802 -47.52 -6.70 0.22
C VAL D 802 -48.44 -5.50 0.08
N MET D 803 -47.86 -4.31 -0.12
CA MET D 803 -48.64 -3.10 -0.35
C MET D 803 -49.47 -3.21 -1.61
N ASP D 804 -48.87 -3.71 -2.69
CA ASP D 804 -49.58 -3.84 -3.96
C ASP D 804 -50.72 -4.84 -3.84
N THR D 805 -50.47 -5.96 -3.15
CA THR D 805 -51.51 -6.98 -2.95
C THR D 805 -52.66 -6.44 -2.09
N LEU D 806 -52.34 -5.74 -1.00
CA LEU D 806 -53.37 -5.16 -0.16
C LEU D 806 -54.16 -4.09 -0.89
N ALA D 807 -53.49 -3.32 -1.75
CA ALA D 807 -54.17 -2.29 -2.53
C ALA D 807 -55.16 -2.90 -3.52
N ILE D 808 -54.75 -3.95 -4.22
CA ILE D 808 -55.63 -4.50 -5.24
C ILE D 808 -56.77 -5.28 -4.61
N PHE D 809 -56.54 -5.90 -3.45
CA PHE D 809 -57.65 -6.57 -2.77
C PHE D 809 -58.60 -5.54 -2.14
N TYR D 810 -58.05 -4.41 -1.71
CA TYR D 810 -58.87 -3.32 -1.20
C TYR D 810 -59.75 -2.74 -2.31
N PHE D 811 -59.20 -2.65 -3.52
CA PHE D 811 -59.98 -2.23 -4.69
C PHE D 811 -61.06 -3.25 -5.01
N ILE D 812 -60.75 -4.54 -4.90
CA ILE D 812 -61.72 -5.58 -5.21
C ILE D 812 -62.87 -5.54 -4.22
N ALA D 813 -62.58 -5.19 -2.96
CA ALA D 813 -63.64 -4.99 -1.98
C ALA D 813 -64.46 -3.74 -2.31
N GLY D 814 -63.78 -2.66 -2.69
CA GLY D 814 -64.49 -1.42 -2.97
C GLY D 814 -65.38 -1.50 -4.19
N ILE D 815 -65.03 -2.36 -5.15
CA ILE D 815 -65.86 -2.58 -6.33
C ILE D 815 -67.21 -3.16 -5.93
N VAL D 816 -67.20 -4.17 -5.06
CA VAL D 816 -68.45 -4.79 -4.62
C VAL D 816 -69.20 -3.87 -3.66
N PHE D 817 -68.46 -3.02 -2.94
CA PHE D 817 -69.09 -2.08 -2.03
C PHE D 817 -69.83 -1.00 -2.82
N ARG D 818 -69.28 -0.63 -3.97
CA ARG D 818 -69.99 0.29 -4.85
C ARG D 818 -71.13 -0.40 -5.58
N LEU D 819 -70.97 -1.70 -5.89
CA LEU D 819 -71.98 -2.41 -6.67
C LEU D 819 -73.28 -2.59 -5.90
N HIS D 820 -73.21 -2.57 -4.57
CA HIS D 820 -74.41 -2.61 -3.75
C HIS D 820 -75.18 -1.29 -3.88
N SER D 821 -76.50 -1.41 -4.02
CA SER D 821 -77.37 -0.25 -4.26
C SER D 821 -78.05 0.10 -2.94
N ASP D 822 -77.55 1.13 -2.27
CA ASP D 822 -78.16 1.67 -1.07
C ASP D 822 -78.22 3.19 -1.05
N GLU D 823 -77.47 3.87 -1.94
CA GLU D 823 -77.45 5.31 -2.18
C GLU D 823 -76.80 6.12 -1.06
N SER D 824 -76.43 5.45 0.04
CA SER D 824 -75.73 6.13 1.12
C SER D 824 -74.29 5.64 1.23
N SER D 825 -74.09 4.34 0.98
CA SER D 825 -72.74 3.78 1.01
C SER D 825 -71.94 4.22 -0.20
N TRP D 826 -72.64 4.57 -1.29
CA TRP D 826 -72.13 5.01 -2.59
C TRP D 826 -70.96 5.98 -2.48
N TYR D 827 -71.23 7.13 -1.86
CA TYR D 827 -70.22 8.15 -1.58
C TYR D 827 -69.02 7.56 -0.88
N SER D 828 -69.26 6.80 0.20
CA SER D 828 -68.18 6.22 0.98
C SER D 828 -67.38 5.24 0.14
N GLY D 829 -68.07 4.47 -0.73
CA GLY D 829 -67.37 3.57 -1.62
C GLY D 829 -66.47 4.33 -2.58
N ARG D 830 -66.98 5.46 -3.07
CA ARG D 830 -66.22 6.35 -3.93
C ARG D 830 -64.98 6.86 -3.21
N VAL D 831 -65.12 7.14 -1.91
CA VAL D 831 -63.99 7.60 -1.08
C VAL D 831 -62.89 6.55 -1.07
N ILE D 832 -63.29 5.27 -1.00
CA ILE D 832 -62.36 4.15 -0.98
C ILE D 832 -61.48 4.17 -2.21
N PHE D 833 -62.11 4.45 -3.38
CA PHE D 833 -61.38 4.45 -4.65
C PHE D 833 -60.28 5.50 -4.63
N CYS D 834 -60.59 6.67 -4.05
CA CYS D 834 -59.63 7.77 -4.02
C CYS D 834 -58.39 7.37 -3.24
N LEU D 835 -58.58 6.67 -2.12
CA LEU D 835 -57.44 6.25 -1.32
C LEU D 835 -56.59 5.25 -2.10
N ASP D 836 -57.26 4.31 -2.79
CA ASP D 836 -56.56 3.31 -3.57
C ASP D 836 -55.78 3.97 -4.69
N TYR D 837 -56.33 5.09 -5.20
CA TYR D 837 -55.69 5.84 -6.26
C TYR D 837 -54.30 6.29 -5.86
N ILE D 838 -54.18 6.80 -4.63
CA ILE D 838 -52.89 7.31 -4.15
C ILE D 838 -51.88 6.19 -4.08
N VAL D 839 -52.35 5.00 -3.67
CA VAL D 839 -51.44 3.86 -3.53
C VAL D 839 -50.91 3.44 -4.90
N PHE D 840 -51.77 3.52 -5.93
CA PHE D 840 -51.31 3.18 -7.28
C PHE D 840 -50.22 4.13 -7.73
N THR D 841 -50.39 5.43 -7.42
CA THR D 841 -49.37 6.42 -7.75
C THR D 841 -48.07 6.11 -7.03
N LEU D 842 -48.17 5.67 -5.76
CA LEU D 842 -46.98 5.35 -5.00
C LEU D 842 -46.26 4.17 -5.61
N ARG D 843 -47.03 3.23 -6.17
CA ARG D 843 -46.47 2.08 -6.86
C ARG D 843 -45.61 2.54 -8.01
N LEU D 844 -46.13 3.50 -8.79
CA LEU D 844 -45.41 4.04 -9.94
C LEU D 844 -44.11 4.69 -9.51
N ILE D 845 -44.14 5.40 -8.37
CA ILE D 845 -42.98 6.16 -7.96
C ILE D 845 -41.85 5.23 -7.57
N HIS D 846 -42.21 4.04 -7.04
CA HIS D 846 -41.18 3.09 -6.65
C HIS D 846 -40.40 2.61 -7.85
N ILE D 847 -41.09 2.46 -8.99
CA ILE D 847 -40.44 2.01 -10.22
C ILE D 847 -39.40 3.02 -10.65
N PHE D 848 -39.73 4.31 -10.54
CA PHE D 848 -38.78 5.35 -10.91
C PHE D 848 -37.59 5.35 -9.97
N THR D 849 -37.83 5.08 -8.68
CA THR D 849 -36.73 5.11 -7.73
C THR D 849 -35.83 3.89 -7.90
N VAL D 850 -36.31 2.87 -8.61
CA VAL D 850 -35.42 1.79 -8.98
C VAL D 850 -34.77 2.09 -10.32
N SER D 851 -35.51 2.76 -11.20
CA SER D 851 -34.99 2.98 -12.55
C SER D 851 -33.93 4.06 -12.58
N ARG D 852 -34.14 5.14 -11.81
CA ARG D 852 -33.15 6.22 -11.78
C ARG D 852 -31.90 5.79 -11.02
N ASN D 853 -32.07 5.16 -9.87
CA ASN D 853 -30.96 4.79 -9.01
C ASN D 853 -30.25 3.55 -9.46
N LEU D 854 -30.72 2.90 -10.52
CA LEU D 854 -29.99 1.77 -11.09
C LEU D 854 -28.66 2.26 -11.61
N GLY D 855 -27.59 1.68 -11.11
CA GLY D 855 -26.31 2.33 -11.06
C GLY D 855 -25.81 2.14 -9.64
N PRO D 856 -24.65 2.70 -9.28
CA PRO D 856 -23.98 2.25 -8.04
C PRO D 856 -24.65 2.69 -6.74
N LYS D 857 -25.83 3.28 -6.80
CA LYS D 857 -26.47 3.84 -5.62
C LYS D 857 -27.28 2.80 -4.83
N ILE D 858 -27.51 1.61 -5.41
CA ILE D 858 -28.55 0.72 -4.91
C ILE D 858 -28.16 0.11 -3.57
N ILE D 859 -26.87 -0.11 -3.35
CA ILE D 859 -26.35 -0.53 -2.05
C ILE D 859 -26.76 0.44 -0.97
N MET D 860 -26.70 1.74 -1.29
CA MET D 860 -27.34 2.75 -0.45
C MET D 860 -28.84 2.50 -0.36
N LEU D 861 -29.50 2.48 -1.51
CA LEU D 861 -30.92 2.83 -1.63
C LEU D 861 -31.82 1.96 -0.77
N GLN D 862 -31.75 0.64 -0.99
CA GLN D 862 -32.56 -0.32 -0.25
C GLN D 862 -32.36 -0.20 1.25
N ARG D 863 -31.08 -0.09 1.66
CA ARG D 863 -30.76 0.03 3.08
C ARG D 863 -31.43 1.24 3.69
N MET D 864 -31.44 2.35 2.95
CA MET D 864 -32.07 3.58 3.42
C MET D 864 -33.52 3.36 3.74
N MET D 865 -34.23 2.67 2.83
CA MET D 865 -35.66 2.41 2.97
C MET D 865 -35.93 1.65 4.26
N ILE D 866 -35.10 0.64 4.53
CA ILE D 866 -35.32 -0.23 5.68
C ILE D 866 -35.23 0.56 6.96
N ASP D 867 -34.20 1.43 7.06
CA ASP D 867 -33.97 2.16 8.30
C ASP D 867 -35.10 3.15 8.55
N VAL D 868 -35.62 3.75 7.47
CA VAL D 868 -36.64 4.77 7.67
C VAL D 868 -37.93 4.12 8.12
N PHE D 869 -38.20 2.88 7.64
CA PHE D 869 -39.34 2.12 8.13
C PHE D 869 -39.25 1.92 9.63
N PHE D 870 -38.06 1.51 10.10
CA PHE D 870 -37.88 1.25 11.52
C PHE D 870 -38.05 2.53 12.31
N PHE D 871 -37.56 3.64 11.74
CA PHE D 871 -37.69 4.93 12.40
C PHE D 871 -39.15 5.30 12.60
N LEU D 872 -39.97 5.10 11.56
CA LEU D 872 -41.37 5.46 11.66
C LEU D 872 -42.07 4.61 12.68
N PHE D 873 -41.64 3.34 12.81
CA PHE D 873 -42.20 2.45 13.81
C PHE D 873 -42.00 3.02 15.20
N LEU D 874 -40.77 3.46 15.50
CA LEU D 874 -40.48 4.03 16.81
C LEU D 874 -41.28 5.29 17.01
N PHE D 875 -41.42 6.08 15.93
CA PHE D 875 -42.17 7.32 16.01
C PHE D 875 -43.63 7.05 16.34
N ALA D 876 -44.18 5.98 15.73
CA ALA D 876 -45.58 5.66 15.97
C ALA D 876 -45.80 5.28 17.41
N VAL D 877 -44.82 4.56 18.00
CA VAL D 877 -44.91 4.13 19.39
C VAL D 877 -45.01 5.35 20.29
N TRP D 878 -44.17 6.36 20.02
CA TRP D 878 -44.12 7.54 20.86
C TRP D 878 -45.45 8.26 20.82
N MET D 879 -46.07 8.31 19.64
CA MET D 879 -47.26 9.10 19.46
C MET D 879 -48.40 8.51 20.28
N VAL D 880 -48.46 7.17 20.32
CA VAL D 880 -49.54 6.51 21.04
C VAL D 880 -49.42 6.80 22.52
N ALA D 881 -48.18 6.82 23.02
CA ALA D 881 -47.93 7.13 24.43
C ALA D 881 -48.41 8.53 24.74
N PHE D 882 -48.08 9.48 23.85
CA PHE D 882 -48.50 10.87 24.00
C PHE D 882 -50.00 10.96 24.08
N GLY D 883 -50.68 10.21 23.20
CA GLY D 883 -52.13 10.26 23.13
C GLY D 883 -52.78 9.84 24.42
N VAL D 884 -52.26 8.75 25.03
CA VAL D 884 -52.84 8.26 26.27
C VAL D 884 -52.65 9.29 27.36
N ALA D 885 -51.42 9.83 27.44
CA ALA D 885 -51.09 10.82 28.45
C ALA D 885 -51.93 12.06 28.25
N ARG D 886 -52.21 12.39 26.98
CA ARG D 886 -52.96 13.60 26.67
C ARG D 886 -54.37 13.52 27.22
N GLN D 887 -55.00 12.35 27.06
CA GLN D 887 -56.38 12.24 27.53
C GLN D 887 -56.41 12.19 29.04
N GLY D 888 -55.33 11.67 29.64
CA GLY D 888 -55.22 11.64 31.08
C GLY D 888 -55.18 13.04 31.67
N ILE D 889 -54.69 14.00 30.90
CA ILE D 889 -54.70 15.37 31.38
C ILE D 889 -56.07 16.00 31.11
N LEU D 890 -56.66 15.70 29.95
CA LEU D 890 -57.68 16.61 29.43
C LEU D 890 -59.08 16.21 29.86
N ARG D 891 -59.46 14.95 29.62
CA ARG D 891 -60.83 14.53 29.89
C ARG D 891 -60.81 13.33 30.81
N LYS D 892 -61.53 13.43 31.92
CA LYS D 892 -61.68 12.33 32.87
C LYS D 892 -63.17 12.12 33.13
N ASN D 893 -63.80 11.36 32.23
CA ASN D 893 -65.21 10.98 32.29
C ASN D 893 -65.44 9.99 31.17
N GLU D 894 -66.69 9.47 31.12
CA GLU D 894 -67.24 8.78 29.96
C GLU D 894 -66.45 7.54 29.53
N HIS D 895 -66.57 6.45 30.29
CA HIS D 895 -65.77 5.24 30.09
C HIS D 895 -66.29 4.34 28.98
N ARG D 896 -66.88 4.92 27.94
CA ARG D 896 -67.37 4.12 26.83
C ARG D 896 -66.16 3.51 26.12
N TRP D 897 -66.25 2.23 25.77
CA TRP D 897 -65.15 1.55 25.12
C TRP D 897 -64.80 2.14 23.75
N GLU D 898 -65.83 2.43 22.96
CA GLU D 898 -65.64 3.00 21.63
C GLU D 898 -65.02 4.40 21.62
N TRP D 899 -65.47 5.24 22.53
CA TRP D 899 -64.98 6.63 22.60
C TRP D 899 -63.51 6.75 22.95
N ILE D 900 -63.06 5.96 23.91
CA ILE D 900 -61.66 6.01 24.35
C ILE D 900 -60.66 5.59 23.27
N PHE D 901 -60.99 4.54 22.53
CA PHE D 901 -60.11 4.04 21.48
C PHE D 901 -59.92 5.07 20.36
N ARG D 902 -61.01 5.73 20.00
CA ARG D 902 -60.97 6.73 18.93
C ARG D 902 -60.05 7.89 19.29
N SER D 903 -60.10 8.33 20.55
CA SER D 903 -59.26 9.43 21.01
C SER D 903 -57.78 9.03 20.95
N VAL D 904 -57.44 7.90 21.58
CA VAL D 904 -56.02 7.57 21.75
C VAL D 904 -55.41 7.01 20.47
N ILE D 905 -56.22 6.78 19.45
CA ILE D 905 -55.60 6.58 18.15
C ILE D 905 -55.53 7.87 17.32
N TYR D 906 -56.65 8.53 17.01
CA TYR D 906 -56.57 9.59 16.01
C TYR D 906 -56.81 11.00 16.55
N GLU D 907 -56.60 11.25 17.84
CA GLU D 907 -56.46 12.66 18.22
C GLU D 907 -55.08 13.26 17.92
N PRO D 908 -53.94 12.63 18.24
CA PRO D 908 -52.66 13.32 17.98
C PRO D 908 -52.32 13.51 16.50
N TYR D 909 -52.73 12.58 15.65
CA TYR D 909 -52.50 12.77 14.22
C TYR D 909 -53.34 13.91 13.66
N LEU D 910 -54.56 14.08 14.16
CA LEU D 910 -55.36 15.22 13.74
C LEU D 910 -54.84 16.51 14.36
N ALA D 911 -54.15 16.41 15.50
CA ALA D 911 -53.59 17.60 16.13
C ALA D 911 -52.37 18.10 15.38
N MET D 912 -51.47 17.19 15.02
CA MET D 912 -50.27 17.57 14.27
C MET D 912 -50.61 17.89 12.82
N PHE D 913 -51.60 17.20 12.26
CA PHE D 913 -52.02 17.48 10.89
C PHE D 913 -52.83 18.75 10.80
N GLY D 914 -53.88 18.88 11.60
CA GLY D 914 -54.70 20.07 11.60
C GLY D 914 -54.40 20.98 12.77
N GLU D 954 -49.44 23.89 38.24
CA GLU D 954 -48.83 24.85 37.34
C GLU D 954 -47.32 24.68 37.29
N TRP D 955 -46.82 23.76 38.13
CA TRP D 955 -45.40 23.44 38.19
C TRP D 955 -45.06 22.26 37.27
N ILE D 956 -45.90 22.01 36.26
CA ILE D 956 -45.62 20.99 35.28
C ILE D 956 -44.91 21.54 34.05
N THR D 957 -44.44 22.79 34.10
CA THR D 957 -43.80 23.40 32.94
C THR D 957 -42.44 22.78 32.67
N ILE D 958 -41.56 22.79 33.67
CA ILE D 958 -40.21 22.24 33.56
C ILE D 958 -40.16 20.73 33.36
N PRO D 959 -40.97 19.88 34.04
CA PRO D 959 -40.91 18.45 33.69
C PRO D 959 -41.39 18.12 32.28
N LEU D 960 -42.47 18.76 31.82
CA LEU D 960 -42.92 18.54 30.45
C LEU D 960 -41.88 19.07 29.45
N VAL D 961 -41.26 20.21 29.79
CA VAL D 961 -40.25 20.81 28.94
C VAL D 961 -38.99 19.96 28.87
N CYS D 962 -38.67 19.17 29.89
CA CYS D 962 -37.51 18.31 29.72
C CYS D 962 -37.90 16.96 29.13
N ILE D 963 -39.15 16.51 29.30
CA ILE D 963 -39.61 15.27 28.70
C ILE D 963 -39.68 15.40 27.18
N TYR D 964 -40.18 16.54 26.67
CA TYR D 964 -40.13 16.79 25.23
C TYR D 964 -38.69 16.82 24.71
N MET D 965 -37.76 17.34 25.51
CA MET D 965 -36.36 17.35 25.09
C MET D 965 -35.78 15.96 24.99
N LEU D 966 -36.09 15.11 25.98
CA LEU D 966 -35.63 13.71 25.95
C LEU D 966 -36.23 12.96 24.77
N SER D 967 -37.51 13.19 24.50
CA SER D 967 -38.15 12.52 23.38
C SER D 967 -37.58 12.97 22.04
N THR D 968 -37.27 14.27 21.91
CA THR D 968 -36.66 14.76 20.68
C THR D 968 -35.25 14.21 20.50
N ASN D 969 -34.55 13.96 21.60
CA ASN D 969 -33.25 13.31 21.50
C ASN D 969 -33.38 11.90 20.95
N ILE D 970 -34.22 11.07 21.60
CA ILE D 970 -34.32 9.66 21.22
C ILE D 970 -34.89 9.53 19.81
N LEU D 971 -35.74 10.47 19.42
CA LEU D 971 -36.33 10.43 18.09
C LEU D 971 -35.32 10.86 17.03
N LEU D 972 -34.54 11.93 17.30
CA LEU D 972 -33.64 12.47 16.30
C LEU D 972 -32.45 11.56 16.06
N VAL D 973 -31.98 10.86 17.10
CA VAL D 973 -30.81 10.01 16.96
C VAL D 973 -31.08 8.85 15.99
N ASN D 974 -32.30 8.33 16.00
CA ASN D 974 -32.69 7.27 15.08
C ASN D 974 -32.65 7.73 13.62
N LEU D 975 -33.15 8.93 13.35
CA LEU D 975 -33.16 9.42 11.98
C LEU D 975 -31.76 9.78 11.51
N LEU D 976 -30.93 10.29 12.41
CA LEU D 976 -29.55 10.60 12.02
C LEU D 976 -28.73 9.35 11.85
N VAL D 977 -29.10 8.26 12.52
CA VAL D 977 -28.57 6.95 12.14
C VAL D 977 -29.11 6.54 10.78
N ALA D 978 -30.38 6.86 10.52
CA ALA D 978 -31.04 6.37 9.31
C ALA D 978 -30.50 7.06 8.06
N MET D 979 -29.98 8.28 8.20
CA MET D 979 -29.27 8.89 7.07
C MET D 979 -28.02 8.13 6.73
N PHE D 980 -27.39 7.52 7.72
CA PHE D 980 -26.18 6.74 7.55
C PHE D 980 -26.48 5.24 7.66
N GLY D 981 -25.42 4.47 7.83
CA GLY D 981 -25.55 3.06 8.05
C GLY D 981 -25.08 2.21 6.89
N TYR D 982 -25.34 2.65 5.67
CA TYR D 982 -24.67 2.08 4.51
C TYR D 982 -23.20 2.44 4.51
N THR D 983 -22.85 3.56 5.16
CA THR D 983 -21.48 4.02 5.27
C THR D 983 -20.65 3.07 6.12
N VAL D 984 -21.10 2.81 7.35
CA VAL D 984 -20.31 2.03 8.28
C VAL D 984 -20.42 0.54 7.98
N GLY D 985 -21.43 0.15 7.22
CA GLY D 985 -21.61 -1.25 6.88
C GLY D 985 -20.70 -1.73 5.77
N ASN D 990 -14.65 -2.32 -3.09
CA ASN D 990 -15.40 -3.57 -3.01
C ASN D 990 -16.89 -3.29 -2.98
N ASN D 991 -17.26 -2.03 -3.18
CA ASN D 991 -18.66 -1.72 -3.44
C ASN D 991 -19.03 -2.10 -4.87
N ASP D 992 -18.01 -2.24 -5.74
CA ASP D 992 -18.22 -2.56 -7.14
C ASP D 992 -18.88 -3.92 -7.33
N GLN D 993 -18.33 -4.95 -6.68
CA GLN D 993 -18.85 -6.31 -6.85
C GLN D 993 -20.24 -6.45 -6.25
N VAL D 994 -20.45 -5.84 -5.08
CA VAL D 994 -21.76 -5.90 -4.41
C VAL D 994 -22.81 -5.20 -5.25
N TRP D 995 -22.45 -4.06 -5.83
CA TRP D 995 -23.36 -3.35 -6.71
C TRP D 995 -23.72 -4.17 -7.95
N LYS D 996 -22.71 -4.72 -8.62
CA LYS D 996 -22.97 -5.48 -9.85
C LYS D 996 -23.81 -6.72 -9.57
N PHE D 997 -23.60 -7.35 -8.41
CA PHE D 997 -24.42 -8.50 -8.04
C PHE D 997 -25.87 -8.10 -7.80
N GLN D 998 -26.10 -6.97 -7.12
CA GLN D 998 -27.47 -6.58 -6.82
C GLN D 998 -28.22 -6.18 -8.10
N ARG D 999 -27.52 -5.49 -9.00
CA ARG D 999 -28.13 -5.11 -10.28
C ARG D 999 -28.44 -6.33 -11.12
N PHE D 1000 -27.53 -7.31 -11.13
CA PHE D 1000 -27.75 -8.55 -11.85
C PHE D 1000 -28.95 -9.30 -11.31
N PHE D 1001 -29.08 -9.34 -9.98
CA PHE D 1001 -30.19 -10.06 -9.38
C PHE D 1001 -31.52 -9.40 -9.69
N LEU D 1002 -31.56 -8.07 -9.71
CA LEU D 1002 -32.82 -7.40 -10.04
C LEU D 1002 -33.19 -7.59 -11.51
N VAL D 1003 -32.21 -7.51 -12.42
CA VAL D 1003 -32.51 -7.70 -13.84
C VAL D 1003 -32.99 -9.12 -14.10
N GLN D 1004 -32.30 -10.12 -13.53
CA GLN D 1004 -32.67 -11.49 -13.78
C GLN D 1004 -34.00 -11.84 -13.12
N GLU D 1005 -34.32 -11.19 -12.00
CA GLU D 1005 -35.64 -11.39 -11.41
C GLU D 1005 -36.73 -10.79 -12.29
N TYR D 1006 -36.45 -9.66 -12.93
CA TYR D 1006 -37.50 -9.08 -13.77
C TYR D 1006 -37.65 -9.84 -15.08
N CYS D 1007 -36.58 -10.49 -15.56
CA CYS D 1007 -36.63 -11.18 -16.85
C CYS D 1007 -37.57 -12.38 -16.82
N SER D 1008 -37.83 -12.93 -15.65
CA SER D 1008 -38.54 -14.21 -15.58
C SER D 1008 -40.06 -14.05 -15.58
N ARG D 1009 -40.58 -12.83 -15.69
CA ARG D 1009 -42.02 -12.68 -15.86
C ARG D 1009 -42.45 -12.98 -17.28
N LEU D 1010 -43.73 -12.74 -17.56
CA LEU D 1010 -44.29 -12.95 -18.89
C LEU D 1010 -43.73 -11.94 -19.88
N THR D 1011 -43.90 -12.23 -21.18
CA THR D 1011 -43.23 -11.44 -22.21
C THR D 1011 -44.22 -10.51 -22.90
N ILE D 1012 -45.49 -10.90 -22.95
CA ILE D 1012 -46.57 -10.12 -23.56
C ILE D 1012 -46.74 -8.78 -22.86
N PRO D 1013 -46.91 -7.69 -23.61
CA PRO D 1013 -47.21 -6.39 -22.99
C PRO D 1013 -48.53 -6.41 -22.24
N PHE D 1014 -48.68 -5.43 -21.32
CA PHE D 1014 -49.71 -5.41 -20.27
C PHE D 1014 -51.15 -5.68 -20.70
N PRO D 1015 -51.78 -4.93 -21.61
CA PRO D 1015 -53.24 -5.09 -21.79
C PRO D 1015 -53.62 -6.40 -22.47
N PHE D 1016 -52.65 -7.15 -22.95
CA PHE D 1016 -52.86 -8.39 -23.65
C PHE D 1016 -52.42 -9.60 -22.84
N VAL D 1017 -51.89 -9.38 -21.62
CA VAL D 1017 -51.24 -10.43 -20.83
C VAL D 1017 -52.19 -11.60 -20.56
N ILE D 1018 -53.46 -11.29 -20.28
CA ILE D 1018 -54.44 -12.31 -19.92
C ILE D 1018 -54.68 -13.29 -21.08
N PHE D 1019 -54.46 -12.84 -22.33
CA PHE D 1019 -54.53 -13.75 -23.47
C PHE D 1019 -53.57 -14.91 -23.32
N ALA D 1020 -52.33 -14.61 -22.93
CA ALA D 1020 -51.37 -15.67 -22.64
C ALA D 1020 -51.84 -16.52 -21.48
N TYR D 1021 -52.44 -15.89 -20.47
CA TYR D 1021 -53.00 -16.62 -19.35
C TYR D 1021 -54.15 -17.50 -19.80
N ILE D 1022 -54.93 -17.00 -20.79
CA ILE D 1022 -56.06 -17.76 -21.31
C ILE D 1022 -55.58 -19.00 -22.04
N PHE D 1023 -54.32 -18.98 -22.51
CA PHE D 1023 -53.77 -20.20 -23.09
C PHE D 1023 -53.01 -21.00 -22.06
N MET D 1024 -52.43 -20.33 -21.04
CA MET D 1024 -51.46 -20.98 -20.17
C MET D 1024 -52.11 -22.05 -19.30
N VAL D 1025 -53.20 -21.69 -18.63
CA VAL D 1025 -53.98 -22.69 -17.90
C VAL D 1025 -54.66 -23.64 -18.88
N MET D 1026 -54.93 -23.18 -20.10
CA MET D 1026 -55.40 -24.07 -21.15
C MET D 1026 -54.31 -25.03 -21.57
N ARG D 1027 -53.04 -24.61 -21.44
CA ARG D 1027 -51.94 -25.52 -21.73
C ARG D 1027 -51.73 -26.49 -20.58
N LYS D 1028 -51.92 -26.02 -19.35
CA LYS D 1028 -51.78 -26.88 -18.18
C LYS D 1028 -53.13 -27.44 -17.76
N GLU D 1040 -39.36 -40.29 -20.76
CA GLU D 1040 -37.92 -40.51 -20.83
C GLU D 1040 -37.15 -39.23 -20.56
N PRO D 1041 -36.56 -39.12 -19.36
CA PRO D 1041 -35.81 -37.91 -19.02
C PRO D 1041 -34.48 -37.84 -19.76
N SER D 1042 -34.09 -36.63 -20.13
CA SER D 1042 -32.79 -36.41 -20.74
C SER D 1042 -31.69 -36.59 -19.71
N VAL D 1043 -30.50 -36.92 -20.19
CA VAL D 1043 -29.39 -37.25 -19.32
C VAL D 1043 -28.29 -36.20 -19.46
N CYS D 1044 -27.26 -36.30 -18.62
CA CYS D 1044 -26.26 -35.24 -18.54
C CYS D 1044 -25.26 -35.32 -19.68
N CYS D 1045 -24.54 -36.44 -19.84
CA CYS D 1045 -23.38 -36.47 -20.72
C CYS D 1045 -23.47 -37.55 -21.80
N SER D 1046 -24.64 -37.82 -22.36
CA SER D 1046 -24.73 -38.78 -23.45
C SER D 1046 -24.99 -38.16 -24.80
N ARG D 1047 -25.44 -36.92 -24.86
CA ARG D 1047 -25.66 -36.26 -26.14
C ARG D 1047 -24.32 -35.90 -26.77
N ASN D 1048 -24.33 -35.68 -28.09
CA ASN D 1048 -23.06 -35.52 -28.80
C ASN D 1048 -22.49 -34.12 -28.63
N GLU D 1049 -23.33 -33.08 -28.72
CA GLU D 1049 -22.84 -31.72 -28.58
C GLU D 1049 -22.42 -31.43 -27.14
N ASP D 1050 -22.98 -32.15 -26.18
CA ASP D 1050 -22.52 -32.06 -24.81
C ASP D 1050 -21.11 -32.62 -24.68
N ASN D 1051 -20.81 -33.66 -25.44
CA ASN D 1051 -19.44 -34.15 -25.50
C ASN D 1051 -18.54 -33.19 -26.26
N GLU D 1052 -19.12 -32.41 -27.18
CA GLU D 1052 -18.32 -31.46 -27.95
C GLU D 1052 -17.90 -30.27 -27.09
N ILE D 1053 -18.78 -29.81 -26.19
CA ILE D 1053 -18.47 -28.64 -25.38
C ILE D 1053 -17.43 -28.98 -24.30
N LEU D 1054 -17.57 -30.14 -23.66
CA LEU D 1054 -16.79 -30.42 -22.46
C LEU D 1054 -15.32 -30.66 -22.78
N ALA D 1055 -15.02 -31.22 -23.95
CA ALA D 1055 -13.63 -31.40 -24.34
C ALA D 1055 -12.96 -30.06 -24.60
N TRP D 1056 -13.72 -29.11 -25.15
CA TRP D 1056 -13.23 -27.75 -25.32
C TRP D 1056 -12.94 -27.10 -23.97
N GLU D 1057 -13.82 -27.35 -22.99
CA GLU D 1057 -13.58 -26.84 -21.65
C GLU D 1057 -12.34 -27.48 -21.03
N ALA D 1058 -12.09 -28.75 -21.34
CA ALA D 1058 -10.89 -29.42 -20.83
C ALA D 1058 -9.62 -28.82 -21.41
N VAL D 1059 -9.65 -28.50 -22.71
CA VAL D 1059 -8.50 -27.86 -23.36
C VAL D 1059 -8.25 -26.49 -22.75
N MET D 1060 -9.33 -25.74 -22.49
CA MET D 1060 -9.18 -24.44 -21.86
C MET D 1060 -8.68 -24.55 -20.43
N LYS D 1061 -9.04 -25.64 -19.74
CA LYS D 1061 -8.52 -25.86 -18.39
C LYS D 1061 -7.01 -26.11 -18.43
N GLU D 1062 -6.53 -26.86 -19.42
CA GLU D 1062 -5.10 -27.09 -19.49
C GLU D 1062 -4.35 -25.81 -19.84
N ASN D 1063 -4.96 -24.97 -20.68
CA ASN D 1063 -4.32 -23.68 -20.98
C ASN D 1063 -4.36 -22.73 -19.80
N TYR D 1064 -5.34 -22.92 -18.90
CA TYR D 1064 -5.30 -22.20 -17.63
C TYR D 1064 -4.18 -22.71 -16.73
N LEU D 1065 -4.01 -24.03 -16.66
CA LEU D 1065 -3.05 -24.61 -15.72
C LEU D 1065 -1.63 -24.29 -16.11
N VAL D 1066 -1.35 -24.17 -17.41
CA VAL D 1066 -0.01 -23.77 -17.83
C VAL D 1066 0.28 -22.34 -17.41
N LYS D 1067 -0.71 -21.45 -17.56
CA LYS D 1067 -0.51 -20.05 -17.18
C LYS D 1067 -0.42 -19.88 -15.66
N ILE D 1068 -1.01 -20.80 -14.90
CA ILE D 1068 -0.93 -20.65 -13.44
C ILE D 1068 0.29 -21.40 -12.90
N ASN D 1069 0.88 -22.29 -13.70
CA ASN D 1069 2.08 -22.97 -13.23
C ASN D 1069 3.37 -22.33 -13.74
N THR D 1070 3.27 -21.39 -14.69
CA THR D 1070 4.46 -20.60 -15.05
C THR D 1070 4.86 -19.62 -13.95
N LYS D 1071 3.96 -19.38 -12.98
CA LYS D 1071 4.20 -18.37 -11.95
C LYS D 1071 5.37 -18.75 -11.04
N ALA D 1072 5.58 -20.05 -10.82
CA ALA D 1072 6.67 -20.51 -9.99
C ALA D 1072 8.00 -20.40 -10.75
N UNK D 1079 13.63 -17.94 -6.80
CA UNK D 1079 14.81 -17.08 -6.90
C UNK D 1079 15.82 -17.42 -5.82
N UNK D 1080 15.33 -17.63 -4.60
CA UNK D 1080 16.17 -18.05 -3.49
C UNK D 1080 16.65 -19.47 -3.72
N UNK D 1081 15.76 -20.29 -4.28
CA UNK D 1081 16.10 -21.66 -4.67
C UNK D 1081 17.06 -21.63 -5.85
N UNK D 1082 16.88 -20.64 -6.73
CA UNK D 1082 17.76 -20.46 -7.88
C UNK D 1082 19.16 -20.05 -7.44
N UNK D 1083 19.22 -19.14 -6.46
CA UNK D 1083 20.49 -18.70 -5.90
C UNK D 1083 21.17 -19.84 -5.14
N UNK D 1084 20.37 -20.66 -4.48
CA UNK D 1084 20.87 -21.84 -3.78
C UNK D 1084 21.41 -22.87 -4.76
N UNK D 1085 20.76 -23.01 -5.90
CA UNK D 1085 21.19 -23.91 -6.96
C UNK D 1085 22.49 -23.43 -7.58
N UNK D 1086 22.60 -22.11 -7.73
CA UNK D 1086 23.82 -21.48 -8.22
C UNK D 1086 24.97 -21.70 -7.23
N UNK D 1087 24.65 -21.60 -5.93
CA UNK D 1087 25.62 -21.85 -4.87
C UNK D 1087 26.08 -23.31 -4.87
N UNK D 1088 25.15 -24.23 -5.09
CA UNK D 1088 25.45 -25.66 -5.15
C UNK D 1088 26.31 -26.01 -6.37
N UNK D 1089 26.00 -25.42 -7.52
CA UNK D 1089 26.79 -25.63 -8.73
C UNK D 1089 28.19 -25.02 -8.59
N UNK D 1090 28.28 -23.87 -7.93
CA UNK D 1090 29.56 -23.23 -7.66
C UNK D 1090 30.38 -24.06 -6.70
N UNK D 1091 29.70 -24.68 -5.73
CA UNK D 1091 30.35 -25.57 -4.78
C UNK D 1091 30.86 -26.83 -5.47
N UNK D 1092 30.10 -27.31 -6.45
CA UNK D 1092 30.50 -28.46 -7.27
C UNK D 1092 31.74 -28.13 -8.10
N UNK D 1093 31.75 -26.94 -8.70
CA UNK D 1093 32.90 -26.49 -9.49
C UNK D 1093 34.15 -26.27 -8.63
N UNK D 1094 33.95 -25.73 -7.43
CA UNK D 1094 35.04 -25.53 -6.48
C UNK D 1094 35.56 -26.87 -5.98
N UNK D 1095 34.67 -27.84 -5.83
CA UNK D 1095 35.04 -29.20 -5.45
C UNK D 1095 35.87 -29.86 -6.55
N UNK D 1096 35.48 -29.64 -7.79
CA UNK D 1096 36.23 -30.14 -8.95
C UNK D 1096 37.62 -29.51 -9.04
N UNK D 1097 37.69 -28.20 -8.82
CA UNK D 1097 38.95 -27.48 -8.82
C UNK D 1097 39.86 -27.90 -7.67
N UNK D 1098 39.28 -28.20 -6.51
CA UNK D 1098 40.05 -28.67 -5.36
C UNK D 1098 40.54 -30.11 -5.55
N UNK D 1099 39.72 -30.95 -6.17
CA UNK D 1099 40.09 -32.33 -6.41
C UNK D 1099 41.12 -32.45 -7.52
N UNK D 1100 41.10 -31.51 -8.47
CA UNK D 1100 42.07 -31.53 -9.55
C UNK D 1100 43.33 -30.74 -9.18
N UNK D 1101 43.24 -29.88 -8.17
CA UNK D 1101 44.35 -29.03 -7.78
C UNK D 1101 45.19 -29.63 -6.66
N UNK D 1102 44.65 -30.64 -5.98
CA UNK D 1102 45.37 -31.31 -4.92
C UNK D 1102 46.37 -32.32 -5.47
#